data_8J5Z
#
_entry.id   8J5Z
#
_cell.length_a   1.00
_cell.length_b   1.00
_cell.length_c   1.00
_cell.angle_alpha   90.00
_cell.angle_beta   90.00
_cell.angle_gamma   90.00
#
_symmetry.space_group_name_H-M   'P 1'
#
loop_
_entity.id
_entity.type
_entity.pdbx_description
1 polymer 'Terpene cyclase/mutase family member'
2 non-polymer 'octyl beta-D-glucopyranoside'
#
_entity_poly.entity_id   1
_entity_poly.type   'polypeptide(L)'
_entity_poly.pdbx_seq_one_letter_code
;MWKLKVAERGNAPYSEYLYTTNDFSGRQTWEFDPNAGTPQELAKVEEARRKFTEDRHTVKPASDLLWMMQFMREKNFKQT
IPPVRLGEEEQVTYEDLTTALTRTTNFFTALQASDGHWPAENGGVSFFLPPFIFSLYITGHLNSIITPEYRKEILRFIYN
HQNEDGGWGIHIEGHSTMFGTAFSYVCLRILGIEVDGGKDNACARARKWILDHGGITYMPSWGKTWLSILGVYDWYGCNP
MPPEFWLLPSYLPIHPAKIWCYCRMVYMPMSYLYGKRFVGPITPLILQLREELHTQPFHEIQWRQTRHRCAKEDLYYPHS
LIQDFIWDSLYVASEPLLTRWPLNKIREKALAKAMEHIHYEDENSRYITIGCVEKALCMLCCWVEDPNSDYFKKHLARIP
DYLWVAEDGMKVQSFGSQLWDATFGFQALVASNLTEDEVGPALAKAYDFIKKSQVKDNPSGDFESMHRHISKGSWTFSDQ
DHGWQLSDCTAEALKCCLLAATMPQEVVGEKMKPEWVYEAINIILSLQSKSGGLAGWEPVRAGEWMEILNPMEFLENIVI
EHTYVECTGSSIIAFVSLKKLYPGHRTKDIDNFIRNAIRYLEDVQYPDGSWYGNWGICFIYSTMFALGGLAATGRTYDNC
QAVRRGVDFILKNQSDDGGWGESYLSCPRKVYTPLDGRRSNVVQTAWAMLGLLYAGQAERDPTPLHRGAKVLINYQMEDG
GYPQQEITGVFKMNCMLHYPIYRNAFPIWALGEYRKRVPLPSKGY
;
_entity_poly.pdbx_strand_id   A,B,C,D
#
# COMPACT_ATOMS: atom_id res chain seq x y z
N MET A 1 11.42 27.12 58.44
CA MET A 1 12.87 27.22 58.37
C MET A 1 13.34 27.38 56.93
N TRP A 2 12.58 28.14 56.14
CA TRP A 2 12.88 28.38 54.74
C TRP A 2 13.47 29.78 54.57
N LYS A 3 14.65 29.86 53.96
CA LYS A 3 15.30 31.12 53.67
C LYS A 3 15.55 31.23 52.18
N LEU A 4 15.13 32.35 51.59
CA LEU A 4 15.31 32.61 50.16
C LEU A 4 16.67 33.27 49.94
N LYS A 5 17.53 32.61 49.17
CA LYS A 5 18.89 33.09 48.93
C LYS A 5 19.26 32.83 47.47
N VAL A 6 19.99 33.79 46.89
CA VAL A 6 20.53 33.59 45.54
C VAL A 6 21.45 32.37 45.55
N ALA A 7 21.49 31.67 44.41
CA ALA A 7 22.15 30.37 44.36
C ALA A 7 23.61 30.45 44.76
N GLU A 8 24.43 31.09 43.92
CA GLU A 8 25.88 31.19 44.13
C GLU A 8 26.51 29.85 44.49
N ARG A 9 26.02 28.77 43.87
CA ARG A 9 26.46 27.41 44.14
C ARG A 9 26.77 26.68 42.84
N GLY A 10 27.52 27.33 41.96
CA GLY A 10 27.82 26.76 40.66
C GLY A 10 28.71 25.53 40.70
N ASN A 11 29.30 25.22 41.85
CA ASN A 11 30.18 24.05 42.01
C ASN A 11 29.44 23.02 42.87
N ALA A 12 28.75 22.09 42.20
CA ALA A 12 28.02 21.00 42.82
C ALA A 12 27.00 21.50 43.84
N PRO A 13 25.88 22.10 43.40
CA PRO A 13 24.89 22.57 44.39
C PRO A 13 24.18 21.44 45.12
N TYR A 14 23.50 20.54 44.41
CA TYR A 14 22.80 19.43 45.05
C TYR A 14 23.40 18.08 44.66
N SER A 15 23.53 17.79 43.37
CA SER A 15 24.05 16.51 42.92
C SER A 15 25.10 16.58 41.83
N GLU A 16 25.18 17.66 41.06
CA GLU A 16 26.11 17.72 39.94
C GLU A 16 26.47 19.17 39.64
N TYR A 17 27.75 19.41 39.41
CA TYR A 17 28.22 20.76 39.11
C TYR A 17 27.78 21.17 37.70
N LEU A 18 27.38 22.42 37.56
CA LEU A 18 26.93 22.98 36.30
C LEU A 18 27.81 24.18 35.92
N TYR A 19 27.49 24.79 34.78
CA TYR A 19 28.23 25.94 34.28
C TYR A 19 27.27 27.08 34.02
N THR A 20 27.68 28.28 34.43
CA THR A 20 26.88 29.49 34.26
C THR A 20 27.43 30.31 33.09
N THR A 21 26.78 31.44 32.84
CA THR A 21 27.17 32.34 31.76
C THR A 21 27.61 33.71 32.25
N ASN A 22 27.04 34.21 33.33
CA ASN A 22 27.39 35.51 33.88
C ASN A 22 27.49 35.43 35.41
N ASP A 23 28.12 34.36 35.91
CA ASP A 23 28.33 34.16 37.34
C ASP A 23 27.00 34.18 38.10
N PHE A 24 26.05 33.38 37.64
CA PHE A 24 24.73 33.27 38.24
C PHE A 24 24.03 34.64 38.31
N SER A 25 23.82 35.22 37.13
CA SER A 25 23.15 36.52 37.02
C SER A 25 21.65 36.32 37.21
N GLY A 26 21.23 36.35 38.48
CA GLY A 26 19.83 36.21 38.81
C GLY A 26 19.34 34.79 39.01
N ARG A 27 20.23 33.84 39.27
CA ARG A 27 19.81 32.47 39.53
C ARG A 27 18.97 32.42 40.81
N GLN A 28 17.88 31.67 40.75
CA GLN A 28 16.91 31.58 41.85
C GLN A 28 16.99 30.19 42.45
N THR A 29 17.27 30.12 43.75
CA THR A 29 17.30 28.87 44.49
C THR A 29 16.66 29.06 45.86
N TRP A 30 16.19 27.95 46.43
CA TRP A 30 15.55 27.97 47.74
C TRP A 30 16.03 26.76 48.53
N GLU A 31 16.34 26.97 49.80
CA GLU A 31 16.91 25.94 50.65
C GLU A 31 16.13 25.85 51.96
N PHE A 32 16.03 24.64 52.48
CA PHE A 32 15.35 24.37 53.76
C PHE A 32 16.42 24.30 54.83
N ASP A 33 16.51 25.35 55.64
CA ASP A 33 17.54 25.40 56.68
C ASP A 33 17.26 24.35 57.76
N PRO A 34 18.28 23.67 58.27
CA PRO A 34 18.06 22.66 59.30
C PRO A 34 17.99 23.23 60.71
N ASN A 35 18.65 24.37 60.93
CA ASN A 35 18.77 24.94 62.26
C ASN A 35 18.06 26.28 62.43
N ALA A 36 17.28 26.72 61.45
CA ALA A 36 16.58 27.99 61.58
C ALA A 36 15.47 27.89 62.61
N GLY A 37 15.14 29.03 63.23
CA GLY A 37 14.09 29.07 64.23
C GLY A 37 14.00 30.41 64.94
N THR A 38 12.78 30.80 65.30
CA THR A 38 12.52 32.06 66.00
C THR A 38 11.28 31.87 66.86
N PRO A 39 11.30 32.34 68.11
CA PRO A 39 10.12 32.16 68.98
C PRO A 39 8.85 32.78 68.43
N GLN A 40 8.95 33.92 67.73
CA GLN A 40 7.76 34.61 67.23
C GLN A 40 7.66 34.67 65.71
N GLU A 41 8.78 34.78 65.00
CA GLU A 41 8.72 34.88 63.55
C GLU A 41 8.26 33.57 62.92
N LEU A 42 8.68 32.43 63.49
CA LEU A 42 8.25 31.14 62.96
C LEU A 42 6.75 30.94 63.11
N ALA A 43 6.13 31.58 64.10
CA ALA A 43 4.69 31.47 64.28
C ALA A 43 3.90 32.12 63.16
N LYS A 44 4.53 33.00 62.36
CA LYS A 44 3.84 33.64 61.26
C LYS A 44 3.58 32.67 60.11
N VAL A 45 4.37 31.60 60.02
CA VAL A 45 4.20 30.63 58.93
C VAL A 45 2.85 29.92 59.07
N GLU A 46 2.49 29.52 60.29
CA GLU A 46 1.20 28.88 60.52
C GLU A 46 0.06 29.83 60.19
N GLU A 47 0.20 31.10 60.55
CA GLU A 47 -0.82 32.09 60.21
C GLU A 47 -0.96 32.25 58.70
N ALA A 48 0.16 32.31 58.00
CA ALA A 48 0.12 32.43 56.54
C ALA A 48 -0.54 31.21 55.91
N ARG A 49 -0.24 30.02 56.42
CA ARG A 49 -0.89 28.82 55.91
C ARG A 49 -2.40 28.84 56.16
N ARG A 50 -2.80 29.14 57.39
CA ARG A 50 -4.21 29.06 57.75
C ARG A 50 -5.04 30.15 57.09
N LYS A 51 -4.47 31.34 56.85
CA LYS A 51 -5.23 32.39 56.17
C LYS A 51 -5.61 31.95 54.76
N PHE A 52 -4.66 31.37 54.02
CA PHE A 52 -4.99 30.83 52.70
C PHE A 52 -5.95 29.65 52.82
N THR A 53 -5.73 28.77 53.79
CA THR A 53 -6.60 27.60 53.95
C THR A 53 -8.05 28.01 54.20
N GLU A 54 -8.27 29.14 54.88
CA GLU A 54 -9.62 29.58 55.20
C GLU A 54 -10.21 30.56 54.18
N ASP A 55 -9.37 31.24 53.40
CA ASP A 55 -9.86 32.19 52.40
C ASP A 55 -9.64 31.69 50.96
N ARG A 56 -9.37 30.39 50.79
CA ARG A 56 -9.27 29.82 49.46
C ARG A 56 -10.52 30.09 48.63
N HIS A 57 -11.70 29.95 49.24
CA HIS A 57 -12.94 30.16 48.51
C HIS A 57 -13.09 31.61 48.08
N THR A 58 -12.84 32.55 48.99
CA THR A 58 -12.99 33.96 48.66
C THR A 58 -11.87 34.44 47.75
N VAL A 59 -10.63 34.08 48.06
CA VAL A 59 -9.46 34.50 47.29
C VAL A 59 -8.76 33.23 46.80
N LYS A 60 -8.71 33.04 45.48
CA LYS A 60 -8.10 31.86 44.90
C LYS A 60 -6.57 31.93 44.93
N PRO A 61 -5.93 32.99 44.41
CA PRO A 61 -4.47 33.03 44.43
C PRO A 61 -3.94 33.50 45.78
N ALA A 62 -2.62 33.62 45.87
CA ALA A 62 -1.96 34.07 47.09
C ALA A 62 -0.67 34.78 46.72
N SER A 63 -0.53 36.03 47.16
CA SER A 63 0.69 36.78 46.93
C SER A 63 1.81 36.27 47.83
N ASP A 64 3.04 36.41 47.35
CA ASP A 64 4.21 35.91 48.08
C ASP A 64 4.49 36.83 49.26
N LEU A 65 4.01 36.45 50.44
CA LEU A 65 4.21 37.21 51.67
C LEU A 65 5.37 36.70 52.51
N LEU A 66 5.56 35.38 52.59
CA LEU A 66 6.69 34.84 53.33
C LEU A 66 8.02 35.14 52.64
N TRP A 67 8.01 35.27 51.31
CA TRP A 67 9.23 35.63 50.60
C TRP A 67 9.67 37.05 50.93
N MET A 68 8.74 38.01 50.90
CA MET A 68 9.06 39.38 51.26
C MET A 68 9.21 39.55 52.77
N MET A 69 8.71 38.59 53.56
CA MET A 69 8.92 38.64 55.01
C MET A 69 10.40 38.55 55.35
N GLN A 70 11.15 37.71 54.63
CA GLN A 70 12.57 37.51 54.92
C GLN A 70 13.38 38.78 54.69
N PHE A 71 12.91 39.70 53.84
CA PHE A 71 13.62 40.93 53.54
C PHE A 71 13.26 42.07 54.49
N MET A 72 12.36 41.84 55.44
CA MET A 72 12.04 42.84 56.45
C MET A 72 13.11 42.95 57.53
N ARG A 73 13.72 41.83 57.91
CA ARG A 73 14.82 41.86 58.87
C ARG A 73 16.10 42.42 58.25
N GLU A 74 16.37 42.09 56.98
CA GLU A 74 17.57 42.59 56.33
C GLU A 74 17.52 44.08 56.08
N LYS A 75 16.32 44.66 55.97
CA LYS A 75 16.14 46.10 55.79
C LYS A 75 15.01 46.53 56.72
N ASN A 76 15.38 46.92 57.94
CA ASN A 76 14.42 47.32 58.97
C ASN A 76 14.07 48.80 58.76
N PHE A 77 13.27 49.05 57.72
CA PHE A 77 12.86 50.42 57.43
C PHE A 77 12.00 50.99 58.55
N LYS A 78 11.04 50.21 59.04
CA LYS A 78 10.17 50.60 60.15
C LYS A 78 9.51 51.94 59.89
N GLN A 79 9.04 52.15 58.66
CA GLN A 79 8.39 53.39 58.30
C GLN A 79 6.95 53.39 58.79
N THR A 80 6.50 54.54 59.30
CA THR A 80 5.17 54.71 59.87
C THR A 80 4.45 55.82 59.13
N ILE A 81 3.62 55.46 58.15
CA ILE A 81 2.81 56.41 57.42
C ILE A 81 1.39 55.85 57.30
N PRO A 82 0.38 56.50 57.86
CA PRO A 82 -0.98 55.99 57.74
C PRO A 82 -1.45 56.04 56.30
N PRO A 83 -2.34 55.13 55.90
CA PRO A 83 -2.86 55.14 54.53
C PRO A 83 -3.72 56.38 54.30
N VAL A 84 -3.28 57.23 53.38
CA VAL A 84 -3.97 58.50 53.11
C VAL A 84 -5.31 58.19 52.45
N ARG A 85 -6.39 58.65 53.07
CA ARG A 85 -7.75 58.42 52.60
C ARG A 85 -8.45 59.75 52.36
N LEU A 86 -9.06 59.90 51.19
CA LEU A 86 -9.82 61.09 50.85
C LEU A 86 -11.21 60.68 50.38
N GLY A 87 -12.23 61.41 50.83
CA GLY A 87 -13.59 61.13 50.47
C GLY A 87 -14.39 62.41 50.26
N GLU A 88 -15.67 62.22 49.92
CA GLU A 88 -16.61 63.31 49.69
C GLU A 88 -16.11 64.28 48.62
N GLU A 89 -15.47 63.73 47.58
CA GLU A 89 -14.99 64.49 46.43
C GLU A 89 -14.04 65.61 46.84
N GLU A 90 -13.18 65.36 47.83
CA GLU A 90 -12.18 66.34 48.21
C GLU A 90 -11.00 66.28 47.25
N GLN A 91 -10.63 67.44 46.72
CA GLN A 91 -9.51 67.52 45.78
C GLN A 91 -8.19 67.28 46.51
N VAL A 92 -7.35 66.40 45.96
CA VAL A 92 -6.07 66.10 46.56
C VAL A 92 -5.01 67.06 46.05
N THR A 93 -3.97 67.27 46.84
CA THR A 93 -2.87 68.16 46.50
C THR A 93 -1.61 67.34 46.28
N TYR A 94 -0.50 68.04 46.08
CA TYR A 94 0.78 67.36 45.92
C TYR A 94 1.23 66.69 47.20
N GLU A 95 0.79 67.19 48.35
CA GLU A 95 1.29 66.70 49.63
C GLU A 95 0.89 65.25 49.87
N ASP A 96 -0.41 64.93 49.72
CA ASP A 96 -0.87 63.58 49.98
C ASP A 96 -0.27 62.58 48.99
N LEU A 97 -0.20 62.96 47.72
CA LEU A 97 0.37 62.08 46.71
C LEU A 97 1.85 61.85 46.96
N THR A 98 2.59 62.90 47.34
CA THR A 98 4.00 62.74 47.64
C THR A 98 4.22 61.86 48.87
N THR A 99 3.36 62.02 49.89
CA THR A 99 3.46 61.17 51.07
C THR A 99 3.20 59.70 50.71
N ALA A 100 2.16 59.45 49.89
CA ALA A 100 1.87 58.09 49.48
C ALA A 100 3.01 57.50 48.66
N LEU A 101 3.60 58.30 47.76
CA LEU A 101 4.74 57.82 46.99
C LEU A 101 5.94 57.52 47.87
N THR A 102 6.19 58.39 48.86
CA THR A 102 7.30 58.17 49.79
C THR A 102 7.11 56.89 50.59
N ARG A 103 5.88 56.60 51.01
CA ARG A 103 5.60 55.37 51.73
C ARG A 103 5.65 54.12 50.86
N THR A 104 5.19 54.20 49.62
CA THR A 104 5.07 53.01 48.78
C THR A 104 6.25 52.78 47.86
N THR A 105 7.21 53.69 47.79
CA THR A 105 8.35 53.53 46.90
C THR A 105 9.64 53.11 47.62
N ASN A 106 9.90 53.65 48.81
CA ASN A 106 11.12 53.31 49.51
C ASN A 106 11.16 51.83 49.88
N PHE A 107 10.05 51.31 50.41
CA PHE A 107 10.01 49.89 50.74
C PHE A 107 10.01 49.01 49.50
N PHE A 108 9.40 49.48 48.41
CA PHE A 108 9.41 48.72 47.16
C PHE A 108 10.83 48.62 46.61
N THR A 109 11.59 49.71 46.62
CA THR A 109 12.95 49.68 46.10
C THR A 109 13.93 49.04 47.08
N ALA A 110 13.58 48.97 48.37
CA ALA A 110 14.39 48.26 49.35
C ALA A 110 13.97 46.81 49.52
N LEU A 111 12.92 46.37 48.83
CA LEU A 111 12.49 44.98 48.93
C LEU A 111 13.59 44.04 48.46
N GLN A 112 14.11 44.27 47.25
CA GLN A 112 15.26 43.52 46.77
C GLN A 112 15.92 44.33 45.66
N ALA A 113 17.12 44.83 45.93
CA ALA A 113 17.87 45.56 44.91
C ALA A 113 19.35 45.22 44.93
N SER A 114 19.78 44.24 45.73
CA SER A 114 21.19 43.87 45.79
C SER A 114 21.66 43.29 44.45
N ASP A 115 20.91 42.32 43.92
CA ASP A 115 21.28 41.72 42.64
C ASP A 115 21.00 42.68 41.48
N GLY A 116 19.87 43.38 41.54
CA GLY A 116 19.49 44.30 40.48
C GLY A 116 18.12 44.02 39.91
N HIS A 117 17.32 43.24 40.62
CA HIS A 117 15.97 42.91 40.19
C HIS A 117 15.18 42.44 41.40
N TRP A 118 13.93 42.07 41.17
CA TRP A 118 13.08 41.53 42.21
C TRP A 118 12.62 40.13 41.85
N PRO A 119 12.69 39.18 42.78
CA PRO A 119 12.25 37.81 42.48
C PRO A 119 10.77 37.74 42.16
N ALA A 120 10.44 37.42 40.91
CA ALA A 120 9.07 37.31 40.46
C ALA A 120 8.65 35.85 40.39
N GLU A 121 7.34 35.64 40.20
CA GLU A 121 6.77 34.31 40.15
C GLU A 121 5.76 34.23 39.02
N ASN A 122 5.57 33.02 38.50
CA ASN A 122 4.57 32.75 37.47
C ASN A 122 3.25 32.39 38.14
N GLY A 123 2.31 31.86 37.36
CA GLY A 123 1.02 31.45 37.86
C GLY A 123 0.96 29.96 38.12
N GLY A 124 0.73 29.59 39.38
CA GLY A 124 0.61 28.19 39.74
C GLY A 124 -0.68 27.61 39.20
N VAL A 125 -0.57 26.65 38.27
CA VAL A 125 -1.74 26.04 37.65
C VAL A 125 -1.87 24.56 37.97
N SER A 126 -0.88 23.95 38.63
CA SER A 126 -0.90 22.53 38.97
C SER A 126 -1.12 21.67 37.73
N PHE A 127 -0.29 21.90 36.72
CA PHE A 127 -0.42 21.22 35.43
C PHE A 127 0.85 20.52 34.99
N PHE A 128 2.03 21.08 35.27
CA PHE A 128 3.29 20.49 34.84
C PHE A 128 4.09 19.90 35.98
N LEU A 129 3.52 19.82 37.19
CA LEU A 129 4.19 19.19 38.32
C LEU A 129 4.05 17.66 38.28
N PRO A 130 2.89 17.10 37.94
CA PRO A 130 2.78 15.64 37.82
C PRO A 130 3.77 15.07 36.81
N PRO A 131 4.10 15.75 35.70
CA PRO A 131 5.21 15.26 34.87
C PRO A 131 6.53 15.16 35.64
N PHE A 132 6.85 16.14 36.49
CA PHE A 132 8.06 16.06 37.29
C PHE A 132 8.01 14.89 38.26
N ILE A 133 6.85 14.68 38.90
CA ILE A 133 6.71 13.57 39.84
C ILE A 133 6.88 12.24 39.11
N PHE A 134 6.28 12.10 37.93
CA PHE A 134 6.41 10.87 37.17
C PHE A 134 7.85 10.64 36.74
N SER A 135 8.55 11.70 36.32
CA SER A 135 9.94 11.57 35.92
C SER A 135 10.80 11.13 37.10
N LEU A 136 10.61 11.74 38.27
CA LEU A 136 11.40 11.37 39.45
C LEU A 136 11.06 9.96 39.92
N TYR A 137 9.82 9.53 39.75
CA TYR A 137 9.46 8.16 40.11
C TYR A 137 10.07 7.15 39.13
N ILE A 138 10.10 7.48 37.84
CA ILE A 138 10.60 6.53 36.85
C ILE A 138 12.13 6.46 36.87
N THR A 139 12.80 7.55 37.25
CA THR A 139 14.26 7.53 37.29
C THR A 139 14.83 6.86 38.53
N GLY A 140 14.00 6.60 39.54
CA GLY A 140 14.45 5.98 40.76
C GLY A 140 15.13 6.92 41.74
N HIS A 141 15.20 8.22 41.44
CA HIS A 141 15.83 9.20 42.30
C HIS A 141 14.82 10.03 43.10
N LEU A 142 13.58 9.56 43.21
CA LEU A 142 12.57 10.31 43.95
C LEU A 142 12.97 10.45 45.41
N ASN A 143 13.44 9.37 46.03
CA ASN A 143 13.86 9.44 47.43
C ASN A 143 15.07 10.35 47.60
N SER A 144 16.02 10.27 46.67
CA SER A 144 17.24 11.08 46.79
C SER A 144 16.93 12.57 46.62
N ILE A 145 16.06 12.91 45.66
CA ILE A 145 15.82 14.32 45.35
C ILE A 145 14.73 14.90 46.23
N ILE A 146 13.61 14.20 46.37
CA ILE A 146 12.47 14.69 47.14
C ILE A 146 12.65 14.25 48.58
N THR A 147 12.99 15.21 49.45
CA THR A 147 13.09 14.92 50.87
C THR A 147 11.70 14.76 51.47
N PRO A 148 11.57 14.03 52.58
CA PRO A 148 10.24 13.85 53.19
C PRO A 148 9.59 15.15 53.63
N GLU A 149 10.38 16.17 53.99
CA GLU A 149 9.78 17.45 54.35
C GLU A 149 9.13 18.13 53.15
N TYR A 150 9.58 17.82 51.94
CA TYR A 150 8.91 18.34 50.74
C TYR A 150 7.57 17.64 50.49
N ARG A 151 7.41 16.40 50.96
CA ARG A 151 6.19 15.66 50.72
C ARG A 151 5.00 16.35 51.40
N LYS A 152 5.17 16.77 52.65
CA LYS A 152 4.07 17.45 53.34
C LYS A 152 3.74 18.77 52.66
N GLU A 153 4.76 19.49 52.19
CA GLU A 153 4.51 20.77 51.53
C GLU A 153 3.75 20.58 50.23
N ILE A 154 4.12 19.58 49.42
CA ILE A 154 3.39 19.37 48.17
C ILE A 154 1.99 18.83 48.44
N LEU A 155 1.83 18.00 49.49
CA LEU A 155 0.49 17.54 49.85
C LEU A 155 -0.39 18.71 50.27
N ARG A 156 0.15 19.65 51.04
CA ARG A 156 -0.61 20.83 51.43
C ARG A 156 -0.93 21.70 50.23
N PHE A 157 0.01 21.80 49.28
CA PHE A 157 -0.26 22.54 48.05
C PHE A 157 -1.41 21.93 47.27
N ILE A 158 -1.43 20.60 47.16
CA ILE A 158 -2.52 19.93 46.45
C ILE A 158 -3.84 20.12 47.20
N TYR A 159 -3.83 19.98 48.52
CA TYR A 159 -5.05 20.07 49.32
C TYR A 159 -5.60 21.49 49.40
N ASN A 160 -4.74 22.51 49.32
CA ASN A 160 -5.19 23.88 49.55
C ASN A 160 -6.20 24.34 48.51
N HIS A 161 -5.98 24.00 47.24
CA HIS A 161 -6.85 24.43 46.15
C HIS A 161 -7.44 23.20 45.48
N GLN A 162 -8.53 22.68 46.04
CA GLN A 162 -9.28 21.58 45.47
C GLN A 162 -10.75 21.97 45.40
N ASN A 163 -11.36 21.82 44.24
CA ASN A 163 -12.77 22.15 44.08
C ASN A 163 -13.63 21.21 44.91
N GLU A 164 -14.60 21.77 45.63
CA GLU A 164 -15.47 20.96 46.47
C GLU A 164 -16.35 20.03 45.65
N ASP A 165 -16.66 20.41 44.40
CA ASP A 165 -17.44 19.54 43.53
C ASP A 165 -16.68 18.30 43.09
N GLY A 166 -15.36 18.34 43.14
CA GLY A 166 -14.55 17.19 42.75
C GLY A 166 -13.72 17.45 41.51
N GLY A 167 -14.30 18.15 40.54
CA GLY A 167 -13.60 18.48 39.31
C GLY A 167 -12.64 19.64 39.45
N TRP A 168 -11.36 19.39 39.20
CA TRP A 168 -10.33 20.42 39.35
C TRP A 168 -10.38 21.37 38.15
N GLY A 169 -9.37 22.23 38.04
CA GLY A 169 -9.28 23.14 36.92
C GLY A 169 -7.90 23.07 36.28
N ILE A 170 -7.85 23.46 35.01
CA ILE A 170 -6.57 23.51 34.30
C ILE A 170 -5.65 24.53 34.95
N HIS A 171 -6.17 25.70 35.26
CA HIS A 171 -5.45 26.73 35.97
C HIS A 171 -5.89 26.76 37.44
N ILE A 172 -5.41 27.74 38.20
CA ILE A 172 -5.76 27.84 39.60
C ILE A 172 -7.24 28.12 39.77
N GLU A 173 -7.81 29.00 38.95
CA GLU A 173 -9.21 29.38 39.03
C GLU A 173 -10.07 28.58 38.04
N GLY A 174 -9.68 27.35 37.73
CA GLY A 174 -10.45 26.53 36.82
C GLY A 174 -11.70 25.96 37.47
N HIS A 175 -12.43 25.17 36.68
CA HIS A 175 -13.71 24.62 37.13
C HIS A 175 -14.01 23.36 36.34
N SER A 176 -14.07 22.22 37.03
CA SER A 176 -14.58 20.97 36.49
C SER A 176 -13.80 20.52 35.25
N THR A 177 -12.52 20.24 35.44
CA THR A 177 -11.67 19.70 34.40
C THR A 177 -11.36 18.24 34.66
N MET A 178 -11.01 17.53 33.59
CA MET A 178 -10.67 16.12 33.66
C MET A 178 -9.17 15.86 33.65
N PHE A 179 -8.41 16.61 32.84
CA PHE A 179 -6.97 16.45 32.80
C PHE A 179 -6.33 16.77 34.16
N GLY A 180 -6.66 17.94 34.70
CA GLY A 180 -6.07 18.34 35.96
C GLY A 180 -6.44 17.44 37.11
N THR A 181 -7.72 17.05 37.21
CA THR A 181 -8.16 16.18 38.28
C THR A 181 -7.44 14.84 38.24
N ALA A 182 -7.41 14.20 37.07
CA ALA A 182 -6.76 12.90 36.95
C ALA A 182 -5.26 13.00 37.23
N PHE A 183 -4.60 14.02 36.68
CA PHE A 183 -3.17 14.15 36.91
C PHE A 183 -2.85 14.40 38.38
N SER A 184 -3.63 15.25 39.04
CA SER A 184 -3.41 15.51 40.47
C SER A 184 -3.65 14.25 41.28
N TYR A 185 -4.72 13.51 40.97
CA TYR A 185 -4.98 12.28 41.72
C TYR A 185 -3.85 11.27 41.55
N VAL A 186 -3.37 11.09 40.31
CA VAL A 186 -2.31 10.12 40.07
C VAL A 186 -1.01 10.56 40.75
N CYS A 187 -0.67 11.84 40.67
CA CYS A 187 0.56 12.31 41.29
C CYS A 187 0.49 12.21 42.81
N LEU A 188 -0.68 12.47 43.40
CA LEU A 188 -0.82 12.33 44.84
C LEU A 188 -0.78 10.87 45.27
N ARG A 189 -1.34 9.97 44.46
CA ARG A 189 -1.37 8.56 44.83
C ARG A 189 -0.02 7.88 44.62
N ILE A 190 0.77 8.32 43.64
CA ILE A 190 2.03 7.65 43.33
C ILE A 190 3.15 7.95 44.31
N LEU A 191 3.03 9.02 45.10
CA LEU A 191 4.09 9.42 46.02
C LEU A 191 4.02 8.69 47.35
N GLY A 192 3.36 7.54 47.41
CA GLY A 192 3.35 6.73 48.61
C GLY A 192 2.27 7.05 49.62
N ILE A 193 1.21 7.75 49.22
CA ILE A 193 0.10 8.08 50.10
C ILE A 193 -1.06 7.14 49.79
N GLU A 194 -1.67 6.59 50.83
CA GLU A 194 -2.73 5.61 50.68
C GLU A 194 -4.06 6.29 50.34
N VAL A 195 -5.14 5.52 50.38
CA VAL A 195 -6.47 5.98 50.02
C VAL A 195 -7.29 6.19 51.29
N ASP A 196 -7.90 7.36 51.42
CA ASP A 196 -8.74 7.69 52.56
C ASP A 196 -9.99 8.39 52.03
N GLY A 197 -10.78 8.95 52.94
CA GLY A 197 -12.01 9.62 52.55
C GLY A 197 -12.25 10.92 53.30
N GLY A 198 -11.24 11.41 54.01
CA GLY A 198 -11.37 12.64 54.76
C GLY A 198 -11.24 13.87 53.88
N LYS A 199 -11.42 15.03 54.51
CA LYS A 199 -11.29 16.30 53.79
C LYS A 199 -9.85 16.53 53.33
N ASP A 200 -8.87 16.21 54.18
CA ASP A 200 -7.46 16.39 53.80
C ASP A 200 -7.06 15.40 52.72
N ASN A 201 -7.41 14.12 52.90
CA ASN A 201 -7.15 13.08 51.91
C ASN A 201 -8.45 12.82 51.17
N ALA A 202 -8.68 13.58 50.11
CA ALA A 202 -9.96 13.60 49.40
C ALA A 202 -9.97 12.66 48.19
N CYS A 203 -9.28 11.53 48.29
CA CYS A 203 -9.30 10.56 47.19
C CYS A 203 -10.71 10.03 46.95
N ALA A 204 -11.44 9.74 48.02
CA ALA A 204 -12.82 9.25 47.88
C ALA A 204 -13.71 10.30 47.23
N ARG A 205 -13.50 11.57 47.58
CA ARG A 205 -14.26 12.65 46.95
C ARG A 205 -14.00 12.70 45.46
N ALA A 206 -12.75 12.54 45.05
CA ALA A 206 -12.40 12.55 43.62
C ALA A 206 -12.85 11.29 42.91
N ARG A 207 -13.07 10.19 43.64
CA ARG A 207 -13.53 8.96 43.01
C ARG A 207 -14.88 9.15 42.33
N LYS A 208 -15.80 9.85 43.00
CA LYS A 208 -17.13 10.06 42.42
C LYS A 208 -17.06 10.85 41.12
N TRP A 209 -16.21 11.88 41.06
CA TRP A 209 -16.07 12.67 39.85
C TRP A 209 -15.31 11.95 38.75
N ILE A 210 -14.35 11.09 39.11
CA ILE A 210 -13.61 10.35 38.11
C ILE A 210 -14.49 9.26 37.48
N LEU A 211 -15.26 8.55 38.31
CA LEU A 211 -15.98 7.38 37.81
C LEU A 211 -17.18 7.75 36.96
N ASP A 212 -17.85 8.87 37.26
CA ASP A 212 -19.07 9.24 36.55
C ASP A 212 -18.81 10.04 35.28
N HIS A 213 -17.59 9.98 34.75
CA HIS A 213 -17.24 10.67 33.51
C HIS A 213 -16.60 9.69 32.52
N GLY A 214 -17.15 8.50 32.43
CA GLY A 214 -16.69 7.51 31.46
C GLY A 214 -15.24 7.10 31.63
N GLY A 215 -14.82 6.84 32.87
CA GLY A 215 -13.43 6.45 33.10
C GLY A 215 -12.48 7.60 32.81
N ILE A 216 -11.29 7.25 32.35
CA ILE A 216 -10.25 8.23 32.04
C ILE A 216 -10.04 8.35 30.53
N THR A 217 -11.02 7.93 29.73
CA THR A 217 -10.90 7.98 28.28
C THR A 217 -11.34 9.31 27.68
N TYR A 218 -11.83 10.24 28.50
CA TYR A 218 -12.28 11.55 28.03
C TYR A 218 -11.26 12.64 28.22
N MET A 219 -10.08 12.33 28.77
CA MET A 219 -9.03 13.32 28.92
C MET A 219 -8.38 13.62 27.57
N PRO A 220 -7.73 14.78 27.44
CA PRO A 220 -7.09 15.12 26.16
C PRO A 220 -5.94 14.20 25.81
N SER A 221 -5.32 14.44 24.64
CA SER A 221 -4.31 13.51 24.13
C SER A 221 -3.07 13.47 25.01
N TRP A 222 -2.71 14.59 25.64
CA TRP A 222 -1.53 14.62 26.49
C TRP A 222 -1.67 13.66 27.67
N GLY A 223 -2.86 13.63 28.29
CA GLY A 223 -3.06 12.71 29.40
C GLY A 223 -2.96 11.25 28.99
N LYS A 224 -3.56 10.89 27.86
CA LYS A 224 -3.47 9.52 27.37
C LYS A 224 -2.03 9.15 27.03
N THR A 225 -1.29 10.06 26.39
CA THR A 225 0.10 9.78 26.06
C THR A 225 0.95 9.62 27.31
N TRP A 226 0.74 10.47 28.32
CA TRP A 226 1.51 10.35 29.55
C TRP A 226 1.18 9.07 30.31
N LEU A 227 -0.10 8.71 30.40
CA LEU A 227 -0.48 7.51 31.12
C LEU A 227 -0.13 6.25 30.35
N SER A 228 0.04 6.33 29.03
CA SER A 228 0.51 5.18 28.26
C SER A 228 1.96 4.81 28.60
N ILE A 229 2.74 5.77 29.09
CA ILE A 229 4.12 5.49 29.46
C ILE A 229 4.21 4.89 30.86
N LEU A 230 3.33 5.31 31.77
CA LEU A 230 3.36 4.83 33.15
C LEU A 230 2.62 3.51 33.34
N GLY A 231 2.34 2.78 32.26
CA GLY A 231 1.66 1.51 32.39
C GLY A 231 0.20 1.60 32.78
N VAL A 232 -0.45 2.73 32.51
CA VAL A 232 -1.86 2.92 32.83
C VAL A 232 -2.72 2.87 31.57
N TYR A 233 -2.29 3.55 30.51
CA TYR A 233 -2.99 3.56 29.25
C TYR A 233 -2.26 2.71 28.22
N ASP A 234 -2.88 2.55 27.06
CA ASP A 234 -2.32 1.74 25.97
C ASP A 234 -2.03 2.62 24.77
N TRP A 235 -0.97 2.24 24.02
CA TRP A 235 -0.58 3.00 22.84
C TRP A 235 -1.64 2.94 21.73
N TYR A 236 -2.48 1.90 21.71
CA TYR A 236 -3.52 1.79 20.70
C TYR A 236 -4.69 2.73 20.99
N GLY A 237 -4.78 3.26 22.21
CA GLY A 237 -5.87 4.16 22.54
C GLY A 237 -5.62 5.61 22.21
N CYS A 238 -4.38 5.98 21.96
CA CYS A 238 -4.03 7.35 21.60
C CYS A 238 -3.88 7.46 20.08
N ASN A 239 -3.41 8.62 19.61
CA ASN A 239 -3.22 8.82 18.19
C ASN A 239 -1.76 8.65 17.80
N PRO A 240 -1.50 8.09 16.62
CA PRO A 240 -0.11 7.86 16.20
C PRO A 240 0.61 9.17 15.90
N MET A 241 1.85 9.27 16.37
CA MET A 241 2.72 10.41 16.09
C MET A 241 4.08 9.88 15.66
N PRO A 242 4.22 9.52 14.38
CA PRO A 242 5.49 8.95 13.89
C PRO A 242 6.63 9.95 14.04
N PRO A 243 7.82 9.46 14.38
CA PRO A 243 9.00 10.34 14.49
C PRO A 243 9.76 10.58 13.20
N GLU A 244 9.17 10.31 12.04
CA GLU A 244 9.84 10.46 10.76
C GLU A 244 9.59 11.82 10.11
N PHE A 245 8.94 12.75 10.82
CA PHE A 245 8.67 14.07 10.26
C PHE A 245 9.93 14.87 10.00
N TRP A 246 11.05 14.53 10.64
CA TRP A 246 12.29 15.29 10.53
C TRP A 246 13.15 14.88 9.34
N LEU A 247 12.64 14.03 8.45
CA LEU A 247 13.38 13.54 7.29
C LEU A 247 12.68 14.04 6.03
N LEU A 248 13.19 15.14 5.47
CA LEU A 248 12.62 15.74 4.28
C LEU A 248 13.61 16.76 3.73
N PRO A 249 13.51 17.12 2.45
CA PRO A 249 14.41 18.14 1.90
C PRO A 249 13.93 19.56 2.17
N SER A 250 12.97 19.70 3.10
CA SER A 250 12.37 20.99 3.46
C SER A 250 11.69 21.65 2.27
N TYR A 251 11.21 20.84 1.31
CA TYR A 251 10.46 21.33 0.17
C TYR A 251 8.98 21.00 0.23
N LEU A 252 8.59 20.01 1.02
CA LEU A 252 7.18 19.71 1.22
C LEU A 252 6.51 20.84 2.00
N PRO A 253 5.19 21.03 1.82
CA PRO A 253 4.52 22.11 2.55
C PRO A 253 4.53 21.95 4.05
N ILE A 254 4.75 20.74 4.57
CA ILE A 254 4.78 20.48 6.00
C ILE A 254 6.19 20.00 6.34
N HIS A 255 6.98 20.83 7.00
CA HIS A 255 8.32 20.49 7.42
C HIS A 255 8.55 21.05 8.82
N PRO A 256 9.51 20.49 9.56
CA PRO A 256 9.76 20.98 10.93
C PRO A 256 10.17 22.44 10.99
N ALA A 257 10.74 22.99 9.92
CA ALA A 257 11.08 24.41 9.88
C ALA A 257 9.87 25.31 9.66
N LYS A 258 8.66 24.75 9.72
CA LYS A 258 7.43 25.49 9.51
C LYS A 258 6.59 25.64 10.77
N ILE A 259 6.59 24.62 11.63
CA ILE A 259 5.78 24.62 12.85
C ILE A 259 6.42 25.53 13.90
N TRP A 260 5.66 25.84 14.95
CA TRP A 260 6.13 26.71 16.01
C TRP A 260 7.27 26.04 16.78
N CYS A 261 8.12 26.88 17.39
CA CYS A 261 9.27 26.36 18.12
C CYS A 261 8.86 25.52 19.32
N TYR A 262 7.87 25.99 20.08
CA TYR A 262 7.45 25.26 21.27
C TYR A 262 6.89 23.89 20.92
N CYS A 263 6.02 23.83 19.89
CA CYS A 263 5.47 22.55 19.46
C CYS A 263 6.58 21.63 18.94
N ARG A 264 7.53 22.19 18.18
CA ARG A 264 8.62 21.40 17.64
C ARG A 264 9.49 20.80 18.74
N MET A 265 9.77 21.58 19.79
CA MET A 265 10.61 21.12 20.88
C MET A 265 9.84 20.27 21.90
N VAL A 266 8.52 20.29 21.88
CA VAL A 266 7.73 19.48 22.80
C VAL A 266 7.39 18.12 22.19
N TYR A 267 6.89 18.10 20.95
CA TYR A 267 6.45 16.85 20.34
C TYR A 267 7.61 15.98 19.86
N MET A 268 8.81 16.54 19.69
CA MET A 268 9.93 15.72 19.26
C MET A 268 10.28 14.64 20.28
N PRO A 269 10.43 14.94 21.59
CA PRO A 269 10.54 13.84 22.56
C PRO A 269 9.34 12.92 22.55
N MET A 270 8.13 13.46 22.35
CA MET A 270 6.96 12.61 22.20
C MET A 270 7.08 11.70 20.99
N SER A 271 7.61 12.22 19.88
CA SER A 271 7.81 11.40 18.69
C SER A 271 8.80 10.28 18.97
N TYR A 272 9.90 10.60 19.66
CA TYR A 272 10.89 9.57 19.99
C TYR A 272 10.29 8.50 20.90
N LEU A 273 9.53 8.92 21.92
CA LEU A 273 8.92 7.97 22.83
C LEU A 273 7.91 7.08 22.12
N TYR A 274 7.11 7.65 21.21
CA TYR A 274 6.18 6.84 20.45
C TYR A 274 6.89 5.87 19.52
N GLY A 275 7.98 6.33 18.88
CA GLY A 275 8.73 5.44 18.01
C GLY A 275 9.37 4.28 18.75
N LYS A 276 9.92 4.55 19.93
CA LYS A 276 10.55 3.49 20.71
C LYS A 276 9.54 2.61 21.44
N ARG A 277 8.29 3.06 21.58
CA ARG A 277 7.24 2.31 22.26
C ARG A 277 7.66 1.97 23.69
N PHE A 278 8.34 2.91 24.34
CA PHE A 278 8.86 2.68 25.68
C PHE A 278 7.74 2.67 26.71
N VAL A 279 7.76 1.67 27.59
CA VAL A 279 6.81 1.56 28.69
C VAL A 279 7.61 1.36 29.97
N GLY A 280 7.27 2.13 31.00
CA GLY A 280 7.95 2.03 32.27
C GLY A 280 7.66 0.72 32.98
N PRO A 281 8.54 0.34 33.91
CA PRO A 281 8.32 -0.91 34.66
C PRO A 281 7.01 -0.87 35.43
N ILE A 282 6.35 -2.02 35.49
CA ILE A 282 5.06 -2.16 36.15
C ILE A 282 5.35 -2.55 37.61
N THR A 283 5.43 -1.55 38.47
CA THR A 283 5.66 -1.78 39.89
C THR A 283 4.39 -2.33 40.54
N PRO A 284 4.50 -2.94 41.73
CA PRO A 284 3.30 -3.44 42.41
C PRO A 284 2.26 -2.35 42.67
N LEU A 285 2.67 -1.09 42.80
CA LEU A 285 1.70 -0.01 42.91
C LEU A 285 0.90 0.17 41.63
N ILE A 286 1.55 0.02 40.47
CA ILE A 286 0.86 0.23 39.20
C ILE A 286 -0.27 -0.77 39.01
N LEU A 287 0.00 -2.05 39.31
CA LEU A 287 -1.02 -3.07 39.11
C LEU A 287 -2.20 -2.90 40.07
N GLN A 288 -1.95 -2.45 41.29
CA GLN A 288 -3.02 -2.24 42.25
C GLN A 288 -3.75 -0.91 42.05
N LEU A 289 -3.17 0.02 41.29
CA LEU A 289 -3.83 1.29 41.02
C LEU A 289 -4.50 1.38 39.66
N ARG A 290 -4.11 0.52 38.71
CA ARG A 290 -4.70 0.59 37.37
C ARG A 290 -6.12 0.05 37.32
N GLU A 291 -6.57 -0.69 38.34
CA GLU A 291 -7.90 -1.27 38.34
C GLU A 291 -8.96 -0.26 38.82
N GLU A 292 -8.65 0.51 39.86
CA GLU A 292 -9.63 1.44 40.41
C GLU A 292 -9.94 2.58 39.44
N LEU A 293 -8.97 2.97 38.60
CA LEU A 293 -9.16 4.11 37.71
C LEU A 293 -10.22 3.81 36.65
N HIS A 294 -9.95 2.79 35.82
CA HIS A 294 -10.88 2.45 34.74
C HIS A 294 -12.17 1.86 35.30
N THR A 295 -13.29 2.25 34.71
CA THR A 295 -14.58 1.71 35.10
C THR A 295 -14.78 0.26 34.67
N GLN A 296 -13.94 -0.21 33.74
CA GLN A 296 -14.01 -1.59 33.24
C GLN A 296 -12.69 -2.30 33.53
N PRO A 297 -12.59 -3.61 33.33
CA PRO A 297 -11.31 -4.28 33.54
C PRO A 297 -10.21 -3.72 32.66
N PHE A 298 -8.99 -3.75 33.19
CA PHE A 298 -7.86 -3.06 32.56
C PHE A 298 -7.57 -3.61 31.16
N HIS A 299 -7.42 -4.93 31.04
CA HIS A 299 -7.01 -5.54 29.78
C HIS A 299 -8.17 -6.06 28.94
N GLU A 300 -9.40 -6.04 29.47
CA GLU A 300 -10.55 -6.60 28.79
C GLU A 300 -11.37 -5.54 28.07
N ILE A 301 -10.74 -4.49 27.54
CA ILE A 301 -11.43 -3.43 26.82
C ILE A 301 -10.80 -3.26 25.45
N GLN A 302 -11.44 -2.45 24.62
CA GLN A 302 -10.95 -2.13 23.28
C GLN A 302 -10.20 -0.81 23.30
N TRP A 303 -9.35 -0.62 22.30
CA TRP A 303 -8.55 0.60 22.20
C TRP A 303 -8.57 1.25 20.83
N ARG A 304 -8.88 0.53 19.75
CA ARG A 304 -8.88 1.13 18.42
C ARG A 304 -10.05 2.09 18.23
N GLN A 305 -11.22 1.74 18.78
CA GLN A 305 -12.41 2.57 18.67
C GLN A 305 -12.58 3.52 19.85
N THR A 306 -11.69 3.45 20.85
CA THR A 306 -11.72 4.34 21.99
C THR A 306 -10.84 5.56 21.80
N ARG A 307 -10.20 5.70 20.64
CA ARG A 307 -9.27 6.80 20.41
C ARG A 307 -9.98 8.15 20.27
N HIS A 308 -11.22 8.16 19.78
CA HIS A 308 -11.95 9.41 19.53
C HIS A 308 -13.13 9.47 20.48
N ARG A 309 -12.88 9.96 21.69
CA ARG A 309 -13.93 10.19 22.71
C ARG A 309 -13.54 11.46 23.45
N CYS A 310 -14.09 12.59 22.99
CA CYS A 310 -13.76 13.89 23.56
C CYS A 310 -14.81 14.30 24.58
N ALA A 311 -14.36 14.71 25.76
CA ALA A 311 -15.26 15.20 26.80
C ALA A 311 -15.86 16.54 26.39
N LYS A 312 -17.06 16.80 26.91
CA LYS A 312 -17.77 18.05 26.64
C LYS A 312 -17.38 19.17 27.60
N GLU A 313 -16.50 18.90 28.57
CA GLU A 313 -16.06 19.90 29.52
C GLU A 313 -14.69 20.47 29.18
N ASP A 314 -13.77 19.65 28.66
CA ASP A 314 -12.42 20.08 28.31
C ASP A 314 -12.23 20.23 26.81
N LEU A 315 -13.29 20.57 26.07
CA LEU A 315 -13.25 20.70 24.63
C LEU A 315 -13.41 22.17 24.26
N TYR A 316 -12.34 22.78 23.76
CA TYR A 316 -12.34 24.16 23.30
C TYR A 316 -12.23 24.28 21.78
N TYR A 317 -11.34 23.51 21.16
CA TYR A 317 -11.17 23.51 19.71
C TYR A 317 -11.38 22.09 19.19
N PRO A 318 -12.59 21.75 18.74
CA PRO A 318 -12.85 20.38 18.27
C PRO A 318 -12.05 20.06 17.01
N HIS A 319 -11.76 18.76 16.87
CA HIS A 319 -11.03 18.28 15.71
C HIS A 319 -11.86 18.42 14.44
N SER A 320 -11.18 18.70 13.33
CA SER A 320 -11.85 18.78 12.04
C SER A 320 -12.00 17.38 11.43
N LEU A 321 -12.88 17.29 10.44
CA LEU A 321 -13.10 16.02 9.77
C LEU A 321 -11.85 15.54 9.04
N ILE A 322 -11.15 16.47 8.38
CA ILE A 322 -9.94 16.11 7.64
C ILE A 322 -8.85 15.63 8.59
N GLN A 323 -8.70 16.30 9.74
CA GLN A 323 -7.70 15.89 10.72
C GLN A 323 -7.99 14.50 11.26
N ASP A 324 -9.25 14.24 11.59
CA ASP A 324 -9.63 12.92 12.10
C ASP A 324 -9.42 11.84 11.05
N PHE A 325 -9.76 12.15 9.79
CA PHE A 325 -9.54 11.18 8.71
C PHE A 325 -8.06 10.90 8.52
N ILE A 326 -7.22 11.94 8.60
CA ILE A 326 -5.78 11.75 8.46
C ILE A 326 -5.24 10.86 9.58
N TRP A 327 -5.67 11.13 10.82
CA TRP A 327 -5.22 10.31 11.94
C TRP A 327 -5.68 8.86 11.79
N ASP A 328 -6.94 8.66 11.37
CA ASP A 328 -7.46 7.31 11.20
C ASP A 328 -6.69 6.56 10.11
N SER A 329 -6.40 7.23 8.99
CA SER A 329 -5.62 6.60 7.93
C SER A 329 -4.21 6.28 8.40
N LEU A 330 -3.58 7.20 9.14
CA LEU A 330 -2.22 6.97 9.62
C LEU A 330 -2.16 5.83 10.62
N TYR A 331 -3.22 5.64 11.40
CA TYR A 331 -3.24 4.56 12.39
C TYR A 331 -3.08 3.20 11.72
N VAL A 332 -3.77 2.97 10.61
CA VAL A 332 -3.62 1.72 9.88
C VAL A 332 -2.47 1.74 8.89
N ALA A 333 -1.94 2.92 8.55
CA ALA A 333 -0.78 2.99 7.68
C ALA A 333 0.51 2.64 8.41
N SER A 334 0.63 3.08 9.67
CA SER A 334 1.89 2.95 10.40
C SER A 334 1.93 1.75 11.33
N GLU A 335 0.90 1.55 12.15
CA GLU A 335 0.95 0.49 13.16
C GLU A 335 1.12 -0.90 12.56
N PRO A 336 0.35 -1.33 11.56
CA PRO A 336 0.61 -2.66 10.97
C PRO A 336 1.96 -2.77 10.30
N LEU A 337 2.58 -1.66 9.91
CA LEU A 337 3.84 -1.69 9.16
C LEU A 337 5.06 -1.57 10.08
N LEU A 338 5.16 -0.45 10.81
CA LEU A 338 6.35 -0.11 11.57
C LEU A 338 6.32 -0.65 13.00
N THR A 339 5.59 -1.73 13.23
CA THR A 339 5.60 -2.36 14.55
C THR A 339 6.03 -3.81 14.51
N ARG A 340 5.58 -4.58 13.52
CA ARG A 340 6.02 -5.95 13.34
C ARG A 340 7.07 -6.11 12.26
N TRP A 341 7.05 -5.27 11.23
CA TRP A 341 8.07 -5.23 10.18
C TRP A 341 8.60 -3.81 10.03
N PRO A 342 9.30 -3.30 11.04
CA PRO A 342 9.71 -1.89 11.00
C PRO A 342 10.84 -1.67 10.01
N LEU A 343 10.76 -0.56 9.27
CA LEU A 343 11.86 -0.16 8.40
C LEU A 343 13.08 0.18 9.24
N ASN A 344 14.09 -0.69 9.20
CA ASN A 344 15.27 -0.49 10.05
C ASN A 344 15.98 0.81 9.72
N LYS A 345 16.26 1.03 8.43
CA LYS A 345 17.01 2.22 8.03
C LYS A 345 16.26 3.49 8.39
N ILE A 346 14.99 3.59 7.97
CA ILE A 346 14.22 4.82 8.17
C ILE A 346 14.04 5.11 9.65
N ARG A 347 13.62 4.09 10.42
CA ARG A 347 13.37 4.31 11.84
C ARG A 347 14.64 4.64 12.60
N GLU A 348 15.73 3.92 12.31
CA GLU A 348 16.99 4.20 13.00
C GLU A 348 17.51 5.58 12.66
N LYS A 349 17.42 5.99 11.39
CA LYS A 349 17.85 7.33 11.02
C LYS A 349 16.99 8.39 11.70
N ALA A 350 15.67 8.16 11.78
CA ALA A 350 14.79 9.11 12.45
C ALA A 350 15.13 9.23 13.93
N LEU A 351 15.35 8.10 14.60
CA LEU A 351 15.70 8.14 16.03
C LEU A 351 17.04 8.82 16.24
N ALA A 352 18.03 8.53 15.41
CA ALA A 352 19.33 9.16 15.54
C ALA A 352 19.24 10.66 15.31
N LYS A 353 18.47 11.08 14.30
CA LYS A 353 18.31 12.51 14.03
C LYS A 353 17.60 13.21 15.18
N ALA A 354 16.57 12.57 15.75
CA ALA A 354 15.89 13.15 16.91
C ALA A 354 16.84 13.28 18.09
N MET A 355 17.64 12.24 18.36
CA MET A 355 18.58 12.29 19.47
C MET A 355 19.62 13.37 19.28
N GLU A 356 20.19 13.47 18.08
CA GLU A 356 21.21 14.49 17.84
C GLU A 356 20.62 15.90 17.86
N HIS A 357 19.39 16.07 17.38
CA HIS A 357 18.74 17.37 17.47
C HIS A 357 18.47 17.78 18.92
N ILE A 358 18.00 16.84 19.74
CA ILE A 358 17.79 17.14 21.16
C ILE A 358 19.11 17.49 21.83
N HIS A 359 20.17 16.72 21.53
CA HIS A 359 21.47 16.99 22.15
C HIS A 359 22.02 18.33 21.71
N TYR A 360 21.89 18.68 20.42
CA TYR A 360 22.35 19.97 19.96
C TYR A 360 21.53 21.12 20.53
N GLU A 361 20.24 20.90 20.78
CA GLU A 361 19.39 21.95 21.32
C GLU A 361 19.66 22.19 22.81
N ASP A 362 19.83 21.11 23.59
CA ASP A 362 20.01 21.30 25.03
C ASP A 362 21.36 21.93 25.36
N GLU A 363 22.40 21.59 24.60
CA GLU A 363 23.72 22.18 24.85
C GLU A 363 23.69 23.69 24.63
N ASN A 364 23.03 24.14 23.56
CA ASN A 364 22.91 25.58 23.31
C ASN A 364 22.02 26.27 24.31
N SER A 365 21.09 25.54 24.94
CA SER A 365 20.16 26.11 25.91
C SER A 365 20.67 26.01 27.34
N ARG A 366 21.86 25.46 27.55
CA ARG A 366 22.46 25.35 28.89
C ARG A 366 21.60 24.54 29.84
N TYR A 367 20.86 23.56 29.30
CA TYR A 367 20.04 22.64 30.08
C TYR A 367 18.96 23.34 30.89
N ILE A 368 18.55 24.54 30.49
CA ILE A 368 17.48 25.26 31.15
C ILE A 368 16.37 25.47 30.13
N THR A 369 16.16 24.46 29.28
CA THR A 369 15.26 24.52 28.14
C THR A 369 13.87 25.03 28.49
N ILE A 370 13.15 25.53 27.49
CA ILE A 370 11.86 26.17 27.72
C ILE A 370 10.84 25.15 28.18
N GLY A 371 10.10 25.48 29.23
CA GLY A 371 9.01 24.66 29.71
C GLY A 371 9.42 23.58 30.71
N CYS A 372 8.67 23.48 31.81
CA CYS A 372 8.91 22.40 32.76
C CYS A 372 8.54 21.05 32.16
N VAL A 373 7.42 20.98 31.44
CA VAL A 373 6.99 19.72 30.83
C VAL A 373 7.99 19.28 29.76
N GLU A 374 8.46 20.22 28.93
CA GLU A 374 9.44 19.86 27.90
C GLU A 374 10.74 19.37 28.52
N LYS A 375 11.22 20.04 29.56
CA LYS A 375 12.45 19.59 30.22
C LYS A 375 12.26 18.24 30.89
N ALA A 376 11.12 18.03 31.54
CA ALA A 376 10.85 16.74 32.18
C ALA A 376 10.80 15.61 31.16
N LEU A 377 10.18 15.85 30.00
CA LEU A 377 10.12 14.83 28.96
C LEU A 377 11.50 14.60 28.34
N CYS A 378 12.28 15.67 28.16
CA CYS A 378 13.63 15.53 27.63
C CYS A 378 14.52 14.75 28.59
N MET A 379 14.31 14.91 29.90
CA MET A 379 15.08 14.15 30.87
C MET A 379 14.83 12.65 30.72
N LEU A 380 13.57 12.25 30.55
CA LEU A 380 13.27 10.85 30.29
C LEU A 380 13.84 10.41 28.94
N CYS A 381 13.76 11.28 27.93
CA CYS A 381 14.25 10.93 26.61
C CYS A 381 15.75 10.65 26.63
N CYS A 382 16.51 11.45 27.38
CA CYS A 382 17.95 11.24 27.49
C CYS A 382 18.29 10.14 28.49
N TRP A 383 17.42 9.85 29.45
CA TRP A 383 17.69 8.78 30.39
C TRP A 383 17.48 7.40 29.76
N VAL A 384 16.43 7.26 28.95
CA VAL A 384 16.17 5.97 28.31
C VAL A 384 17.23 5.62 27.29
N GLU A 385 17.99 6.59 26.81
CA GLU A 385 19.08 6.34 25.89
C GLU A 385 20.37 5.96 26.60
N ASP A 386 20.64 6.58 27.74
CA ASP A 386 21.86 6.30 28.51
C ASP A 386 21.64 6.68 29.97
N PRO A 387 21.23 5.72 30.81
CA PRO A 387 21.01 6.05 32.23
C PRO A 387 22.27 6.51 32.96
N ASN A 388 23.44 6.16 32.45
CA ASN A 388 24.72 6.53 33.08
C ASN A 388 25.47 7.44 32.12
N SER A 389 25.33 8.75 32.32
CA SER A 389 26.00 9.74 31.49
C SER A 389 26.14 11.02 32.29
N ASP A 390 26.62 12.08 31.63
CA ASP A 390 26.78 13.39 32.27
C ASP A 390 25.63 14.34 31.94
N TYR A 391 25.04 14.22 30.75
CA TYR A 391 23.90 15.06 30.41
C TYR A 391 22.72 14.79 31.34
N PHE A 392 22.48 13.53 31.67
CA PHE A 392 21.41 13.20 32.61
C PHE A 392 21.68 13.80 33.99
N LYS A 393 22.93 13.71 34.46
CA LYS A 393 23.26 14.28 35.77
C LYS A 393 23.09 15.79 35.78
N LYS A 394 23.52 16.46 34.71
CA LYS A 394 23.36 17.92 34.65
C LYS A 394 21.90 18.32 34.54
N HIS A 395 21.08 17.53 33.83
CA HIS A 395 19.65 17.78 33.83
C HIS A 395 19.06 17.60 35.22
N LEU A 396 19.49 16.57 35.94
CA LEU A 396 19.05 16.36 37.31
C LEU A 396 19.48 17.48 38.25
N ALA A 397 20.61 18.13 37.96
CA ALA A 397 21.13 19.18 38.81
C ALA A 397 20.33 20.47 38.74
N ARG A 398 19.70 20.77 37.60
CA ARG A 398 18.93 22.00 37.43
C ARG A 398 17.46 21.82 37.80
N ILE A 399 17.08 20.65 38.30
CA ILE A 399 15.69 20.44 38.74
C ILE A 399 15.30 21.40 39.86
N PRO A 400 16.09 21.61 40.92
CA PRO A 400 15.66 22.53 41.98
C PRO A 400 15.57 23.99 41.56
N ASP A 401 15.81 24.30 40.29
CA ASP A 401 15.71 25.68 39.81
C ASP A 401 14.27 26.09 39.48
N TYR A 402 13.32 25.17 39.58
CA TYR A 402 11.93 25.45 39.24
C TYR A 402 10.97 25.40 40.44
N LEU A 403 11.32 24.69 41.50
CA LEU A 403 10.44 24.62 42.67
C LEU A 403 10.36 25.98 43.36
N TRP A 404 9.20 26.25 43.95
CA TRP A 404 8.95 27.53 44.60
C TRP A 404 7.97 27.32 45.75
N VAL A 405 8.03 28.22 46.73
CA VAL A 405 7.18 28.16 47.91
C VAL A 405 6.40 29.45 48.03
N ALA A 406 5.19 29.36 48.56
CA ALA A 406 4.30 30.50 48.70
C ALA A 406 3.50 30.33 49.98
N GLU A 407 2.39 31.08 50.10
CA GLU A 407 1.53 30.93 51.26
C GLU A 407 0.95 29.52 51.35
N ASP A 408 0.61 28.94 50.21
CA ASP A 408 0.22 27.53 50.13
C ASP A 408 1.48 26.68 50.10
N GLY A 409 1.34 25.39 49.78
CA GLY A 409 2.47 24.51 49.73
C GLY A 409 3.41 24.83 48.57
N MET A 410 4.37 23.93 48.36
CA MET A 410 5.36 24.11 47.32
C MET A 410 4.72 24.00 45.94
N LYS A 411 5.10 24.91 45.04
CA LYS A 411 4.61 24.92 43.67
C LYS A 411 5.79 24.80 42.71
N VAL A 412 5.49 24.81 41.42
CA VAL A 412 6.49 24.72 40.37
C VAL A 412 6.35 25.94 39.46
N GLN A 413 7.46 26.62 39.20
CA GLN A 413 7.49 27.80 38.34
C GLN A 413 7.81 27.38 36.92
N SER A 414 6.91 27.70 35.99
CA SER A 414 7.09 27.27 34.61
C SER A 414 8.33 27.87 33.97
N PHE A 415 8.57 29.16 34.21
CA PHE A 415 9.71 29.85 33.63
C PHE A 415 10.02 31.09 34.45
N GLY A 416 11.24 31.59 34.31
CA GLY A 416 11.62 32.81 35.00
C GLY A 416 11.03 34.04 34.36
N SER A 417 10.79 35.07 35.18
CA SER A 417 10.28 36.34 34.69
C SER A 417 10.97 37.52 35.37
N GLN A 418 12.19 37.35 35.87
CA GLN A 418 12.86 38.43 36.58
C GLN A 418 13.17 39.62 35.68
N LEU A 419 13.60 39.36 34.45
CA LEU A 419 13.99 40.45 33.56
C LEU A 419 12.81 41.33 33.19
N TRP A 420 11.67 40.72 32.84
CA TRP A 420 10.50 41.49 32.44
C TRP A 420 10.00 42.38 33.58
N ASP A 421 9.84 41.80 34.77
CA ASP A 421 9.39 42.57 35.91
C ASP A 421 10.41 43.62 36.34
N ALA A 422 11.70 43.31 36.25
CA ALA A 422 12.73 44.29 36.57
C ALA A 422 12.67 45.48 35.62
N THR A 423 12.50 45.21 34.32
CA THR A 423 12.38 46.31 33.36
C THR A 423 11.12 47.14 33.62
N PHE A 424 10.00 46.48 33.93
CA PHE A 424 8.78 47.23 34.23
C PHE A 424 8.96 48.10 35.47
N GLY A 425 9.57 47.55 36.52
CA GLY A 425 9.80 48.32 37.72
C GLY A 425 10.75 49.48 37.51
N PHE A 426 11.82 49.26 36.73
CA PHE A 426 12.74 50.34 36.43
C PHE A 426 12.06 51.45 35.64
N GLN A 427 11.23 51.07 34.65
CA GLN A 427 10.49 52.07 33.89
C GLN A 427 9.53 52.85 34.78
N ALA A 428 8.84 52.16 35.69
CA ALA A 428 7.94 52.85 36.61
C ALA A 428 8.71 53.81 37.51
N LEU A 429 9.87 53.38 38.03
CA LEU A 429 10.64 54.23 38.91
C LEU A 429 11.17 55.47 38.19
N VAL A 430 11.68 55.30 36.97
CA VAL A 430 12.18 56.45 36.24
C VAL A 430 11.06 57.37 35.76
N ALA A 431 9.88 56.82 35.47
CA ALA A 431 8.75 57.68 35.10
C ALA A 431 8.26 58.47 36.30
N SER A 432 8.24 57.85 37.48
CA SER A 432 7.86 58.55 38.69
C SER A 432 8.91 59.61 39.04
N ASN A 433 8.44 60.74 39.54
CA ASN A 433 9.34 61.84 39.87
C ASN A 433 10.26 61.45 41.03
N LEU A 434 11.54 61.75 40.89
CA LEU A 434 12.54 61.46 41.92
C LEU A 434 12.42 62.53 43.00
N THR A 435 11.51 62.28 43.96
CA THR A 435 11.30 63.24 45.03
C THR A 435 12.51 63.33 45.96
N GLU A 436 12.86 62.22 46.60
CA GLU A 436 14.01 62.22 47.50
C GLU A 436 15.33 62.05 46.77
N ASP A 437 15.29 61.62 45.51
CA ASP A 437 16.47 61.41 44.66
C ASP A 437 17.42 60.36 45.22
N GLU A 438 17.00 59.58 46.22
CA GLU A 438 17.81 58.52 46.78
C GLU A 438 17.67 57.19 46.04
N VAL A 439 16.80 57.13 45.03
CA VAL A 439 16.65 55.90 44.24
C VAL A 439 17.76 55.72 43.22
N GLY A 440 18.72 56.64 43.17
CA GLY A 440 19.83 56.57 42.24
C GLY A 440 20.71 55.33 42.38
N PRO A 441 21.14 55.02 43.61
CA PRO A 441 21.92 53.78 43.81
C PRO A 441 21.16 52.53 43.38
N ALA A 442 19.87 52.43 43.70
CA ALA A 442 19.10 51.27 43.28
C ALA A 442 18.94 51.24 41.77
N LEU A 443 18.73 52.40 41.14
CA LEU A 443 18.64 52.46 39.69
C LEU A 443 19.93 52.00 39.04
N ALA A 444 21.07 52.40 39.58
CA ALA A 444 22.36 51.95 39.03
C ALA A 444 22.56 50.45 39.26
N LYS A 445 22.22 49.97 40.46
CA LYS A 445 22.38 48.56 40.78
C LYS A 445 21.44 47.66 40.00
N ALA A 446 20.37 48.23 39.44
CA ALA A 446 19.54 47.50 38.50
C ALA A 446 19.99 47.67 37.05
N TYR A 447 20.51 48.85 36.71
CA TYR A 447 20.94 49.12 35.34
C TYR A 447 22.16 48.28 34.96
N ASP A 448 23.09 48.09 35.90
CA ASP A 448 24.24 47.24 35.59
C ASP A 448 23.82 45.80 35.37
N PHE A 449 22.86 45.31 36.16
CA PHE A 449 22.32 43.97 35.93
C PHE A 449 21.62 43.88 34.59
N ILE A 450 20.85 44.91 34.22
CA ILE A 450 20.18 44.92 32.92
C ILE A 450 21.20 44.87 31.79
N LYS A 451 22.28 45.64 31.92
CA LYS A 451 23.34 45.61 30.93
C LYS A 451 23.99 44.23 30.85
N LYS A 452 24.22 43.60 32.01
CA LYS A 452 24.81 42.26 32.03
C LYS A 452 23.85 41.18 31.56
N SER A 453 22.56 41.47 31.47
CA SER A 453 21.56 40.48 31.09
C SER A 453 21.39 40.36 29.58
N GLN A 454 22.13 41.13 28.80
CA GLN A 454 22.00 41.12 27.34
C GLN A 454 22.66 39.88 26.77
N VAL A 455 21.94 39.17 25.90
CA VAL A 455 22.49 38.00 25.22
C VAL A 455 23.20 38.47 23.95
N LYS A 456 24.49 38.19 23.87
CA LYS A 456 25.32 38.67 22.77
C LYS A 456 25.96 37.54 21.95
N ASP A 457 26.22 36.39 22.56
CA ASP A 457 26.87 35.30 21.87
C ASP A 457 25.85 34.49 21.07
N ASN A 458 26.29 34.00 19.91
CA ASN A 458 25.47 33.12 19.09
C ASN A 458 25.39 31.74 19.72
N PRO A 459 24.33 30.98 19.44
CA PRO A 459 24.25 29.61 19.95
C PRO A 459 25.41 28.77 19.44
N SER A 460 25.90 27.88 20.29
CA SER A 460 27.05 27.04 19.95
C SER A 460 26.71 26.14 18.78
N GLY A 461 27.66 25.99 17.87
CA GLY A 461 27.46 25.18 16.68
C GLY A 461 26.85 25.97 15.54
N ASP A 462 26.33 25.21 14.57
CA ASP A 462 25.69 25.81 13.39
C ASP A 462 24.24 26.11 13.72
N PHE A 463 24.02 27.23 14.39
CA PHE A 463 22.66 27.65 14.72
C PHE A 463 21.86 27.97 13.46
N GLU A 464 22.51 28.60 12.48
CA GLU A 464 21.86 28.85 11.20
C GLU A 464 21.65 27.54 10.44
N SER A 465 20.59 27.49 9.64
CA SER A 465 20.22 26.32 8.86
C SER A 465 19.93 25.11 9.74
N MET A 466 19.45 25.35 10.96
CA MET A 466 19.07 24.31 11.91
C MET A 466 17.71 24.61 12.51
N HIS A 467 16.79 25.10 11.67
CA HIS A 467 15.42 25.42 12.08
C HIS A 467 15.40 26.43 13.24
N ARG A 468 16.31 27.39 13.19
CA ARG A 468 16.39 28.44 14.20
C ARG A 468 16.67 29.78 13.50
N HIS A 469 16.43 30.85 14.23
CA HIS A 469 16.62 32.21 13.73
C HIS A 469 17.87 32.82 14.34
N ILE A 470 18.46 33.76 13.60
CA ILE A 470 19.70 34.40 14.02
C ILE A 470 19.43 35.32 15.21
N SER A 471 20.27 35.21 16.23
CA SER A 471 20.19 36.06 17.41
C SER A 471 21.47 36.89 17.52
N LYS A 472 21.32 38.21 17.58
CA LYS A 472 22.46 39.13 17.68
C LYS A 472 22.07 40.27 18.61
N GLY A 473 22.62 40.27 19.82
CA GLY A 473 22.30 41.30 20.79
C GLY A 473 20.84 41.27 21.20
N SER A 474 20.30 40.09 21.43
CA SER A 474 18.89 39.91 21.76
C SER A 474 18.70 39.78 23.26
N TRP A 475 17.43 39.76 23.66
CA TRP A 475 17.05 39.61 25.06
C TRP A 475 16.11 38.42 25.21
N THR A 476 16.19 37.76 26.36
CA THR A 476 15.30 36.66 26.69
C THR A 476 14.21 37.15 27.64
N PHE A 477 13.29 36.24 27.97
CA PHE A 477 12.24 36.55 28.93
C PHE A 477 12.62 36.16 30.35
N SER A 478 13.39 35.07 30.52
CA SER A 478 13.76 34.61 31.84
C SER A 478 15.12 35.14 32.28
N ASP A 479 16.17 34.80 31.55
CA ASP A 479 17.53 35.20 31.92
C ASP A 479 18.44 34.97 30.72
N GLN A 480 19.66 35.50 30.81
CA GLN A 480 20.65 35.36 29.75
C GLN A 480 21.12 33.93 29.57
N ASP A 481 20.94 33.06 30.57
CA ASP A 481 21.38 31.68 30.48
C ASP A 481 20.56 30.87 29.47
N HIS A 482 19.44 31.41 28.98
CA HIS A 482 18.58 30.69 28.05
C HIS A 482 18.99 30.93 26.60
N GLY A 483 19.13 32.19 26.20
CA GLY A 483 19.52 32.53 24.84
C GLY A 483 18.43 32.34 23.83
N TRP A 484 17.27 32.97 24.08
CA TRP A 484 16.12 32.87 23.19
C TRP A 484 15.66 34.28 22.83
N GLN A 485 15.55 34.53 21.53
CA GLN A 485 15.10 35.84 21.05
C GLN A 485 13.61 36.02 21.30
N LEU A 486 13.24 37.22 21.75
CA LEU A 486 11.83 37.55 22.00
C LEU A 486 11.66 39.05 21.80
N SER A 487 10.88 39.44 20.79
CA SER A 487 10.74 40.84 20.45
C SER A 487 9.97 41.63 21.50
N ASP A 488 9.18 40.97 22.35
CA ASP A 488 8.39 41.68 23.34
C ASP A 488 9.27 42.30 24.42
N CYS A 489 10.21 41.52 24.98
CA CYS A 489 11.08 42.03 26.03
C CYS A 489 12.11 43.02 25.48
N THR A 490 12.59 42.80 24.26
CA THR A 490 13.58 43.70 23.68
C THR A 490 13.03 45.10 23.51
N ALA A 491 11.75 45.22 23.15
CA ALA A 491 11.16 46.55 22.96
C ALA A 491 11.12 47.34 24.27
N GLU A 492 10.78 46.69 25.38
CA GLU A 492 10.79 47.35 26.68
C GLU A 492 12.21 47.64 27.16
N ALA A 493 13.14 46.72 26.89
CA ALA A 493 14.53 46.95 27.28
C ALA A 493 15.12 48.15 26.55
N LEU A 494 14.82 48.29 25.25
CA LEU A 494 15.32 49.42 24.49
C LEU A 494 14.73 50.73 25.01
N LYS A 495 13.44 50.73 25.34
CA LYS A 495 12.83 51.93 25.92
C LYS A 495 13.48 52.29 27.25
N CYS A 496 13.74 51.30 28.09
CA CYS A 496 14.40 51.56 29.36
C CYS A 496 15.78 52.14 29.14
N CYS A 497 16.55 51.56 28.21
CA CYS A 497 17.90 52.06 27.95
C CYS A 497 17.87 53.48 27.41
N LEU A 498 16.95 53.77 26.48
CA LEU A 498 16.86 55.12 25.93
C LEU A 498 16.44 56.13 27.00
N LEU A 499 15.49 55.77 27.86
CA LEU A 499 15.04 56.68 28.90
C LEU A 499 16.14 56.92 29.93
N ALA A 500 16.93 55.89 30.24
CA ALA A 500 18.05 56.05 31.16
C ALA A 500 19.25 56.75 30.51
N ALA A 501 19.30 56.79 29.18
CA ALA A 501 20.42 57.42 28.50
C ALA A 501 20.48 58.92 28.77
N THR A 502 19.32 59.59 28.74
CA THR A 502 19.28 61.03 28.96
C THR A 502 19.54 61.41 30.42
N MET A 503 19.53 60.45 31.33
CA MET A 503 19.80 60.75 32.73
C MET A 503 21.29 61.10 32.90
N PRO A 504 21.62 61.93 33.88
CA PRO A 504 23.02 62.33 34.07
C PRO A 504 23.91 61.14 34.38
N GLN A 505 25.13 61.18 33.85
CA GLN A 505 26.10 60.11 34.10
C GLN A 505 26.52 60.07 35.56
N GLU A 506 26.69 61.24 36.19
CA GLU A 506 27.15 61.32 37.56
C GLU A 506 26.18 60.71 38.57
N VAL A 507 24.91 60.54 38.20
CA VAL A 507 23.91 60.03 39.13
C VAL A 507 23.64 58.54 38.93
N VAL A 508 23.65 58.04 37.70
CA VAL A 508 23.33 56.65 37.42
C VAL A 508 24.56 55.82 37.06
N GLY A 509 25.68 56.44 36.73
CA GLY A 509 26.89 55.73 36.38
C GLY A 509 27.17 55.75 34.89
N GLU A 510 27.94 54.76 34.45
CA GLU A 510 28.34 54.69 33.05
C GLU A 510 27.15 54.29 32.17
N LYS A 511 27.33 54.45 30.87
CA LYS A 511 26.29 54.19 29.89
C LYS A 511 26.76 53.15 28.87
N MET A 512 25.79 52.53 28.20
CA MET A 512 26.11 51.54 27.18
C MET A 512 26.64 52.21 25.92
N LYS A 513 27.43 51.45 25.17
CA LYS A 513 27.96 51.97 23.92
C LYS A 513 26.84 52.12 22.89
N PRO A 514 26.86 53.19 22.09
CA PRO A 514 25.77 53.41 21.12
C PRO A 514 25.82 52.49 19.91
N GLU A 515 26.78 51.57 19.84
CA GLU A 515 26.88 50.65 18.71
C GLU A 515 26.10 49.36 18.92
N TRP A 516 25.86 48.96 20.18
CA TRP A 516 25.12 47.74 20.44
C TRP A 516 23.64 47.87 20.12
N VAL A 517 23.07 49.08 20.20
CA VAL A 517 21.65 49.26 19.91
C VAL A 517 21.33 48.97 18.46
N TYR A 518 22.30 49.12 17.56
CA TYR A 518 22.05 48.84 16.15
C TYR A 518 21.71 47.37 15.93
N GLU A 519 22.39 46.46 16.65
CA GLU A 519 22.07 45.04 16.56
C GLU A 519 20.64 44.78 17.02
N ALA A 520 20.22 45.41 18.12
CA ALA A 520 18.86 45.24 18.59
C ALA A 520 17.85 45.77 17.58
N ILE A 521 18.15 46.92 16.96
CA ILE A 521 17.24 47.47 15.95
C ILE A 521 17.13 46.51 14.77
N ASN A 522 18.27 45.95 14.34
CA ASN A 522 18.26 45.00 13.23
C ASN A 522 17.45 43.76 13.58
N ILE A 523 17.61 43.26 14.80
CA ILE A 523 16.85 42.08 15.23
C ILE A 523 15.36 42.37 15.25
N ILE A 524 14.98 43.54 15.77
CA ILE A 524 13.56 43.91 15.82
C ILE A 524 13.00 44.03 14.41
N LEU A 525 13.74 44.67 13.51
CA LEU A 525 13.29 44.81 12.13
C LEU A 525 13.28 43.49 11.38
N SER A 526 14.05 42.50 11.84
CA SER A 526 14.04 41.19 11.21
C SER A 526 12.67 40.53 11.32
N LEU A 527 12.04 40.65 12.49
CA LEU A 527 10.72 40.06 12.72
C LEU A 527 9.65 41.06 12.29
N GLN A 528 8.97 40.75 11.19
CA GLN A 528 7.89 41.58 10.68
C GLN A 528 7.12 40.80 9.63
N SER A 529 5.79 40.95 9.65
CA SER A 529 4.93 40.28 8.70
C SER A 529 4.72 41.15 7.46
N LYS A 530 4.13 40.54 6.42
CA LYS A 530 3.90 41.23 5.17
C LYS A 530 2.69 42.15 5.19
N SER A 531 1.83 42.04 6.21
CA SER A 531 0.65 42.87 6.31
C SER A 531 0.67 43.81 7.51
N GLY A 532 1.77 43.84 8.27
CA GLY A 532 1.86 44.69 9.44
C GLY A 532 2.00 43.91 10.72
N GLY A 533 2.63 44.51 11.74
CA GLY A 533 2.86 43.83 12.99
C GLY A 533 4.04 42.87 12.92
N LEU A 534 4.24 42.16 14.02
CA LEU A 534 5.33 41.19 14.11
C LEU A 534 4.97 40.12 15.12
N ALA A 535 5.64 38.98 15.02
CA ALA A 535 5.47 37.87 15.93
C ALA A 535 6.55 37.93 17.02
N GLY A 536 6.64 36.86 17.81
CA GLY A 536 7.56 36.84 18.93
C GLY A 536 8.91 36.21 18.64
N TRP A 537 8.92 35.13 17.86
CA TRP A 537 10.14 34.35 17.62
C TRP A 537 10.54 34.31 16.16
N GLU A 538 9.60 34.13 15.24
CA GLU A 538 9.89 34.03 13.83
C GLU A 538 8.95 34.94 13.04
N PRO A 539 9.41 35.52 11.92
CA PRO A 539 8.58 36.49 11.19
C PRO A 539 7.30 35.90 10.63
N VAL A 540 7.43 34.87 9.78
CA VAL A 540 6.27 34.22 9.16
C VAL A 540 6.71 32.89 8.57
N ARG A 541 5.86 31.87 8.69
CA ARG A 541 6.13 30.56 8.13
C ARG A 541 5.10 30.13 7.10
N ALA A 542 3.81 30.17 7.45
CA ALA A 542 2.75 29.76 6.54
C ALA A 542 1.49 30.54 6.88
N GLY A 543 0.36 30.11 6.32
CA GLY A 543 -0.91 30.75 6.54
C GLY A 543 -1.60 30.26 7.80
N GLU A 544 -2.84 30.71 7.98
CA GLU A 544 -3.64 30.35 9.14
C GLU A 544 -4.33 29.00 9.01
N TRP A 545 -4.25 28.36 7.84
CA TRP A 545 -4.89 27.07 7.64
C TRP A 545 -4.14 25.92 8.32
N MET A 546 -2.94 26.17 8.84
CA MET A 546 -2.18 25.12 9.50
C MET A 546 -2.76 24.74 10.86
N GLU A 547 -3.61 25.59 11.44
CA GLU A 547 -4.18 25.30 12.76
C GLU A 547 -5.22 24.19 12.72
N ILE A 548 -5.64 23.73 11.53
CA ILE A 548 -6.60 22.65 11.44
C ILE A 548 -6.03 21.36 12.01
N LEU A 549 -4.70 21.20 11.98
CA LEU A 549 -4.04 20.00 12.45
C LEU A 549 -3.69 20.04 13.93
N ASN A 550 -4.45 20.80 14.73
CA ASN A 550 -4.15 20.91 16.15
C ASN A 550 -4.46 19.60 16.87
N PRO A 551 -3.48 18.96 17.51
CA PRO A 551 -3.81 17.73 18.25
C PRO A 551 -4.59 18.00 19.53
N MET A 552 -4.25 19.05 20.26
CA MET A 552 -4.92 19.35 21.52
C MET A 552 -6.32 19.91 21.25
N GLU A 553 -7.16 19.82 22.28
CA GLU A 553 -8.52 20.31 22.21
C GLU A 553 -8.86 21.32 23.31
N PHE A 554 -7.92 21.60 24.21
CA PHE A 554 -8.12 22.59 25.25
C PHE A 554 -7.33 23.87 25.01
N LEU A 555 -6.72 24.01 23.83
CA LEU A 555 -5.97 25.21 23.47
C LEU A 555 -6.34 25.59 22.04
N GLU A 556 -5.67 26.64 21.54
CA GLU A 556 -5.93 27.13 20.20
C GLU A 556 -4.70 27.88 19.71
N ASN A 557 -4.40 27.75 18.42
CA ASN A 557 -3.28 28.45 17.77
C ASN A 557 -1.96 28.09 18.45
N ILE A 558 -1.61 26.82 18.38
CA ILE A 558 -0.39 26.30 18.97
C ILE A 558 0.63 25.88 17.92
N VAL A 559 0.16 25.30 16.81
CA VAL A 559 1.07 24.79 15.79
C VAL A 559 1.81 25.93 15.08
N ILE A 560 1.14 27.06 14.85
CA ILE A 560 1.71 28.17 14.12
C ILE A 560 1.64 29.43 14.98
N GLU A 561 2.56 30.36 14.71
CA GLU A 561 2.63 31.61 15.45
C GLU A 561 1.64 32.62 14.89
N HIS A 562 1.62 33.82 15.48
CA HIS A 562 0.74 34.89 15.04
C HIS A 562 1.33 36.22 15.50
N THR A 563 0.82 37.30 14.90
CA THR A 563 1.28 38.64 15.24
C THR A 563 0.59 39.12 16.51
N TYR A 564 1.35 39.74 17.40
CA TYR A 564 0.85 40.21 18.69
C TYR A 564 0.80 41.73 18.70
N VAL A 565 -0.35 42.28 19.09
CA VAL A 565 -0.56 43.72 19.06
C VAL A 565 0.31 44.43 20.09
N GLU A 566 0.48 43.82 21.27
CA GLU A 566 1.26 44.45 22.32
C GLU A 566 2.71 44.65 21.91
N CYS A 567 3.30 43.65 21.26
CA CYS A 567 4.68 43.78 20.78
C CYS A 567 4.78 44.87 19.72
N THR A 568 3.79 44.96 18.83
CA THR A 568 3.80 46.01 17.81
C THR A 568 3.73 47.38 18.44
N GLY A 569 2.87 47.56 19.44
CA GLY A 569 2.78 48.84 20.12
C GLY A 569 4.06 49.21 20.84
N SER A 570 4.67 48.23 21.54
CA SER A 570 5.93 48.48 22.22
C SER A 570 7.02 48.85 21.22
N SER A 571 7.08 48.13 20.09
CA SER A 571 8.09 48.43 19.08
C SER A 571 7.91 49.82 18.47
N ILE A 572 6.66 50.20 18.19
CA ILE A 572 6.44 51.50 17.57
C ILE A 572 6.73 52.63 18.55
N ILE A 573 6.36 52.47 19.82
CA ILE A 573 6.67 53.52 20.79
C ILE A 573 8.18 53.59 21.02
N ALA A 574 8.87 52.45 21.02
CA ALA A 574 10.32 52.47 21.13
C ALA A 574 10.97 53.18 19.95
N PHE A 575 10.49 52.91 18.74
CA PHE A 575 11.04 53.56 17.55
C PHE A 575 10.78 55.06 17.57
N VAL A 576 9.58 55.48 17.99
CA VAL A 576 9.28 56.90 18.10
C VAL A 576 10.18 57.56 19.13
N SER A 577 10.39 56.90 20.27
CA SER A 577 11.27 57.46 21.29
C SER A 577 12.71 57.57 20.80
N LEU A 578 13.14 56.67 19.92
CA LEU A 578 14.51 56.72 19.41
C LEU A 578 14.74 57.94 18.54
N LYS A 579 13.71 58.42 17.84
CA LYS A 579 13.89 59.55 16.93
C LYS A 579 14.29 60.82 17.68
N LYS A 580 13.80 60.98 18.91
CA LYS A 580 14.10 62.19 19.67
C LYS A 580 15.58 62.28 20.01
N LEU A 581 16.20 61.15 20.35
CA LEU A 581 17.61 61.18 20.75
C LEU A 581 18.52 61.49 19.56
N TYR A 582 18.57 60.59 18.58
CA TYR A 582 19.37 60.83 17.39
C TYR A 582 18.91 59.97 16.22
N PRO A 583 18.51 60.57 15.11
CA PRO A 583 18.28 59.78 13.89
C PRO A 583 19.59 59.49 13.16
N GLY A 584 20.06 58.25 13.22
CA GLY A 584 21.34 57.94 12.62
C GLY A 584 21.47 56.54 12.02
N HIS A 585 20.34 55.89 11.76
CA HIS A 585 20.38 54.53 11.23
C HIS A 585 19.10 54.28 10.43
N ARG A 586 19.24 54.18 9.10
CA ARG A 586 18.15 53.83 8.20
C ARG A 586 16.95 54.75 8.39
N THR A 587 17.16 56.02 8.08
CA THR A 587 16.09 57.01 8.19
C THR A 587 14.93 56.68 7.25
N LYS A 588 15.22 56.12 6.08
CA LYS A 588 14.18 55.78 5.10
C LYS A 588 13.56 54.41 5.35
N ASP A 589 14.02 53.68 6.37
CA ASP A 589 13.49 52.36 6.69
C ASP A 589 12.62 52.35 7.94
N ILE A 590 13.01 53.10 8.97
CA ILE A 590 12.20 53.15 10.19
C ILE A 590 10.84 53.78 9.91
N ASP A 591 10.82 54.84 9.10
CA ASP A 591 9.54 55.46 8.73
C ASP A 591 8.66 54.50 7.95
N ASN A 592 9.26 53.74 7.03
CA ASN A 592 8.50 52.73 6.29
C ASN A 592 7.95 51.67 7.22
N PHE A 593 8.74 51.22 8.19
CA PHE A 593 8.26 50.24 9.15
C PHE A 593 7.12 50.79 9.99
N ILE A 594 7.21 52.05 10.40
CA ILE A 594 6.13 52.67 11.17
C ILE A 594 4.87 52.77 10.34
N ARG A 595 5.00 53.16 9.07
CA ARG A 595 3.84 53.23 8.18
C ARG A 595 3.21 51.85 8.01
N ASN A 596 4.03 50.81 7.86
CA ASN A 596 3.51 49.46 7.74
C ASN A 596 2.78 49.04 9.02
N ALA A 597 3.33 49.38 10.17
CA ALA A 597 2.74 48.96 11.44
C ALA A 597 1.49 49.75 11.79
N ILE A 598 1.35 50.98 11.29
CA ILE A 598 0.20 51.80 11.65
C ILE A 598 -1.09 51.17 11.16
N ARG A 599 -1.12 50.72 9.90
CA ARG A 599 -2.33 50.15 9.34
C ARG A 599 -2.71 48.81 9.97
N TYR A 600 -1.74 48.10 10.54
CA TYR A 600 -2.05 46.82 11.18
C TYR A 600 -2.93 47.02 12.41
N LEU A 601 -2.68 48.07 13.19
CA LEU A 601 -3.42 48.29 14.41
C LEU A 601 -4.90 48.56 14.15
N GLU A 602 -5.22 49.27 13.06
CA GLU A 602 -6.61 49.56 12.74
C GLU A 602 -7.39 48.28 12.41
N ASP A 603 -6.74 47.33 11.74
CA ASP A 603 -7.44 46.12 11.31
C ASP A 603 -7.89 45.27 12.48
N VAL A 604 -7.08 45.15 13.53
CA VAL A 604 -7.39 44.27 14.66
C VAL A 604 -8.51 44.81 15.53
N GLN A 605 -8.93 46.06 15.32
CA GLN A 605 -9.97 46.66 16.15
C GLN A 605 -11.32 45.99 15.92
N TYR A 606 -12.00 45.63 17.00
CA TYR A 606 -13.35 45.10 16.94
C TYR A 606 -14.35 46.24 16.83
N PRO A 607 -15.56 45.95 16.32
CA PRO A 607 -16.56 47.03 16.17
C PRO A 607 -17.02 47.65 17.48
N ASP A 608 -16.80 47.01 18.62
CA ASP A 608 -17.24 47.56 19.90
C ASP A 608 -16.30 48.63 20.44
N GLY A 609 -15.17 48.87 19.77
CA GLY A 609 -14.25 49.91 20.19
C GLY A 609 -13.07 49.44 21.01
N SER A 610 -12.86 48.13 21.13
CA SER A 610 -11.72 47.62 21.89
C SER A 610 -11.26 46.30 21.30
N TRP A 611 -9.99 45.99 21.51
CA TRP A 611 -9.39 44.76 21.04
C TRP A 611 -8.56 44.15 22.16
N TYR A 612 -8.76 42.87 22.42
CA TYR A 612 -8.11 42.19 23.53
C TYR A 612 -6.71 41.72 23.15
N GLY A 613 -5.91 41.43 24.16
CA GLY A 613 -4.53 41.00 24.01
C GLY A 613 -4.38 39.50 24.02
N ASN A 614 -3.19 39.05 24.46
CA ASN A 614 -2.88 37.62 24.47
C ASN A 614 -2.23 37.15 25.77
N TRP A 615 -1.72 38.05 26.61
CA TRP A 615 -1.04 37.67 27.84
C TRP A 615 -1.76 38.16 29.09
N GLY A 616 -2.22 39.40 29.11
CA GLY A 616 -3.04 39.88 30.22
C GLY A 616 -4.51 39.56 29.99
N ILE A 617 -5.18 39.15 31.06
CA ILE A 617 -6.59 38.80 30.98
C ILE A 617 -7.42 40.08 31.07
N CYS A 618 -7.69 40.70 29.92
CA CYS A 618 -8.47 41.92 29.83
C CYS A 618 -8.66 42.25 28.36
N PHE A 619 -9.81 42.84 28.05
CA PHE A 619 -10.02 43.46 26.75
C PHE A 619 -9.37 44.83 26.65
N ILE A 620 -8.86 45.36 27.77
CA ILE A 620 -8.20 46.66 27.79
C ILE A 620 -6.70 46.57 28.01
N TYR A 621 -6.16 45.37 28.26
CA TYR A 621 -4.72 45.23 28.47
C TYR A 621 -3.95 45.62 27.22
N SER A 622 -4.38 45.13 26.06
CA SER A 622 -3.75 45.53 24.81
C SER A 622 -4.16 46.93 24.39
N THR A 623 -5.30 47.42 24.89
CA THR A 623 -5.75 48.78 24.54
C THR A 623 -4.77 49.81 25.07
N MET A 624 -4.24 49.61 26.27
CA MET A 624 -3.26 50.54 26.83
C MET A 624 -2.02 50.62 25.95
N PHE A 625 -1.49 49.47 25.54
CA PHE A 625 -0.31 49.46 24.69
C PHE A 625 -0.60 50.08 23.32
N ALA A 626 -1.79 49.80 22.77
CA ALA A 626 -2.14 50.36 21.47
C ALA A 626 -2.25 51.88 21.54
N LEU A 627 -2.91 52.40 22.59
CA LEU A 627 -3.03 53.85 22.75
C LEU A 627 -1.66 54.48 22.98
N GLY A 628 -0.81 53.82 23.75
CA GLY A 628 0.55 54.32 23.93
C GLY A 628 1.33 54.35 22.63
N GLY A 629 1.14 53.33 21.78
CA GLY A 629 1.80 53.27 20.49
C GLY A 629 1.12 54.04 19.37
N LEU A 630 -0.09 54.53 19.59
CA LEU A 630 -0.82 55.26 18.56
C LEU A 630 -0.65 56.76 18.69
N ALA A 631 -0.65 57.30 19.91
CA ALA A 631 -0.44 58.71 20.13
C ALA A 631 0.98 59.16 19.82
N ALA A 632 1.91 58.21 19.64
CA ALA A 632 3.30 58.58 19.37
C ALA A 632 3.47 59.19 17.99
N THR A 633 2.70 58.74 17.00
CA THR A 633 2.82 59.21 15.63
C THR A 633 1.96 60.44 15.36
N GLY A 634 1.60 61.20 16.40
CA GLY A 634 0.82 62.40 16.22
C GLY A 634 -0.68 62.20 16.11
N ARG A 635 -1.18 61.01 16.44
CA ARG A 635 -2.61 60.76 16.40
C ARG A 635 -3.31 61.58 17.49
N THR A 636 -4.16 62.51 17.06
CA THR A 636 -4.88 63.38 17.98
C THR A 636 -6.15 62.69 18.47
N TYR A 637 -7.02 63.44 19.14
CA TYR A 637 -8.28 62.94 19.64
C TYR A 637 -9.49 63.66 19.04
N ASP A 638 -9.41 64.98 18.87
CA ASP A 638 -10.53 65.74 18.33
C ASP A 638 -10.83 65.33 16.89
N ASN A 639 -9.79 65.14 16.07
CA ASN A 639 -9.96 64.76 14.66
C ASN A 639 -8.93 63.69 14.32
N CYS A 640 -9.31 62.42 14.52
CA CYS A 640 -8.48 61.29 14.17
C CYS A 640 -9.34 60.06 14.02
N GLN A 641 -8.80 59.05 13.34
CA GLN A 641 -9.53 57.81 13.08
C GLN A 641 -9.19 56.77 14.13
N ALA A 642 -10.22 56.18 14.72
CA ALA A 642 -10.18 55.05 15.66
C ALA A 642 -9.58 55.42 17.02
N VAL A 643 -9.12 56.66 17.21
CA VAL A 643 -8.60 57.04 18.52
C VAL A 643 -9.73 57.17 19.53
N ARG A 644 -10.84 57.78 19.13
CA ARG A 644 -11.94 58.03 20.06
C ARG A 644 -12.68 56.75 20.44
N ARG A 645 -12.56 55.69 19.64
CA ARG A 645 -13.29 54.46 19.93
C ARG A 645 -12.87 53.85 21.26
N GLY A 646 -11.55 53.76 21.51
CA GLY A 646 -11.08 53.21 22.76
C GLY A 646 -11.45 54.07 23.95
N VAL A 647 -11.36 55.39 23.79
CA VAL A 647 -11.73 56.31 24.87
C VAL A 647 -13.20 56.15 25.23
N ASP A 648 -14.06 56.09 24.21
CA ASP A 648 -15.49 55.91 24.46
C ASP A 648 -15.78 54.56 25.10
N PHE A 649 -15.08 53.51 24.66
CA PHE A 649 -15.26 52.20 25.28
C PHE A 649 -14.87 52.21 26.74
N ILE A 650 -13.74 52.85 27.07
CA ILE A 650 -13.29 52.92 28.45
C ILE A 650 -14.28 53.75 29.30
N LEU A 651 -14.74 54.87 28.75
CA LEU A 651 -15.66 55.72 29.50
C LEU A 651 -17.01 55.03 29.74
N LYS A 652 -17.50 54.29 28.74
CA LYS A 652 -18.81 53.66 28.86
C LYS A 652 -18.82 52.55 29.91
N ASN A 653 -17.68 51.91 30.15
CA ASN A 653 -17.59 50.79 31.07
C ASN A 653 -16.78 51.19 32.30
N GLN A 654 -17.46 51.36 33.43
CA GLN A 654 -16.81 51.67 34.69
C GLN A 654 -17.59 51.02 35.83
N SER A 655 -17.08 51.15 37.03
CA SER A 655 -17.74 50.63 38.23
C SER A 655 -18.60 51.73 38.84
N ASP A 656 -19.17 51.46 40.02
CA ASP A 656 -19.94 52.48 40.71
C ASP A 656 -19.08 53.66 41.14
N ASP A 657 -17.79 53.42 41.38
CA ASP A 657 -16.84 54.45 41.78
C ASP A 657 -15.80 54.73 40.71
N GLY A 658 -16.05 54.34 39.46
CA GLY A 658 -15.12 54.57 38.38
C GLY A 658 -14.10 53.47 38.17
N GLY A 659 -14.12 52.41 38.97
CA GLY A 659 -13.17 51.34 38.82
C GLY A 659 -13.46 50.48 37.61
N TRP A 660 -12.53 49.56 37.34
CA TRP A 660 -12.63 48.65 36.21
C TRP A 660 -12.33 47.23 36.68
N GLY A 661 -13.09 46.27 36.14
CA GLY A 661 -12.87 44.88 36.48
C GLY A 661 -13.40 43.97 35.39
N GLU A 662 -12.84 42.76 35.35
CA GLU A 662 -13.23 41.75 34.37
C GLU A 662 -13.26 40.38 35.06
N SER A 663 -13.36 39.34 34.24
CA SER A 663 -13.37 37.96 34.73
C SER A 663 -12.42 37.14 33.87
N TYR A 664 -11.97 36.01 34.43
CA TYR A 664 -11.05 35.14 33.72
C TYR A 664 -11.66 34.52 32.47
N LEU A 665 -12.99 34.37 32.44
CA LEU A 665 -13.68 33.78 31.30
C LEU A 665 -14.05 34.78 30.22
N SER A 666 -13.73 36.07 30.42
CA SER A 666 -14.08 37.09 29.43
C SER A 666 -13.31 36.87 28.13
N CYS A 667 -11.98 36.73 28.22
CA CYS A 667 -11.17 36.54 27.02
C CYS A 667 -11.52 35.25 26.26
N PRO A 668 -11.65 34.09 26.90
CA PRO A 668 -12.00 32.88 26.11
C PRO A 668 -13.31 33.01 25.35
N ARG A 669 -14.31 33.67 25.93
CA ARG A 669 -15.59 33.86 25.26
C ARG A 669 -15.60 35.08 24.34
N LYS A 670 -14.61 35.96 24.44
CA LYS A 670 -14.51 37.16 23.60
C LYS A 670 -15.78 38.00 23.68
N VAL A 671 -16.26 38.24 24.90
CA VAL A 671 -17.51 38.96 25.09
C VAL A 671 -17.32 40.12 26.07
N TYR A 672 -16.20 40.11 26.81
CA TYR A 672 -15.89 41.16 27.77
C TYR A 672 -17.00 41.26 28.84
N THR A 673 -17.10 40.20 29.62
CA THR A 673 -18.04 40.16 30.74
C THR A 673 -17.36 40.73 31.98
N PRO A 674 -17.78 41.89 32.48
CA PRO A 674 -17.19 42.46 33.70
C PRO A 674 -17.95 42.13 34.98
N LEU A 675 -18.96 41.26 34.92
CA LEU A 675 -19.82 40.98 36.06
C LEU A 675 -19.11 40.06 37.05
N ASP A 676 -18.18 40.65 37.79
CA ASP A 676 -17.50 39.97 38.90
C ASP A 676 -17.96 40.53 40.25
N GLY A 677 -19.22 40.93 40.34
CA GLY A 677 -19.71 41.63 41.52
C GLY A 677 -19.55 43.13 41.47
N ARG A 678 -19.33 43.71 40.29
CA ARG A 678 -19.12 45.14 40.13
C ARG A 678 -17.92 45.62 40.96
N ARG A 679 -16.92 44.76 41.08
CA ARG A 679 -15.73 45.06 41.85
C ARG A 679 -14.64 45.64 40.93
N SER A 680 -13.43 45.81 41.46
CA SER A 680 -12.33 46.36 40.68
C SER A 680 -11.02 45.87 41.28
N ASN A 681 -9.94 46.01 40.50
CA ASN A 681 -8.61 45.64 40.92
C ASN A 681 -7.64 46.78 40.63
N VAL A 682 -6.62 46.89 41.48
CA VAL A 682 -5.68 47.99 41.36
C VAL A 682 -4.90 47.91 40.04
N VAL A 683 -4.50 46.71 39.62
CA VAL A 683 -3.70 46.58 38.40
C VAL A 683 -4.50 46.97 37.18
N GLN A 684 -5.76 46.49 37.09
CA GLN A 684 -6.59 46.80 35.93
C GLN A 684 -6.95 48.27 35.89
N THR A 685 -7.28 48.87 37.04
CA THR A 685 -7.58 50.30 37.07
C THR A 685 -6.37 51.12 36.69
N ALA A 686 -5.18 50.72 37.16
CA ALA A 686 -3.95 51.42 36.77
C ALA A 686 -3.70 51.30 35.27
N TRP A 687 -3.94 50.11 34.71
CA TRP A 687 -3.80 49.92 33.26
C TRP A 687 -4.75 50.84 32.50
N ALA A 688 -6.00 50.90 32.94
CA ALA A 688 -6.98 51.75 32.27
C ALA A 688 -6.60 53.22 32.35
N MET A 689 -6.18 53.67 33.54
CA MET A 689 -5.79 55.07 33.70
C MET A 689 -4.57 55.41 32.84
N LEU A 690 -3.58 54.52 32.81
CA LEU A 690 -2.40 54.77 31.98
C LEU A 690 -2.77 54.80 30.50
N GLY A 691 -3.63 53.88 30.06
CA GLY A 691 -4.06 53.90 28.66
C GLY A 691 -4.83 55.15 28.30
N LEU A 692 -5.71 55.60 29.19
CA LEU A 692 -6.47 56.83 28.93
C LEU A 692 -5.57 58.06 28.97
N LEU A 693 -4.48 58.02 29.76
CA LEU A 693 -3.62 59.18 29.88
C LEU A 693 -2.87 59.49 28.60
N TYR A 694 -2.48 58.46 27.84
CA TYR A 694 -1.77 58.68 26.59
C TYR A 694 -2.62 59.37 25.53
N ALA A 695 -3.94 59.40 25.70
CA ALA A 695 -4.84 60.02 24.74
C ALA A 695 -4.97 61.52 24.93
N GLY A 696 -4.28 62.10 25.92
CA GLY A 696 -4.38 63.52 26.17
C GLY A 696 -5.67 63.95 26.82
N GLN A 697 -6.35 63.04 27.52
CA GLN A 697 -7.61 63.34 28.17
C GLN A 697 -7.44 64.07 29.49
N ALA A 698 -6.21 64.24 29.97
CA ALA A 698 -5.99 64.99 31.21
C ALA A 698 -6.43 66.44 31.06
N GLU A 699 -6.10 67.06 29.92
CA GLU A 699 -6.56 68.42 29.65
C GLU A 699 -7.95 68.47 29.05
N ARG A 700 -8.48 67.33 28.59
CA ARG A 700 -9.82 67.32 28.00
C ARG A 700 -10.90 67.35 29.09
N ASP A 701 -10.93 66.33 29.94
CA ASP A 701 -11.89 66.25 31.02
C ASP A 701 -11.36 65.35 32.13
N PRO A 702 -10.58 65.89 33.07
CA PRO A 702 -10.02 65.07 34.15
C PRO A 702 -10.99 64.74 35.27
N THR A 703 -12.26 65.10 35.14
CA THR A 703 -13.23 64.78 36.19
C THR A 703 -13.38 63.29 36.43
N PRO A 704 -13.52 62.43 35.41
CA PRO A 704 -13.52 60.98 35.70
C PRO A 704 -12.21 60.49 36.32
N LEU A 705 -11.09 61.15 36.03
CA LEU A 705 -9.81 60.74 36.58
C LEU A 705 -9.72 60.95 38.08
N HIS A 706 -10.52 61.87 38.64
CA HIS A 706 -10.46 62.14 40.07
C HIS A 706 -10.86 60.90 40.88
N ARG A 707 -12.01 60.31 40.56
CA ARG A 707 -12.42 59.10 41.24
C ARG A 707 -11.52 57.91 40.89
N GLY A 708 -10.99 57.88 39.66
CA GLY A 708 -10.06 56.84 39.30
C GLY A 708 -8.80 56.85 40.16
N ALA A 709 -8.33 58.04 40.51
CA ALA A 709 -7.20 58.16 41.43
C ALA A 709 -7.63 57.91 42.87
N LYS A 710 -8.84 58.32 43.25
CA LYS A 710 -9.28 58.16 44.64
C LYS A 710 -9.55 56.71 45.00
N VAL A 711 -9.93 55.88 44.03
CA VAL A 711 -10.23 54.48 44.32
C VAL A 711 -8.94 53.69 44.50
N LEU A 712 -7.80 54.36 44.37
CA LEU A 712 -6.50 53.72 44.55
C LEU A 712 -5.88 53.97 45.92
N ILE A 713 -6.10 55.15 46.50
CA ILE A 713 -5.49 55.47 47.79
C ILE A 713 -6.07 54.61 48.91
N ASN A 714 -7.36 54.29 48.84
CA ASN A 714 -7.98 53.50 49.89
C ASN A 714 -7.42 52.08 49.93
N TYR A 715 -7.13 51.51 48.75
CA TYR A 715 -6.56 50.16 48.70
C TYR A 715 -5.11 50.12 49.16
N GLN A 716 -4.46 51.27 49.37
CA GLN A 716 -3.10 51.28 49.84
C GLN A 716 -3.01 50.76 51.27
N MET A 717 -2.11 49.81 51.50
CA MET A 717 -1.93 49.22 52.82
C MET A 717 -1.01 50.08 53.67
N GLU A 718 -1.30 50.14 54.98
CA GLU A 718 -0.46 50.87 55.90
C GLU A 718 0.95 50.30 55.95
N ASP A 719 1.09 48.98 55.79
CA ASP A 719 2.40 48.33 55.73
C ASP A 719 3.06 48.45 54.36
N GLY A 720 2.36 49.01 53.39
CA GLY A 720 2.87 49.15 52.04
C GLY A 720 2.29 48.11 51.10
N GLY A 721 2.13 48.49 49.83
CA GLY A 721 1.59 47.60 48.83
C GLY A 721 0.08 47.59 48.81
N TYR A 722 -0.46 46.76 47.93
CA TYR A 722 -1.90 46.59 47.77
C TYR A 722 -2.26 45.13 47.99
N PRO A 723 -3.23 44.83 48.86
CA PRO A 723 -3.54 43.43 49.20
C PRO A 723 -4.41 42.71 48.18
N GLN A 724 -4.76 43.34 47.06
CA GLN A 724 -5.55 42.65 46.05
C GLN A 724 -4.76 41.50 45.46
N GLN A 725 -5.40 40.32 45.36
CA GLN A 725 -4.75 39.10 44.88
C GLN A 725 -5.58 38.52 43.75
N GLU A 726 -5.08 38.66 42.52
CA GLU A 726 -5.69 38.04 41.35
C GLU A 726 -4.58 37.62 40.40
N ILE A 727 -4.91 36.69 39.51
CA ILE A 727 -3.92 36.18 38.56
C ILE A 727 -3.45 37.29 37.63
N THR A 728 -4.39 38.05 37.07
CA THR A 728 -4.09 39.15 36.14
C THR A 728 -3.22 38.68 34.97
N GLY A 729 -3.47 37.48 34.46
CA GLY A 729 -2.71 36.96 33.35
C GLY A 729 -3.42 35.82 32.63
N VAL A 730 -3.22 35.73 31.31
CA VAL A 730 -3.79 34.67 30.50
C VAL A 730 -2.68 34.08 29.63
N PHE A 731 -2.89 32.83 29.20
CA PHE A 731 -1.91 32.12 28.38
C PHE A 731 -2.65 31.33 27.32
N LYS A 732 -2.54 31.77 26.06
CA LYS A 732 -3.11 31.06 24.91
C LYS A 732 -4.63 30.86 25.07
N MET A 733 -5.29 31.87 25.63
CA MET A 733 -6.75 31.99 25.72
C MET A 733 -7.39 30.97 26.65
N ASN A 734 -6.64 30.02 27.21
CA ASN A 734 -7.25 29.04 28.10
C ASN A 734 -6.51 28.97 29.44
N CYS A 735 -5.19 29.11 29.40
CA CYS A 735 -4.38 29.05 30.61
C CYS A 735 -4.22 30.43 31.21
N MET A 736 -3.85 30.46 32.49
CA MET A 736 -3.73 31.69 33.24
C MET A 736 -2.34 31.79 33.86
N LEU A 737 -1.95 33.02 34.21
CA LEU A 737 -0.65 33.28 34.80
C LEU A 737 -0.80 34.35 35.87
N HIS A 738 0.16 34.41 36.78
CA HIS A 738 0.13 35.33 37.91
C HIS A 738 1.44 36.08 38.00
N TYR A 739 1.36 37.35 38.39
CA TYR A 739 2.53 38.20 38.58
C TYR A 739 2.44 38.82 39.95
N PRO A 740 3.44 38.63 40.82
CA PRO A 740 3.32 39.13 42.20
C PRO A 740 3.65 40.60 42.37
N ILE A 741 4.43 41.20 41.45
CA ILE A 741 4.86 42.59 41.62
C ILE A 741 3.97 43.57 40.87
N TYR A 742 3.03 43.10 40.05
CA TYR A 742 2.11 44.00 39.36
C TYR A 742 1.22 44.76 40.34
N ARG A 743 1.08 44.27 41.57
CA ARG A 743 0.28 44.98 42.57
C ARG A 743 0.88 46.35 42.89
N ASN A 744 2.20 46.49 42.76
CA ASN A 744 2.90 47.71 43.14
C ASN A 744 3.53 48.43 41.96
N ALA A 745 3.96 47.71 40.93
CA ALA A 745 4.70 48.33 39.84
C ALA A 745 3.83 49.33 39.07
N PHE A 746 2.57 48.97 38.80
CA PHE A 746 1.73 49.80 37.94
C PHE A 746 1.09 50.98 38.65
N PRO A 747 0.53 50.82 39.87
CA PRO A 747 -0.02 52.00 40.55
C PRO A 747 0.98 53.13 40.75
N ILE A 748 2.23 52.79 41.09
CA ILE A 748 3.25 53.82 41.25
C ILE A 748 3.55 54.49 39.92
N TRP A 749 3.60 53.70 38.85
CA TRP A 749 3.82 54.26 37.51
C TRP A 749 2.70 55.24 37.14
N ALA A 750 1.46 54.87 37.43
CA ALA A 750 0.34 55.76 37.12
C ALA A 750 0.38 57.03 37.97
N LEU A 751 0.67 56.89 39.27
CA LEU A 751 0.70 58.05 40.15
C LEU A 751 1.86 58.98 39.80
N GLY A 752 2.95 58.44 39.27
CA GLY A 752 4.06 59.30 38.87
C GLY A 752 3.70 60.25 37.76
N GLU A 753 2.96 59.78 36.76
CA GLU A 753 2.53 60.62 35.65
C GLU A 753 1.25 61.38 35.94
N TYR A 754 0.49 60.99 36.96
CA TYR A 754 -0.73 61.71 37.30
C TYR A 754 -0.43 63.15 37.68
N ARG A 755 0.61 63.37 38.50
CA ARG A 755 0.99 64.72 38.87
C ARG A 755 1.65 65.46 37.71
N LYS A 756 2.39 64.75 36.86
CA LYS A 756 3.09 65.40 35.76
C LYS A 756 2.13 65.91 34.70
N ARG A 757 1.08 65.13 34.40
CA ARG A 757 0.14 65.54 33.36
C ARG A 757 -0.78 66.66 33.85
N VAL A 758 -1.56 66.39 34.89
CA VAL A 758 -2.49 67.38 35.46
C VAL A 758 -1.92 67.83 36.80
N PRO A 759 -1.54 69.11 36.94
CA PRO A 759 -1.00 69.58 38.23
C PRO A 759 -1.99 69.45 39.38
N LEU A 760 -3.28 69.67 39.12
CA LEU A 760 -4.33 69.67 40.15
C LEU A 760 -3.94 70.60 41.29
N PRO A 761 -3.89 71.92 41.06
CA PRO A 761 -3.37 72.83 42.09
C PRO A 761 -4.28 72.85 43.32
N SER A 762 -3.65 72.83 44.50
CA SER A 762 -4.38 72.93 45.76
C SER A 762 -3.39 73.38 46.83
N LYS A 763 -3.59 74.59 47.36
CA LYS A 763 -2.67 75.14 48.35
C LYS A 763 -2.73 74.40 49.67
N GLY A 764 -3.82 73.69 49.95
CA GLY A 764 -3.95 72.95 51.19
C GLY A 764 -5.38 72.53 51.48
N MET B 1 -33.86 -52.15 20.40
CA MET B 1 -35.06 -51.97 19.61
C MET B 1 -34.74 -51.27 18.29
N TRP B 2 -33.60 -51.60 17.71
CA TRP B 2 -33.13 -51.01 16.46
C TRP B 2 -33.34 -51.99 15.31
N LYS B 3 -34.06 -51.55 14.28
CA LYS B 3 -34.28 -52.34 13.08
C LYS B 3 -33.75 -51.59 11.87
N LEU B 4 -32.94 -52.27 11.06
CA LEU B 4 -32.37 -51.69 9.86
C LEU B 4 -33.33 -51.92 8.70
N LYS B 5 -33.80 -50.82 8.10
CA LYS B 5 -34.78 -50.89 7.02
C LYS B 5 -34.43 -49.85 5.95
N VAL B 6 -34.63 -50.22 4.69
CA VAL B 6 -34.47 -49.25 3.60
C VAL B 6 -35.46 -48.10 3.81
N ALA B 7 -35.05 -46.90 3.38
CA ALA B 7 -35.79 -45.70 3.73
C ALA B 7 -37.23 -45.75 3.25
N GLU B 8 -37.44 -45.70 1.92
CA GLU B 8 -38.78 -45.68 1.32
C GLU B 8 -39.70 -44.66 1.98
N ARG B 9 -39.13 -43.51 2.36
CA ARG B 9 -39.86 -42.45 3.06
C ARG B 9 -39.60 -41.11 2.41
N GLY B 10 -39.72 -41.06 1.08
CA GLY B 10 -39.44 -39.85 0.34
C GLY B 10 -40.42 -38.71 0.60
N ASN B 11 -41.53 -38.97 1.28
CA ASN B 11 -42.54 -37.96 1.59
C ASN B 11 -42.48 -37.67 3.08
N ALA B 12 -41.70 -36.64 3.46
CA ALA B 12 -41.53 -36.18 4.82
C ALA B 12 -41.07 -37.30 5.75
N PRO B 13 -39.81 -37.73 5.68
CA PRO B 13 -39.35 -38.80 6.59
C PRO B 13 -39.28 -38.37 8.04
N TYR B 14 -38.49 -37.34 8.36
CA TYR B 14 -38.37 -36.87 9.73
C TYR B 14 -38.89 -35.45 9.89
N SER B 15 -38.42 -34.49 9.09
CA SER B 15 -38.85 -33.11 9.22
C SER B 15 -39.23 -32.42 7.92
N GLU B 16 -38.76 -32.89 6.76
CA GLU B 16 -39.00 -32.21 5.51
C GLU B 16 -38.94 -33.20 4.35
N TYR B 17 -39.90 -33.08 3.43
CA TYR B 17 -39.94 -33.97 2.28
C TYR B 17 -38.83 -33.62 1.29
N LEU B 18 -38.22 -34.66 0.72
CA LEU B 18 -37.14 -34.51 -0.24
C LEU B 18 -37.53 -35.17 -1.55
N TYR B 19 -36.61 -35.12 -2.52
CA TYR B 19 -36.82 -35.68 -3.85
C TYR B 19 -35.70 -36.65 -4.17
N THR B 20 -36.08 -37.80 -4.72
CA THR B 20 -35.12 -38.83 -5.10
C THR B 20 -34.90 -38.81 -6.61
N THR B 21 -34.05 -39.72 -7.08
CA THR B 21 -33.72 -39.83 -8.50
C THR B 21 -34.13 -41.16 -9.10
N ASN B 22 -34.08 -42.24 -8.33
CA ASN B 22 -34.45 -43.57 -8.82
C ASN B 22 -35.29 -44.30 -7.78
N ASP B 23 -36.24 -43.58 -7.16
CA ASP B 23 -37.14 -44.14 -6.16
C ASP B 23 -36.37 -44.78 -5.00
N PHE B 24 -35.44 -44.00 -4.43
CA PHE B 24 -34.60 -44.44 -3.31
C PHE B 24 -33.84 -45.71 -3.66
N SER B 25 -32.98 -45.60 -4.69
CA SER B 25 -32.16 -46.73 -5.14
C SER B 25 -30.99 -46.89 -4.17
N GLY B 26 -31.24 -47.65 -3.10
CA GLY B 26 -30.21 -47.92 -2.13
C GLY B 26 -30.10 -46.94 -0.98
N ARG B 27 -31.14 -46.15 -0.73
CA ARG B 27 -31.12 -45.22 0.39
C ARG B 27 -31.02 -45.98 1.70
N GLN B 28 -30.16 -45.49 2.59
CA GLN B 28 -29.88 -46.15 3.86
C GLN B 28 -30.44 -45.31 5.00
N THR B 29 -31.33 -45.90 5.79
CA THR B 29 -31.90 -45.25 6.97
C THR B 29 -31.98 -46.24 8.12
N TRP B 30 -32.02 -45.70 9.33
CA TRP B 30 -32.10 -46.51 10.54
C TRP B 30 -33.09 -45.86 11.49
N GLU B 31 -33.94 -46.67 12.12
CA GLU B 31 -34.99 -46.17 12.98
C GLU B 31 -34.98 -46.92 14.31
N PHE B 32 -35.32 -46.21 15.38
CA PHE B 32 -35.39 -46.76 16.73
C PHE B 32 -36.85 -47.12 17.00
N ASP B 33 -37.16 -48.41 16.96
CA ASP B 33 -38.54 -48.84 17.14
C ASP B 33 -38.98 -48.60 18.59
N PRO B 34 -40.21 -48.15 18.81
CA PRO B 34 -40.68 -47.89 20.17
C PRO B 34 -41.22 -49.13 20.88
N ASN B 35 -41.71 -50.09 20.11
CA ASN B 35 -42.37 -51.26 20.67
C ASN B 35 -41.64 -52.58 20.41
N ALA B 36 -40.42 -52.53 19.87
CA ALA B 36 -39.69 -53.76 19.61
C ALA B 36 -39.24 -54.40 20.93
N GLY B 37 -39.09 -55.72 20.90
CA GLY B 37 -38.67 -56.46 22.08
C GLY B 37 -38.72 -57.97 21.91
N THR B 38 -37.78 -58.68 22.54
CA THR B 38 -37.71 -60.12 22.48
C THR B 38 -37.09 -60.63 23.77
N PRO B 39 -37.63 -61.68 24.39
CA PRO B 39 -37.07 -62.18 25.65
C PRO B 39 -35.61 -62.60 25.55
N GLN B 40 -35.18 -63.14 24.41
CA GLN B 40 -33.81 -63.63 24.27
C GLN B 40 -32.99 -62.90 23.23
N GLU B 41 -33.59 -62.44 22.13
CA GLU B 41 -32.82 -61.74 21.10
C GLU B 41 -32.32 -60.40 21.59
N LEU B 42 -33.12 -59.69 22.39
CA LEU B 42 -32.69 -58.39 22.93
C LEU B 42 -31.50 -58.54 23.86
N ALA B 43 -31.36 -59.70 24.50
CA ALA B 43 -30.22 -59.92 25.39
C ALA B 43 -28.89 -59.98 24.64
N LYS B 44 -28.93 -60.19 23.33
CA LYS B 44 -27.69 -60.24 22.55
C LYS B 44 -27.06 -58.86 22.40
N VAL B 45 -27.86 -57.80 22.52
CA VAL B 45 -27.33 -56.45 22.37
C VAL B 45 -26.35 -56.12 23.50
N GLU B 46 -26.70 -56.51 24.73
CA GLU B 46 -25.79 -56.29 25.84
C GLU B 46 -24.50 -57.07 25.66
N GLU B 47 -24.60 -58.31 25.17
CA GLU B 47 -23.41 -59.11 24.90
C GLU B 47 -22.53 -58.45 23.84
N ALA B 48 -23.15 -57.95 22.77
CA ALA B 48 -22.39 -57.28 21.72
C ALA B 48 -21.70 -56.03 22.26
N ARG B 49 -22.38 -55.27 23.10
CA ARG B 49 -21.77 -54.09 23.70
C ARG B 49 -20.59 -54.47 24.60
N ARG B 50 -20.79 -55.45 25.48
CA ARG B 50 -19.76 -55.78 26.46
C ARG B 50 -18.55 -56.47 25.82
N LYS B 51 -18.75 -57.24 24.75
CA LYS B 51 -17.61 -57.86 24.07
C LYS B 51 -16.66 -56.80 23.52
N PHE B 52 -17.21 -55.77 22.87
CA PHE B 52 -16.38 -54.68 22.40
C PHE B 52 -15.79 -53.90 23.56
N THR B 53 -16.58 -53.66 24.61
CA THR B 53 -16.08 -52.91 25.76
C THR B 53 -14.90 -53.60 26.42
N GLU B 54 -14.86 -54.94 26.39
CA GLU B 54 -13.78 -55.68 27.03
C GLU B 54 -12.64 -56.04 26.09
N ASP B 55 -12.88 -56.06 24.77
CA ASP B 55 -11.83 -56.37 23.81
C ASP B 55 -11.40 -55.17 22.98
N ARG B 56 -11.75 -53.96 23.42
CA ARG B 56 -11.27 -52.75 22.75
C ARG B 56 -9.75 -52.73 22.64
N HIS B 57 -9.05 -53.12 23.71
CA HIS B 57 -7.59 -53.09 23.69
C HIS B 57 -7.04 -54.09 22.69
N THR B 58 -7.55 -55.32 22.70
CA THR B 58 -7.04 -56.35 21.79
C THR B 58 -7.50 -56.08 20.36
N VAL B 59 -8.78 -55.77 20.16
CA VAL B 59 -9.34 -55.51 18.84
C VAL B 59 -9.90 -54.09 18.84
N LYS B 60 -9.33 -53.23 18.01
CA LYS B 60 -9.76 -51.83 17.95
C LYS B 60 -11.08 -51.68 17.18
N PRO B 61 -11.23 -52.18 15.96
CA PRO B 61 -12.48 -52.00 15.23
C PRO B 61 -13.52 -53.03 15.67
N ALA B 62 -14.68 -52.98 15.02
CA ALA B 62 -15.77 -53.90 15.31
C ALA B 62 -16.60 -54.10 14.04
N SER B 63 -16.73 -55.35 13.61
CA SER B 63 -17.57 -55.66 12.46
C SER B 63 -19.04 -55.55 12.82
N ASP B 64 -19.85 -55.22 11.81
CA ASP B 64 -21.28 -55.02 12.02
C ASP B 64 -21.96 -56.38 12.20
N LEU B 65 -22.17 -56.76 13.47
CA LEU B 65 -22.82 -58.03 13.81
C LEU B 65 -24.31 -57.87 14.10
N LEU B 66 -24.72 -56.78 14.76
CA LEU B 66 -26.13 -56.57 15.03
C LEU B 66 -26.89 -56.24 13.75
N TRP B 67 -26.22 -55.64 12.77
CA TRP B 67 -26.87 -55.36 11.49
C TRP B 67 -27.20 -56.66 10.74
N MET B 68 -26.23 -57.58 10.66
CA MET B 68 -26.48 -58.87 10.02
C MET B 68 -27.30 -59.80 10.90
N MET B 69 -27.41 -59.50 12.21
CA MET B 69 -28.28 -60.27 13.07
C MET B 69 -29.74 -60.17 12.65
N GLN B 70 -30.16 -58.96 12.25
CA GLN B 70 -31.55 -58.74 11.86
C GLN B 70 -31.95 -59.55 10.63
N PHE B 71 -30.99 -59.92 9.78
CA PHE B 71 -31.28 -60.68 8.57
C PHE B 71 -31.24 -62.19 8.79
N MET B 72 -30.96 -62.64 10.01
CA MET B 72 -31.02 -64.06 10.32
C MET B 72 -32.44 -64.57 10.49
N ARG B 73 -33.34 -63.75 11.06
CA ARG B 73 -34.74 -64.12 11.18
C ARG B 73 -35.45 -64.05 9.83
N GLU B 74 -35.13 -63.06 9.00
CA GLU B 74 -35.77 -62.93 7.70
C GLU B 74 -35.37 -64.06 6.75
N LYS B 75 -34.21 -64.67 6.95
CA LYS B 75 -33.74 -65.79 6.14
C LYS B 75 -33.15 -66.82 7.10
N ASN B 76 -34.00 -67.74 7.55
CA ASN B 76 -33.61 -68.77 8.51
C ASN B 76 -32.99 -69.94 7.76
N PHE B 77 -31.75 -69.71 7.29
CA PHE B 77 -31.05 -70.75 6.55
C PHE B 77 -30.76 -71.96 7.45
N LYS B 78 -30.29 -71.72 8.67
CA LYS B 78 -30.01 -72.77 9.65
C LYS B 78 -29.11 -73.87 9.07
N GLN B 79 -28.10 -73.43 8.33
CA GLN B 79 -27.15 -74.38 7.73
C GLN B 79 -26.15 -74.86 8.76
N THR B 80 -25.85 -76.16 8.72
CA THR B 80 -24.94 -76.80 9.68
C THR B 80 -23.80 -77.45 8.91
N ILE B 81 -22.67 -76.74 8.83
CA ILE B 81 -21.45 -77.28 8.21
C ILE B 81 -20.27 -76.95 9.12
N PRO B 82 -19.57 -77.96 9.64
CA PRO B 82 -18.42 -77.67 10.50
C PRO B 82 -17.31 -77.01 9.70
N PRO B 83 -16.49 -76.17 10.34
CA PRO B 83 -15.37 -75.54 9.63
C PRO B 83 -14.34 -76.58 9.22
N VAL B 84 -14.13 -76.72 7.92
CA VAL B 84 -13.22 -77.74 7.40
C VAL B 84 -11.79 -77.33 7.74
N ARG B 85 -11.09 -78.22 8.46
CA ARG B 85 -9.73 -77.98 8.91
C ARG B 85 -8.82 -79.06 8.37
N LEU B 86 -7.69 -78.66 7.78
CA LEU B 86 -6.69 -79.58 7.27
C LEU B 86 -5.33 -79.20 7.83
N GLY B 87 -4.56 -80.20 8.25
CA GLY B 87 -3.24 -79.99 8.81
C GLY B 87 -2.26 -81.06 8.38
N GLU B 88 -1.03 -80.91 8.85
CA GLU B 88 0.06 -81.84 8.57
C GLU B 88 0.29 -82.00 7.07
N GLU B 89 0.17 -80.89 6.34
CA GLU B 89 0.43 -80.84 4.90
C GLU B 89 -0.42 -81.83 4.11
N GLU B 90 -1.68 -82.02 4.52
CA GLU B 90 -2.58 -82.89 3.78
C GLU B 90 -3.14 -82.15 2.57
N GLN B 91 -3.03 -82.77 1.41
CA GLN B 91 -3.53 -82.16 0.18
C GLN B 91 -5.05 -82.15 0.17
N VAL B 92 -5.63 -81.01 -0.15
CA VAL B 92 -7.08 -80.87 -0.18
C VAL B 92 -7.60 -81.23 -1.57
N THR B 93 -8.84 -81.68 -1.63
CA THR B 93 -9.49 -82.07 -2.89
C THR B 93 -10.61 -81.08 -3.21
N TYR B 94 -11.35 -81.38 -4.27
CA TYR B 94 -12.48 -80.53 -4.64
C TYR B 94 -13.59 -80.59 -3.60
N GLU B 95 -13.68 -81.69 -2.85
CA GLU B 95 -14.82 -81.89 -1.95
C GLU B 95 -14.80 -80.88 -0.81
N ASP B 96 -13.66 -80.74 -0.12
CA ASP B 96 -13.60 -79.82 1.01
C ASP B 96 -13.79 -78.38 0.56
N LEU B 97 -13.18 -78.00 -0.56
CA LEU B 97 -13.31 -76.64 -1.06
C LEU B 97 -14.75 -76.35 -1.49
N THR B 98 -15.41 -77.30 -2.14
CA THR B 98 -16.80 -77.12 -2.53
C THR B 98 -17.71 -77.02 -1.31
N THR B 99 -17.44 -77.82 -0.27
CA THR B 99 -18.23 -77.72 0.95
C THR B 99 -18.05 -76.36 1.62
N ALA B 100 -16.81 -75.88 1.68
CA ALA B 100 -16.55 -74.56 2.27
C ALA B 100 -17.23 -73.46 1.47
N LEU B 101 -17.18 -73.55 0.13
CA LEU B 101 -17.86 -72.56 -0.71
C LEU B 101 -19.37 -72.61 -0.51
N THR B 102 -19.94 -73.81 -0.42
CA THR B 102 -21.37 -73.96 -0.19
C THR B 102 -21.79 -73.37 1.14
N ARG B 103 -20.97 -73.52 2.18
CA ARG B 103 -21.29 -72.94 3.48
C ARG B 103 -21.09 -71.43 3.52
N THR B 104 -20.08 -70.90 2.83
CA THR B 104 -19.75 -69.49 2.95
C THR B 104 -20.36 -68.61 1.87
N THR B 105 -21.01 -69.19 0.86
CA THR B 105 -21.59 -68.41 -0.23
C THR B 105 -23.11 -68.24 -0.12
N ASN B 106 -23.83 -69.30 0.29
CA ASN B 106 -25.28 -69.20 0.37
C ASN B 106 -25.71 -68.16 1.40
N PHE B 107 -25.09 -68.18 2.58
CA PHE B 107 -25.44 -67.19 3.59
C PHE B 107 -24.97 -65.79 3.19
N PHE B 108 -23.84 -65.70 2.48
CA PHE B 108 -23.36 -64.39 2.01
C PHE B 108 -24.33 -63.78 1.00
N THR B 109 -24.82 -64.59 0.06
CA THR B 109 -25.75 -64.08 -0.94
C THR B 109 -27.17 -63.93 -0.40
N ALA B 110 -27.50 -64.60 0.71
CA ALA B 110 -28.78 -64.41 1.37
C ALA B 110 -28.73 -63.37 2.47
N LEU B 111 -27.56 -62.79 2.73
CA LEU B 111 -27.44 -61.76 3.76
C LEU B 111 -28.31 -60.54 3.41
N GLN B 112 -28.14 -60.02 2.20
CA GLN B 112 -29.01 -58.95 1.69
C GLN B 112 -28.92 -58.94 0.18
N ALA B 113 -30.01 -59.32 -0.49
CA ALA B 113 -30.05 -59.28 -1.94
C ALA B 113 -31.39 -58.76 -2.47
N SER B 114 -32.29 -58.32 -1.59
CA SER B 114 -33.59 -57.82 -2.05
C SER B 114 -33.44 -56.56 -2.88
N ASP B 115 -32.68 -55.58 -2.37
CA ASP B 115 -32.48 -54.34 -3.12
C ASP B 115 -31.52 -54.56 -4.29
N GLY B 116 -30.47 -55.34 -4.08
CA GLY B 116 -29.50 -55.60 -5.12
C GLY B 116 -28.08 -55.28 -4.72
N HIS B 117 -27.85 -55.13 -3.41
CA HIS B 117 -26.53 -54.82 -2.88
C HIS B 117 -26.51 -55.21 -1.41
N TRP B 118 -25.37 -54.96 -0.76
CA TRP B 118 -25.22 -55.21 0.66
C TRP B 118 -24.87 -53.92 1.38
N PRO B 119 -25.54 -53.61 2.50
CA PRO B 119 -25.21 -52.38 3.24
C PRO B 119 -23.78 -52.38 3.77
N ALA B 120 -22.96 -51.50 3.24
CA ALA B 120 -21.57 -51.37 3.64
C ALA B 120 -21.39 -50.18 4.58
N GLU B 121 -20.22 -50.12 5.19
CA GLU B 121 -19.91 -49.06 6.14
C GLU B 121 -18.49 -48.55 5.89
N ASN B 122 -18.26 -47.29 6.27
CA ASN B 122 -16.95 -46.68 6.18
C ASN B 122 -16.18 -46.93 7.48
N GLY B 123 -15.08 -46.21 7.69
CA GLY B 123 -14.28 -46.35 8.87
C GLY B 123 -14.58 -45.25 9.87
N GLY B 124 -15.05 -45.65 11.05
CA GLY B 124 -15.33 -44.70 12.11
C GLY B 124 -14.05 -44.13 12.67
N VAL B 125 -13.84 -42.82 12.49
CA VAL B 125 -12.63 -42.15 12.95
C VAL B 125 -12.89 -41.11 14.03
N SER B 126 -14.15 -40.81 14.33
CA SER B 126 -14.53 -39.81 15.33
C SER B 126 -13.86 -38.47 15.05
N PHE B 127 -14.05 -37.99 13.82
CA PHE B 127 -13.42 -36.76 13.34
C PHE B 127 -14.41 -35.74 12.80
N PHE B 128 -15.47 -36.18 12.13
CA PHE B 128 -16.44 -35.27 11.53
C PHE B 128 -17.78 -35.27 12.26
N LEU B 129 -17.89 -35.93 13.40
CA LEU B 129 -19.11 -35.91 14.20
C LEU B 129 -19.20 -34.64 15.07
N PRO B 130 -18.12 -34.18 15.69
CA PRO B 130 -18.19 -32.91 16.43
C PRO B 130 -18.65 -31.74 15.57
N PRO B 131 -18.28 -31.67 14.28
CA PRO B 131 -18.92 -30.65 13.42
C PRO B 131 -20.43 -30.77 13.37
N PHE B 132 -20.97 -31.99 13.29
CA PHE B 132 -22.42 -32.17 13.29
C PHE B 132 -23.02 -31.72 14.62
N ILE B 133 -22.37 -32.06 15.73
CA ILE B 133 -22.86 -31.67 17.04
C ILE B 133 -22.87 -30.16 17.17
N PHE B 134 -21.80 -29.49 16.71
CA PHE B 134 -21.73 -28.03 16.78
C PHE B 134 -22.80 -27.40 15.91
N SER B 135 -23.03 -27.96 14.71
CA SER B 135 -24.07 -27.42 13.84
C SER B 135 -25.45 -27.55 14.47
N LEU B 136 -25.75 -28.71 15.05
CA LEU B 136 -27.05 -28.91 15.67
C LEU B 136 -27.22 -28.05 16.92
N TYR B 137 -26.13 -27.78 17.64
CA TYR B 137 -26.19 -26.89 18.78
C TYR B 137 -26.40 -25.45 18.36
N ILE B 138 -25.75 -25.02 17.27
CA ILE B 138 -25.85 -23.63 16.84
C ILE B 138 -27.18 -23.34 16.15
N THR B 139 -27.80 -24.35 15.52
CA THR B 139 -29.07 -24.13 14.85
C THR B 139 -30.26 -24.15 15.79
N GLY B 140 -30.07 -24.60 17.03
CA GLY B 140 -31.15 -24.68 17.99
C GLY B 140 -32.06 -25.87 17.83
N HIS B 141 -31.77 -26.78 16.91
CA HIS B 141 -32.59 -27.96 16.66
C HIS B 141 -31.98 -29.22 17.26
N LEU B 142 -31.03 -29.08 18.20
CA LEU B 142 -30.40 -30.25 18.80
C LEU B 142 -31.43 -31.11 19.54
N ASN B 143 -32.30 -30.46 20.32
CA ASN B 143 -33.33 -31.19 21.05
C ASN B 143 -34.32 -31.85 20.10
N SER B 144 -34.71 -31.15 19.03
CA SER B 144 -35.68 -31.70 18.09
C SER B 144 -35.11 -32.89 17.32
N ILE B 145 -33.84 -32.80 16.90
CA ILE B 145 -33.28 -33.85 16.05
C ILE B 145 -32.67 -34.97 16.89
N ILE B 146 -31.87 -34.62 17.89
CA ILE B 146 -31.20 -35.62 18.71
C ILE B 146 -32.11 -36.00 19.86
N THR B 147 -32.68 -37.20 19.78
CA THR B 147 -33.50 -37.71 20.87
C THR B 147 -32.61 -38.12 22.06
N PRO B 148 -33.16 -38.11 23.27
CA PRO B 148 -32.33 -38.50 24.44
C PRO B 148 -31.78 -39.91 24.35
N GLU B 149 -32.48 -40.83 23.68
CA GLU B 149 -31.94 -42.18 23.53
C GLU B 149 -30.70 -42.21 22.66
N TYR B 150 -30.54 -41.23 21.76
CA TYR B 150 -29.31 -41.12 20.98
C TYR B 150 -28.15 -40.61 21.82
N ARG B 151 -28.43 -39.86 22.88
CA ARG B 151 -27.36 -39.30 23.72
C ARG B 151 -26.56 -40.40 24.40
N LYS B 152 -27.26 -41.41 24.95
CA LYS B 152 -26.53 -42.51 25.60
C LYS B 152 -25.73 -43.30 24.59
N GLU B 153 -26.26 -43.49 23.38
CA GLU B 153 -25.53 -44.23 22.35
C GLU B 153 -24.27 -43.49 21.93
N ILE B 154 -24.36 -42.18 21.72
CA ILE B 154 -23.16 -41.44 21.32
C ILE B 154 -22.17 -41.35 22.47
N LEU B 155 -22.65 -41.26 23.72
CA LEU B 155 -21.75 -41.27 24.87
C LEU B 155 -21.01 -42.60 24.96
N ARG B 156 -21.71 -43.71 24.73
CA ARG B 156 -21.06 -45.02 24.74
C ARG B 156 -20.07 -45.15 23.58
N PHE B 157 -20.41 -44.58 22.43
CA PHE B 157 -19.46 -44.58 21.30
C PHE B 157 -18.19 -43.83 21.65
N ILE B 158 -18.32 -42.67 22.30
CA ILE B 158 -17.15 -41.90 22.70
C ILE B 158 -16.34 -42.66 23.74
N TYR B 159 -17.01 -43.24 24.73
CA TYR B 159 -16.33 -43.93 25.82
C TYR B 159 -15.69 -45.25 25.40
N ASN B 160 -16.21 -45.92 24.38
CA ASN B 160 -15.74 -47.25 24.02
C ASN B 160 -14.29 -47.23 23.54
N HIS B 161 -13.92 -46.23 22.73
CA HIS B 161 -12.58 -46.14 22.17
C HIS B 161 -11.93 -44.84 22.65
N GLN B 162 -11.35 -44.89 23.84
CA GLN B 162 -10.59 -43.77 24.40
C GLN B 162 -9.24 -44.29 24.85
N ASN B 163 -8.17 -43.63 24.43
CA ASN B 163 -6.83 -44.05 24.82
C ASN B 163 -6.62 -43.83 26.32
N GLU B 164 -6.05 -44.83 26.99
CA GLU B 164 -5.83 -44.74 28.42
C GLU B 164 -4.82 -43.66 28.78
N ASP B 165 -3.90 -43.35 27.86
CA ASP B 165 -2.93 -42.29 28.10
C ASP B 165 -3.57 -40.91 28.08
N GLY B 166 -4.73 -40.76 27.47
CA GLY B 166 -5.41 -39.48 27.41
C GLY B 166 -5.48 -38.90 26.02
N GLY B 167 -4.41 -39.06 25.24
CA GLY B 167 -4.37 -38.56 23.89
C GLY B 167 -5.08 -39.46 22.89
N TRP B 168 -6.10 -38.92 22.23
CA TRP B 168 -6.91 -39.70 21.29
C TRP B 168 -6.13 -39.86 19.98
N GLY B 169 -6.81 -40.36 18.95
CA GLY B 169 -6.22 -40.51 17.64
C GLY B 169 -7.11 -39.90 16.57
N ILE B 170 -6.48 -39.53 15.45
CA ILE B 170 -7.23 -38.99 14.33
C ILE B 170 -8.18 -40.05 13.78
N HIS B 171 -7.70 -41.28 13.62
CA HIS B 171 -8.52 -42.40 13.21
C HIS B 171 -8.84 -43.27 14.43
N ILE B 172 -9.47 -44.42 14.19
CA ILE B 172 -9.83 -45.31 15.29
C ILE B 172 -8.59 -45.86 15.98
N GLU B 173 -7.57 -46.23 15.20
CA GLU B 173 -6.34 -46.79 15.73
C GLU B 173 -5.24 -45.75 15.90
N GLY B 174 -5.61 -44.51 16.15
CA GLY B 174 -4.64 -43.45 16.33
C GLY B 174 -3.96 -43.51 17.69
N HIS B 175 -3.08 -42.54 17.91
CA HIS B 175 -2.28 -42.52 19.14
C HIS B 175 -1.83 -41.10 19.41
N SER B 176 -2.28 -40.53 20.53
CA SER B 176 -1.77 -39.27 21.07
C SER B 176 -1.91 -38.12 20.07
N THR B 177 -3.15 -37.80 19.75
CA THR B 177 -3.46 -36.67 18.89
C THR B 177 -4.08 -35.54 19.70
N MET B 178 -3.97 -34.32 19.17
CA MET B 178 -4.51 -33.12 19.81
C MET B 178 -5.84 -32.68 19.21
N PHE B 179 -5.99 -32.77 17.89
CA PHE B 179 -7.24 -32.38 17.25
C PHE B 179 -8.38 -33.28 17.71
N GLY B 180 -8.20 -34.60 17.62
CA GLY B 180 -9.26 -35.51 17.99
C GLY B 180 -9.62 -35.43 19.46
N THR B 181 -8.63 -35.35 20.33
CA THR B 181 -8.90 -35.28 21.77
C THR B 181 -9.71 -34.03 22.11
N ALA B 182 -9.27 -32.87 21.62
CA ALA B 182 -9.97 -31.62 21.92
C ALA B 182 -11.38 -31.62 21.33
N PHE B 183 -11.53 -32.09 20.09
CA PHE B 183 -12.86 -32.09 19.48
C PHE B 183 -13.80 -33.04 20.21
N SER B 184 -13.31 -34.22 20.59
CA SER B 184 -14.16 -35.16 21.34
C SER B 184 -14.53 -34.59 22.69
N TYR B 185 -13.59 -33.97 23.40
CA TYR B 185 -13.91 -33.39 24.70
C TYR B 185 -14.95 -32.29 24.57
N VAL B 186 -14.79 -31.40 23.58
CA VAL B 186 -15.73 -30.31 23.41
C VAL B 186 -17.12 -30.83 23.03
N CYS B 187 -17.17 -31.80 22.12
CA CYS B 187 -18.46 -32.34 21.70
C CYS B 187 -19.16 -33.06 22.84
N LEU B 188 -18.40 -33.79 23.67
CA LEU B 188 -18.99 -34.47 24.81
C LEU B 188 -19.45 -33.47 25.87
N ARG B 189 -18.72 -32.38 26.06
CA ARG B 189 -19.09 -31.40 27.09
C ARG B 189 -20.25 -30.52 26.66
N ILE B 190 -20.39 -30.25 25.36
CA ILE B 190 -21.42 -29.32 24.88
C ILE B 190 -22.81 -29.92 24.86
N LEU B 191 -22.94 -31.26 24.90
CA LEU B 191 -24.23 -31.91 24.81
C LEU B 191 -24.93 -32.04 26.17
N GLY B 192 -24.57 -31.21 27.13
CA GLY B 192 -25.26 -31.19 28.41
C GLY B 192 -24.77 -32.15 29.45
N ILE B 193 -23.57 -32.68 29.32
CA ILE B 193 -22.98 -33.60 30.29
C ILE B 193 -21.97 -32.83 31.13
N GLU B 194 -22.04 -33.03 32.44
CA GLU B 194 -21.20 -32.29 33.38
C GLU B 194 -19.78 -32.88 33.42
N VAL B 195 -19.00 -32.41 34.39
CA VAL B 195 -17.61 -32.82 34.53
C VAL B 195 -17.48 -33.79 35.69
N ASP B 196 -16.84 -34.93 35.45
CA ASP B 196 -16.60 -35.94 36.48
C ASP B 196 -15.17 -36.43 36.34
N GLY B 197 -14.84 -37.50 37.05
CA GLY B 197 -13.50 -38.04 37.03
C GLY B 197 -13.45 -39.55 36.96
N GLY B 198 -14.59 -40.19 36.70
CA GLY B 198 -14.66 -41.63 36.61
C GLY B 198 -14.14 -42.16 35.29
N LYS B 199 -14.13 -43.50 35.19
CA LYS B 199 -13.69 -44.14 33.96
C LYS B 199 -14.68 -43.87 32.83
N ASP B 200 -15.98 -43.91 33.11
CA ASP B 200 -16.98 -43.64 32.07
C ASP B 200 -16.96 -42.17 31.65
N ASN B 201 -16.93 -41.27 32.63
CA ASN B 201 -16.84 -39.83 32.37
C ASN B 201 -15.41 -39.41 32.63
N ALA B 202 -14.57 -39.51 31.60
CA ALA B 202 -13.13 -39.35 31.72
C ALA B 202 -12.67 -37.93 31.39
N CYS B 203 -13.49 -36.93 31.72
CA CYS B 203 -13.09 -35.54 31.49
C CYS B 203 -11.83 -35.18 32.29
N ALA B 204 -11.77 -35.63 33.55
CA ALA B 204 -10.60 -35.35 34.37
C ALA B 204 -9.36 -36.02 33.80
N ARG B 205 -9.51 -37.22 33.25
CA ARG B 205 -8.39 -37.90 32.62
C ARG B 205 -7.87 -37.11 31.42
N ALA B 206 -8.78 -36.57 30.61
CA ALA B 206 -8.39 -35.77 29.46
C ALA B 206 -7.85 -34.40 29.85
N ARG B 207 -8.18 -33.92 31.05
CA ARG B 207 -7.67 -32.62 31.50
C ARG B 207 -6.15 -32.62 31.58
N LYS B 208 -5.57 -33.70 32.11
CA LYS B 208 -4.11 -33.76 32.24
C LYS B 208 -3.43 -33.72 30.88
N TRP B 209 -3.97 -34.41 29.89
CA TRP B 209 -3.38 -34.40 28.56
C TRP B 209 -3.61 -33.10 27.82
N ILE B 210 -4.75 -32.43 28.06
CA ILE B 210 -5.01 -31.16 27.40
C ILE B 210 -4.12 -30.06 27.97
N LEU B 211 -3.97 -30.02 29.29
CA LEU B 211 -3.29 -28.91 29.93
C LEU B 211 -1.77 -28.94 29.72
N ASP B 212 -1.18 -30.13 29.65
CA ASP B 212 0.28 -30.25 29.56
C ASP B 212 0.79 -30.19 28.12
N HIS B 213 -0.01 -29.67 27.19
CA HIS B 213 0.38 -29.53 25.79
C HIS B 213 0.16 -28.09 25.33
N GLY B 214 0.49 -27.13 26.17
CA GLY B 214 0.41 -25.73 25.80
C GLY B 214 -0.97 -25.25 25.44
N GLY B 215 -1.98 -25.63 26.23
CA GLY B 215 -3.33 -25.22 25.92
C GLY B 215 -3.85 -25.87 24.66
N ILE B 216 -4.70 -25.15 23.94
CA ILE B 216 -5.30 -25.65 22.70
C ILE B 216 -4.73 -24.91 21.49
N THR B 217 -3.56 -24.28 21.64
CA THR B 217 -2.95 -23.53 20.55
C THR B 217 -2.09 -24.39 19.63
N TYR B 218 -1.92 -25.67 19.94
CA TYR B 218 -1.09 -26.57 19.14
C TYR B 218 -1.91 -27.44 18.18
N MET B 219 -3.23 -27.29 18.17
CA MET B 219 -4.05 -28.03 17.23
C MET B 219 -3.91 -27.46 15.82
N PRO B 220 -4.24 -28.26 14.79
CA PRO B 220 -4.13 -27.76 13.42
C PRO B 220 -5.09 -26.63 13.10
N SER B 221 -5.01 -26.10 11.88
CA SER B 221 -5.78 -24.90 11.52
C SER B 221 -7.28 -25.15 11.56
N TRP B 222 -7.72 -26.37 11.22
CA TRP B 222 -9.15 -26.66 11.23
C TRP B 222 -9.74 -26.52 12.62
N GLY B 223 -9.03 -27.00 13.64
CA GLY B 223 -9.52 -26.86 15.00
C GLY B 223 -9.65 -25.42 15.44
N LYS B 224 -8.63 -24.61 15.14
CA LYS B 224 -8.69 -23.19 15.49
C LYS B 224 -9.82 -22.48 14.76
N THR B 225 -10.00 -22.78 13.48
CA THR B 225 -11.08 -22.17 12.71
C THR B 225 -12.45 -22.56 13.27
N TRP B 226 -12.63 -23.84 13.62
CA TRP B 226 -13.90 -24.30 14.15
C TRP B 226 -14.18 -23.67 15.52
N LEU B 227 -13.17 -23.63 16.39
CA LEU B 227 -13.38 -23.07 17.72
C LEU B 227 -13.51 -21.55 17.69
N SER B 228 -13.00 -20.90 16.65
CA SER B 228 -13.21 -19.45 16.50
C SER B 228 -14.67 -19.11 16.23
N ILE B 229 -15.44 -20.05 15.68
CA ILE B 229 -16.85 -19.80 15.42
C ILE B 229 -17.70 -20.03 16.67
N LEU B 230 -17.33 -21.00 17.50
CA LEU B 230 -18.08 -21.34 18.70
C LEU B 230 -17.74 -20.45 19.89
N GLY B 231 -17.08 -19.32 19.67
CA GLY B 231 -16.75 -18.43 20.77
C GLY B 231 -15.67 -18.94 21.69
N VAL B 232 -14.81 -19.83 21.23
CA VAL B 232 -13.72 -20.38 22.02
C VAL B 232 -12.38 -19.80 21.59
N TYR B 233 -12.14 -19.73 20.28
CA TYR B 233 -10.91 -19.17 19.74
C TYR B 233 -11.18 -17.80 19.12
N ASP B 234 -10.11 -17.13 18.72
CA ASP B 234 -10.18 -15.81 18.12
C ASP B 234 -9.72 -15.84 16.68
N TRP B 235 -10.33 -14.98 15.86
CA TRP B 235 -9.97 -14.90 14.44
C TRP B 235 -8.54 -14.43 14.22
N TYR B 236 -7.97 -13.67 15.17
CA TYR B 236 -6.60 -13.21 15.03
C TYR B 236 -5.58 -14.32 15.29
N GLY B 237 -6.01 -15.43 15.90
CA GLY B 237 -5.10 -16.52 16.18
C GLY B 237 -4.93 -17.51 15.05
N CYS B 238 -5.82 -17.50 14.07
CA CYS B 238 -5.74 -18.39 12.92
C CYS B 238 -5.11 -17.64 11.74
N ASN B 239 -5.12 -18.29 10.58
CA ASN B 239 -4.55 -17.66 9.38
C ASN B 239 -5.65 -17.08 8.51
N PRO B 240 -5.40 -15.94 7.85
CA PRO B 240 -6.43 -15.33 7.01
C PRO B 240 -6.70 -16.14 5.76
N MET B 241 -7.98 -16.28 5.43
CA MET B 241 -8.42 -16.96 4.21
C MET B 241 -9.46 -16.07 3.53
N PRO B 242 -9.02 -15.08 2.77
CA PRO B 242 -9.96 -14.15 2.12
C PRO B 242 -10.87 -14.87 1.14
N PRO B 243 -12.13 -14.47 1.06
CA PRO B 243 -13.07 -15.08 0.10
C PRO B 243 -13.06 -14.48 -1.29
N GLU B 244 -12.03 -13.72 -1.67
CA GLU B 244 -11.98 -13.07 -2.96
C GLU B 244 -11.23 -13.88 -4.02
N PHE B 245 -10.87 -15.13 -3.71
CA PHE B 245 -10.17 -15.97 -4.67
C PHE B 245 -11.01 -16.31 -5.89
N TRP B 246 -12.33 -16.19 -5.80
CA TRP B 246 -13.23 -16.58 -6.89
C TRP B 246 -13.46 -15.47 -7.91
N LEU B 247 -12.72 -14.37 -7.82
CA LEU B 247 -12.87 -13.23 -8.72
C LEU B 247 -11.59 -13.08 -9.52
N LEU B 248 -11.59 -13.60 -10.75
CA LEU B 248 -10.43 -13.55 -11.62
C LEU B 248 -10.85 -13.96 -13.02
N PRO B 249 -10.09 -13.59 -14.06
CA PRO B 249 -10.44 -14.02 -15.41
C PRO B 249 -9.94 -15.41 -15.76
N SER B 250 -9.54 -16.17 -14.72
CA SER B 250 -9.01 -17.52 -14.87
C SER B 250 -7.73 -17.54 -15.72
N TYR B 251 -7.00 -16.43 -15.71
CA TYR B 251 -5.72 -16.34 -16.41
C TYR B 251 -4.53 -16.32 -15.47
N LEU B 252 -4.73 -15.98 -14.20
CA LEU B 252 -3.65 -16.06 -13.22
C LEU B 252 -3.27 -17.51 -12.97
N PRO B 253 -2.02 -17.77 -12.56
CA PRO B 253 -1.62 -19.17 -12.30
C PRO B 253 -2.39 -19.83 -11.18
N ILE B 254 -3.01 -19.08 -10.27
CA ILE B 254 -3.78 -19.62 -9.17
C ILE B 254 -5.22 -19.18 -9.35
N HIS B 255 -6.08 -20.11 -9.72
CA HIS B 255 -7.51 -19.85 -9.90
C HIS B 255 -8.31 -21.02 -9.35
N PRO B 256 -9.57 -20.81 -8.99
CA PRO B 256 -10.36 -21.91 -8.43
C PRO B 256 -10.53 -23.09 -9.36
N ALA B 257 -10.42 -22.90 -10.67
CA ALA B 257 -10.48 -24.00 -11.62
C ALA B 257 -9.19 -24.81 -11.67
N LYS B 258 -8.26 -24.56 -10.75
CA LYS B 258 -6.98 -25.25 -10.69
C LYS B 258 -6.86 -26.18 -9.48
N ILE B 259 -7.42 -25.79 -8.35
CA ILE B 259 -7.32 -26.57 -7.12
C ILE B 259 -8.24 -27.79 -7.18
N TRP B 260 -8.04 -28.72 -6.25
CA TRP B 260 -8.84 -29.94 -6.21
C TRP B 260 -10.30 -29.63 -5.87
N CYS B 261 -11.18 -30.51 -6.30
CA CYS B 261 -12.62 -30.30 -6.09
C CYS B 261 -12.97 -30.31 -4.60
N TYR B 262 -12.41 -31.25 -3.85
CA TYR B 262 -12.73 -31.34 -2.43
C TYR B 262 -12.29 -30.10 -1.67
N CYS B 263 -11.06 -29.64 -1.93
CA CYS B 263 -10.58 -28.43 -1.28
C CYS B 263 -11.41 -27.22 -1.68
N ARG B 264 -11.77 -27.14 -2.96
CA ARG B 264 -12.57 -26.01 -3.44
C ARG B 264 -13.94 -25.98 -2.78
N MET B 265 -14.58 -27.14 -2.62
CA MET B 265 -15.90 -27.21 -2.01
C MET B 265 -15.87 -27.17 -0.48
N VAL B 266 -14.70 -27.38 0.13
CA VAL B 266 -14.60 -27.31 1.59
C VAL B 266 -14.22 -25.92 2.05
N TYR B 267 -13.19 -25.31 1.44
CA TYR B 267 -12.71 -24.01 1.90
C TYR B 267 -13.60 -22.86 1.48
N MET B 268 -14.47 -23.04 0.48
CA MET B 268 -15.36 -21.96 0.08
C MET B 268 -16.33 -21.56 1.20
N PRO B 269 -17.03 -22.47 1.87
CA PRO B 269 -17.77 -22.06 3.08
C PRO B 269 -16.87 -21.49 4.14
N MET B 270 -15.64 -22.01 4.30
CA MET B 270 -14.68 -21.40 5.21
C MET B 270 -14.36 -19.98 4.80
N SER B 271 -14.18 -19.74 3.50
CA SER B 271 -13.92 -18.39 3.01
C SER B 271 -15.08 -17.45 3.33
N TYR B 272 -16.31 -17.92 3.11
CA TYR B 272 -17.47 -17.09 3.41
C TYR B 272 -17.57 -16.79 4.90
N LEU B 273 -17.33 -17.80 5.75
CA LEU B 273 -17.40 -17.58 7.19
C LEU B 273 -16.32 -16.62 7.66
N TYR B 274 -15.11 -16.72 7.11
CA TYR B 274 -14.05 -15.79 7.46
C TYR B 274 -14.37 -14.38 6.98
N GLY B 275 -14.93 -14.25 5.78
CA GLY B 275 -15.29 -12.93 5.28
C GLY B 275 -16.37 -12.27 6.11
N LYS B 276 -17.38 -13.04 6.52
CA LYS B 276 -18.47 -12.48 7.32
C LYS B 276 -18.08 -12.29 8.78
N ARG B 277 -17.00 -12.92 9.23
CA ARG B 277 -16.54 -12.83 10.63
C ARG B 277 -17.65 -13.25 11.60
N PHE B 278 -18.40 -14.27 11.21
CA PHE B 278 -19.54 -14.72 12.01
C PHE B 278 -19.07 -15.43 13.27
N VAL B 279 -19.66 -15.06 14.41
CA VAL B 279 -19.40 -15.70 15.69
C VAL B 279 -20.73 -16.10 16.30
N GLY B 280 -20.83 -17.35 16.76
CA GLY B 280 -22.05 -17.84 17.36
C GLY B 280 -22.33 -17.18 18.70
N PRO B 281 -23.60 -17.22 19.13
CA PRO B 281 -23.96 -16.62 20.41
C PRO B 281 -23.20 -17.26 21.56
N ILE B 282 -22.83 -16.43 22.54
CA ILE B 282 -22.07 -16.88 23.70
C ILE B 282 -23.08 -17.28 24.78
N THR B 283 -23.43 -18.57 24.79
CA THR B 283 -24.33 -19.10 25.79
C THR B 283 -23.64 -19.18 27.14
N PRO B 284 -24.41 -19.29 28.24
CA PRO B 284 -23.77 -19.43 29.56
C PRO B 284 -22.84 -20.63 29.66
N LEU B 285 -23.07 -21.68 28.88
CA LEU B 285 -22.11 -22.79 28.86
C LEU B 285 -20.77 -22.37 28.26
N ILE B 286 -20.80 -21.53 27.22
CA ILE B 286 -19.56 -21.14 26.56
C ILE B 286 -18.65 -20.37 27.50
N LEU B 287 -19.22 -19.42 28.27
CA LEU B 287 -18.40 -18.63 29.17
C LEU B 287 -17.83 -19.46 30.31
N GLN B 288 -18.57 -20.45 30.80
CA GLN B 288 -18.07 -21.30 31.87
C GLN B 288 -17.15 -22.41 31.38
N LEU B 289 -17.13 -22.69 30.08
CA LEU B 289 -16.24 -23.70 29.53
C LEU B 289 -15.00 -23.14 28.85
N ARG B 290 -14.99 -21.86 28.47
CA ARG B 290 -13.83 -21.30 27.79
C ARG B 290 -12.66 -21.04 28.74
N GLU B 291 -12.88 -21.04 30.04
CA GLU B 291 -11.82 -20.77 31.01
C GLU B 291 -10.99 -22.02 31.31
N GLU B 292 -11.64 -23.17 31.46
CA GLU B 292 -10.92 -24.38 31.82
C GLU B 292 -10.01 -24.87 30.70
N LEU B 293 -10.39 -24.59 29.44
CA LEU B 293 -9.60 -25.09 28.31
C LEU B 293 -8.24 -24.43 28.24
N HIS B 294 -8.21 -23.11 28.09
CA HIS B 294 -6.95 -22.39 27.97
C HIS B 294 -6.19 -22.39 29.29
N THR B 295 -4.88 -22.57 29.22
CA THR B 295 -4.04 -22.54 30.41
C THR B 295 -3.89 -21.12 30.96
N GLN B 296 -4.23 -20.10 30.18
CA GLN B 296 -4.14 -18.71 30.59
C GLN B 296 -5.52 -18.08 30.53
N PRO B 297 -5.71 -16.85 31.05
CA PRO B 297 -7.03 -16.21 30.95
C PRO B 297 -7.47 -16.04 29.50
N PHE B 298 -8.78 -16.11 29.29
CA PHE B 298 -9.34 -16.17 27.94
C PHE B 298 -9.00 -14.93 27.13
N HIS B 299 -9.27 -13.75 27.67
CA HIS B 299 -9.11 -12.50 26.93
C HIS B 299 -7.78 -11.80 27.19
N GLU B 300 -6.98 -12.28 28.14
CA GLU B 300 -5.73 -11.63 28.52
C GLU B 300 -4.51 -12.26 27.85
N ILE B 301 -4.65 -12.74 26.63
CA ILE B 301 -3.53 -13.35 25.89
C ILE B 301 -3.40 -12.66 24.54
N GLN B 302 -2.31 -12.98 23.84
CA GLN B 302 -2.05 -12.46 22.52
C GLN B 302 -2.50 -13.46 21.45
N TRP B 303 -2.72 -12.94 20.24
CA TRP B 303 -3.16 -13.80 19.14
C TRP B 303 -2.39 -13.60 17.85
N ARG B 304 -1.71 -12.46 17.64
CA ARG B 304 -0.98 -12.26 16.39
C ARG B 304 0.27 -13.13 16.32
N GLN B 305 0.96 -13.31 17.45
CA GLN B 305 2.16 -14.13 17.50
C GLN B 305 1.88 -15.57 17.90
N THR B 306 0.63 -15.91 18.20
CA THR B 306 0.24 -17.27 18.53
C THR B 306 -0.24 -18.06 17.31
N ARG B 307 -0.22 -17.45 16.13
CA ARG B 307 -0.73 -18.10 14.93
C ARG B 307 0.15 -19.25 14.46
N HIS B 308 1.45 -19.19 14.71
CA HIS B 308 2.40 -20.20 14.22
C HIS B 308 2.97 -20.95 15.42
N ARG B 309 2.24 -21.96 15.89
CA ARG B 309 2.68 -22.84 16.97
C ARG B 309 2.19 -24.25 16.61
N CYS B 310 3.05 -25.02 15.96
CA CYS B 310 2.69 -26.36 15.50
C CYS B 310 3.17 -27.42 16.49
N ALA B 311 2.27 -28.32 16.88
CA ALA B 311 2.62 -29.40 17.76
C ALA B 311 3.54 -30.40 17.07
N LYS B 312 4.36 -31.07 17.86
CA LYS B 312 5.29 -32.07 17.34
C LYS B 312 4.67 -33.45 17.23
N GLU B 313 3.41 -33.61 17.62
CA GLU B 313 2.71 -34.88 17.53
C GLU B 313 1.78 -34.98 16.32
N ASP B 314 1.12 -33.87 15.96
CA ASP B 314 0.19 -33.83 14.83
C ASP B 314 0.78 -33.13 13.62
N LEU B 315 2.09 -33.19 13.45
CA LEU B 315 2.79 -32.51 12.35
C LEU B 315 3.32 -33.56 11.38
N TYR B 316 2.73 -33.63 10.19
CA TYR B 316 3.17 -34.53 9.14
C TYR B 316 3.83 -33.81 7.97
N TYR B 317 3.24 -32.71 7.52
CA TYR B 317 3.80 -31.90 6.44
C TYR B 317 4.02 -30.48 6.93
N PRO B 318 5.22 -30.14 7.39
CA PRO B 318 5.46 -28.79 7.92
C PRO B 318 5.33 -27.71 6.84
N HIS B 319 4.96 -26.52 7.29
CA HIS B 319 4.81 -25.40 6.38
C HIS B 319 6.17 -24.96 5.84
N SER B 320 6.16 -24.50 4.60
CA SER B 320 7.37 -23.97 3.99
C SER B 320 7.58 -22.51 4.38
N LEU B 321 8.81 -22.03 4.16
CA LEU B 321 9.13 -20.65 4.48
C LEU B 321 8.33 -19.68 3.62
N ILE B 322 8.19 -19.99 2.33
CA ILE B 322 7.45 -19.11 1.43
C ILE B 322 5.97 -19.05 1.83
N GLN B 323 5.39 -20.20 2.19
CA GLN B 323 3.99 -20.23 2.60
C GLN B 323 3.76 -19.40 3.86
N ASP B 324 4.65 -19.56 4.84
CA ASP B 324 4.53 -18.79 6.08
C ASP B 324 4.70 -17.30 5.82
N PHE B 325 5.65 -16.94 4.96
CA PHE B 325 5.84 -15.52 4.61
C PHE B 325 4.60 -14.97 3.92
N ILE B 326 4.00 -15.74 3.02
CA ILE B 326 2.80 -15.29 2.32
C ILE B 326 1.67 -15.07 3.31
N TRP B 327 1.47 -16.01 4.23
CA TRP B 327 0.41 -15.86 5.23
C TRP B 327 0.66 -14.65 6.12
N ASP B 328 1.91 -14.46 6.55
CA ASP B 328 2.24 -13.31 7.40
C ASP B 328 1.99 -12.00 6.67
N SER B 329 2.39 -11.91 5.40
CA SER B 329 2.13 -10.70 4.63
C SER B 329 0.64 -10.47 4.44
N LEU B 330 -0.12 -11.53 4.16
CA LEU B 330 -1.55 -11.39 3.95
C LEU B 330 -2.27 -10.98 5.23
N TYR B 331 -1.76 -11.39 6.39
CA TYR B 331 -2.39 -11.03 7.65
C TYR B 331 -2.42 -9.51 7.85
N VAL B 332 -1.31 -8.84 7.51
CA VAL B 332 -1.27 -7.38 7.62
C VAL B 332 -1.79 -6.70 6.36
N ALA B 333 -1.90 -7.41 5.24
CA ALA B 333 -2.47 -6.82 4.03
C ALA B 333 -3.98 -6.74 4.10
N SER B 334 -4.64 -7.74 4.68
CA SER B 334 -6.10 -7.84 4.65
C SER B 334 -6.76 -7.33 5.93
N GLU B 335 -6.30 -7.76 7.09
CA GLU B 335 -7.00 -7.42 8.33
C GLU B 335 -7.07 -5.91 8.58
N PRO B 336 -5.98 -5.14 8.48
CA PRO B 336 -6.12 -3.68 8.67
C PRO B 336 -6.98 -3.01 7.60
N LEU B 337 -7.16 -3.65 6.44
CA LEU B 337 -7.89 -3.02 5.33
C LEU B 337 -9.36 -3.43 5.31
N LEU B 338 -9.63 -4.73 5.17
CA LEU B 338 -10.97 -5.24 4.93
C LEU B 338 -11.72 -5.56 6.23
N THR B 339 -11.37 -4.90 7.33
CA THR B 339 -12.11 -5.08 8.57
C THR B 339 -12.69 -3.78 9.10
N ARG B 340 -11.93 -2.69 9.05
CA ARG B 340 -12.43 -1.38 9.45
C ARG B 340 -12.84 -0.52 8.27
N TRP B 341 -12.19 -0.67 7.12
CA TRP B 341 -12.56 0.03 5.89
C TRP B 341 -12.73 -1.00 4.77
N PRO B 342 -13.74 -1.86 4.86
CA PRO B 342 -13.87 -2.95 3.87
C PRO B 342 -14.32 -2.42 2.52
N LEU B 343 -13.73 -2.97 1.46
CA LEU B 343 -14.19 -2.66 0.10
C LEU B 343 -15.60 -3.20 -0.08
N ASN B 344 -16.58 -2.31 -0.14
CA ASN B 344 -17.97 -2.75 -0.23
C ASN B 344 -18.22 -3.54 -1.49
N LYS B 345 -17.82 -2.99 -2.64
CA LYS B 345 -18.09 -3.66 -3.91
C LYS B 345 -17.42 -5.02 -3.98
N ILE B 346 -16.10 -5.07 -3.71
CA ILE B 346 -15.36 -6.31 -3.86
C ILE B 346 -15.87 -7.38 -2.90
N ARG B 347 -16.03 -7.01 -1.62
CA ARG B 347 -16.47 -7.99 -0.63
C ARG B 347 -17.89 -8.47 -0.89
N GLU B 348 -18.80 -7.56 -1.25
CA GLU B 348 -20.17 -7.97 -1.51
C GLU B 348 -20.25 -8.85 -2.75
N LYS B 349 -19.50 -8.53 -3.80
CA LYS B 349 -19.47 -9.38 -4.99
C LYS B 349 -18.90 -10.75 -4.66
N ALA B 350 -17.85 -10.80 -3.85
CA ALA B 350 -17.27 -12.09 -3.46
C ALA B 350 -18.25 -12.93 -2.67
N LEU B 351 -18.94 -12.31 -1.71
CA LEU B 351 -19.91 -13.04 -0.91
C LEU B 351 -21.08 -13.54 -1.77
N ALA B 352 -21.57 -12.68 -2.68
CA ALA B 352 -22.66 -13.09 -3.55
C ALA B 352 -22.24 -14.23 -4.48
N LYS B 353 -21.02 -14.15 -5.01
CA LYS B 353 -20.53 -15.21 -5.88
C LYS B 353 -20.37 -16.52 -5.12
N ALA B 354 -19.86 -16.45 -3.89
CA ALA B 354 -19.75 -17.66 -3.07
C ALA B 354 -21.12 -18.26 -2.78
N MET B 355 -22.09 -17.41 -2.43
CA MET B 355 -23.43 -17.90 -2.13
C MET B 355 -24.08 -18.54 -3.35
N GLU B 356 -23.97 -17.89 -4.51
CA GLU B 356 -24.57 -18.46 -5.72
C GLU B 356 -23.86 -19.72 -6.17
N HIS B 357 -22.54 -19.80 -5.99
CA HIS B 357 -21.82 -21.03 -6.31
C HIS B 357 -22.23 -22.18 -5.40
N ILE B 358 -22.37 -21.92 -4.09
CA ILE B 358 -22.83 -22.96 -3.17
C ILE B 358 -24.24 -23.41 -3.53
N HIS B 359 -25.13 -22.45 -3.84
CA HIS B 359 -26.50 -22.79 -4.18
C HIS B 359 -26.57 -23.60 -5.48
N TYR B 360 -25.78 -23.22 -6.48
CA TYR B 360 -25.75 -23.98 -7.73
C TYR B 360 -25.14 -25.36 -7.54
N GLU B 361 -24.18 -25.50 -6.63
CA GLU B 361 -23.56 -26.80 -6.40
C GLU B 361 -24.47 -27.75 -5.63
N ASP B 362 -25.16 -27.26 -4.60
CA ASP B 362 -25.98 -28.15 -3.79
C ASP B 362 -27.21 -28.63 -4.55
N GLU B 363 -27.80 -27.79 -5.40
CA GLU B 363 -28.95 -28.21 -6.18
C GLU B 363 -28.60 -29.36 -7.13
N ASN B 364 -27.43 -29.27 -7.79
CA ASN B 364 -27.00 -30.34 -8.67
C ASN B 364 -26.60 -31.59 -7.91
N SER B 365 -26.22 -31.46 -6.64
CA SER B 365 -25.80 -32.59 -5.83
C SER B 365 -26.94 -33.20 -5.02
N ARG B 366 -28.16 -32.67 -5.16
CA ARG B 366 -29.34 -33.19 -4.47
C ARG B 366 -29.18 -33.16 -2.96
N TYR B 367 -28.43 -32.18 -2.46
CA TYR B 367 -28.24 -31.95 -1.02
C TYR B 367 -27.60 -33.13 -0.31
N ILE B 368 -26.87 -33.98 -1.03
CA ILE B 368 -26.16 -35.10 -0.44
C ILE B 368 -24.68 -34.90 -0.72
N THR B 369 -24.24 -33.63 -0.66
CA THR B 369 -22.90 -33.21 -1.06
C THR B 369 -21.79 -34.03 -0.40
N ILE B 370 -20.61 -34.02 -1.02
CA ILE B 370 -19.51 -34.87 -0.58
C ILE B 370 -19.02 -34.43 0.78
N GLY B 371 -18.83 -35.39 1.69
CA GLY B 371 -18.25 -35.11 2.99
C GLY B 371 -19.25 -34.69 4.05
N CYS B 372 -19.15 -35.31 5.24
CA CYS B 372 -19.99 -34.88 6.36
C CYS B 372 -19.59 -33.50 6.84
N VAL B 373 -18.28 -33.23 6.92
CA VAL B 373 -17.81 -31.92 7.37
C VAL B 373 -18.23 -30.83 6.39
N GLU B 374 -18.09 -31.09 5.09
CA GLU B 374 -18.49 -30.10 4.09
C GLU B 374 -19.98 -29.82 4.15
N LYS B 375 -20.80 -30.87 4.28
CA LYS B 375 -22.24 -30.67 4.38
C LYS B 375 -22.61 -29.92 5.65
N ALA B 376 -21.96 -30.26 6.77
CA ALA B 376 -22.24 -29.57 8.03
C ALA B 376 -21.88 -28.09 7.95
N LEU B 377 -20.74 -27.78 7.33
CA LEU B 377 -20.36 -26.38 7.18
C LEU B 377 -21.27 -25.64 6.21
N CYS B 378 -21.69 -26.32 5.13
CA CYS B 378 -22.63 -25.70 4.18
C CYS B 378 -23.97 -25.44 4.83
N MET B 379 -24.40 -26.31 5.76
CA MET B 379 -25.65 -26.08 6.47
C MET B 379 -25.59 -24.79 7.28
N LEU B 380 -24.48 -24.57 7.99
CA LEU B 380 -24.31 -23.30 8.71
C LEU B 380 -24.22 -22.12 7.74
N CYS B 381 -23.53 -22.33 6.61
CA CYS B 381 -23.37 -21.25 5.64
C CYS B 381 -24.72 -20.80 5.07
N CYS B 382 -25.61 -21.75 4.79
CA CYS B 382 -26.93 -21.41 4.30
C CYS B 382 -27.89 -20.98 5.40
N TRP B 383 -27.64 -21.39 6.64
CA TRP B 383 -28.49 -20.95 7.75
C TRP B 383 -28.21 -19.51 8.14
N VAL B 384 -26.94 -19.11 8.17
CA VAL B 384 -26.60 -17.74 8.55
C VAL B 384 -27.07 -16.74 7.51
N GLU B 385 -27.35 -17.19 6.28
CA GLU B 385 -27.88 -16.31 5.25
C GLU B 385 -29.40 -16.19 5.32
N ASP B 386 -30.09 -17.27 5.65
CA ASP B 386 -31.55 -17.26 5.74
C ASP B 386 -32.01 -18.38 6.67
N PRO B 387 -32.21 -18.10 7.96
CA PRO B 387 -32.65 -19.17 8.87
C PRO B 387 -34.02 -19.75 8.52
N ASN B 388 -34.85 -19.01 7.79
CA ASN B 388 -36.19 -19.45 7.42
C ASN B 388 -36.23 -19.59 5.89
N SER B 389 -36.01 -20.80 5.40
CA SER B 389 -36.04 -21.07 3.97
C SER B 389 -36.35 -22.56 3.77
N ASP B 390 -36.29 -23.01 2.52
CA ASP B 390 -36.52 -24.40 2.19
C ASP B 390 -35.24 -25.20 1.99
N TYR B 391 -34.17 -24.55 1.52
CA TYR B 391 -32.88 -25.24 1.39
C TYR B 391 -32.37 -25.70 2.74
N PHE B 392 -32.50 -24.85 3.77
CA PHE B 392 -32.10 -25.24 5.12
C PHE B 392 -32.90 -26.44 5.62
N LYS B 393 -34.22 -26.43 5.39
CA LYS B 393 -35.05 -27.54 5.83
C LYS B 393 -34.68 -28.84 5.11
N LYS B 394 -34.43 -28.76 3.81
CA LYS B 394 -34.05 -29.96 3.07
C LYS B 394 -32.66 -30.46 3.48
N HIS B 395 -31.75 -29.55 3.81
CA HIS B 395 -30.46 -29.98 4.37
C HIS B 395 -30.65 -30.67 5.71
N LEU B 396 -31.54 -30.12 6.55
CA LEU B 396 -31.85 -30.74 7.83
C LEU B 396 -32.51 -32.11 7.67
N ALA B 397 -33.24 -32.33 6.58
CA ALA B 397 -33.95 -33.58 6.35
C ALA B 397 -33.02 -34.74 6.00
N ARG B 398 -31.88 -34.47 5.35
CA ARG B 398 -30.95 -35.52 4.95
C ARG B 398 -29.89 -35.79 6.01
N ILE B 399 -29.98 -35.14 7.18
CA ILE B 399 -29.03 -35.42 8.25
C ILE B 399 -29.08 -36.88 8.71
N PRO B 400 -30.24 -37.49 8.96
CA PRO B 400 -30.25 -38.89 9.41
C PRO B 400 -29.75 -39.89 8.37
N ASP B 401 -29.29 -39.44 7.21
CA ASP B 401 -28.76 -40.34 6.20
C ASP B 401 -27.30 -40.73 6.44
N TYR B 402 -26.66 -40.16 7.47
CA TYR B 402 -25.26 -40.43 7.76
C TYR B 402 -25.02 -41.17 9.07
N LEU B 403 -25.95 -41.09 10.02
CA LEU B 403 -25.76 -41.80 11.29
C LEU B 403 -25.82 -43.31 11.09
N TRP B 404 -25.06 -44.03 11.91
CA TRP B 404 -24.98 -45.48 11.80
C TRP B 404 -24.72 -46.07 13.17
N VAL B 405 -25.10 -47.33 13.34
CA VAL B 405 -24.95 -48.04 14.61
C VAL B 405 -24.14 -49.30 14.38
N ALA B 406 -23.37 -49.69 15.38
CA ALA B 406 -22.49 -50.84 15.29
C ALA B 406 -22.45 -51.52 16.66
N GLU B 407 -21.44 -52.37 16.88
CA GLU B 407 -21.28 -53.00 18.19
C GLU B 407 -21.05 -51.96 19.28
N ASP B 408 -20.28 -50.92 18.96
CA ASP B 408 -20.12 -49.77 19.85
C ASP B 408 -21.32 -48.84 19.68
N GLY B 409 -21.24 -47.63 20.21
CA GLY B 409 -22.34 -46.69 20.09
C GLY B 409 -22.51 -46.20 18.67
N MET B 410 -23.39 -45.20 18.54
CA MET B 410 -23.72 -44.63 17.24
C MET B 410 -22.51 -43.90 16.66
N LYS B 411 -22.26 -44.12 15.37
CA LYS B 411 -21.18 -43.47 14.64
C LYS B 411 -21.75 -42.68 13.47
N VAL B 412 -20.86 -42.04 12.72
CA VAL B 412 -21.23 -41.25 11.55
C VAL B 412 -20.48 -41.81 10.33
N GLN B 413 -21.22 -42.05 9.25
CA GLN B 413 -20.64 -42.58 8.02
C GLN B 413 -20.29 -41.41 7.10
N SER B 414 -19.01 -41.32 6.72
CA SER B 414 -18.56 -40.19 5.91
C SER B 414 -19.24 -40.18 4.54
N PHE B 415 -19.37 -41.33 3.91
CA PHE B 415 -19.96 -41.42 2.59
C PHE B 415 -20.43 -42.84 2.34
N GLY B 416 -21.34 -43.00 1.39
CA GLY B 416 -21.82 -44.32 1.03
C GLY B 416 -20.80 -45.10 0.21
N SER B 417 -20.85 -46.42 0.35
CA SER B 417 -19.98 -47.29 -0.42
C SER B 417 -20.71 -48.54 -0.93
N GLN B 418 -22.03 -48.47 -1.07
CA GLN B 418 -22.79 -49.65 -1.48
C GLN B 418 -22.44 -50.10 -2.89
N LEU B 419 -22.24 -49.16 -3.82
CA LEU B 419 -22.00 -49.53 -5.20
C LEU B 419 -20.66 -50.26 -5.36
N TRP B 420 -19.60 -49.74 -4.72
CA TRP B 420 -18.28 -50.34 -4.84
C TRP B 420 -18.26 -51.76 -4.29
N ASP B 421 -18.80 -51.94 -3.07
CA ASP B 421 -18.85 -53.27 -2.47
C ASP B 421 -19.77 -54.21 -3.23
N ALA B 422 -20.88 -53.71 -3.76
CA ALA B 422 -21.77 -54.54 -4.55
C ALA B 422 -21.08 -55.03 -5.83
N THR B 423 -20.34 -54.14 -6.50
CA THR B 423 -19.60 -54.55 -7.69
C THR B 423 -18.54 -55.58 -7.35
N PHE B 424 -17.81 -55.36 -6.25
CA PHE B 424 -16.79 -56.33 -5.84
C PHE B 424 -17.41 -57.70 -5.53
N GLY B 425 -18.53 -57.70 -4.80
CA GLY B 425 -19.19 -58.96 -4.50
C GLY B 425 -19.73 -59.66 -5.73
N PHE B 426 -20.31 -58.89 -6.66
CA PHE B 426 -20.80 -59.48 -7.90
C PHE B 426 -19.65 -60.10 -8.70
N GLN B 427 -18.52 -59.39 -8.78
CA GLN B 427 -17.36 -59.91 -9.48
C GLN B 427 -16.85 -61.18 -8.82
N ALA B 428 -16.80 -61.20 -7.50
CA ALA B 428 -16.36 -62.40 -6.79
C ALA B 428 -17.31 -63.57 -7.06
N LEU B 429 -18.62 -63.31 -7.02
CA LEU B 429 -19.59 -64.38 -7.24
C LEU B 429 -19.50 -64.93 -8.65
N VAL B 430 -19.39 -64.06 -9.66
CA VAL B 430 -19.29 -64.55 -11.02
C VAL B 430 -17.95 -65.23 -11.30
N ALA B 431 -16.87 -64.80 -10.65
CA ALA B 431 -15.59 -65.49 -10.81
C ALA B 431 -15.62 -66.86 -10.15
N SER B 432 -16.27 -66.97 -9.00
CA SER B 432 -16.43 -68.27 -8.35
C SER B 432 -17.34 -69.17 -9.18
N ASN B 433 -16.99 -70.46 -9.23
CA ASN B 433 -17.77 -71.41 -10.01
C ASN B 433 -19.18 -71.56 -9.45
N LEU B 434 -20.17 -71.53 -10.32
CA LEU B 434 -21.58 -71.70 -9.94
C LEU B 434 -21.83 -73.17 -9.70
N THR B 435 -21.56 -73.62 -8.47
CA THR B 435 -21.74 -75.03 -8.13
C THR B 435 -23.22 -75.41 -8.14
N GLU B 436 -24.00 -74.78 -7.25
CA GLU B 436 -25.43 -75.08 -7.18
C GLU B 436 -26.24 -74.35 -8.24
N ASP B 437 -25.66 -73.32 -8.87
CA ASP B 437 -26.30 -72.53 -9.91
C ASP B 437 -27.55 -71.79 -9.42
N GLU B 438 -27.79 -71.75 -8.12
CA GLU B 438 -28.93 -71.04 -7.55
C GLU B 438 -28.64 -69.57 -7.28
N VAL B 439 -27.41 -69.11 -7.53
CA VAL B 439 -27.09 -67.69 -7.35
C VAL B 439 -27.58 -66.83 -8.50
N GLY B 440 -28.25 -67.42 -9.48
CA GLY B 440 -28.76 -66.69 -10.62
C GLY B 440 -29.77 -65.61 -10.29
N PRO B 441 -30.79 -65.94 -9.48
CA PRO B 441 -31.74 -64.89 -9.06
C PRO B 441 -31.08 -63.74 -8.32
N ALA B 442 -30.14 -64.03 -7.43
CA ALA B 442 -29.44 -62.95 -6.72
C ALA B 442 -28.58 -62.14 -7.68
N LEU B 443 -27.93 -62.80 -8.62
CA LEU B 443 -27.13 -62.10 -9.62
C LEU B 443 -28.00 -61.16 -10.45
N ALA B 444 -29.18 -61.61 -10.85
CA ALA B 444 -30.09 -60.74 -11.60
C ALA B 444 -30.61 -59.60 -10.74
N LYS B 445 -30.97 -59.88 -9.49
CA LYS B 445 -31.49 -58.85 -8.59
C LYS B 445 -30.42 -57.84 -8.20
N ALA B 446 -29.15 -58.18 -8.37
CA ALA B 446 -28.09 -57.20 -8.23
C ALA B 446 -27.75 -56.50 -9.54
N TYR B 447 -27.86 -57.21 -10.67
CA TYR B 447 -27.52 -56.64 -11.96
C TYR B 447 -28.51 -55.55 -12.37
N ASP B 448 -29.81 -55.76 -12.07
CA ASP B 448 -30.77 -54.71 -12.39
C ASP B 448 -30.52 -53.45 -11.56
N PHE B 449 -30.15 -53.62 -10.29
CA PHE B 449 -29.79 -52.47 -9.47
C PHE B 449 -28.54 -51.77 -10.01
N ILE B 450 -27.54 -52.56 -10.45
CA ILE B 450 -26.33 -51.97 -11.03
C ILE B 450 -26.68 -51.17 -12.27
N LYS B 451 -27.54 -51.71 -13.13
CA LYS B 451 -27.99 -50.99 -14.32
C LYS B 451 -28.72 -49.70 -13.94
N LYS B 452 -29.58 -49.76 -12.92
CA LYS B 452 -30.30 -48.58 -12.47
C LYS B 452 -29.41 -47.57 -11.75
N SER B 453 -28.21 -47.97 -11.34
CA SER B 453 -27.31 -47.09 -10.59
C SER B 453 -26.46 -46.20 -11.49
N GLN B 454 -26.60 -46.31 -12.81
CA GLN B 454 -25.78 -45.55 -13.74
C GLN B 454 -26.27 -44.11 -13.81
N VAL B 455 -25.34 -43.17 -13.67
CA VAL B 455 -25.65 -41.75 -13.78
C VAL B 455 -25.58 -41.36 -15.25
N LYS B 456 -26.70 -40.88 -15.80
CA LYS B 456 -26.80 -40.55 -17.21
C LYS B 456 -27.12 -39.10 -17.48
N ASP B 457 -27.82 -38.42 -16.56
CA ASP B 457 -28.22 -37.04 -16.78
C ASP B 457 -27.08 -36.10 -16.41
N ASN B 458 -26.98 -34.99 -17.16
CA ASN B 458 -26.01 -33.96 -16.86
C ASN B 458 -26.45 -33.16 -15.65
N PRO B 459 -25.52 -32.55 -14.93
CA PRO B 459 -25.90 -31.68 -13.80
C PRO B 459 -26.79 -30.54 -14.27
N SER B 460 -27.76 -30.18 -13.43
CA SER B 460 -28.71 -29.13 -13.78
C SER B 460 -27.99 -27.80 -13.95
N GLY B 461 -28.38 -27.04 -14.96
CA GLY B 461 -27.76 -25.77 -15.25
C GLY B 461 -26.56 -25.90 -16.16
N ASP B 462 -25.76 -24.84 -16.18
CA ASP B 462 -24.55 -24.81 -17.01
C ASP B 462 -23.40 -25.45 -16.24
N PHE B 463 -23.39 -26.78 -16.27
CA PHE B 463 -22.30 -27.51 -15.61
C PHE B 463 -20.96 -27.22 -16.26
N GLU B 464 -20.94 -27.11 -17.59
CA GLU B 464 -19.73 -26.75 -18.30
C GLU B 464 -19.38 -25.28 -18.03
N SER B 465 -18.08 -24.99 -18.04
CA SER B 465 -17.57 -23.64 -17.78
C SER B 465 -17.94 -23.15 -16.38
N MET B 466 -18.08 -24.08 -15.44
CA MET B 466 -18.36 -23.77 -14.04
C MET B 466 -17.43 -24.54 -13.12
N HIS B 467 -16.16 -24.65 -13.51
CA HIS B 467 -15.13 -25.35 -12.74
C HIS B 467 -15.52 -26.80 -12.47
N ARG B 468 -16.14 -27.44 -13.47
CA ARG B 468 -16.53 -28.84 -13.37
C ARG B 468 -16.23 -29.53 -14.69
N HIS B 469 -16.21 -30.87 -14.64
CA HIS B 469 -15.92 -31.69 -15.81
C HIS B 469 -17.20 -32.33 -16.32
N ILE B 470 -17.20 -32.63 -17.62
CA ILE B 470 -18.38 -33.20 -18.27
C ILE B 470 -18.59 -34.64 -17.81
N SER B 471 -19.82 -34.97 -17.45
CA SER B 471 -20.20 -36.32 -17.04
C SER B 471 -21.22 -36.86 -18.04
N LYS B 472 -20.93 -38.02 -18.62
CA LYS B 472 -21.80 -38.65 -19.59
C LYS B 472 -21.74 -40.17 -19.37
N GLY B 473 -22.81 -40.73 -18.80
CA GLY B 473 -22.85 -42.14 -18.52
C GLY B 473 -21.78 -42.58 -17.53
N SER B 474 -21.61 -41.79 -16.47
CA SER B 474 -20.58 -42.04 -15.47
C SER B 474 -21.17 -42.76 -14.26
N TRP B 475 -20.28 -43.15 -13.35
CA TRP B 475 -20.64 -43.84 -12.12
C TRP B 475 -20.09 -43.07 -10.93
N THR B 476 -20.82 -43.13 -9.82
CA THR B 476 -20.38 -42.53 -8.58
C THR B 476 -19.82 -43.60 -7.64
N PHE B 477 -19.33 -43.16 -6.48
CA PHE B 477 -18.85 -44.09 -5.48
C PHE B 477 -19.92 -44.47 -4.47
N SER B 478 -20.82 -43.53 -4.14
CA SER B 478 -21.86 -43.80 -3.15
C SER B 478 -23.15 -44.27 -3.80
N ASP B 479 -23.77 -43.44 -4.63
CA ASP B 479 -25.04 -43.76 -5.24
C ASP B 479 -25.29 -42.79 -6.40
N GLN B 480 -26.31 -43.09 -7.21
CA GLN B 480 -26.67 -42.27 -8.34
C GLN B 480 -27.20 -40.90 -7.93
N ASP B 481 -27.67 -40.75 -6.68
CA ASP B 481 -28.21 -39.48 -6.23
C ASP B 481 -27.14 -38.39 -6.10
N HIS B 482 -25.87 -38.74 -6.18
CA HIS B 482 -24.78 -37.78 -6.03
C HIS B 482 -24.39 -37.14 -7.36
N GLY B 483 -24.12 -37.96 -8.37
CA GLY B 483 -23.76 -37.45 -9.69
C GLY B 483 -22.35 -36.92 -9.76
N TRP B 484 -21.37 -37.75 -9.35
CA TRP B 484 -19.97 -37.37 -9.36
C TRP B 484 -19.18 -38.42 -10.15
N GLN B 485 -18.41 -37.95 -11.13
CA GLN B 485 -17.60 -38.85 -11.94
C GLN B 485 -16.41 -39.36 -11.14
N LEU B 486 -16.12 -40.66 -11.30
CA LEU B 486 -14.98 -41.28 -10.61
C LEU B 486 -14.51 -42.44 -11.48
N SER B 487 -13.29 -42.35 -12.00
CA SER B 487 -12.79 -43.36 -12.93
C SER B 487 -12.51 -44.69 -12.24
N ASP B 488 -12.34 -44.71 -10.92
CA ASP B 488 -12.04 -45.96 -10.23
C ASP B 488 -13.23 -46.92 -10.25
N CYS B 489 -14.42 -46.43 -9.89
CA CYS B 489 -15.59 -47.28 -9.86
C CYS B 489 -16.07 -47.65 -11.25
N THR B 490 -15.92 -46.74 -12.22
CA THR B 490 -16.36 -47.02 -13.59
C THR B 490 -15.59 -48.19 -14.19
N ALA B 491 -14.29 -48.29 -13.88
CA ALA B 491 -13.49 -49.38 -14.43
C ALA B 491 -13.96 -50.74 -13.93
N GLU B 492 -14.31 -50.85 -12.65
CA GLU B 492 -14.85 -52.09 -12.11
C GLU B 492 -16.26 -52.37 -12.62
N ALA B 493 -17.07 -51.32 -12.76
CA ALA B 493 -18.42 -51.50 -13.29
C ALA B 493 -18.40 -52.02 -14.72
N LEU B 494 -17.50 -51.48 -15.54
CA LEU B 494 -17.37 -51.95 -16.93
C LEU B 494 -16.93 -53.40 -16.98
N LYS B 495 -15.98 -53.78 -16.12
CA LYS B 495 -15.54 -55.17 -16.07
C LYS B 495 -16.69 -56.09 -15.67
N CYS B 496 -17.46 -55.67 -14.66
CA CYS B 496 -18.61 -56.47 -14.25
C CYS B 496 -19.62 -56.62 -15.37
N CYS B 497 -19.91 -55.53 -16.09
CA CYS B 497 -20.87 -55.59 -17.19
C CYS B 497 -20.36 -56.49 -18.31
N LEU B 498 -19.08 -56.39 -18.65
CA LEU B 498 -18.53 -57.22 -19.72
C LEU B 498 -18.53 -58.69 -19.32
N LEU B 499 -18.19 -58.99 -18.07
CA LEU B 499 -18.16 -60.38 -17.62
C LEU B 499 -19.57 -60.97 -17.55
N ALA B 500 -20.56 -60.16 -17.17
CA ALA B 500 -21.94 -60.61 -17.17
C ALA B 500 -22.55 -60.66 -18.57
N ALA B 501 -21.95 -59.97 -19.54
CA ALA B 501 -22.49 -59.96 -20.89
C ALA B 501 -22.44 -61.33 -21.53
N THR B 502 -21.33 -62.06 -21.35
CA THR B 502 -21.18 -63.38 -21.95
C THR B 502 -22.05 -64.44 -21.27
N MET B 503 -22.63 -64.13 -20.12
CA MET B 503 -23.50 -65.08 -19.44
C MET B 503 -24.81 -65.24 -20.22
N PRO B 504 -25.43 -66.41 -20.15
CA PRO B 504 -26.68 -66.62 -20.91
C PRO B 504 -27.78 -65.66 -20.49
N GLN B 505 -28.56 -65.23 -21.47
CA GLN B 505 -29.68 -64.32 -21.19
C GLN B 505 -30.76 -65.01 -20.36
N GLU B 506 -31.03 -66.29 -20.63
CA GLU B 506 -32.08 -67.02 -19.95
C GLU B 506 -31.82 -67.20 -18.45
N VAL B 507 -30.58 -67.07 -18.00
CA VAL B 507 -30.24 -67.28 -16.61
C VAL B 507 -30.14 -65.97 -15.82
N VAL B 508 -29.63 -64.90 -16.42
CA VAL B 508 -29.44 -63.65 -15.71
C VAL B 508 -30.45 -62.57 -16.11
N GLY B 509 -31.16 -62.74 -17.21
CA GLY B 509 -32.13 -61.78 -17.66
C GLY B 509 -31.65 -60.96 -18.84
N GLU B 510 -32.25 -59.78 -18.99
CA GLU B 510 -31.93 -58.91 -20.10
C GLU B 510 -30.54 -58.29 -19.93
N LYS B 511 -30.05 -57.70 -21.00
CA LYS B 511 -28.71 -57.12 -21.04
C LYS B 511 -28.79 -55.64 -21.43
N MET B 512 -27.72 -54.91 -21.09
CA MET B 512 -27.65 -53.50 -21.41
C MET B 512 -27.40 -53.31 -22.90
N LYS B 513 -27.83 -52.15 -23.40
CA LYS B 513 -27.60 -51.82 -24.80
C LYS B 513 -26.12 -51.57 -25.05
N PRO B 514 -25.58 -52.04 -26.18
CA PRO B 514 -24.15 -51.87 -26.45
C PRO B 514 -23.75 -50.45 -26.82
N GLU B 515 -24.67 -49.49 -26.84
CA GLU B 515 -24.35 -48.12 -27.18
C GLU B 515 -23.98 -47.27 -25.96
N TRP B 516 -24.44 -47.65 -24.77
CA TRP B 516 -24.11 -46.88 -23.57
C TRP B 516 -22.66 -47.05 -23.14
N VAL B 517 -22.04 -48.19 -23.47
CA VAL B 517 -20.65 -48.39 -23.06
C VAL B 517 -19.70 -47.42 -23.77
N TYR B 518 -20.08 -46.92 -24.95
CA TYR B 518 -19.24 -45.97 -25.65
C TYR B 518 -19.06 -44.68 -24.85
N GLU B 519 -20.13 -44.22 -24.20
CA GLU B 519 -20.02 -43.04 -23.35
C GLU B 519 -19.06 -43.28 -22.20
N ALA B 520 -19.14 -44.46 -21.57
CA ALA B 520 -18.21 -44.78 -20.49
C ALA B 520 -16.77 -44.84 -20.98
N ILE B 521 -16.55 -45.42 -22.16
CA ILE B 521 -15.20 -45.46 -22.72
C ILE B 521 -14.68 -44.06 -22.99
N ASN B 522 -15.54 -43.18 -23.54
CA ASN B 522 -15.13 -41.80 -23.79
C ASN B 522 -14.80 -41.08 -22.49
N ILE B 523 -15.61 -41.29 -21.44
CA ILE B 523 -15.34 -40.66 -20.15
C ILE B 523 -14.02 -41.15 -19.57
N ILE B 524 -13.76 -42.46 -19.66
CA ILE B 524 -12.51 -43.00 -19.14
C ILE B 524 -11.32 -42.43 -19.90
N LEU B 525 -11.43 -42.37 -21.24
CA LEU B 525 -10.35 -41.82 -22.05
C LEU B 525 -10.18 -40.32 -21.84
N SER B 526 -11.22 -39.63 -21.37
CA SER B 526 -11.10 -38.21 -21.11
C SER B 526 -10.09 -37.92 -20.01
N LEU B 527 -10.09 -38.74 -18.96
CA LEU B 527 -9.16 -38.58 -17.85
C LEU B 527 -7.88 -39.34 -18.16
N GLN B 528 -6.80 -38.60 -18.43
CA GLN B 528 -5.49 -39.18 -18.71
C GLN B 528 -4.43 -38.10 -18.64
N SER B 529 -3.29 -38.43 -18.06
CA SER B 529 -2.18 -37.50 -17.95
C SER B 529 -1.27 -37.58 -19.17
N LYS B 530 -0.35 -36.62 -19.28
CA LYS B 530 0.57 -36.55 -20.41
C LYS B 530 1.73 -37.51 -20.30
N SER B 531 1.96 -38.10 -19.13
CA SER B 531 3.07 -39.03 -18.92
C SER B 531 2.59 -40.44 -18.59
N GLY B 532 1.30 -40.71 -18.62
CA GLY B 532 0.78 -42.03 -18.31
C GLY B 532 -0.08 -42.04 -17.06
N GLY B 533 -1.02 -42.98 -17.00
CA GLY B 533 -1.93 -43.05 -15.88
C GLY B 533 -3.06 -42.04 -15.98
N LEU B 534 -3.87 -42.00 -14.94
CA LEU B 534 -5.00 -41.08 -14.89
C LEU B 534 -5.35 -40.79 -13.43
N ALA B 535 -6.05 -39.68 -13.22
CA ALA B 535 -6.51 -39.27 -11.91
C ALA B 535 -7.96 -39.74 -11.71
N GLY B 536 -8.59 -39.26 -10.64
CA GLY B 536 -9.92 -39.71 -10.30
C GLY B 536 -11.04 -38.82 -10.82
N TRP B 537 -10.84 -37.50 -10.77
CA TRP B 537 -11.89 -36.55 -11.12
C TRP B 537 -11.54 -35.66 -12.31
N GLU B 538 -10.32 -35.16 -12.39
CA GLU B 538 -9.89 -34.29 -13.47
C GLU B 538 -8.56 -34.77 -14.03
N PRO B 539 -8.33 -34.58 -15.35
CA PRO B 539 -7.12 -35.12 -15.96
C PRO B 539 -5.83 -34.52 -15.41
N VAL B 540 -5.68 -33.19 -15.53
CA VAL B 540 -4.49 -32.51 -15.04
C VAL B 540 -4.78 -31.01 -14.95
N ARG B 541 -4.26 -30.36 -13.91
CA ARG B 541 -4.43 -28.92 -13.73
C ARG B 541 -3.10 -28.18 -13.71
N ALA B 542 -2.16 -28.59 -12.87
CA ALA B 542 -0.87 -27.93 -12.77
C ALA B 542 0.17 -28.95 -12.33
N GLY B 543 1.35 -28.46 -11.95
CA GLY B 543 2.44 -29.31 -11.52
C GLY B 543 2.34 -29.68 -10.06
N GLU B 544 3.40 -30.33 -9.57
CA GLU B 544 3.47 -30.78 -8.19
C GLU B 544 3.93 -29.70 -7.22
N TRP B 545 4.32 -28.53 -7.73
CA TRP B 545 4.77 -27.44 -6.87
C TRP B 545 3.63 -26.74 -6.15
N MET B 546 2.37 -27.04 -6.51
CA MET B 546 1.23 -26.41 -5.85
C MET B 546 1.02 -26.90 -4.42
N GLU B 547 1.60 -28.05 -4.07
CA GLU B 547 1.42 -28.60 -2.73
C GLU B 547 2.16 -27.82 -1.65
N ILE B 548 3.02 -26.87 -2.03
CA ILE B 548 3.73 -26.06 -1.05
C ILE B 548 2.76 -25.21 -0.24
N LEU B 549 1.61 -24.86 -0.82
CA LEU B 549 0.62 -24.01 -0.16
C LEU B 549 -0.38 -24.79 0.67
N ASN B 550 0.00 -25.95 1.19
CA ASN B 550 -0.93 -26.77 1.96
C ASN B 550 -1.20 -26.10 3.31
N PRO B 551 -2.45 -25.77 3.63
CA PRO B 551 -2.72 -25.19 4.96
C PRO B 551 -2.61 -26.21 6.07
N MET B 552 -3.12 -27.43 5.85
CA MET B 552 -3.10 -28.46 6.88
C MET B 552 -1.69 -28.99 7.08
N GLU B 553 -1.47 -29.59 8.24
CA GLU B 553 -0.18 -30.18 8.60
C GLU B 553 -0.27 -31.65 8.98
N PHE B 554 -1.47 -32.22 9.01
CA PHE B 554 -1.65 -33.64 9.30
C PHE B 554 -2.02 -34.45 8.06
N LEU B 555 -1.95 -33.84 6.88
CA LEU B 555 -2.24 -34.52 5.62
C LEU B 555 -1.18 -34.14 4.59
N GLU B 556 -1.35 -34.63 3.37
CA GLU B 556 -0.40 -34.36 2.30
C GLU B 556 -1.11 -34.55 0.96
N ASN B 557 -0.76 -33.70 -0.01
CA ASN B 557 -1.30 -33.76 -1.36
C ASN B 557 -2.83 -33.64 -1.34
N ILE B 558 -3.29 -32.47 -0.89
CA ILE B 558 -4.71 -32.19 -0.79
C ILE B 558 -5.14 -31.11 -1.77
N VAL B 559 -4.28 -30.11 -2.02
CA VAL B 559 -4.65 -29.00 -2.89
C VAL B 559 -4.78 -29.46 -4.34
N ILE B 560 -3.91 -30.38 -4.78
CA ILE B 560 -3.88 -30.81 -6.17
C ILE B 560 -4.05 -32.33 -6.21
N GLU B 561 -4.56 -32.82 -7.33
CA GLU B 561 -4.79 -34.25 -7.52
C GLU B 561 -3.50 -34.95 -7.97
N HIS B 562 -3.60 -36.25 -8.19
CA HIS B 562 -2.46 -37.05 -8.65
C HIS B 562 -2.99 -38.31 -9.32
N THR B 563 -2.10 -38.96 -10.07
CA THR B 563 -2.45 -40.18 -10.77
C THR B 563 -2.39 -41.37 -9.81
N TYR B 564 -3.39 -42.24 -9.90
CA TYR B 564 -3.51 -43.39 -9.01
C TYR B 564 -3.24 -44.67 -9.79
N VAL B 565 -2.36 -45.52 -9.26
CA VAL B 565 -1.94 -46.73 -9.96
C VAL B 565 -3.09 -47.74 -10.04
N GLU B 566 -3.89 -47.83 -8.98
CA GLU B 566 -4.97 -48.81 -8.96
C GLU B 566 -5.99 -48.53 -10.07
N CYS B 567 -6.34 -47.26 -10.27
CA CYS B 567 -7.27 -46.91 -11.33
C CYS B 567 -6.68 -47.22 -12.70
N THR B 568 -5.38 -46.98 -12.88
CA THR B 568 -4.74 -47.29 -14.15
C THR B 568 -4.78 -48.80 -14.42
N GLY B 569 -4.49 -49.61 -13.40
CA GLY B 569 -4.55 -51.05 -13.58
C GLY B 569 -5.95 -51.54 -13.89
N SER B 570 -6.95 -51.00 -13.18
CA SER B 570 -8.33 -51.39 -13.45
C SER B 570 -8.73 -50.98 -14.87
N SER B 571 -8.34 -49.78 -15.31
CA SER B 571 -8.69 -49.33 -16.65
C SER B 571 -8.01 -50.19 -17.71
N ILE B 572 -6.75 -50.55 -17.51
CA ILE B 572 -6.05 -51.33 -18.54
C ILE B 572 -6.61 -52.75 -18.59
N ILE B 573 -6.92 -53.35 -17.45
CA ILE B 573 -7.51 -54.70 -17.50
C ILE B 573 -8.91 -54.65 -18.10
N ALA B 574 -9.68 -53.59 -17.84
CA ALA B 574 -10.98 -53.46 -18.47
C ALA B 574 -10.86 -53.31 -19.98
N PHE B 575 -9.90 -52.51 -20.43
CA PHE B 575 -9.69 -52.33 -21.87
C PHE B 575 -9.24 -53.63 -22.54
N VAL B 576 -8.37 -54.38 -21.88
CA VAL B 576 -7.93 -55.66 -22.43
C VAL B 576 -9.11 -56.63 -22.51
N SER B 577 -9.94 -56.66 -21.46
CA SER B 577 -11.11 -57.54 -21.47
C SER B 577 -12.09 -57.15 -22.57
N LEU B 578 -12.18 -55.86 -22.90
CA LEU B 578 -13.10 -55.42 -23.95
C LEU B 578 -12.70 -55.94 -25.32
N LYS B 579 -11.40 -56.11 -25.57
CA LYS B 579 -10.93 -56.54 -26.87
C LYS B 579 -11.45 -57.93 -27.23
N LYS B 580 -11.60 -58.81 -26.23
CA LYS B 580 -12.04 -60.17 -26.50
C LYS B 580 -13.47 -60.20 -27.03
N LEU B 581 -14.35 -59.34 -26.49
CA LEU B 581 -15.75 -59.37 -26.91
C LEU B 581 -15.90 -58.86 -28.34
N TYR B 582 -15.61 -57.58 -28.56
CA TYR B 582 -15.70 -57.01 -29.90
C TYR B 582 -14.86 -55.74 -30.02
N PRO B 583 -13.89 -55.71 -30.93
CA PRO B 583 -13.21 -54.44 -31.24
C PRO B 583 -14.03 -53.60 -32.22
N GLY B 584 -14.67 -52.54 -31.75
CA GLY B 584 -15.52 -51.76 -32.61
C GLY B 584 -15.56 -50.27 -32.34
N HIS B 585 -14.55 -49.75 -31.63
CA HIS B 585 -14.54 -48.32 -31.30
C HIS B 585 -13.09 -47.89 -31.09
N ARG B 586 -12.59 -47.08 -32.02
CA ARG B 586 -11.26 -46.47 -31.94
C ARG B 586 -10.17 -47.52 -31.71
N THR B 587 -10.02 -48.37 -32.72
CA THR B 587 -8.99 -49.42 -32.65
C THR B 587 -7.59 -48.83 -32.56
N LYS B 588 -7.36 -47.69 -33.21
CA LYS B 588 -6.05 -47.04 -33.20
C LYS B 588 -5.84 -46.13 -32.00
N ASP B 589 -6.84 -45.99 -31.13
CA ASP B 589 -6.74 -45.15 -29.94
C ASP B 589 -6.59 -45.95 -28.65
N ILE B 590 -7.31 -47.06 -28.52
CA ILE B 590 -7.20 -47.88 -27.31
C ILE B 590 -5.80 -48.47 -27.18
N ASP B 591 -5.22 -48.91 -28.30
CA ASP B 591 -3.86 -49.43 -28.28
C ASP B 591 -2.86 -48.33 -27.88
N ASN B 592 -3.05 -47.12 -28.39
CA ASN B 592 -2.19 -46.01 -28.00
C ASN B 592 -2.32 -45.70 -26.52
N PHE B 593 -3.54 -45.73 -25.99
CA PHE B 593 -3.75 -45.51 -24.57
C PHE B 593 -3.08 -46.58 -23.73
N ILE B 594 -3.17 -47.85 -24.17
CA ILE B 594 -2.52 -48.93 -23.45
C ILE B 594 -1.01 -48.77 -23.46
N ARG B 595 -0.45 -48.40 -24.62
CA ARG B 595 0.99 -48.16 -24.70
C ARG B 595 1.41 -47.01 -23.78
N ASN B 596 0.61 -45.94 -23.73
CA ASN B 596 0.91 -44.83 -22.83
C ASN B 596 0.86 -45.26 -21.37
N ALA B 597 -0.13 -46.10 -21.01
CA ALA B 597 -0.30 -46.51 -19.63
C ALA B 597 0.74 -47.54 -19.20
N ILE B 598 1.28 -48.32 -20.14
CA ILE B 598 2.23 -49.37 -19.78
C ILE B 598 3.48 -48.78 -19.15
N ARG B 599 4.04 -47.74 -19.77
CA ARG B 599 5.28 -47.16 -19.27
C ARG B 599 5.09 -46.43 -17.94
N TYR B 600 3.87 -45.99 -17.62
CA TYR B 600 3.63 -45.32 -16.35
C TYR B 600 3.83 -46.28 -15.17
N LEU B 601 3.40 -47.53 -15.32
CA LEU B 601 3.48 -48.49 -14.22
C LEU B 601 4.91 -48.79 -13.84
N GLU B 602 5.82 -48.85 -14.81
CA GLU B 602 7.23 -49.13 -14.52
C GLU B 602 7.86 -48.02 -13.69
N ASP B 603 7.48 -46.76 -13.96
CA ASP B 603 8.11 -45.63 -13.28
C ASP B 603 7.81 -45.62 -11.78
N VAL B 604 6.56 -45.96 -11.40
CA VAL B 604 6.16 -45.88 -10.00
C VAL B 604 6.78 -46.96 -9.13
N GLN B 605 7.45 -47.95 -9.74
CA GLN B 605 8.02 -49.06 -8.99
C GLN B 605 9.20 -48.58 -8.14
N TYR B 606 9.20 -48.97 -6.86
CA TYR B 606 10.32 -48.69 -5.97
C TYR B 606 11.41 -49.73 -6.17
N PRO B 607 12.65 -49.42 -5.78
CA PRO B 607 13.75 -50.38 -5.98
C PRO B 607 13.61 -51.67 -5.18
N ASP B 608 12.78 -51.71 -4.15
CA ASP B 608 12.61 -52.91 -3.35
C ASP B 608 11.71 -53.95 -4.01
N GLY B 609 11.09 -53.62 -5.14
CA GLY B 609 10.26 -54.56 -5.85
C GLY B 609 8.77 -54.44 -5.60
N SER B 610 8.33 -53.38 -4.93
CA SER B 610 6.91 -53.20 -4.67
C SER B 610 6.60 -51.71 -4.60
N TRP B 611 5.35 -51.37 -4.90
CA TRP B 611 4.87 -49.99 -4.86
C TRP B 611 3.52 -49.96 -4.17
N TYR B 612 3.37 -49.07 -3.20
CA TYR B 612 2.17 -49.01 -2.39
C TYR B 612 1.08 -48.20 -3.08
N GLY B 613 -0.15 -48.36 -2.59
CA GLY B 613 -1.32 -47.72 -3.15
C GLY B 613 -1.70 -46.45 -2.41
N ASN B 614 -2.99 -46.13 -2.44
CA ASN B 614 -3.50 -44.91 -1.81
C ASN B 614 -4.76 -45.11 -0.99
N TRP B 615 -5.46 -46.22 -1.12
CA TRP B 615 -6.70 -46.47 -0.40
C TRP B 615 -6.61 -47.65 0.55
N GLY B 616 -6.03 -48.77 0.12
CA GLY B 616 -5.80 -49.88 1.03
C GLY B 616 -4.46 -49.72 1.75
N ILE B 617 -4.46 -50.05 3.05
CA ILE B 617 -3.25 -49.93 3.85
C ILE B 617 -2.39 -51.17 3.64
N CYS B 618 -1.52 -51.11 2.64
CA CYS B 618 -0.61 -52.20 2.30
C CYS B 618 0.31 -51.72 1.19
N PHE B 619 1.55 -52.21 1.23
CA PHE B 619 2.45 -52.07 0.10
C PHE B 619 2.14 -53.06 -1.02
N ILE B 620 1.25 -54.01 -0.78
CA ILE B 620 0.87 -55.01 -1.77
C ILE B 620 -0.54 -54.81 -2.30
N TYR B 621 -1.32 -53.87 -1.74
CA TYR B 621 -2.67 -53.64 -2.22
C TYR B 621 -2.67 -53.20 -3.68
N SER B 622 -1.82 -52.23 -4.01
CA SER B 622 -1.70 -51.80 -5.39
C SER B 622 -0.93 -52.81 -6.24
N THR B 623 -0.10 -53.65 -5.60
CA THR B 623 0.65 -54.65 -6.35
C THR B 623 -0.29 -55.65 -7.01
N MET B 624 -1.36 -56.04 -6.33
CA MET B 624 -2.33 -56.97 -6.91
C MET B 624 -2.96 -56.38 -8.16
N PHE B 625 -3.40 -55.11 -8.09
CA PHE B 625 -4.00 -54.47 -9.25
C PHE B 625 -2.99 -54.30 -10.38
N ALA B 626 -1.75 -53.95 -10.05
CA ALA B 626 -0.73 -53.78 -11.07
C ALA B 626 -0.44 -55.10 -11.78
N LEU B 627 -0.29 -56.19 -11.02
CA LEU B 627 -0.04 -57.49 -11.61
C LEU B 627 -1.23 -57.94 -12.45
N GLY B 628 -2.45 -57.67 -11.98
CA GLY B 628 -3.63 -57.97 -12.79
C GLY B 628 -3.67 -57.19 -14.08
N GLY B 629 -3.25 -55.92 -14.03
CA GLY B 629 -3.21 -55.08 -15.22
C GLY B 629 -1.96 -55.21 -16.07
N LEU B 630 -0.95 -55.93 -15.58
CA LEU B 630 0.29 -56.09 -16.34
C LEU B 630 0.31 -57.38 -17.15
N ALA B 631 -0.20 -58.48 -16.57
CA ALA B 631 -0.26 -59.75 -17.29
C ALA B 631 -1.27 -59.73 -18.43
N ALA B 632 -2.14 -58.72 -18.49
CA ALA B 632 -3.15 -58.65 -19.54
C ALA B 632 -2.53 -58.40 -20.91
N THR B 633 -1.45 -57.62 -20.98
CA THR B 633 -0.82 -57.26 -22.24
C THR B 633 0.24 -58.27 -22.67
N GLY B 634 0.16 -59.51 -22.19
CA GLY B 634 1.10 -60.54 -22.57
C GLY B 634 2.41 -60.53 -21.82
N ARG B 635 2.50 -59.80 -20.70
CA ARG B 635 3.72 -59.79 -19.91
C ARG B 635 3.93 -61.15 -19.26
N THR B 636 5.01 -61.83 -19.63
CA THR B 636 5.31 -63.16 -19.12
C THR B 636 6.06 -63.04 -17.79
N TYR B 637 6.60 -64.16 -17.32
CA TYR B 637 7.38 -64.20 -16.09
C TYR B 637 8.81 -64.65 -16.31
N ASP B 638 9.02 -65.66 -17.17
CA ASP B 638 10.37 -66.16 -17.41
C ASP B 638 11.26 -65.10 -18.04
N ASN B 639 10.73 -64.33 -19.00
CA ASN B 639 11.50 -63.30 -19.70
C ASN B 639 10.63 -62.07 -19.85
N CYS B 640 10.66 -61.19 -18.86
CA CYS B 640 9.93 -59.93 -18.90
C CYS B 640 10.57 -58.96 -17.92
N GLN B 641 10.29 -57.68 -18.12
CA GLN B 641 10.83 -56.61 -17.29
C GLN B 641 9.87 -56.26 -16.16
N ALA B 642 10.39 -56.24 -14.94
CA ALA B 642 9.73 -55.80 -13.71
C ALA B 642 8.62 -56.74 -13.25
N VAL B 643 8.31 -57.80 -14.00
CA VAL B 643 7.29 -58.74 -13.56
C VAL B 643 7.79 -59.56 -12.37
N ARG B 644 9.04 -60.03 -12.44
CA ARG B 644 9.57 -60.89 -11.40
C ARG B 644 9.83 -60.16 -10.09
N ARG B 645 9.94 -58.82 -10.14
CA ARG B 645 10.26 -58.06 -8.93
C ARG B 645 9.15 -58.21 -7.89
N GLY B 646 7.90 -58.06 -8.30
CA GLY B 646 6.79 -58.20 -7.37
C GLY B 646 6.66 -59.61 -6.83
N VAL B 647 6.87 -60.61 -7.69
CA VAL B 647 6.79 -62.01 -7.25
C VAL B 647 7.87 -62.29 -6.21
N ASP B 648 9.10 -61.82 -6.46
CA ASP B 648 10.18 -62.02 -5.50
C ASP B 648 9.90 -61.29 -4.20
N PHE B 649 9.36 -60.07 -4.28
CA PHE B 649 9.01 -59.34 -3.06
C PHE B 649 7.97 -60.09 -2.24
N ILE B 650 6.94 -60.62 -2.91
CA ILE B 650 5.90 -61.36 -2.20
C ILE B 650 6.45 -62.63 -1.59
N LEU B 651 7.31 -63.35 -2.33
CA LEU B 651 7.86 -64.59 -1.82
C LEU B 651 8.79 -64.35 -0.63
N LYS B 652 9.59 -63.29 -0.69
CA LYS B 652 10.56 -63.02 0.36
C LYS B 652 9.89 -62.67 1.69
N ASN B 653 8.69 -62.09 1.64
CA ASN B 653 8.00 -61.63 2.83
C ASN B 653 6.78 -62.50 3.07
N GLN B 654 6.83 -63.33 4.11
CA GLN B 654 5.72 -64.18 4.49
C GLN B 654 5.74 -64.36 6.01
N SER B 655 4.73 -65.04 6.53
CA SER B 655 4.65 -65.35 7.95
C SER B 655 5.26 -66.72 8.20
N ASP B 656 5.14 -67.21 9.43
CA ASP B 656 5.63 -68.55 9.74
C ASP B 656 4.85 -69.62 9.00
N ASP B 657 3.59 -69.35 8.67
CA ASP B 657 2.74 -70.28 7.93
C ASP B 657 2.40 -69.79 6.53
N GLY B 658 3.17 -68.83 6.00
CA GLY B 658 2.92 -68.30 4.68
C GLY B 658 1.97 -67.12 4.62
N GLY B 659 1.45 -66.67 5.76
CA GLY B 659 0.53 -65.55 5.77
C GLY B 659 1.24 -64.24 5.53
N TRP B 660 0.43 -63.18 5.38
CA TRP B 660 0.92 -61.84 5.14
C TRP B 660 0.22 -60.86 6.07
N GLY B 661 0.98 -59.89 6.58
CA GLY B 661 0.41 -58.88 7.45
C GLY B 661 1.26 -57.63 7.44
N GLU B 662 0.61 -56.52 7.80
CA GLU B 662 1.27 -55.22 7.85
C GLU B 662 0.75 -54.46 9.06
N SER B 663 1.07 -53.16 9.11
CA SER B 663 0.63 -52.28 10.17
C SER B 663 0.11 -50.98 9.57
N TYR B 664 -0.72 -50.28 10.34
CA TYR B 664 -1.32 -49.04 9.86
C TYR B 664 -0.26 -47.95 9.63
N LEU B 665 0.87 -48.01 10.33
CA LEU B 665 1.92 -47.01 10.20
C LEU B 665 2.92 -47.33 9.09
N SER B 666 2.74 -48.46 8.39
CA SER B 666 3.67 -48.82 7.32
C SER B 666 3.61 -47.83 6.16
N CYS B 667 2.41 -47.56 5.67
CA CYS B 667 2.25 -46.63 4.55
C CYS B 667 2.72 -45.22 4.87
N PRO B 668 2.35 -44.61 6.00
CA PRO B 668 2.85 -43.24 6.27
C PRO B 668 4.37 -43.14 6.30
N ARG B 669 5.05 -44.15 6.83
CA ARG B 669 6.50 -44.15 6.88
C ARG B 669 7.15 -44.66 5.61
N LYS B 670 6.37 -45.30 4.72
CA LYS B 670 6.88 -45.84 3.45
C LYS B 670 8.06 -46.78 3.67
N VAL B 671 7.93 -47.69 4.63
CA VAL B 671 9.02 -48.58 4.97
C VAL B 671 8.56 -50.04 4.93
N TYR B 672 7.25 -50.26 4.92
CA TYR B 672 6.66 -51.60 4.87
C TYR B 672 7.11 -52.42 6.08
N THR B 673 6.66 -51.97 7.26
CA THR B 673 6.93 -52.68 8.50
C THR B 673 5.83 -53.72 8.73
N PRO B 674 6.12 -55.01 8.66
CA PRO B 674 5.11 -56.05 8.92
C PRO B 674 5.10 -56.58 10.35
N LEU B 675 5.87 -55.97 11.26
CA LEU B 675 6.01 -56.49 12.62
C LEU B 675 4.77 -56.13 13.45
N ASP B 676 3.70 -56.89 13.20
CA ASP B 676 2.48 -56.81 14.00
C ASP B 676 2.31 -58.06 14.86
N GLY B 677 3.41 -58.64 15.31
CA GLY B 677 3.38 -59.91 16.00
C GLY B 677 3.48 -61.12 15.09
N ARG B 678 3.95 -60.94 13.85
CA ARG B 678 4.07 -62.01 12.86
C ARG B 678 2.72 -62.67 12.61
N ARG B 679 1.66 -61.87 12.67
CA ARG B 679 0.30 -62.34 12.46
C ARG B 679 -0.09 -62.16 11.00
N SER B 680 -1.36 -62.41 10.68
CA SER B 680 -1.85 -62.28 9.32
C SER B 680 -3.35 -62.00 9.35
N ASN B 681 -3.87 -61.53 8.22
CA ASN B 681 -5.29 -61.24 8.06
C ASN B 681 -5.81 -61.90 6.79
N VAL B 682 -7.08 -62.28 6.82
CA VAL B 682 -7.68 -62.98 5.68
C VAL B 682 -7.71 -62.10 4.44
N VAL B 683 -8.04 -60.82 4.60
CA VAL B 683 -8.16 -59.92 3.45
C VAL B 683 -6.80 -59.73 2.77
N GLN B 684 -5.76 -59.47 3.58
CA GLN B 684 -4.44 -59.22 3.02
C GLN B 684 -3.87 -60.49 2.36
N THR B 685 -4.07 -61.64 3.01
CA THR B 685 -3.60 -62.89 2.40
C THR B 685 -4.33 -63.19 1.11
N ALA B 686 -5.65 -62.93 1.08
CA ALA B 686 -6.40 -63.11 -0.16
C ALA B 686 -5.91 -62.17 -1.25
N TRP B 687 -5.62 -60.92 -0.89
CA TRP B 687 -5.07 -59.98 -1.86
C TRP B 687 -3.75 -60.47 -2.42
N ALA B 688 -2.87 -60.95 -1.54
CA ALA B 688 -1.56 -61.44 -1.98
C ALA B 688 -1.71 -62.66 -2.90
N MET B 689 -2.58 -63.61 -2.52
CA MET B 689 -2.79 -64.79 -3.35
C MET B 689 -3.36 -64.43 -4.71
N LEU B 690 -4.34 -63.52 -4.74
CA LEU B 690 -4.91 -63.09 -6.02
C LEU B 690 -3.87 -62.39 -6.88
N GLY B 691 -3.05 -61.53 -6.29
CA GLY B 691 -2.02 -60.86 -7.04
C GLY B 691 -0.98 -61.82 -7.60
N LEU B 692 -0.58 -62.81 -6.80
CA LEU B 692 0.38 -63.80 -7.26
C LEU B 692 -0.22 -64.71 -8.33
N LEU B 693 -1.55 -64.93 -8.29
CA LEU B 693 -2.18 -65.84 -9.23
C LEU B 693 -2.15 -65.29 -10.66
N TYR B 694 -2.28 -63.97 -10.82
CA TYR B 694 -2.25 -63.37 -12.15
C TYR B 694 -0.91 -63.51 -12.84
N ALA B 695 0.15 -63.83 -12.10
CA ALA B 695 1.49 -63.97 -12.65
C ALA B 695 1.74 -65.34 -13.27
N GLY B 696 0.76 -66.23 -13.22
CA GLY B 696 0.95 -67.58 -13.77
C GLY B 696 1.80 -68.48 -12.92
N GLN B 697 1.91 -68.19 -11.61
CA GLN B 697 2.73 -68.99 -10.71
C GLN B 697 2.06 -70.28 -10.27
N ALA B 698 0.78 -70.48 -10.62
CA ALA B 698 0.12 -71.73 -10.28
C ALA B 698 0.79 -72.92 -10.94
N GLU B 699 1.15 -72.79 -12.22
CA GLU B 699 1.87 -73.84 -12.91
C GLU B 699 3.38 -73.77 -12.68
N ARG B 700 3.88 -72.66 -12.14
CA ARG B 700 5.31 -72.54 -11.89
C ARG B 700 5.72 -73.31 -10.63
N ASP B 701 5.18 -72.92 -9.48
CA ASP B 701 5.48 -73.59 -8.23
C ASP B 701 4.34 -73.35 -7.23
N PRO B 702 3.31 -74.18 -7.25
CA PRO B 702 2.18 -73.99 -6.33
C PRO B 702 2.42 -74.46 -4.90
N THR B 703 3.64 -74.88 -4.57
CA THR B 703 3.92 -75.34 -3.21
C THR B 703 3.68 -74.24 -2.17
N PRO B 704 4.17 -73.00 -2.35
CA PRO B 704 3.81 -71.96 -1.38
C PRO B 704 2.32 -71.68 -1.31
N LEU B 705 1.59 -71.90 -2.41
CA LEU B 705 0.15 -71.66 -2.43
C LEU B 705 -0.62 -72.62 -1.55
N HIS B 706 -0.05 -73.81 -1.27
CA HIS B 706 -0.76 -74.78 -0.44
C HIS B 706 -1.00 -74.24 0.96
N ARG B 707 0.06 -73.76 1.61
CA ARG B 707 -0.10 -73.18 2.94
C ARG B 707 -0.89 -71.88 2.89
N GLY B 708 -0.75 -71.11 1.80
CA GLY B 708 -1.55 -69.91 1.66
C GLY B 708 -3.04 -70.19 1.64
N ALA B 709 -3.43 -71.29 1.02
CA ALA B 709 -4.83 -71.71 1.04
C ALA B 709 -5.21 -72.34 2.38
N LYS B 710 -4.28 -73.06 3.01
CA LYS B 710 -4.60 -73.74 4.27
C LYS B 710 -4.76 -72.77 5.42
N VAL B 711 -4.09 -71.61 5.38
CA VAL B 711 -4.19 -70.65 6.47
C VAL B 711 -5.50 -69.89 6.40
N LEU B 712 -6.32 -70.21 5.41
CA LEU B 712 -7.63 -69.58 5.23
C LEU B 712 -8.79 -70.41 5.76
N ILE B 713 -8.70 -71.74 5.64
CA ILE B 713 -9.79 -72.61 6.06
C ILE B 713 -9.97 -72.58 7.57
N ASN B 714 -8.87 -72.48 8.32
CA ASN B 714 -8.97 -72.47 9.78
C ASN B 714 -9.69 -71.23 10.28
N TYR B 715 -9.46 -70.08 9.64
CA TYR B 715 -10.13 -68.84 10.04
C TYR B 715 -11.61 -68.83 9.68
N GLN B 716 -12.08 -69.80 8.91
CA GLN B 716 -13.50 -69.86 8.56
C GLN B 716 -14.33 -70.18 9.79
N MET B 717 -15.38 -69.38 10.01
CA MET B 717 -16.25 -69.56 11.16
C MET B 717 -17.33 -70.59 10.85
N GLU B 718 -17.70 -71.37 11.86
CA GLU B 718 -18.77 -72.36 11.70
C GLU B 718 -20.09 -71.68 11.36
N ASP B 719 -20.33 -70.49 11.89
CA ASP B 719 -21.53 -69.72 11.55
C ASP B 719 -21.41 -68.99 10.23
N GLY B 720 -20.26 -69.03 9.59
CA GLY B 720 -20.02 -68.35 8.33
C GLY B 720 -19.23 -67.07 8.52
N GLY B 721 -18.43 -66.73 7.51
CA GLY B 721 -17.61 -65.54 7.55
C GLY B 721 -16.30 -65.76 8.28
N TYR B 722 -15.53 -64.67 8.37
CA TYR B 722 -14.24 -64.67 9.06
C TYR B 722 -14.26 -63.62 10.17
N PRO B 723 -13.89 -64.00 11.39
CA PRO B 723 -14.00 -63.06 12.53
C PRO B 723 -12.87 -62.05 12.63
N GLN B 724 -11.93 -62.02 11.69
CA GLN B 724 -10.86 -61.03 11.73
C GLN B 724 -11.44 -59.63 11.56
N GLN B 725 -11.02 -58.71 12.42
CA GLN B 725 -11.53 -57.34 12.44
C GLN B 725 -10.36 -56.37 12.36
N GLU B 726 -10.17 -55.76 11.19
CA GLU B 726 -9.18 -54.72 11.02
C GLU B 726 -9.73 -53.69 10.03
N ILE B 727 -9.16 -52.48 10.08
CA ILE B 727 -9.64 -51.41 9.22
C ILE B 727 -9.42 -51.75 7.75
N THR B 728 -8.21 -52.22 7.41
CA THR B 728 -7.86 -52.60 6.04
C THR B 728 -8.12 -51.46 5.05
N GLY B 729 -7.84 -50.22 5.46
CA GLY B 729 -8.03 -49.08 4.61
C GLY B 729 -7.25 -47.86 5.05
N VAL B 730 -6.79 -47.05 4.09
CA VAL B 730 -6.08 -45.82 4.37
C VAL B 730 -6.70 -44.69 3.55
N PHE B 731 -6.51 -43.46 4.02
CA PHE B 731 -7.06 -42.28 3.35
C PHE B 731 -6.03 -41.17 3.40
N LYS B 732 -5.45 -40.84 2.25
CA LYS B 732 -4.51 -39.73 2.10
C LYS B 732 -3.32 -39.88 3.06
N MET B 733 -2.85 -41.12 3.22
CA MET B 733 -1.63 -41.49 3.93
C MET B 733 -1.67 -41.24 5.43
N ASN B 734 -2.74 -40.63 5.96
CA ASN B 734 -2.80 -40.38 7.39
C ASN B 734 -4.08 -40.93 8.00
N CYS B 735 -5.19 -40.82 7.27
CA CYS B 735 -6.48 -41.29 7.75
C CYS B 735 -6.69 -42.74 7.35
N MET B 736 -7.63 -43.39 8.03
CA MET B 736 -7.92 -44.80 7.83
C MET B 736 -9.40 -45.00 7.53
N LEU B 737 -9.71 -46.15 6.93
CA LEU B 737 -11.07 -46.48 6.57
C LEU B 737 -11.29 -47.97 6.82
N HIS B 738 -12.55 -48.35 6.95
CA HIS B 738 -12.94 -49.72 7.27
C HIS B 738 -14.01 -50.20 6.29
N TYR B 739 -13.92 -51.47 5.92
CA TYR B 739 -14.89 -52.10 5.02
C TYR B 739 -15.38 -53.38 5.68
N PRO B 740 -16.70 -53.53 5.92
CA PRO B 740 -17.18 -54.70 6.66
C PRO B 740 -17.33 -55.96 5.83
N ILE B 741 -17.46 -55.84 4.50
CA ILE B 741 -17.70 -57.01 3.66
C ILE B 741 -16.43 -57.58 3.05
N TYR B 742 -15.29 -56.89 3.19
CA TYR B 742 -14.03 -57.40 2.67
C TYR B 742 -13.61 -58.69 3.37
N ARG B 743 -14.16 -58.97 4.55
CA ARG B 743 -13.86 -60.22 5.25
C ARG B 743 -14.31 -61.43 4.46
N ASN B 744 -15.36 -61.28 3.65
CA ASN B 744 -15.96 -62.39 2.93
C ASN B 744 -15.83 -62.27 1.41
N ALA B 745 -15.81 -61.04 0.88
CA ALA B 745 -15.81 -60.87 -0.57
C ALA B 745 -14.55 -61.42 -1.20
N PHE B 746 -13.38 -61.16 -0.61
CA PHE B 746 -12.12 -61.52 -1.23
C PHE B 746 -11.73 -62.99 -1.05
N PRO B 747 -11.87 -63.59 0.14
CA PRO B 747 -11.54 -65.02 0.26
C PRO B 747 -12.32 -65.91 -0.69
N ILE B 748 -13.62 -65.62 -0.88
CA ILE B 748 -14.42 -66.41 -1.81
C ILE B 748 -13.93 -66.20 -3.24
N TRP B 749 -13.57 -64.97 -3.59
CA TRP B 749 -13.02 -64.70 -4.92
C TRP B 749 -11.74 -65.47 -5.16
N ALA B 750 -10.86 -65.51 -4.16
CA ALA B 750 -9.62 -66.26 -4.31
C ALA B 750 -9.86 -67.75 -4.42
N LEU B 751 -10.76 -68.29 -3.58
CA LEU B 751 -11.04 -69.72 -3.61
C LEU B 751 -11.73 -70.14 -4.91
N GLY B 752 -12.49 -69.23 -5.52
CA GLY B 752 -13.13 -69.56 -6.78
C GLY B 752 -12.14 -69.82 -7.90
N GLU B 753 -11.08 -69.01 -7.97
CA GLU B 753 -10.05 -69.18 -8.99
C GLU B 753 -8.95 -70.16 -8.57
N TYR B 754 -8.86 -70.49 -7.28
CA TYR B 754 -7.86 -71.46 -6.85
C TYR B 754 -8.09 -72.82 -7.50
N ARG B 755 -9.34 -73.27 -7.55
CA ARG B 755 -9.64 -74.54 -8.20
C ARG B 755 -9.54 -74.43 -9.72
N LYS B 756 -9.88 -73.27 -10.28
CA LYS B 756 -9.86 -73.11 -11.73
C LYS B 756 -8.43 -73.12 -12.28
N ARG B 757 -7.50 -72.48 -11.56
CA ARG B 757 -6.12 -72.41 -12.04
C ARG B 757 -5.40 -73.74 -11.85
N VAL B 758 -5.26 -74.19 -10.62
CA VAL B 758 -4.60 -75.45 -10.30
C VAL B 758 -5.67 -76.46 -9.89
N PRO B 759 -5.86 -77.54 -10.66
CA PRO B 759 -6.88 -78.54 -10.27
C PRO B 759 -6.61 -79.21 -8.93
N LEU B 760 -5.33 -79.45 -8.60
CA LEU B 760 -4.93 -80.15 -7.40
C LEU B 760 -5.68 -81.48 -7.28
N PRO B 761 -5.41 -82.44 -8.17
CA PRO B 761 -6.21 -83.67 -8.19
C PRO B 761 -6.02 -84.49 -6.92
N SER B 762 -7.13 -85.00 -6.39
CA SER B 762 -7.10 -85.87 -5.22
C SER B 762 -8.40 -86.66 -5.20
N LYS B 763 -8.30 -87.98 -5.38
CA LYS B 763 -9.49 -88.82 -5.43
C LYS B 763 -10.20 -88.93 -4.09
N GLY B 764 -9.50 -88.65 -2.99
CA GLY B 764 -10.09 -88.72 -1.67
C GLY B 764 -9.08 -88.74 -0.55
N MET C 1 54.06 -20.60 -37.79
CA MET C 1 55.10 -20.13 -36.89
C MET C 1 54.60 -20.07 -35.45
N TRP C 2 53.77 -21.05 -35.08
CA TRP C 2 53.19 -21.12 -33.73
C TRP C 2 53.91 -22.18 -32.92
N LYS C 3 54.42 -21.78 -31.75
CA LYS C 3 55.07 -22.68 -30.83
C LYS C 3 54.35 -22.65 -29.49
N LEU C 4 54.00 -23.83 -28.97
CA LEU C 4 53.33 -23.96 -27.69
C LEU C 4 54.37 -24.04 -26.58
N LYS C 5 54.32 -23.08 -25.66
CA LYS C 5 55.29 -23.00 -24.57
C LYS C 5 54.59 -22.60 -23.29
N VAL C 6 55.03 -23.17 -22.17
CA VAL C 6 54.53 -22.76 -20.87
C VAL C 6 54.85 -21.28 -20.67
N ALA C 7 53.97 -20.59 -19.92
CA ALA C 7 54.04 -19.13 -19.85
C ALA C 7 55.38 -18.65 -19.31
N GLU C 8 55.64 -18.90 -18.02
CA GLU C 8 56.86 -18.45 -17.35
C GLU C 8 57.15 -16.97 -17.62
N ARG C 9 56.09 -16.16 -17.68
CA ARG C 9 56.19 -14.73 -17.99
C ARG C 9 55.39 -13.92 -16.99
N GLY C 10 55.57 -14.20 -15.71
CA GLY C 10 54.83 -13.53 -14.66
C GLY C 10 55.15 -12.05 -14.50
N ASN C 11 56.20 -11.56 -15.15
CA ASN C 11 56.60 -10.16 -15.08
C ASN C 11 56.29 -9.51 -16.43
N ALA C 12 55.11 -8.90 -16.54
CA ALA C 12 54.65 -8.19 -17.72
C ALA C 12 54.69 -9.07 -18.97
N PRO C 13 53.78 -10.04 -19.11
CA PRO C 13 53.80 -10.88 -20.32
C PRO C 13 53.43 -10.13 -21.60
N TYR C 14 52.22 -9.54 -21.64
CA TYR C 14 51.79 -8.81 -22.83
C TYR C 14 51.59 -7.33 -22.53
N SER C 15 50.80 -6.98 -21.53
CA SER C 15 50.53 -5.58 -21.21
C SER C 15 50.64 -5.21 -19.74
N GLU C 16 50.53 -6.17 -18.81
CA GLU C 16 50.52 -5.84 -17.40
C GLU C 16 51.02 -7.03 -16.59
N TYR C 17 51.88 -6.76 -15.61
CA TYR C 17 52.41 -7.81 -14.76
C TYR C 17 51.34 -8.32 -13.80
N LEU C 18 51.33 -9.64 -13.60
CA LEU C 18 50.37 -10.29 -12.72
C LEU C 18 51.12 -11.04 -11.63
N TYR C 19 50.36 -11.71 -10.76
CA TYR C 19 50.91 -12.46 -9.65
C TYR C 19 50.39 -13.89 -9.69
N THR C 20 51.29 -14.84 -9.48
CA THR C 20 50.95 -16.25 -9.48
C THR C 20 50.86 -16.78 -8.06
N THR C 21 50.55 -18.06 -7.93
CA THR C 21 50.42 -18.73 -6.64
C THR C 21 51.46 -19.82 -6.42
N ASN C 22 51.85 -20.53 -7.47
CA ASN C 22 52.82 -21.61 -7.36
C ASN C 22 53.83 -21.53 -8.51
N ASP C 23 54.29 -20.32 -8.82
CA ASP C 23 55.26 -20.07 -9.88
C ASP C 23 54.78 -20.63 -11.22
N PHE C 24 53.56 -20.24 -11.61
CA PHE C 24 52.95 -20.68 -12.85
C PHE C 24 52.89 -22.20 -12.95
N SER C 25 52.16 -22.79 -12.00
CA SER C 25 51.98 -24.25 -11.95
C SER C 25 50.95 -24.64 -13.01
N GLY C 26 51.43 -24.86 -14.23
CA GLY C 26 50.58 -25.28 -15.32
C GLY C 26 49.95 -24.17 -16.12
N ARG C 27 50.48 -22.95 -16.05
CA ARG C 27 49.95 -21.87 -16.86
C ARG C 27 50.11 -22.17 -18.34
N GLN C 28 49.06 -21.90 -19.11
CA GLN C 28 49.03 -22.21 -20.54
C GLN C 28 49.05 -20.91 -21.33
N THR C 29 50.04 -20.77 -22.20
CA THR C 29 50.15 -19.62 -23.09
C THR C 29 50.60 -20.08 -24.47
N TRP C 30 50.29 -19.25 -25.47
CA TRP C 30 50.65 -19.55 -26.85
C TRP C 30 51.15 -18.26 -27.50
N GLU C 31 52.23 -18.37 -28.28
CA GLU C 31 52.86 -17.21 -28.88
C GLU C 31 53.09 -17.47 -30.36
N PHE C 32 52.98 -16.40 -31.15
CA PHE C 32 53.21 -16.44 -32.60
C PHE C 32 54.63 -15.98 -32.86
N ASP C 33 55.52 -16.93 -33.17
CA ASP C 33 56.91 -16.61 -33.38
C ASP C 33 57.08 -15.79 -34.66
N PRO C 34 57.95 -14.77 -34.64
CA PRO C 34 58.13 -13.94 -35.85
C PRO C 34 59.13 -14.52 -36.83
N ASN C 35 60.07 -15.34 -36.34
CA ASN C 35 61.16 -15.84 -37.17
C ASN C 35 61.13 -17.36 -37.37
N ALA C 36 60.09 -18.04 -36.92
CA ALA C 36 60.02 -19.49 -37.10
C ALA C 36 59.82 -19.84 -38.56
N GLY C 37 60.30 -21.04 -38.93
CA GLY C 37 60.17 -21.50 -40.29
C GLY C 37 60.93 -22.79 -40.57
N THR C 38 60.38 -23.63 -41.45
CA THR C 38 60.99 -24.90 -41.81
C THR C 38 60.57 -25.23 -43.24
N PRO C 39 61.49 -25.68 -44.09
CA PRO C 39 61.12 -26.00 -45.48
C PRO C 39 60.04 -27.05 -45.61
N GLN C 40 59.99 -28.04 -44.72
CA GLN C 40 59.02 -29.12 -44.82
C GLN C 40 58.03 -29.18 -43.68
N GLU C 41 58.44 -28.85 -42.45
CA GLU C 41 57.52 -28.91 -41.31
C GLU C 41 56.41 -27.87 -41.43
N LEU C 42 56.74 -26.68 -41.93
CA LEU C 42 55.72 -25.64 -42.09
C LEU C 42 54.67 -26.03 -43.11
N ALA C 43 55.02 -26.89 -44.06
CA ALA C 43 54.05 -27.35 -45.06
C ALA C 43 52.96 -28.22 -44.46
N LYS C 44 53.19 -28.77 -43.25
CA LYS C 44 52.18 -29.61 -42.62
C LYS C 44 51.00 -28.78 -42.12
N VAL C 45 51.21 -27.49 -41.86
CA VAL C 45 50.13 -26.64 -41.37
C VAL C 45 49.03 -26.50 -42.42
N GLU C 46 49.41 -26.30 -43.68
CA GLU C 46 48.42 -26.21 -44.75
C GLU C 46 47.66 -27.52 -44.90
N GLU C 47 48.37 -28.66 -44.78
CA GLU C 47 47.69 -29.95 -44.84
C GLU C 47 46.70 -30.11 -43.70
N ALA C 48 47.09 -29.72 -42.49
CA ALA C 48 46.18 -29.82 -41.34
C ALA C 48 44.96 -28.94 -41.54
N ARG C 49 45.15 -27.74 -42.07
CA ARG C 49 44.01 -26.86 -42.34
C ARG C 49 43.09 -27.46 -43.39
N ARG C 50 43.65 -27.93 -44.51
CA ARG C 50 42.82 -28.41 -45.62
C ARG C 50 42.12 -29.72 -45.29
N LYS C 51 42.73 -30.59 -44.48
CA LYS C 51 42.05 -31.83 -44.10
C LYS C 51 40.77 -31.54 -43.33
N PHE C 52 40.83 -30.62 -42.36
CA PHE C 52 39.62 -30.23 -41.66
C PHE C 52 38.65 -29.51 -42.58
N THR C 53 39.17 -28.64 -43.45
CA THR C 53 38.30 -27.90 -44.37
C THR C 53 37.52 -28.84 -45.29
N GLU C 54 38.10 -29.98 -45.65
CA GLU C 54 37.44 -30.91 -46.55
C GLU C 54 36.67 -32.01 -45.84
N ASP C 55 36.98 -32.31 -44.57
CA ASP C 55 36.28 -33.35 -43.82
C ASP C 55 35.41 -32.77 -42.71
N ARG C 56 35.12 -31.46 -42.76
CA ARG C 56 34.19 -30.88 -41.79
C ARG C 56 32.85 -31.59 -41.80
N HIS C 57 32.33 -31.92 -42.97
CA HIS C 57 31.03 -32.58 -43.05
C HIS C 57 31.08 -33.97 -42.42
N THR C 58 32.10 -34.76 -42.76
CA THR C 58 32.19 -36.11 -42.22
C THR C 58 32.57 -36.09 -40.75
N VAL C 59 33.57 -35.29 -40.38
CA VAL C 59 34.06 -35.21 -39.01
C VAL C 59 33.90 -33.76 -38.56
N LYS C 60 33.06 -33.54 -37.54
CA LYS C 60 32.80 -32.19 -37.05
C LYS C 60 33.96 -31.67 -36.19
N PRO C 61 34.41 -32.38 -35.14
CA PRO C 61 35.49 -31.87 -34.31
C PRO C 61 36.85 -32.12 -34.96
N ALA C 62 37.90 -31.72 -34.24
CA ALA C 62 39.27 -31.91 -34.70
C ALA C 62 40.18 -32.06 -33.51
N SER C 63 40.91 -33.17 -33.44
CA SER C 63 41.88 -33.39 -32.38
C SER C 63 43.10 -32.50 -32.58
N ASP C 64 43.74 -32.14 -31.48
CA ASP C 64 44.91 -31.25 -31.51
C ASP C 64 46.11 -32.03 -32.03
N LEU C 65 46.39 -31.88 -33.33
CA LEU C 65 47.52 -32.53 -33.98
C LEU C 65 48.74 -31.64 -34.11
N LEU C 66 48.54 -30.35 -34.40
CA LEU C 66 49.68 -29.43 -34.49
C LEU C 66 50.30 -29.18 -33.12
N TRP C 67 49.50 -29.27 -32.06
CA TRP C 67 50.04 -29.11 -30.71
C TRP C 67 50.98 -30.26 -30.36
N MET C 68 50.55 -31.50 -30.61
CA MET C 68 51.41 -32.65 -30.36
C MET C 68 52.51 -32.78 -31.41
N MET C 69 52.37 -32.11 -32.55
CA MET C 69 53.44 -32.11 -33.55
C MET C 69 54.70 -31.46 -33.01
N GLN C 70 54.55 -30.38 -32.24
CA GLN C 70 55.70 -29.67 -31.71
C GLN C 70 56.52 -30.52 -30.75
N PHE C 71 55.91 -31.52 -30.12
CA PHE C 71 56.60 -32.37 -29.16
C PHE C 71 57.25 -33.58 -29.81
N MET C 72 57.13 -33.75 -31.13
CA MET C 72 57.81 -34.81 -31.84
C MET C 72 59.29 -34.53 -32.04
N ARG C 73 59.65 -33.27 -32.29
CA ARG C 73 61.06 -32.90 -32.40
C ARG C 73 61.76 -32.90 -31.05
N GLU C 74 61.08 -32.47 -29.99
CA GLU C 74 61.68 -32.44 -28.67
C GLU C 74 61.93 -33.83 -28.12
N LYS C 75 61.16 -34.83 -28.57
CA LYS C 75 61.32 -36.22 -28.16
C LYS C 75 61.21 -37.07 -29.42
N ASN C 76 62.35 -37.32 -30.05
CA ASN C 76 62.40 -38.09 -31.30
C ASN C 76 62.45 -39.58 -30.97
N PHE C 77 61.30 -40.10 -30.54
CA PHE C 77 61.21 -41.51 -30.19
C PHE C 77 61.45 -42.39 -31.41
N LYS C 78 60.82 -42.05 -32.54
CA LYS C 78 61.00 -42.78 -33.80
C LYS C 78 60.74 -44.28 -33.64
N GLN C 79 59.70 -44.60 -32.87
CA GLN C 79 59.35 -45.99 -32.64
C GLN C 79 58.62 -46.57 -33.84
N THR C 80 58.94 -47.81 -34.20
CA THR C 80 58.36 -48.48 -35.36
C THR C 80 57.71 -49.78 -34.89
N ILE C 81 56.40 -49.74 -34.70
CA ILE C 81 55.62 -50.92 -34.35
C ILE C 81 54.35 -50.93 -35.20
N PRO C 82 54.15 -51.95 -36.04
CA PRO C 82 52.94 -52.00 -36.86
C PRO C 82 51.71 -52.18 -35.98
N PRO C 83 50.56 -51.67 -36.41
CA PRO C 83 49.33 -51.87 -35.62
C PRO C 83 48.92 -53.34 -35.61
N VAL C 84 48.91 -53.93 -34.42
CA VAL C 84 48.61 -55.35 -34.29
C VAL C 84 47.14 -55.58 -34.60
N ARG C 85 46.87 -56.43 -35.59
CA ARG C 85 45.51 -56.73 -36.05
C ARG C 85 45.25 -58.22 -35.92
N LEU C 86 44.12 -58.57 -35.31
CA LEU C 86 43.70 -59.96 -35.16
C LEU C 86 42.28 -60.09 -35.68
N GLY C 87 42.03 -61.18 -36.43
CA GLY C 87 40.72 -61.43 -36.99
C GLY C 87 40.39 -62.92 -36.96
N GLU C 88 39.18 -63.23 -37.46
CA GLU C 88 38.67 -64.59 -37.54
C GLU C 88 38.65 -65.27 -36.17
N GLU C 89 38.31 -64.49 -35.13
CA GLU C 89 38.16 -64.98 -33.77
C GLU C 89 39.44 -65.66 -33.25
N GLU C 90 40.60 -65.11 -33.61
CA GLU C 90 41.85 -65.64 -33.09
C GLU C 90 42.09 -65.12 -31.68
N GLN C 91 42.37 -66.02 -30.76
CA GLN C 91 42.62 -65.64 -29.38
C GLN C 91 43.97 -64.93 -29.26
N VAL C 92 43.98 -63.79 -28.57
CA VAL C 92 45.21 -63.02 -28.39
C VAL C 92 45.93 -63.50 -27.14
N THR C 93 47.25 -63.31 -27.12
CA THR C 93 48.10 -63.69 -26.01
C THR C 93 48.64 -62.44 -25.33
N TYR C 94 49.53 -62.66 -24.35
CA TYR C 94 50.15 -61.53 -23.67
C TYR C 94 51.08 -60.76 -24.60
N GLU C 95 51.62 -61.43 -25.63
CA GLU C 95 52.64 -60.81 -26.47
C GLU C 95 52.08 -59.64 -27.27
N ASP C 96 50.96 -59.85 -27.96
CA ASP C 96 50.39 -58.77 -28.77
C ASP C 96 49.92 -57.61 -27.91
N LEU C 97 49.28 -57.90 -26.78
CA LEU C 97 48.82 -56.84 -25.89
C LEU C 97 50.00 -56.06 -25.31
N THR C 98 51.06 -56.75 -24.92
CA THR C 98 52.24 -56.06 -24.39
C THR C 98 52.90 -55.21 -25.46
N THR C 99 52.96 -55.70 -26.70
CA THR C 99 53.52 -54.89 -27.79
C THR C 99 52.68 -53.64 -28.03
N ALA C 100 51.35 -53.80 -28.04
CA ALA C 100 50.47 -52.64 -28.23
C ALA C 100 50.63 -51.63 -27.09
N LEU C 101 50.73 -52.12 -25.85
CA LEU C 101 50.93 -51.23 -24.72
C LEU C 101 52.28 -50.51 -24.82
N THR C 102 53.33 -51.23 -25.22
CA THR C 102 54.64 -50.62 -25.38
C THR C 102 54.64 -49.54 -26.44
N ARG C 103 53.91 -49.76 -27.54
CA ARG C 103 53.82 -48.74 -28.58
C ARG C 103 52.95 -47.55 -28.20
N THR C 104 51.87 -47.78 -27.46
CA THR C 104 50.91 -46.71 -27.18
C THR C 104 51.12 -46.01 -25.85
N THR C 105 52.05 -46.48 -25.01
CA THR C 105 52.28 -45.87 -23.71
C THR C 105 53.53 -45.01 -23.65
N ASN C 106 54.62 -45.44 -24.31
CA ASN C 106 55.86 -44.66 -24.24
C ASN C 106 55.68 -43.30 -24.89
N PHE C 107 55.06 -43.25 -26.06
CA PHE C 107 54.82 -41.97 -26.71
C PHE C 107 53.79 -41.14 -25.96
N PHE C 108 52.81 -41.78 -25.33
CA PHE C 108 51.82 -41.05 -24.54
C PHE C 108 52.48 -40.38 -23.34
N THR C 109 53.35 -41.10 -22.64
CA THR C 109 54.01 -40.53 -21.47
C THR C 109 55.15 -39.60 -21.85
N ALA C 110 55.68 -39.68 -23.06
CA ALA C 110 56.68 -38.74 -23.56
C ALA C 110 56.06 -37.57 -24.30
N LEU C 111 54.73 -37.56 -24.47
CA LEU C 111 54.08 -36.44 -25.15
C LEU C 111 54.32 -35.14 -24.41
N GLN C 112 54.02 -35.11 -23.10
CA GLN C 112 54.33 -33.97 -22.26
C GLN C 112 54.35 -34.43 -20.82
N ALA C 113 55.54 -34.45 -20.21
CA ALA C 113 55.67 -34.81 -18.80
C ALA C 113 56.65 -33.92 -18.07
N SER C 114 57.18 -32.87 -18.70
CA SER C 114 58.14 -31.99 -18.04
C SER C 114 57.48 -31.24 -16.89
N ASP C 115 56.32 -30.62 -17.14
CA ASP C 115 55.63 -29.90 -16.07
C ASP C 115 54.97 -30.86 -15.10
N GLY C 116 54.38 -31.94 -15.59
CA GLY C 116 53.72 -32.91 -14.74
C GLY C 116 52.29 -33.18 -15.15
N HIS C 117 51.92 -32.78 -16.35
CA HIS C 117 50.57 -32.99 -16.86
C HIS C 117 50.62 -32.89 -18.38
N TRP C 118 49.45 -33.03 -19.01
CA TRP C 118 49.33 -32.88 -20.45
C TRP C 118 48.37 -31.75 -20.78
N PRO C 119 48.73 -30.87 -21.72
CA PRO C 119 47.82 -29.77 -22.09
C PRO C 119 46.52 -30.28 -22.69
N ALA C 120 45.42 -30.07 -21.98
CA ALA C 120 44.11 -30.49 -22.42
C ALA C 120 43.33 -29.31 -22.99
N GLU C 121 42.21 -29.61 -23.64
CA GLU C 121 41.37 -28.60 -24.26
C GLU C 121 39.90 -28.90 -23.98
N ASN C 122 39.10 -27.84 -23.99
CA ASN C 122 37.66 -27.96 -23.81
C ASN C 122 37.00 -28.14 -25.19
N GLY C 123 35.68 -28.00 -25.24
CA GLY C 123 34.95 -28.13 -26.47
C GLY C 123 34.63 -26.78 -27.09
N GLY C 124 35.13 -26.57 -28.30
CA GLY C 124 34.86 -25.33 -29.01
C GLY C 124 33.42 -25.27 -29.46
N VAL C 125 32.65 -24.34 -28.93
CA VAL C 125 31.24 -24.20 -29.26
C VAL C 125 30.91 -22.90 -29.96
N SER C 126 31.86 -21.97 -30.07
CA SER C 126 31.66 -20.67 -30.72
C SER C 126 30.47 -19.94 -30.09
N PHE C 127 30.51 -19.81 -28.77
CA PHE C 127 29.42 -19.20 -28.01
C PHE C 127 29.87 -18.05 -27.12
N PHE C 128 31.06 -18.11 -26.55
CA PHE C 128 31.55 -17.08 -25.64
C PHE C 128 32.67 -16.24 -26.22
N LEU C 129 32.98 -16.42 -27.51
CA LEU C 129 33.99 -15.61 -28.17
C LEU C 129 33.42 -14.26 -28.62
N PRO C 130 32.20 -14.18 -29.16
CA PRO C 130 31.62 -12.87 -29.49
C PRO C 130 31.56 -11.94 -28.29
N PRO C 131 31.30 -12.42 -27.07
CA PRO C 131 31.46 -11.52 -25.92
C PRO C 131 32.86 -10.93 -25.79
N PHE C 132 33.90 -11.73 -26.02
CA PHE C 132 35.26 -11.21 -25.98
C PHE C 132 35.49 -10.18 -27.08
N ILE C 133 34.98 -10.44 -28.28
CA ILE C 133 35.14 -9.49 -29.39
C ILE C 133 34.44 -8.19 -29.06
N PHE C 134 33.22 -8.27 -28.52
CA PHE C 134 32.48 -7.06 -28.16
C PHE C 134 33.21 -6.28 -27.06
N SER C 135 33.75 -6.98 -26.07
CA SER C 135 34.49 -6.31 -25.01
C SER C 135 35.71 -5.59 -25.55
N LEU C 136 36.48 -6.26 -26.42
CA LEU C 136 37.67 -5.65 -26.98
C LEU C 136 37.33 -4.49 -27.91
N TYR C 137 36.18 -4.56 -28.59
CA TYR C 137 35.75 -3.44 -29.42
C TYR C 137 35.29 -2.26 -28.58
N ILE C 138 34.61 -2.52 -27.46
CA ILE C 138 34.08 -1.44 -26.64
C ILE C 138 35.18 -0.78 -25.81
N THR C 139 36.23 -1.52 -25.45
CA THR C 139 37.31 -0.95 -24.66
C THR C 139 38.30 -0.15 -25.48
N GLY C 140 38.25 -0.25 -26.81
CA GLY C 140 39.17 0.47 -27.67
C GLY C 140 40.53 -0.15 -27.81
N HIS C 141 40.77 -1.32 -27.21
CA HIS C 141 42.06 -2.00 -27.26
C HIS C 141 42.06 -3.17 -28.24
N LEU C 142 41.08 -3.22 -29.15
CA LEU C 142 41.02 -4.31 -30.12
C LEU C 142 42.27 -4.34 -31.00
N ASN C 143 42.68 -3.17 -31.49
CA ASN C 143 43.86 -3.10 -32.33
C ASN C 143 45.12 -3.47 -31.55
N SER C 144 45.22 -3.01 -30.30
CA SER C 144 46.40 -3.30 -29.49
C SER C 144 46.50 -4.78 -29.15
N ILE C 145 45.38 -5.41 -28.81
CA ILE C 145 45.43 -6.79 -28.33
C ILE C 145 45.35 -7.78 -29.50
N ILE C 146 44.41 -7.57 -30.42
CA ILE C 146 44.19 -8.47 -31.54
C ILE C 146 45.11 -8.03 -32.68
N THR C 147 46.16 -8.80 -32.92
CA THR C 147 47.04 -8.54 -34.05
C THR C 147 46.36 -8.94 -35.36
N PRO C 148 46.74 -8.33 -36.48
CA PRO C 148 46.11 -8.69 -37.76
C PRO C 148 46.27 -10.16 -38.14
N GLU C 149 47.36 -10.80 -37.71
CA GLU C 149 47.53 -12.22 -38.00
C GLU C 149 46.50 -13.08 -37.26
N TYR C 150 45.98 -12.59 -36.13
CA TYR C 150 44.91 -13.29 -35.45
C TYR C 150 43.58 -13.16 -36.18
N ARG C 151 43.39 -12.09 -36.96
CA ARG C 151 42.14 -11.88 -37.67
C ARG C 151 41.88 -12.98 -38.69
N LYS C 152 42.92 -13.33 -39.46
CA LYS C 152 42.74 -14.40 -40.45
C LYS C 152 42.47 -15.74 -39.78
N GLU C 153 43.12 -15.99 -38.64
CA GLU C 153 42.90 -17.25 -37.93
C GLU C 153 41.47 -17.34 -37.40
N ILE C 154 40.96 -16.25 -36.80
CA ILE C 154 39.59 -16.31 -36.30
C ILE C 154 38.58 -16.36 -37.44
N LEU C 155 38.88 -15.69 -38.56
CA LEU C 155 38.00 -15.79 -39.73
C LEU C 155 37.95 -17.21 -40.25
N ARG C 156 39.11 -17.89 -40.31
CA ARG C 156 39.12 -19.28 -40.75
C ARG C 156 38.40 -20.19 -39.75
N PHE C 157 38.51 -19.89 -38.46
CA PHE C 157 37.78 -20.65 -37.46
C PHE C 157 36.27 -20.52 -37.67
N ILE C 158 35.81 -19.29 -37.93
CA ILE C 158 34.38 -19.07 -38.17
C ILE C 158 33.94 -19.78 -39.44
N TYR C 159 34.72 -19.68 -40.51
CA TYR C 159 34.35 -20.25 -41.80
C TYR C 159 34.43 -21.76 -41.82
N ASN C 160 35.29 -22.38 -41.00
CA ASN C 160 35.50 -23.82 -41.08
C ASN C 160 34.25 -24.61 -40.72
N HIS C 161 33.53 -24.19 -39.68
CA HIS C 161 32.34 -24.90 -39.22
C HIS C 161 31.13 -23.96 -39.35
N GLN C 162 30.55 -23.93 -40.54
CA GLN C 162 29.32 -23.18 -40.79
C GLN C 162 28.33 -24.11 -41.49
N ASN C 163 27.11 -24.17 -40.96
CA ASN C 163 26.09 -25.02 -41.55
C ASN C 163 25.70 -24.51 -42.93
N GLU C 164 25.61 -25.41 -43.90
CA GLU C 164 25.27 -25.02 -45.26
C GLU C 164 23.84 -24.49 -45.36
N ASP C 165 22.95 -24.92 -44.45
CA ASP C 165 21.59 -24.41 -44.45
C ASP C 165 21.51 -22.96 -43.99
N GLY C 166 22.53 -22.48 -43.27
CA GLY C 166 22.53 -21.10 -42.78
C GLY C 166 22.44 -20.99 -41.29
N GLY C 167 21.62 -21.84 -40.67
CA GLY C 167 21.45 -21.85 -39.23
C GLY C 167 22.57 -22.55 -38.49
N TRP C 168 23.28 -21.82 -37.64
CA TRP C 168 24.42 -22.37 -36.90
C TRP C 168 23.91 -23.24 -35.75
N GLY C 169 24.82 -23.64 -34.88
CA GLY C 169 24.46 -24.42 -33.71
C GLY C 169 25.05 -23.82 -32.45
N ILE C 170 24.41 -24.12 -31.32
CA ILE C 170 24.91 -23.66 -30.03
C ILE C 170 26.27 -24.26 -29.74
N HIS C 171 26.43 -25.55 -29.99
CA HIS C 171 27.70 -26.24 -29.88
C HIS C 171 28.29 -26.47 -31.26
N ILE C 172 29.40 -27.21 -31.32
CA ILE C 172 30.05 -27.46 -32.61
C ILE C 172 29.15 -28.30 -33.51
N GLU C 173 28.48 -29.30 -32.95
CA GLU C 173 27.61 -30.19 -33.72
C GLU C 173 26.15 -29.78 -33.63
N GLY C 174 25.88 -28.49 -33.50
CA GLY C 174 24.52 -28.00 -33.42
C GLY C 174 23.85 -27.97 -34.79
N HIS C 175 22.60 -27.50 -34.78
CA HIS C 175 21.80 -27.50 -36.00
C HIS C 175 20.71 -26.43 -35.88
N SER C 176 20.78 -25.43 -36.75
CA SER C 176 19.70 -24.45 -36.94
C SER C 176 19.36 -23.71 -35.64
N THR C 177 20.35 -22.97 -35.14
CA THR C 177 20.16 -22.12 -33.98
C THR C 177 20.11 -20.65 -34.38
N MET C 178 19.50 -19.84 -33.53
CA MET C 178 19.39 -18.40 -33.74
C MET C 178 20.39 -17.59 -32.95
N PHE C 179 20.67 -17.98 -31.70
CA PHE C 179 21.65 -17.26 -30.90
C PHE C 179 23.03 -17.34 -31.52
N GLY C 180 23.48 -18.57 -31.82
CA GLY C 180 24.82 -18.74 -32.37
C GLY C 180 25.00 -18.07 -33.72
N THR C 181 24.00 -18.21 -34.61
CA THR C 181 24.11 -17.60 -35.94
C THR C 181 24.22 -16.09 -35.84
N ALA C 182 23.33 -15.46 -35.07
CA ALA C 182 23.35 -14.01 -34.94
C ALA C 182 24.64 -13.52 -34.29
N PHE C 183 25.09 -14.20 -33.21
CA PHE C 183 26.31 -13.77 -32.54
C PHE C 183 27.52 -13.91 -33.45
N SER C 184 27.61 -15.02 -34.19
CA SER C 184 28.73 -15.20 -35.12
C SER C 184 28.70 -14.16 -36.22
N TYR C 185 27.52 -13.87 -36.77
CA TYR C 185 27.44 -12.86 -37.82
C TYR C 185 27.86 -11.49 -37.30
N VAL C 186 27.38 -11.11 -36.11
CA VAL C 186 27.73 -9.81 -35.57
C VAL C 186 29.21 -9.72 -35.26
N CYS C 187 29.79 -10.77 -34.66
CA CYS C 187 31.21 -10.75 -34.33
C CYS C 187 32.07 -10.70 -35.59
N LEU C 188 31.67 -11.42 -36.64
CA LEU C 188 32.42 -11.37 -37.89
C LEU C 188 32.30 -10.02 -38.58
N ARG C 189 31.12 -9.39 -38.49
CA ARG C 189 30.92 -8.10 -39.16
C ARG C 189 31.58 -6.95 -38.42
N ILE C 190 31.68 -7.04 -37.08
CA ILE C 190 32.19 -5.93 -36.29
C ILE C 190 33.71 -5.79 -36.34
N LEU C 191 34.43 -6.84 -36.76
CA LEU C 191 35.88 -6.81 -36.77
C LEU C 191 36.45 -6.21 -38.04
N GLY C 192 35.68 -5.41 -38.76
CA GLY C 192 36.18 -4.69 -39.92
C GLY C 192 36.12 -5.42 -41.24
N ILE C 193 35.29 -6.46 -41.34
CA ILE C 193 35.13 -7.22 -42.57
C ILE C 193 33.83 -6.79 -43.23
N GLU C 194 33.87 -6.55 -44.54
CA GLU C 194 32.72 -6.05 -45.28
C GLU C 194 31.74 -7.18 -45.59
N VAL C 195 30.76 -6.88 -46.42
CA VAL C 195 29.70 -7.81 -46.78
C VAL C 195 29.95 -8.35 -48.18
N ASP C 196 29.93 -9.68 -48.32
CA ASP C 196 30.11 -10.33 -49.61
C ASP C 196 29.08 -11.45 -49.73
N GLY C 197 29.23 -12.29 -50.74
CA GLY C 197 28.29 -13.37 -50.97
C GLY C 197 28.95 -14.68 -51.36
N GLY C 198 30.27 -14.76 -51.21
CA GLY C 198 31.01 -15.96 -51.54
C GLY C 198 30.90 -17.03 -50.48
N LYS C 199 31.51 -18.18 -50.77
CA LYS C 199 31.52 -19.28 -49.81
C LYS C 199 32.35 -18.93 -48.58
N ASP C 200 33.50 -18.27 -48.76
CA ASP C 200 34.32 -17.89 -47.63
C ASP C 200 33.66 -16.79 -46.81
N ASN C 201 33.15 -15.76 -47.47
CA ASN C 201 32.43 -14.67 -46.82
C ASN C 201 30.94 -14.91 -47.05
N ALA C 202 30.34 -15.68 -46.15
CA ALA C 202 28.97 -16.18 -46.31
C ALA C 202 27.94 -15.29 -45.61
N CYS C 203 28.18 -13.98 -45.59
CA CYS C 203 27.20 -13.07 -44.99
C CYS C 203 25.87 -13.12 -45.74
N ALA C 204 25.91 -13.15 -47.07
CA ALA C 204 24.68 -13.23 -47.86
C ALA C 204 23.95 -14.53 -47.59
N ARG C 205 24.69 -15.62 -47.41
CA ARG C 205 24.04 -16.90 -47.08
C ARG C 205 23.32 -16.82 -45.74
N ALA C 206 23.94 -16.18 -44.75
CA ALA C 206 23.30 -16.02 -43.45
C ALA C 206 22.16 -15.01 -43.47
N ARG C 207 22.14 -14.10 -44.44
CA ARG C 207 21.06 -13.12 -44.54
C ARG C 207 19.71 -13.81 -44.72
N LYS C 208 19.65 -14.82 -45.59
CA LYS C 208 18.39 -15.51 -45.82
C LYS C 208 17.86 -16.19 -44.57
N TRP C 209 18.74 -16.80 -43.77
CA TRP C 209 18.32 -17.46 -42.55
C TRP C 209 17.98 -16.47 -41.44
N ILE C 210 18.65 -15.32 -41.40
CA ILE C 210 18.35 -14.32 -40.38
C ILE C 210 17.00 -13.65 -40.67
N LEU C 211 16.75 -13.30 -41.93
CA LEU C 211 15.59 -12.49 -42.26
C LEU C 211 14.29 -13.29 -42.17
N ASP C 212 14.31 -14.58 -42.50
CA ASP C 212 13.09 -15.38 -42.54
C ASP C 212 12.72 -15.98 -41.20
N HIS C 213 13.26 -15.44 -40.10
CA HIS C 213 12.95 -15.92 -38.76
C HIS C 213 12.51 -14.75 -37.88
N GLY C 214 11.71 -13.85 -38.43
CA GLY C 214 11.16 -12.74 -37.65
C GLY C 214 12.20 -11.80 -37.08
N GLY C 215 13.20 -11.43 -37.87
CA GLY C 215 14.24 -10.55 -37.36
C GLY C 215 15.08 -11.23 -36.31
N ILE C 216 15.57 -10.44 -35.36
CA ILE C 216 16.40 -10.95 -34.27
C ILE C 216 15.66 -10.93 -32.94
N THR C 217 14.32 -10.90 -32.97
CA THR C 217 13.52 -10.87 -31.76
C THR C 217 13.21 -12.25 -31.21
N TYR C 218 13.64 -13.31 -31.89
CA TYR C 218 13.39 -14.68 -31.44
C TYR C 218 14.58 -15.31 -30.72
N MET C 219 15.68 -14.58 -30.57
CA MET C 219 16.83 -15.09 -29.84
C MET C 219 16.54 -15.08 -28.34
N PRO C 220 17.27 -15.90 -27.56
CA PRO C 220 17.04 -15.94 -26.11
C PRO C 220 17.40 -14.64 -25.42
N SER C 221 17.18 -14.59 -24.10
CA SER C 221 17.33 -13.33 -23.36
C SER C 221 18.78 -12.84 -23.36
N TRP C 222 19.74 -13.75 -23.36
CA TRP C 222 21.15 -13.34 -23.35
C TRP C 222 21.50 -12.53 -24.59
N GLY C 223 21.01 -12.96 -25.76
CA GLY C 223 21.29 -12.23 -26.98
C GLY C 223 20.69 -10.84 -26.98
N LYS C 224 19.44 -10.71 -26.52
CA LYS C 224 18.81 -9.41 -26.44
C LYS C 224 19.54 -8.50 -25.45
N THR C 225 19.94 -9.04 -24.31
CA THR C 225 20.67 -8.23 -23.32
C THR C 225 22.01 -7.78 -23.87
N TRP C 226 22.73 -8.67 -24.56
CA TRP C 226 24.03 -8.30 -25.11
C TRP C 226 23.89 -7.26 -26.22
N LEU C 227 22.91 -7.43 -27.11
CA LEU C 227 22.74 -6.48 -28.20
C LEU C 227 22.16 -5.16 -27.72
N SER C 228 21.49 -5.14 -26.57
CA SER C 228 21.02 -3.88 -26.00
C SER C 228 22.16 -3.00 -25.53
N ILE C 229 23.32 -3.59 -25.23
CA ILE C 229 24.47 -2.80 -24.80
C ILE C 229 25.23 -2.24 -26.00
N LEU C 230 25.28 -2.99 -27.11
CA LEU C 230 26.02 -2.58 -28.29
C LEU C 230 25.21 -1.64 -29.20
N GLY C 231 24.13 -1.05 -28.70
CA GLY C 231 23.34 -0.15 -29.51
C GLY C 231 22.55 -0.80 -30.62
N VAL C 232 22.24 -2.09 -30.50
CA VAL C 232 21.47 -2.82 -31.49
C VAL C 232 20.05 -3.08 -31.01
N TYR C 233 19.90 -3.50 -29.76
CA TYR C 233 18.60 -3.76 -29.16
C TYR C 233 18.26 -2.67 -28.16
N ASP C 234 17.03 -2.73 -27.65
CA ASP C 234 16.52 -1.75 -26.70
C ASP C 234 16.24 -2.42 -25.36
N TRP C 235 16.44 -1.65 -24.28
CA TRP C 235 16.20 -2.17 -22.93
C TRP C 235 14.73 -2.49 -22.68
N TYR C 236 13.81 -1.85 -23.40
CA TYR C 236 12.39 -2.14 -23.24
C TYR C 236 11.99 -3.46 -23.89
N GLY C 237 12.83 -4.01 -24.76
CA GLY C 237 12.51 -5.27 -25.41
C GLY C 237 12.90 -6.50 -24.63
N CYS C 238 13.76 -6.37 -23.63
CA CYS C 238 14.19 -7.48 -22.80
C CYS C 238 13.38 -7.49 -21.50
N ASN C 239 13.77 -8.36 -20.57
CA ASN C 239 13.06 -8.45 -19.30
C ASN C 239 13.84 -7.70 -18.21
N PRO C 240 13.14 -7.07 -17.27
CA PRO C 240 13.83 -6.32 -16.23
C PRO C 240 14.53 -7.24 -15.24
N MET C 241 15.76 -6.87 -14.88
CA MET C 241 16.56 -7.58 -13.88
C MET C 241 17.11 -6.54 -12.90
N PRO C 242 16.32 -6.13 -11.91
CA PRO C 242 16.77 -5.11 -10.96
C PRO C 242 17.99 -5.58 -10.18
N PRO C 243 18.93 -4.69 -9.88
CA PRO C 243 20.10 -5.05 -9.09
C PRO C 243 19.93 -4.95 -7.57
N GLU C 244 18.69 -4.89 -7.08
CA GLU C 244 18.43 -4.75 -5.65
C GLU C 244 18.23 -6.08 -4.93
N PHE C 245 18.47 -7.21 -5.61
CA PHE C 245 18.31 -8.52 -4.99
C PHE C 245 19.30 -8.77 -3.86
N TRP C 246 20.41 -8.02 -3.82
CA TRP C 246 21.47 -8.25 -2.85
C TRP C 246 21.23 -7.51 -1.53
N LEU C 247 20.06 -6.91 -1.34
CA LEU C 247 19.74 -6.13 -0.15
C LEU C 247 18.59 -6.85 0.58
N LEU C 248 18.93 -7.64 1.58
CA LEU C 248 17.94 -8.38 2.36
C LEU C 248 18.62 -8.94 3.60
N PRO C 249 17.86 -9.28 4.65
CA PRO C 249 18.47 -9.87 5.85
C PRO C 249 18.68 -11.36 5.72
N SER C 250 18.60 -11.88 4.49
CA SER C 250 18.77 -13.31 4.21
C SER C 250 17.71 -14.15 4.91
N TYR C 251 16.56 -13.56 5.18
CA TYR C 251 15.44 -14.28 5.78
C TYR C 251 14.30 -14.55 4.81
N LEU C 252 14.22 -13.80 3.71
CA LEU C 252 13.23 -14.08 2.69
C LEU C 252 13.55 -15.40 1.98
N PRO C 253 12.54 -16.08 1.42
CA PRO C 253 12.80 -17.35 0.74
C PRO C 253 13.71 -17.24 -0.47
N ILE C 254 13.84 -16.05 -1.06
CA ILE C 254 14.68 -15.84 -2.23
C ILE C 254 15.78 -14.85 -1.82
N HIS C 255 17.00 -15.34 -1.67
CA HIS C 255 18.14 -14.51 -1.33
C HIS C 255 19.34 -14.96 -2.13
N PRO C 256 20.34 -14.09 -2.33
CA PRO C 256 21.51 -14.49 -3.13
C PRO C 256 22.28 -15.67 -2.57
N ALA C 257 22.18 -15.94 -1.27
CA ALA C 257 22.82 -17.11 -0.68
C ALA C 257 22.06 -18.40 -0.97
N LYS C 258 21.05 -18.35 -1.83
CA LYS C 258 20.24 -19.51 -2.18
C LYS C 258 20.46 -19.99 -3.61
N ILE C 259 20.70 -19.08 -4.54
CA ILE C 259 20.87 -19.42 -5.95
C ILE C 259 22.24 -20.04 -6.18
N TRP C 260 22.44 -20.64 -7.35
CA TRP C 260 23.70 -21.28 -7.68
C TRP C 260 24.81 -20.24 -7.82
N CYS C 261 26.05 -20.70 -7.60
CA CYS C 261 27.19 -19.80 -7.64
C CYS C 261 27.39 -19.21 -9.04
N TYR C 262 27.28 -20.05 -10.07
CA TYR C 262 27.50 -19.56 -11.43
C TYR C 262 26.48 -18.51 -11.82
N CYS C 263 25.20 -18.76 -11.53
CA CYS C 263 24.16 -17.78 -11.83
C CYS C 263 24.38 -16.50 -11.04
N ARG C 264 24.75 -16.63 -9.76
CA ARG C 264 24.98 -15.46 -8.92
C ARG C 264 26.13 -14.61 -9.44
N MET C 265 27.21 -15.23 -9.89
CA MET C 265 28.37 -14.50 -10.41
C MET C 265 28.20 -14.04 -11.84
N VAL C 266 27.23 -14.58 -12.58
CA VAL C 266 26.99 -14.15 -13.96
C VAL C 266 25.97 -13.03 -14.02
N TYR C 267 24.83 -13.17 -13.33
CA TYR C 267 23.77 -12.17 -13.42
C TYR C 267 24.06 -10.91 -12.63
N MET C 268 24.99 -10.95 -11.67
CA MET C 268 25.30 -9.75 -10.91
C MET C 268 25.89 -8.65 -11.78
N PRO C 269 26.88 -8.89 -12.65
CA PRO C 269 27.25 -7.85 -13.62
C PRO C 269 26.11 -7.48 -14.55
N MET C 270 25.26 -8.44 -14.92
CA MET C 270 24.07 -8.11 -15.69
C MET C 270 23.14 -7.19 -14.90
N SER C 271 22.98 -7.44 -13.60
CA SER C 271 22.16 -6.58 -12.77
C SER C 271 22.73 -5.17 -12.71
N TYR C 272 24.05 -5.06 -12.55
CA TYR C 272 24.67 -3.73 -12.51
C TYR C 272 24.50 -3.00 -13.84
N LEU C 273 24.70 -3.71 -14.96
CA LEU C 273 24.55 -3.08 -16.27
C LEU C 273 23.12 -2.63 -16.51
N TYR C 274 22.13 -3.44 -16.10
CA TYR C 274 20.75 -3.05 -16.24
C TYR C 274 20.41 -1.85 -15.35
N GLY C 275 20.94 -1.83 -14.13
CA GLY C 275 20.68 -0.71 -13.24
C GLY C 275 21.27 0.59 -13.76
N LYS C 276 22.49 0.54 -14.31
CA LYS C 276 23.13 1.73 -14.83
C LYS C 276 22.58 2.14 -16.20
N ARG C 277 21.89 1.23 -16.90
CA ARG C 277 21.34 1.51 -18.22
C ARG C 277 22.43 1.94 -19.20
N PHE C 278 23.60 1.32 -19.07
CA PHE C 278 24.75 1.71 -19.88
C PHE C 278 24.57 1.26 -21.33
N VAL C 279 24.85 2.17 -22.26
CA VAL C 279 24.81 1.88 -23.69
C VAL C 279 26.13 2.35 -24.29
N GLY C 280 26.75 1.48 -25.09
CA GLY C 280 28.01 1.80 -25.72
C GLY C 280 27.86 2.88 -26.77
N PRO C 281 28.97 3.55 -27.11
CA PRO C 281 28.90 4.60 -28.14
C PRO C 281 28.44 4.05 -29.48
N ILE C 282 27.66 4.85 -30.19
CA ILE C 282 27.11 4.46 -31.48
C ILE C 282 28.10 4.89 -32.55
N THR C 283 29.00 3.99 -32.92
CA THR C 283 29.98 4.25 -33.96
C THR C 283 29.30 4.26 -35.34
N PRO C 284 29.94 4.83 -36.35
CA PRO C 284 29.35 4.81 -37.70
C PRO C 284 29.06 3.41 -38.21
N LEU C 285 29.81 2.39 -37.76
CA LEU C 285 29.49 1.02 -38.12
C LEU C 285 28.16 0.58 -37.52
N ILE C 286 27.87 1.00 -36.29
CA ILE C 286 26.64 0.56 -35.62
C ILE C 286 25.41 1.06 -36.38
N LEU C 287 25.42 2.33 -36.80
CA LEU C 287 24.25 2.88 -37.47
C LEU C 287 24.04 2.25 -38.85
N GLN C 288 25.13 1.91 -39.55
CA GLN C 288 25.00 1.27 -40.86
C GLN C 288 24.74 -0.22 -40.77
N LEU C 289 24.95 -0.84 -39.61
CA LEU C 289 24.67 -2.27 -39.45
C LEU C 289 23.36 -2.57 -38.72
N ARG C 290 22.79 -1.61 -37.99
CA ARG C 290 21.56 -1.87 -37.26
C ARG C 290 20.33 -1.92 -38.17
N GLU C 291 20.43 -1.44 -39.40
CA GLU C 291 19.29 -1.42 -40.32
C GLU C 291 19.10 -2.76 -41.02
N GLU C 292 20.21 -3.39 -41.46
CA GLU C 292 20.11 -4.63 -42.21
C GLU C 292 19.62 -5.79 -41.34
N LEU C 293 19.90 -5.74 -40.04
CA LEU C 293 19.53 -6.85 -39.16
C LEU C 293 18.02 -6.94 -38.99
N HIS C 294 17.41 -5.90 -38.47
CA HIS C 294 15.97 -5.91 -38.23
C HIS C 294 15.21 -5.87 -39.55
N THR C 295 14.12 -6.66 -39.62
CA THR C 295 13.28 -6.67 -40.80
C THR C 295 12.45 -5.39 -40.94
N GLN C 296 12.34 -4.61 -39.87
CA GLN C 296 11.58 -3.36 -39.86
C GLN C 296 12.52 -2.21 -39.53
N PRO C 297 12.09 -0.95 -39.65
CA PRO C 297 12.96 0.17 -39.27
C PRO C 297 13.38 0.09 -37.81
N PHE C 298 14.59 0.58 -37.54
CA PHE C 298 15.21 0.40 -36.22
C PHE C 298 14.39 1.04 -35.11
N HIS C 299 14.05 2.32 -35.27
CA HIS C 299 13.39 3.07 -34.21
C HIS C 299 11.87 3.12 -34.35
N GLU C 300 11.31 2.62 -35.45
CA GLU C 300 9.88 2.71 -35.71
C GLU C 300 9.14 1.42 -35.35
N ILE C 301 9.58 0.71 -34.30
CA ILE C 301 8.93 -0.52 -33.86
C ILE C 301 8.59 -0.39 -32.38
N GLN C 302 7.84 -1.37 -31.88
CA GLN C 302 7.46 -1.45 -30.48
C GLN C 302 8.39 -2.39 -29.73
N TRP C 303 8.45 -2.20 -28.41
CA TRP C 303 9.31 -3.02 -27.57
C TRP C 303 8.63 -3.59 -26.34
N ARG C 304 7.54 -3.02 -25.85
CA ARG C 304 6.88 -3.54 -24.66
C ARG C 304 6.19 -4.87 -24.93
N GLN C 305 5.58 -5.02 -26.11
CA GLN C 305 4.89 -6.25 -26.48
C GLN C 305 5.77 -7.20 -27.27
N THR C 306 7.02 -6.82 -27.55
CA THR C 306 7.96 -7.69 -28.25
C THR C 306 8.84 -8.47 -27.28
N ARG C 307 8.62 -8.31 -25.97
CA ARG C 307 9.48 -8.97 -24.98
C ARG C 307 9.27 -10.48 -24.94
N HIS C 308 8.06 -10.96 -25.24
CA HIS C 308 7.73 -12.39 -25.14
C HIS C 308 7.48 -12.92 -26.54
N ARG C 309 8.55 -13.31 -27.23
CA ARG C 309 8.49 -13.94 -28.55
C ARG C 309 9.60 -14.99 -28.59
N CYS C 310 9.26 -16.23 -28.25
CA CYS C 310 10.22 -17.31 -28.18
C CYS C 310 10.21 -18.13 -29.46
N ALA C 311 11.40 -18.35 -30.03
CA ALA C 311 11.52 -19.17 -31.22
C ALA C 311 11.20 -20.63 -30.90
N LYS C 312 10.74 -21.35 -31.91
CA LYS C 312 10.41 -22.76 -31.78
C LYS C 312 11.61 -23.67 -32.03
N GLU C 313 12.77 -23.10 -32.36
CA GLU C 313 13.99 -23.87 -32.59
C GLU C 313 14.94 -23.87 -31.40
N ASP C 314 15.04 -22.75 -30.69
CA ASP C 314 15.92 -22.61 -29.54
C ASP C 314 15.18 -22.65 -28.22
N LEU C 315 14.06 -23.35 -28.16
CA LEU C 315 13.21 -23.43 -26.97
C LEU C 315 13.30 -24.84 -26.39
N TYR C 316 13.94 -24.96 -25.24
CA TYR C 316 14.04 -26.23 -24.53
C TYR C 316 13.22 -26.25 -23.24
N TYR C 317 13.26 -25.20 -22.45
CA TYR C 317 12.48 -25.10 -21.22
C TYR C 317 11.59 -23.86 -21.30
N PRO C 318 10.34 -24.00 -21.72
CA PRO C 318 9.47 -22.82 -21.85
C PRO C 318 9.16 -22.18 -20.51
N HIS C 319 8.91 -20.88 -20.55
CA HIS C 319 8.59 -20.13 -19.35
C HIS C 319 7.23 -20.55 -18.80
N SER C 320 7.11 -20.52 -17.47
CA SER C 320 5.85 -20.81 -16.83
C SER C 320 4.96 -19.57 -16.79
N LEU C 321 3.67 -19.80 -16.54
CA LEU C 321 2.72 -18.70 -16.45
C LEU C 321 3.05 -17.77 -15.29
N ILE C 322 3.42 -18.33 -14.14
CA ILE C 322 3.74 -17.52 -12.98
C ILE C 322 4.98 -16.68 -13.23
N GLN C 323 5.99 -17.26 -13.87
CA GLN C 323 7.21 -16.52 -14.17
C GLN C 323 6.93 -15.36 -15.12
N ASP C 324 6.14 -15.61 -16.17
CA ASP C 324 5.81 -14.56 -17.11
C ASP C 324 4.99 -13.46 -16.44
N PHE C 325 4.04 -13.84 -15.58
CA PHE C 325 3.26 -12.85 -14.86
C PHE C 325 4.15 -12.01 -13.94
N ILE C 326 5.10 -12.65 -13.26
CA ILE C 326 6.01 -11.91 -12.38
C ILE C 326 6.84 -10.91 -13.18
N TRP C 327 7.37 -11.35 -14.33
CA TRP C 327 8.16 -10.44 -15.15
C TRP C 327 7.31 -9.29 -15.67
N ASP C 328 6.08 -9.58 -16.11
CA ASP C 328 5.21 -8.53 -16.61
C ASP C 328 4.88 -7.52 -15.53
N SER C 329 4.58 -7.99 -14.31
CA SER C 329 4.30 -7.09 -13.21
C SER C 329 5.54 -6.26 -12.85
N LEU C 330 6.72 -6.88 -12.84
CA LEU C 330 7.93 -6.16 -12.49
C LEU C 330 8.27 -5.11 -13.54
N TYR C 331 7.93 -5.36 -14.81
CA TYR C 331 8.23 -4.39 -15.86
C TYR C 331 7.53 -3.06 -15.60
N VAL C 332 6.27 -3.09 -15.17
CA VAL C 332 5.56 -1.87 -14.86
C VAL C 332 5.79 -1.41 -13.42
N ALA C 333 6.30 -2.28 -12.55
CA ALA C 333 6.62 -1.88 -11.18
C ALA C 333 7.93 -1.09 -11.11
N SER C 334 8.92 -1.47 -11.92
CA SER C 334 10.26 -0.88 -11.81
C SER C 334 10.52 0.22 -12.83
N GLU C 335 10.21 -0.01 -14.11
CA GLU C 335 10.57 0.96 -15.14
C GLU C 335 9.93 2.32 -14.93
N PRO C 336 8.61 2.45 -14.69
CA PRO C 336 8.05 3.78 -14.42
C PRO C 336 8.58 4.43 -13.16
N LEU C 337 9.12 3.64 -12.22
CA LEU C 337 9.55 4.18 -10.94
C LEU C 337 11.06 4.51 -10.92
N LEU C 338 11.90 3.51 -11.15
CA LEU C 338 13.35 3.64 -10.98
C LEU C 338 14.05 4.08 -12.25
N THR C 339 13.36 4.80 -13.13
CA THR C 339 14.00 5.34 -14.32
C THR C 339 13.86 6.86 -14.41
N ARG C 340 12.70 7.41 -14.10
CA ARG C 340 12.51 8.86 -14.05
C ARG C 340 12.57 9.42 -12.65
N TRP C 341 12.14 8.66 -11.64
CA TRP C 341 12.24 9.06 -10.24
C TRP C 341 12.95 7.95 -9.45
N PRO C 342 14.23 7.73 -9.73
CA PRO C 342 14.92 6.59 -9.09
C PRO C 342 15.19 6.85 -7.61
N LEU C 343 15.00 5.81 -6.80
CA LEU C 343 15.36 5.88 -5.39
C LEU C 343 16.86 6.03 -5.27
N ASN C 344 17.33 7.21 -4.89
CA ASN C 344 18.77 7.46 -4.83
C ASN C 344 19.45 6.55 -3.83
N LYS C 345 18.93 6.48 -2.61
CA LYS C 345 19.58 5.68 -1.57
C LYS C 345 19.61 4.21 -1.95
N ILE C 346 18.46 3.64 -2.32
CA ILE C 346 18.38 2.21 -2.59
C ILE C 346 19.25 1.85 -3.78
N ARG C 347 19.13 2.59 -4.87
CA ARG C 347 19.89 2.26 -6.08
C ARG C 347 21.39 2.44 -5.86
N GLU C 348 21.79 3.53 -5.20
CA GLU C 348 23.22 3.73 -4.97
C GLU C 348 23.79 2.67 -4.04
N LYS C 349 23.05 2.29 -2.99
CA LYS C 349 23.52 1.22 -2.12
C LYS C 349 23.62 -0.09 -2.87
N ALA C 350 22.64 -0.39 -3.74
CA ALA C 350 22.69 -1.62 -4.51
C ALA C 350 23.90 -1.64 -5.44
N LEU C 351 24.15 -0.53 -6.14
CA LEU C 351 25.30 -0.46 -7.04
C LEU C 351 26.61 -0.58 -6.28
N ALA C 352 26.72 0.10 -5.14
CA ALA C 352 27.93 0.00 -4.35
C ALA C 352 28.16 -1.41 -3.83
N LYS C 353 27.09 -2.07 -3.37
CA LYS C 353 27.22 -3.44 -2.89
C LYS C 353 27.62 -4.39 -4.01
N ALA C 354 27.04 -4.21 -5.21
CA ALA C 354 27.44 -5.03 -6.33
C ALA C 354 28.90 -4.82 -6.70
N MET C 355 29.35 -3.55 -6.71
CA MET C 355 30.73 -3.26 -7.05
C MET C 355 31.69 -3.86 -6.03
N GLU C 356 31.38 -3.70 -4.74
CA GLU C 356 32.27 -4.23 -3.71
C GLU C 356 32.26 -5.76 -3.70
N HIS C 357 31.11 -6.39 -3.98
CA HIS C 357 31.08 -7.84 -4.09
C HIS C 357 31.90 -8.35 -5.26
N ILE C 358 31.80 -7.68 -6.41
CA ILE C 358 32.61 -8.08 -7.56
C ILE C 358 34.09 -7.91 -7.25
N HIS C 359 34.46 -6.79 -6.62
CA HIS C 359 35.85 -6.54 -6.30
C HIS C 359 36.39 -7.55 -5.28
N TYR C 360 35.59 -7.90 -4.27
CA TYR C 360 36.01 -8.91 -3.31
C TYR C 360 36.09 -10.29 -3.93
N GLU C 361 35.24 -10.59 -4.92
CA GLU C 361 35.28 -11.91 -5.55
C GLU C 361 36.47 -12.05 -6.49
N ASP C 362 36.76 -11.02 -7.30
CA ASP C 362 37.84 -11.15 -8.27
C ASP C 362 39.21 -11.21 -7.60
N GLU C 363 39.40 -10.48 -6.50
CA GLU C 363 40.68 -10.52 -5.79
C GLU C 363 40.96 -11.91 -5.25
N ASN C 364 39.94 -12.58 -4.67
CA ASN C 364 40.12 -13.93 -4.17
C ASN C 364 40.28 -14.94 -5.30
N SER C 365 39.79 -14.64 -6.49
CA SER C 365 39.88 -15.54 -7.63
C SER C 365 41.11 -15.29 -8.50
N ARG C 366 41.96 -14.33 -8.13
CA ARG C 366 43.19 -14.02 -8.85
C ARG C 366 42.92 -13.63 -10.29
N TYR C 367 41.77 -13.01 -10.54
CA TYR C 367 41.38 -12.48 -11.85
C TYR C 367 41.31 -13.57 -12.93
N ILE C 368 41.11 -14.82 -12.53
CA ILE C 368 40.96 -15.92 -13.48
C ILE C 368 39.57 -16.52 -13.25
N THR C 369 38.60 -15.64 -12.97
CA THR C 369 37.25 -16.03 -12.56
C THR C 369 36.60 -17.03 -13.51
N ILE C 370 35.60 -17.75 -13.00
CA ILE C 370 34.99 -18.84 -13.74
C ILE C 370 34.24 -18.30 -14.95
N GLY C 371 34.45 -18.94 -16.10
CA GLY C 371 33.72 -18.59 -17.31
C GLY C 371 34.32 -17.47 -18.13
N CYS C 372 34.44 -17.69 -19.45
CA CYS C 372 34.88 -16.62 -20.33
C CYS C 372 33.86 -15.50 -20.42
N VAL C 373 32.57 -15.86 -20.51
CA VAL C 373 31.52 -14.85 -20.59
C VAL C 373 31.46 -14.03 -19.30
N GLU C 374 31.56 -14.69 -18.15
CA GLU C 374 31.52 -13.96 -16.89
C GLU C 374 32.71 -13.02 -16.75
N LYS C 375 33.91 -13.48 -17.12
CA LYS C 375 35.09 -12.62 -17.06
C LYS C 375 34.97 -11.45 -18.03
N ALA C 376 34.47 -11.72 -19.25
CA ALA C 376 34.30 -10.65 -20.23
C ALA C 376 33.30 -9.60 -19.74
N LEU C 377 32.20 -10.03 -19.14
CA LEU C 377 31.22 -9.09 -18.61
C LEU C 377 31.77 -8.34 -17.41
N CYS C 378 32.53 -9.01 -16.55
CA CYS C 378 33.15 -8.34 -15.40
C CYS C 378 34.17 -7.31 -15.85
N MET C 379 34.88 -7.57 -16.95
CA MET C 379 35.82 -6.59 -17.47
C MET C 379 35.12 -5.30 -17.88
N LEU C 380 33.97 -5.42 -18.57
CA LEU C 380 33.19 -4.24 -18.89
C LEU C 380 32.64 -3.58 -17.64
N CYS C 381 32.20 -4.38 -16.66
CA CYS C 381 31.64 -3.84 -15.43
C CYS C 381 32.66 -3.01 -14.67
N CYS C 382 33.91 -3.47 -14.62
CA CYS C 382 34.96 -2.72 -13.95
C CYS C 382 35.52 -1.59 -14.81
N TRP C 383 35.40 -1.69 -16.14
CA TRP C 383 35.87 -0.61 -17.01
C TRP C 383 34.93 0.58 -16.98
N VAL C 384 33.62 0.33 -16.97
CA VAL C 384 32.66 1.44 -16.96
C VAL C 384 32.69 2.20 -15.65
N GLU C 385 33.23 1.60 -14.59
CA GLU C 385 33.37 2.28 -13.31
C GLU C 385 34.65 3.10 -13.23
N ASP C 386 35.74 2.61 -13.82
CA ASP C 386 37.02 3.32 -13.80
C ASP C 386 37.87 2.86 -14.97
N PRO C 387 37.83 3.56 -16.11
CA PRO C 387 38.64 3.13 -17.25
C PRO C 387 40.14 3.18 -16.99
N ASN C 388 40.59 3.97 -16.02
CA ASN C 388 42.00 4.11 -15.70
C ASN C 388 42.23 3.57 -14.28
N SER C 389 42.63 2.31 -14.18
CA SER C 389 42.88 1.68 -12.89
C SER C 389 43.86 0.52 -13.11
N ASP C 390 44.10 -0.25 -12.05
CA ASP C 390 44.98 -1.41 -12.13
C ASP C 390 44.22 -2.73 -12.27
N TYR C 391 43.01 -2.81 -11.71
CA TYR C 391 42.21 -4.02 -11.87
C TYR C 391 41.86 -4.25 -13.33
N PHE C 392 41.52 -3.18 -14.06
CA PHE C 392 41.23 -3.30 -15.48
C PHE C 392 42.46 -3.78 -16.25
N LYS C 393 43.64 -3.25 -15.94
CA LYS C 393 44.85 -3.66 -16.63
C LYS C 393 45.18 -5.12 -16.35
N LYS C 394 45.02 -5.55 -15.09
CA LYS C 394 45.29 -6.95 -14.76
C LYS C 394 44.26 -7.89 -15.40
N HIS C 395 43.01 -7.46 -15.52
CA HIS C 395 42.03 -8.25 -16.26
C HIS C 395 42.42 -8.35 -17.74
N LEU C 396 42.89 -7.23 -18.31
CA LEU C 396 43.35 -7.25 -19.70
C LEU C 396 44.58 -8.14 -19.89
N ALA C 397 45.40 -8.29 -18.86
CA ALA C 397 46.62 -9.08 -18.96
C ALA C 397 46.36 -10.58 -19.02
N ARG C 398 45.29 -11.08 -18.41
CA ARG C 398 44.97 -12.49 -18.40
C ARG C 398 44.09 -12.91 -19.57
N ILE C 399 43.77 -11.98 -20.48
CA ILE C 399 42.99 -12.34 -21.67
C ILE C 399 43.66 -13.41 -22.52
N PRO C 400 44.96 -13.30 -22.85
CA PRO C 400 45.57 -14.35 -23.69
C PRO C 400 45.68 -15.72 -23.03
N ASP C 401 45.15 -15.90 -21.81
CA ASP C 401 45.17 -17.19 -21.15
C ASP C 401 44.05 -18.11 -21.60
N TYR C 402 43.14 -17.64 -22.46
CA TYR C 402 42.00 -18.43 -22.91
C TYR C 402 42.03 -18.77 -24.40
N LEU C 403 42.74 -18.01 -25.22
CA LEU C 403 42.82 -18.32 -26.64
C LEU C 403 43.58 -19.62 -26.88
N TRP C 404 43.18 -20.32 -27.93
CA TRP C 404 43.77 -21.61 -28.25
C TRP C 404 43.72 -21.83 -29.76
N VAL C 405 44.63 -22.66 -30.27
CA VAL C 405 44.72 -22.95 -31.69
C VAL C 405 44.61 -24.45 -31.89
N ALA C 406 44.03 -24.84 -33.02
CA ALA C 406 43.78 -26.25 -33.34
C ALA C 406 43.96 -26.43 -34.84
N GLU C 407 43.44 -27.54 -35.37
CA GLU C 407 43.50 -27.77 -36.80
C GLU C 407 42.73 -26.69 -37.56
N ASP C 408 41.60 -26.26 -37.01
CA ASP C 408 40.86 -25.12 -37.53
C ASP C 408 41.51 -23.84 -37.01
N GLY C 409 40.83 -22.70 -37.18
CA GLY C 409 41.38 -21.44 -36.71
C GLY C 409 41.42 -21.36 -35.19
N MET C 410 41.74 -20.15 -34.72
CA MET C 410 41.86 -19.91 -33.29
C MET C 410 40.51 -20.03 -32.61
N LYS C 411 40.48 -20.69 -31.46
CA LYS C 411 39.28 -20.87 -30.66
C LYS C 411 39.51 -20.28 -29.26
N VAL C 412 38.49 -20.37 -28.42
CA VAL C 412 38.54 -19.88 -27.05
C VAL C 412 38.22 -21.03 -26.11
N GLN C 413 39.07 -21.22 -25.10
CA GLN C 413 38.88 -22.28 -24.12
C GLN C 413 38.12 -21.73 -22.93
N SER C 414 36.97 -22.35 -22.62
CA SER C 414 36.12 -21.86 -21.55
C SER C 414 36.81 -21.93 -20.20
N PHE C 415 37.51 -23.02 -19.92
CA PHE C 415 38.17 -23.20 -18.64
C PHE C 415 39.26 -24.26 -18.78
N GLY C 416 40.21 -24.23 -17.86
CA GLY C 416 41.27 -25.23 -17.87
C GLY C 416 40.79 -26.58 -17.38
N SER C 417 41.43 -27.64 -17.90
CA SER C 417 41.12 -29.00 -17.48
C SER C 417 42.38 -29.84 -17.31
N GLN C 418 43.53 -29.22 -17.05
CA GLN C 418 44.77 -29.97 -16.96
C GLN C 418 44.78 -30.92 -15.77
N LEU C 419 44.24 -30.49 -14.62
CA LEU C 419 44.30 -31.32 -13.43
C LEU C 419 43.47 -32.59 -13.59
N TRP C 420 42.24 -32.46 -14.12
CA TRP C 420 41.37 -33.62 -14.27
C TRP C 420 41.97 -34.65 -15.22
N ASP C 421 42.42 -34.20 -16.39
CA ASP C 421 43.04 -35.11 -17.34
C ASP C 421 44.34 -35.70 -16.83
N ALA C 422 45.13 -34.91 -16.10
CA ALA C 422 46.36 -35.43 -15.52
C ALA C 422 46.07 -36.53 -14.50
N THR C 423 45.06 -36.32 -13.65
CA THR C 423 44.69 -37.35 -12.69
C THR C 423 44.19 -38.61 -13.39
N PHE C 424 43.36 -38.44 -14.44
CA PHE C 424 42.89 -39.60 -15.17
C PHE C 424 44.04 -40.37 -15.83
N GLY C 425 44.98 -39.66 -16.43
CA GLY C 425 46.12 -40.30 -17.05
C GLY C 425 47.01 -40.99 -16.04
N PHE C 426 47.23 -40.37 -14.89
CA PHE C 426 48.04 -41.00 -13.84
C PHE C 426 47.36 -42.26 -13.34
N GLN C 427 46.04 -42.22 -13.13
CA GLN C 427 45.31 -43.41 -12.69
C GLN C 427 45.40 -44.51 -13.73
N ALA C 428 45.26 -44.16 -15.01
CA ALA C 428 45.38 -45.17 -16.07
C ALA C 428 46.78 -45.78 -16.08
N LEU C 429 47.81 -44.95 -15.95
CA LEU C 429 49.19 -45.45 -15.98
C LEU C 429 49.47 -46.38 -14.80
N VAL C 430 49.04 -46.00 -13.60
CA VAL C 430 49.28 -46.84 -12.44
C VAL C 430 48.43 -48.11 -12.48
N ALA C 431 47.23 -48.06 -13.05
CA ALA C 431 46.43 -49.27 -13.18
C ALA C 431 47.03 -50.22 -14.20
N SER C 432 47.58 -49.68 -15.29
CA SER C 432 48.26 -50.51 -16.28
C SER C 432 49.55 -51.09 -15.69
N ASN C 433 49.84 -52.33 -16.04
CA ASN C 433 51.03 -52.99 -15.51
C ASN C 433 52.29 -52.31 -16.00
N LEU C 434 53.23 -52.08 -15.08
CA LEU C 434 54.51 -51.46 -15.40
C LEU C 434 55.40 -52.51 -16.05
N THR C 435 55.28 -52.66 -17.37
CA THR C 435 56.06 -53.65 -18.08
C THR C 435 57.54 -53.28 -18.09
N GLU C 436 57.88 -52.15 -18.70
CA GLU C 436 59.28 -51.71 -18.75
C GLU C 436 59.73 -51.04 -17.46
N ASP C 437 58.80 -50.62 -16.61
CA ASP C 437 59.07 -49.96 -15.33
C ASP C 437 59.80 -48.63 -15.50
N GLU C 438 59.89 -48.10 -16.72
CA GLU C 438 60.53 -46.81 -16.96
C GLU C 438 59.58 -45.64 -16.82
N VAL C 439 58.30 -45.89 -16.53
CA VAL C 439 57.35 -44.80 -16.31
C VAL C 439 57.46 -44.18 -14.93
N GLY C 440 58.40 -44.66 -14.11
CA GLY C 440 58.60 -44.13 -12.78
C GLY C 440 58.98 -42.66 -12.71
N PRO C 441 59.97 -42.24 -13.51
CA PRO C 441 60.29 -40.80 -13.54
C PRO C 441 59.12 -39.93 -13.95
N ALA C 442 58.35 -40.34 -14.95
CA ALA C 442 57.19 -39.56 -15.36
C ALA C 442 56.12 -39.55 -14.28
N LEU C 443 55.92 -40.69 -13.61
CA LEU C 443 54.97 -40.76 -12.52
C LEU C 443 55.37 -39.81 -11.39
N ALA C 444 56.66 -39.76 -11.05
CA ALA C 444 57.11 -38.83 -10.02
C ALA C 444 56.97 -37.38 -10.47
N LYS C 445 57.33 -37.09 -11.72
CA LYS C 445 57.25 -35.73 -12.25
C LYS C 445 55.81 -35.26 -12.39
N ALA C 446 54.85 -36.17 -12.41
CA ALA C 446 53.45 -35.80 -12.35
C ALA C 446 52.93 -35.75 -10.91
N TYR C 447 53.43 -36.63 -10.04
CA TYR C 447 52.97 -36.67 -8.66
C TYR C 447 53.38 -35.43 -7.89
N ASP C 448 54.59 -34.92 -8.14
CA ASP C 448 54.99 -33.68 -7.47
C ASP C 448 54.12 -32.51 -7.91
N PHE C 449 53.78 -32.45 -9.19
CA PHE C 449 52.86 -31.42 -9.67
C PHE C 449 51.48 -31.57 -9.03
N ILE C 450 51.00 -32.80 -8.92
CA ILE C 450 49.70 -33.05 -8.28
C ILE C 450 49.72 -32.58 -6.83
N LYS C 451 50.82 -32.88 -6.12
CA LYS C 451 50.96 -32.41 -4.74
C LYS C 451 50.98 -30.89 -4.67
N LYS C 452 51.69 -30.25 -5.61
CA LYS C 452 51.75 -28.79 -5.64
C LYS C 452 50.44 -28.15 -6.09
N SER C 453 49.53 -28.92 -6.69
CA SER C 453 48.27 -28.38 -7.20
C SER C 453 47.18 -28.30 -6.14
N GLN C 454 47.46 -28.70 -4.91
CA GLN C 454 46.45 -28.71 -3.85
C GLN C 454 46.22 -27.29 -3.35
N VAL C 455 44.95 -26.91 -3.26
CA VAL C 455 44.58 -25.60 -2.72
C VAL C 455 44.45 -25.72 -1.21
N LYS C 456 45.25 -24.97 -0.47
CA LYS C 456 45.31 -25.06 0.98
C LYS C 456 44.94 -23.76 1.68
N ASP C 457 45.18 -22.62 1.06
CA ASP C 457 44.90 -21.34 1.69
C ASP C 457 43.43 -20.96 1.53
N ASN C 458 42.89 -20.31 2.56
CA ASN C 458 41.54 -19.80 2.52
C ASN C 458 41.47 -18.58 1.61
N PRO C 459 40.30 -18.27 1.04
CA PRO C 459 40.16 -17.05 0.25
C PRO C 459 40.44 -15.82 1.09
N SER C 460 41.08 -14.83 0.46
CA SER C 460 41.46 -13.61 1.18
C SER C 460 40.23 -12.88 1.67
N GLY C 461 40.30 -12.35 2.88
CA GLY C 461 39.19 -11.66 3.49
C GLY C 461 38.25 -12.59 4.23
N ASP C 462 37.06 -12.08 4.50
CA ASP C 462 36.03 -12.84 5.22
C ASP C 462 35.26 -13.68 4.21
N PHE C 463 35.86 -14.83 3.85
CA PHE C 463 35.20 -15.75 2.93
C PHE C 463 33.92 -16.31 3.55
N GLU C 464 33.96 -16.62 4.84
CA GLU C 464 32.76 -17.07 5.55
C GLU C 464 31.77 -15.93 5.69
N SER C 465 30.47 -16.29 5.69
CA SER C 465 29.38 -15.32 5.80
C SER C 465 29.38 -14.34 4.63
N MET C 466 29.86 -14.77 3.47
CA MET C 466 29.86 -13.98 2.24
C MET C 466 29.33 -14.80 1.08
N HIS C 467 28.28 -15.59 1.34
CA HIS C 467 27.64 -16.42 0.32
C HIS C 467 28.63 -17.38 -0.33
N ARG C 468 29.55 -17.92 0.47
CA ARG C 468 30.53 -18.87 0.00
C ARG C 468 30.69 -19.98 1.04
N HIS C 469 31.28 -21.09 0.61
CA HIS C 469 31.49 -22.25 1.45
C HIS C 469 32.96 -22.35 1.84
N ILE C 470 33.20 -22.97 3.01
CA ILE C 470 34.55 -23.09 3.54
C ILE C 470 35.35 -24.07 2.70
N SER C 471 36.58 -23.67 2.34
CA SER C 471 37.51 -24.51 1.59
C SER C 471 38.73 -24.78 2.44
N LYS C 472 39.05 -26.06 2.65
CA LYS C 472 40.20 -26.47 3.46
C LYS C 472 40.82 -27.69 2.80
N GLY C 473 41.97 -27.51 2.16
CA GLY C 473 42.65 -28.61 1.48
C GLY C 473 41.82 -29.16 0.33
N SER C 474 41.23 -28.28 -0.45
CA SER C 474 40.36 -28.67 -1.55
C SER C 474 41.12 -28.65 -2.87
N TRP C 475 40.44 -29.13 -3.92
CA TRP C 475 40.99 -29.18 -5.26
C TRP C 475 40.06 -28.45 -6.23
N THR C 476 40.65 -27.83 -7.25
CA THR C 476 39.89 -27.18 -8.29
C THR C 476 39.82 -28.06 -9.53
N PHE C 477 39.10 -27.58 -10.54
CA PHE C 477 39.03 -28.30 -11.81
C PHE C 477 40.07 -27.82 -12.81
N SER C 478 40.42 -26.53 -12.78
CA SER C 478 41.38 -25.98 -13.73
C SER C 478 42.79 -25.97 -13.16
N ASP C 479 43.00 -25.22 -12.08
CA ASP C 479 44.34 -25.09 -11.49
C ASP C 479 44.18 -24.49 -10.10
N GLN C 480 45.28 -24.52 -9.34
CA GLN C 480 45.32 -23.98 -7.99
C GLN C 480 45.12 -22.46 -7.94
N ASP C 481 45.36 -21.77 -9.05
CA ASP C 481 45.22 -20.32 -9.09
C ASP C 481 43.77 -19.86 -8.96
N HIS C 482 42.81 -20.77 -9.08
CA HIS C 482 41.40 -20.42 -9.02
C HIS C 482 40.86 -20.46 -7.59
N GLY C 483 41.07 -21.56 -6.88
CA GLY C 483 40.62 -21.69 -5.51
C GLY C 483 39.13 -21.91 -5.39
N TRP C 484 38.62 -22.94 -6.07
CA TRP C 484 37.20 -23.28 -6.06
C TRP C 484 37.05 -24.74 -5.68
N GLN C 485 36.24 -24.99 -4.65
CA GLN C 485 36.00 -26.36 -4.21
C GLN C 485 35.12 -27.11 -5.19
N LEU C 486 35.47 -28.37 -5.45
CA LEU C 486 34.71 -29.22 -6.36
C LEU C 486 34.89 -30.66 -5.91
N SER C 487 33.80 -31.30 -5.47
CA SER C 487 33.89 -32.65 -4.92
C SER C 487 34.21 -33.69 -5.97
N ASP C 488 33.98 -33.40 -7.26
CA ASP C 488 34.23 -34.39 -8.31
C ASP C 488 35.72 -34.65 -8.48
N CYS C 489 36.51 -33.58 -8.59
CA CYS C 489 37.96 -33.74 -8.79
C CYS C 489 38.66 -34.24 -7.53
N THR C 490 38.17 -33.83 -6.35
CA THR C 490 38.79 -34.26 -5.11
C THR C 490 38.69 -35.76 -4.93
N ALA C 491 37.57 -36.36 -5.32
CA ALA C 491 37.40 -37.80 -5.19
C ALA C 491 38.41 -38.58 -6.02
N GLU C 492 38.67 -38.14 -7.25
CA GLU C 492 39.68 -38.77 -8.09
C GLU C 492 41.10 -38.50 -7.59
N ALA C 493 41.35 -37.29 -7.08
CA ALA C 493 42.66 -36.96 -6.54
C ALA C 493 42.98 -37.83 -5.32
N LEU C 494 41.99 -38.03 -4.45
CA LEU C 494 42.22 -38.87 -3.28
C LEU C 494 42.49 -40.32 -3.68
N LYS C 495 41.76 -40.83 -4.68
CA LYS C 495 42.01 -42.18 -5.15
C LYS C 495 43.42 -42.30 -5.74
N CYS C 496 43.84 -41.30 -6.52
CA CYS C 496 45.19 -41.31 -7.06
C CYS C 496 46.24 -41.31 -5.96
N CYS C 497 46.04 -40.46 -4.94
CA CYS C 497 47.00 -40.40 -3.84
C CYS C 497 47.06 -41.71 -3.07
N LEU C 498 45.90 -42.31 -2.80
CA LEU C 498 45.88 -43.58 -2.07
C LEU C 498 46.52 -44.69 -2.88
N LEU C 499 46.27 -44.74 -4.19
CA LEU C 499 46.86 -45.78 -5.01
C LEU C 499 48.36 -45.60 -5.15
N ALA C 500 48.83 -44.35 -5.20
CA ALA C 500 50.26 -44.10 -5.25
C ALA C 500 50.93 -44.26 -3.89
N ALA C 501 50.16 -44.25 -2.80
CA ALA C 501 50.74 -44.38 -1.47
C ALA C 501 51.37 -45.74 -1.26
N THR C 502 50.71 -46.81 -1.71
CA THR C 502 51.23 -48.16 -1.55
C THR C 502 52.43 -48.45 -2.44
N MET C 503 52.72 -47.59 -3.41
CA MET C 503 53.88 -47.78 -4.26
C MET C 503 55.17 -47.54 -3.48
N PRO C 504 56.26 -48.21 -3.84
CA PRO C 504 57.51 -48.04 -3.10
C PRO C 504 58.00 -46.59 -3.13
N GLN C 505 58.57 -46.15 -2.02
CA GLN C 505 59.13 -44.80 -1.94
C GLN C 505 60.33 -44.64 -2.86
N GLU C 506 61.18 -45.66 -2.95
CA GLU C 506 62.40 -45.58 -3.74
C GLU C 506 62.14 -45.43 -5.23
N VAL C 507 60.94 -45.76 -5.71
CA VAL C 507 60.64 -45.69 -7.13
C VAL C 507 59.89 -44.41 -7.52
N VAL C 508 58.99 -43.93 -6.67
CA VAL C 508 58.18 -42.76 -7.00
C VAL C 508 58.61 -41.50 -6.23
N GLY C 509 59.40 -41.64 -5.18
CA GLY C 509 59.85 -40.51 -4.40
C GLY C 509 59.14 -40.39 -3.07
N GLU C 510 59.13 -39.17 -2.54
CA GLU C 510 58.54 -38.91 -1.24
C GLU C 510 57.01 -38.98 -1.33
N LYS C 511 56.37 -39.02 -0.17
CA LYS C 511 54.93 -39.16 -0.06
C LYS C 511 54.34 -38.01 0.75
N MET C 512 53.05 -37.79 0.56
CA MET C 512 52.35 -36.73 1.28
C MET C 512 52.15 -37.12 2.74
N LYS C 513 52.04 -36.10 3.58
CA LYS C 513 51.79 -36.33 5.00
C LYS C 513 50.39 -36.88 5.20
N PRO C 514 50.20 -37.85 6.10
CA PRO C 514 48.88 -38.45 6.31
C PRO C 514 47.90 -37.55 7.04
N GLU C 515 48.28 -36.32 7.41
CA GLU C 515 47.38 -35.42 8.11
C GLU C 515 46.57 -34.54 7.18
N TRP C 516 47.06 -34.29 5.96
CA TRP C 516 46.34 -33.45 5.01
C TRP C 516 45.10 -34.13 4.46
N VAL C 517 45.09 -35.47 4.39
CA VAL C 517 43.93 -36.17 3.85
C VAL C 517 42.70 -36.00 4.74
N TYR C 518 42.89 -35.75 6.04
CA TYR C 518 41.75 -35.55 6.92
C TYR C 518 40.95 -34.31 6.53
N GLU C 519 41.63 -33.25 6.11
CA GLU C 519 40.93 -32.06 5.63
C GLU C 519 40.10 -32.37 4.39
N ALA C 520 40.67 -33.14 3.46
CA ALA C 520 39.92 -33.53 2.27
C ALA C 520 38.70 -34.38 2.62
N ILE C 521 38.86 -35.31 3.57
CA ILE C 521 37.74 -36.13 3.99
C ILE C 521 36.65 -35.28 4.61
N ASN C 522 37.04 -34.31 5.46
CA ASN C 522 36.07 -33.41 6.06
C ASN C 522 35.34 -32.59 5.01
N ILE C 523 36.07 -32.08 4.01
CA ILE C 523 35.45 -31.30 2.95
C ILE C 523 34.46 -32.15 2.16
N ILE C 524 34.84 -33.39 1.84
CA ILE C 524 33.95 -34.27 1.09
C ILE C 524 32.70 -34.57 1.91
N LEU C 525 32.87 -34.86 3.21
CA LEU C 525 31.72 -35.13 4.06
C LEU C 525 30.86 -33.90 4.29
N SER C 526 31.43 -32.69 4.12
CA SER C 526 30.64 -31.48 4.28
C SER C 526 29.53 -31.39 3.23
N LEU C 527 29.82 -31.78 2.00
CA LEU C 527 28.85 -31.75 0.92
C LEU C 527 28.09 -33.07 0.91
N GLN C 528 26.81 -33.02 1.30
CA GLN C 528 25.96 -34.20 1.30
C GLN C 528 24.51 -33.76 1.49
N SER C 529 23.61 -34.40 0.75
CA SER C 529 22.19 -34.10 0.84
C SER C 529 21.51 -34.94 1.91
N LYS C 530 20.27 -34.59 2.23
CA LYS C 530 19.51 -35.28 3.27
C LYS C 530 18.92 -36.60 2.79
N SER C 531 18.89 -36.86 1.49
CA SER C 531 18.34 -38.09 0.94
C SER C 531 19.37 -38.96 0.25
N GLY C 532 20.65 -38.59 0.30
CA GLY C 532 21.69 -39.36 -0.35
C GLY C 532 22.37 -38.62 -1.48
N GLY C 533 23.63 -38.95 -1.76
CA GLY C 533 24.38 -38.26 -2.78
C GLY C 533 24.91 -36.93 -2.30
N LEU C 534 25.54 -36.21 -3.23
CA LEU C 534 26.11 -34.90 -2.93
C LEU C 534 26.17 -34.08 -4.21
N ALA C 535 26.27 -32.77 -4.04
CA ALA C 535 26.39 -31.83 -5.14
C ALA C 535 27.86 -31.49 -5.37
N GLY C 536 28.12 -30.49 -6.20
CA GLY C 536 29.48 -30.15 -6.56
C GLY C 536 30.09 -29.04 -5.73
N TRP C 537 29.31 -28.02 -5.40
CA TRP C 537 29.82 -26.83 -4.71
C TRP C 537 29.19 -26.60 -3.35
N GLU C 538 27.88 -26.77 -3.22
CA GLU C 538 27.18 -26.54 -1.96
C GLU C 538 26.28 -27.72 -1.65
N PRO C 539 26.08 -28.05 -0.37
CA PRO C 539 25.30 -29.24 -0.02
C PRO C 539 23.84 -29.18 -0.46
N VAL C 540 23.11 -28.16 0.03
CA VAL C 540 21.71 -28.00 -0.33
C VAL C 540 21.27 -26.59 0.05
N ARG C 541 20.43 -25.98 -0.79
CA ARG C 541 19.90 -24.65 -0.54
C ARG C 541 18.39 -24.63 -0.43
N ALA C 542 17.68 -25.16 -1.42
CA ALA C 542 16.22 -25.18 -1.41
C ALA C 542 15.75 -26.39 -2.20
N GLY C 543 14.45 -26.43 -2.50
CA GLY C 543 13.85 -27.51 -3.25
C GLY C 543 13.99 -27.36 -4.74
N GLU C 544 13.32 -28.25 -5.46
CA GLU C 544 13.36 -28.26 -6.92
C GLU C 544 12.39 -27.28 -7.56
N TRP C 545 11.53 -26.62 -6.76
CA TRP C 545 10.57 -25.67 -7.31
C TRP C 545 11.20 -24.35 -7.70
N MET C 546 12.47 -24.12 -7.36
CA MET C 546 13.14 -22.87 -7.72
C MET C 546 13.45 -22.78 -9.21
N GLU C 547 13.43 -23.90 -9.93
CA GLU C 547 13.75 -23.89 -11.35
C GLU C 547 12.66 -23.26 -12.20
N ILE C 548 11.49 -22.98 -11.62
CA ILE C 548 10.41 -22.34 -12.38
C ILE C 548 10.81 -20.94 -12.82
N LEU C 549 11.72 -20.29 -12.10
CA LEU C 549 12.14 -18.94 -12.40
C LEU C 549 13.33 -18.88 -13.36
N ASN C 550 13.50 -19.88 -14.20
CA ASN C 550 14.63 -19.90 -15.12
C ASN C 550 14.46 -18.84 -16.20
N PRO C 551 15.38 -17.88 -16.31
CA PRO C 551 15.26 -16.89 -17.40
C PRO C 551 15.55 -17.47 -18.76
N MET C 552 16.58 -18.32 -18.87
CA MET C 552 16.95 -18.89 -20.15
C MET C 552 15.93 -19.94 -20.60
N GLU C 553 15.94 -20.21 -21.91
CA GLU C 553 15.04 -21.19 -22.50
C GLU C 553 15.77 -22.27 -23.28
N PHE C 554 17.10 -22.19 -23.39
CA PHE C 554 17.88 -23.21 -24.07
C PHE C 554 18.67 -24.07 -23.10
N LEU C 555 18.43 -23.93 -21.79
CA LEU C 555 19.09 -24.73 -20.78
C LEU C 555 18.05 -25.21 -19.76
N GLU C 556 18.53 -25.90 -18.73
CA GLU C 556 17.64 -26.42 -17.69
C GLU C 556 18.45 -26.63 -16.42
N ASN C 557 17.82 -26.37 -15.28
CA ASN C 557 18.44 -26.56 -13.97
C ASN C 557 19.73 -25.74 -13.83
N ILE C 558 19.57 -24.42 -13.90
CA ILE C 558 20.68 -23.49 -13.82
C ILE C 558 20.63 -22.68 -12.53
N VAL C 559 19.44 -22.31 -12.06
CA VAL C 559 19.32 -21.47 -10.88
C VAL C 559 19.75 -22.21 -9.62
N ILE C 560 19.44 -23.51 -9.53
CA ILE C 560 19.73 -24.30 -8.34
C ILE C 560 20.57 -25.49 -8.73
N GLU C 561 21.34 -26.00 -7.76
CA GLU C 561 22.21 -27.15 -7.99
C GLU C 561 21.43 -28.44 -7.85
N HIS C 562 22.14 -29.57 -8.01
CA HIS C 562 21.53 -30.89 -7.89
C HIS C 562 22.62 -31.90 -7.57
N THR C 563 22.19 -33.07 -7.11
CA THR C 563 23.12 -34.15 -6.78
C THR C 563 23.55 -34.87 -8.04
N TYR C 564 24.84 -35.18 -8.14
CA TYR C 564 25.42 -35.83 -9.31
C TYR C 564 25.82 -37.26 -8.95
N VAL C 565 25.39 -38.21 -9.78
CA VAL C 565 25.63 -39.63 -9.49
C VAL C 565 27.11 -39.96 -9.63
N GLU C 566 27.80 -39.36 -10.62
CA GLU C 566 29.20 -39.67 -10.84
C GLU C 566 30.05 -39.30 -9.63
N CYS C 567 29.80 -38.12 -9.05
CA CYS C 567 30.53 -37.71 -7.86
C CYS C 567 30.26 -38.64 -6.69
N THR C 568 29.02 -39.08 -6.53
CA THR C 568 28.69 -40.02 -5.47
C THR C 568 29.44 -41.34 -5.64
N GLY C 569 29.48 -41.85 -6.87
CA GLY C 569 30.21 -43.08 -7.12
C GLY C 569 31.70 -42.94 -6.87
N SER C 570 32.28 -41.82 -7.32
CA SER C 570 33.70 -41.59 -7.07
C SER C 570 33.98 -41.47 -5.57
N SER C 571 33.11 -40.77 -4.84
CA SER C 571 33.31 -40.63 -3.40
C SER C 571 33.19 -41.97 -2.68
N ILE C 572 32.22 -42.79 -3.07
CA ILE C 572 32.04 -44.06 -2.37
C ILE C 572 33.19 -45.02 -2.68
N ILE C 573 33.67 -45.04 -3.93
CA ILE C 573 34.80 -45.91 -4.24
C ILE C 573 36.07 -45.41 -3.54
N ALA C 574 36.24 -44.08 -3.43
CA ALA C 574 37.38 -43.54 -2.70
C ALA C 574 37.31 -43.92 -1.22
N PHE C 575 36.12 -43.82 -0.62
CA PHE C 575 35.98 -44.19 0.78
C PHE C 575 36.23 -45.67 1.01
N VAL C 576 35.74 -46.53 0.11
CA VAL C 576 36.00 -47.96 0.22
C VAL C 576 37.49 -48.25 0.10
N SER C 577 38.17 -47.58 -0.85
CA SER C 577 39.60 -47.77 -1.01
C SER C 577 40.38 -47.32 0.22
N LEU C 578 39.88 -46.31 0.92
CA LEU C 578 40.57 -45.80 2.10
C LEU C 578 40.55 -46.81 3.24
N LYS C 579 39.51 -47.64 3.33
CA LYS C 579 39.39 -48.60 4.42
C LYS C 579 40.53 -49.62 4.39
N LYS C 580 40.97 -50.00 3.19
CA LYS C 580 42.02 -51.01 3.08
C LYS C 580 43.34 -50.53 3.68
N LEU C 581 43.68 -49.26 3.48
CA LEU C 581 44.95 -48.75 3.97
C LEU C 581 44.96 -48.67 5.50
N TYR C 582 44.13 -47.78 6.06
CA TYR C 582 44.04 -47.67 7.51
C TYR C 582 42.73 -47.03 7.93
N PRO C 583 41.92 -47.71 8.75
CA PRO C 583 40.77 -47.05 9.36
C PRO C 583 41.18 -46.26 10.60
N GLY C 584 41.22 -44.93 10.50
CA GLY C 584 41.67 -44.13 11.62
C GLY C 584 40.99 -42.79 11.79
N HIS C 585 39.82 -42.61 11.19
CA HIS C 585 39.11 -41.33 11.28
C HIS C 585 37.62 -41.56 11.11
N ARG C 586 36.87 -41.40 12.21
CA ARG C 586 35.41 -41.48 12.22
C ARG C 586 34.92 -42.78 11.60
N THR C 587 35.26 -43.88 12.30
CA THR C 587 34.82 -45.20 11.87
C THR C 587 33.30 -45.32 11.85
N LYS C 588 32.62 -44.67 12.79
CA LYS C 588 31.17 -44.74 12.87
C LYS C 588 30.47 -43.72 11.98
N ASP C 589 31.23 -42.88 11.26
CA ASP C 589 30.65 -41.88 10.36
C ASP C 589 30.80 -42.24 8.90
N ILE C 590 31.94 -42.80 8.50
CA ILE C 590 32.12 -43.19 7.09
C ILE C 590 31.15 -44.29 6.71
N ASP C 591 30.93 -45.26 7.61
CA ASP C 591 29.95 -46.31 7.33
C ASP C 591 28.55 -45.75 7.19
N ASN C 592 28.19 -44.79 8.06
CA ASN C 592 26.88 -44.15 7.95
C ASN C 592 26.74 -43.40 6.64
N PHE C 593 27.81 -42.70 6.21
CA PHE C 593 27.77 -42.00 4.94
C PHE C 593 27.62 -42.97 3.77
N ILE C 594 28.31 -44.12 3.83
CA ILE C 594 28.19 -45.12 2.77
C ILE C 594 26.78 -45.68 2.72
N ARG C 595 26.19 -45.96 3.91
CA ARG C 595 24.82 -46.45 3.95
C ARG C 595 23.85 -45.42 3.37
N ASN C 596 24.05 -44.14 3.69
CA ASN C 596 23.21 -43.09 3.14
C ASN C 596 23.36 -43.00 1.62
N ALA C 597 24.58 -43.14 1.12
CA ALA C 597 24.81 -43.01 -0.32
C ALA C 597 24.34 -44.23 -1.11
N ILE C 598 24.29 -45.40 -0.47
CA ILE C 598 23.91 -46.62 -1.20
C ILE C 598 22.48 -46.52 -1.71
N ARG C 599 21.56 -46.09 -0.85
CA ARG C 599 20.16 -46.02 -1.24
C ARG C 599 19.88 -44.94 -2.30
N TYR C 600 20.73 -43.92 -2.38
CA TYR C 600 20.54 -42.88 -3.39
C TYR C 600 20.72 -43.42 -4.79
N LEU C 601 21.69 -44.32 -4.98
CA LEU C 601 21.99 -44.84 -6.32
C LEU C 601 20.82 -45.65 -6.88
N GLU C 602 20.12 -46.39 -6.02
CA GLU C 602 18.99 -47.19 -6.49
C GLU C 602 17.85 -46.32 -7.00
N ASP C 603 17.62 -45.17 -6.34
CA ASP C 603 16.50 -44.31 -6.71
C ASP C 603 16.66 -43.74 -8.12
N VAL C 604 17.87 -43.34 -8.49
CA VAL C 604 18.09 -42.67 -9.79
C VAL C 604 17.97 -43.62 -10.97
N GLN C 605 17.89 -44.93 -10.72
CA GLN C 605 17.83 -45.90 -11.81
C GLN C 605 16.50 -45.80 -12.55
N TYR C 606 16.59 -45.75 -13.88
CA TYR C 606 15.41 -45.78 -14.73
C TYR C 606 14.94 -47.22 -14.93
N PRO C 607 13.67 -47.42 -15.29
CA PRO C 607 13.15 -48.78 -15.47
C PRO C 607 13.81 -49.57 -16.59
N ASP C 608 14.49 -48.92 -17.52
CA ASP C 608 15.13 -49.62 -18.63
C ASP C 608 16.46 -50.26 -18.24
N GLY C 609 16.94 -50.04 -17.02
CA GLY C 609 18.16 -50.63 -16.55
C GLY C 609 19.40 -49.78 -16.65
N SER C 610 19.25 -48.49 -16.96
CA SER C 610 20.40 -47.60 -17.05
C SER C 610 19.98 -46.19 -16.66
N TRP C 611 20.95 -45.41 -16.18
CA TRP C 611 20.74 -44.03 -15.79
C TRP C 611 21.87 -43.18 -16.35
N TYR C 612 21.51 -42.07 -16.99
CA TYR C 612 22.48 -41.23 -17.67
C TYR C 612 23.13 -40.25 -16.70
N GLY C 613 24.26 -39.69 -17.12
CA GLY C 613 25.03 -38.77 -16.33
C GLY C 613 24.73 -37.31 -16.63
N ASN C 614 25.72 -36.46 -16.42
CA ASN C 614 25.56 -35.02 -16.62
C ASN C 614 26.70 -34.36 -17.38
N TRP C 615 27.85 -35.01 -17.53
CA TRP C 615 29.00 -34.43 -18.20
C TRP C 615 29.40 -35.19 -19.47
N GLY C 616 29.44 -36.52 -19.41
CA GLY C 616 29.67 -37.29 -20.62
C GLY C 616 28.36 -37.57 -21.36
N ILE C 617 28.42 -37.47 -22.69
CA ILE C 617 27.24 -37.69 -23.51
C ILE C 617 27.06 -39.19 -23.73
N CYS C 618 26.34 -39.84 -22.82
CA CYS C 618 26.06 -41.27 -22.87
C CYS C 618 25.11 -41.61 -21.74
N PHE C 619 24.24 -42.59 -22.01
CA PHE C 619 23.46 -43.21 -20.95
C PHE C 619 24.28 -44.22 -20.15
N ILE C 620 25.49 -44.54 -20.60
CA ILE C 620 26.35 -45.49 -19.91
C ILE C 620 27.55 -44.82 -19.25
N TYR C 621 27.76 -43.51 -19.46
CA TYR C 621 28.90 -42.84 -18.84
C TYR C 621 28.80 -42.87 -17.32
N SER C 622 27.62 -42.56 -16.78
CA SER C 622 27.42 -42.66 -15.35
C SER C 622 27.26 -44.11 -14.89
N THR C 623 26.87 -45.01 -15.80
CA THR C 623 26.73 -46.41 -15.44
C THR C 623 28.07 -47.02 -15.02
N MET C 624 29.15 -46.64 -15.71
CA MET C 624 30.47 -47.14 -15.36
C MET C 624 30.86 -46.71 -13.95
N PHE C 625 30.66 -45.44 -13.62
CA PHE C 625 30.98 -44.95 -12.28
C PHE C 625 30.10 -45.60 -11.23
N ALA C 626 28.81 -45.79 -11.53
CA ALA C 626 27.90 -46.42 -10.58
C ALA C 626 28.31 -47.86 -10.31
N LEU C 627 28.63 -48.61 -11.36
CA LEU C 627 29.06 -50.00 -11.19
C LEU C 627 30.37 -50.07 -10.43
N GLY C 628 31.29 -49.13 -10.72
CA GLY C 628 32.53 -49.08 -9.96
C GLY C 628 32.30 -48.78 -8.48
N GLY C 629 31.34 -47.89 -8.19
CA GLY C 629 31.01 -47.56 -6.82
C GLY C 629 30.03 -48.49 -6.14
N LEU C 630 29.42 -49.42 -6.87
CA LEU C 630 28.47 -50.35 -6.28
C LEU C 630 29.11 -51.68 -5.90
N ALA C 631 30.02 -52.20 -6.74
CA ALA C 631 30.71 -53.44 -6.42
C ALA C 631 31.69 -53.29 -5.25
N ALA C 632 31.99 -52.06 -4.83
CA ALA C 632 32.93 -51.84 -3.74
C ALA C 632 32.37 -52.30 -2.40
N THR C 633 31.06 -52.17 -2.19
CA THR C 633 30.43 -52.52 -0.93
C THR C 633 30.00 -53.99 -0.88
N GLY C 634 30.60 -54.85 -1.69
CA GLY C 634 30.26 -56.26 -1.70
C GLY C 634 29.05 -56.64 -2.51
N ARG C 635 28.56 -55.75 -3.36
CA ARG C 635 27.41 -56.07 -4.21
C ARG C 635 27.81 -57.12 -5.24
N THR C 636 27.20 -58.29 -5.15
CA THR C 636 27.50 -59.40 -6.06
C THR C 636 26.68 -59.25 -7.34
N TYR C 637 26.69 -60.31 -8.15
CA TYR C 637 25.93 -60.34 -9.40
C TYR C 637 24.90 -61.46 -9.43
N ASP C 638 25.23 -62.64 -8.90
CA ASP C 638 24.29 -63.75 -8.92
C ASP C 638 23.06 -63.46 -8.07
N ASN C 639 23.25 -62.87 -6.90
CA ASN C 639 22.14 -62.56 -5.98
C ASN C 639 22.36 -61.16 -5.41
N CYS C 640 21.85 -60.15 -6.11
CA CYS C 640 21.91 -58.77 -5.65
C CYS C 640 20.83 -57.97 -6.35
N GLN C 641 20.50 -56.81 -5.76
CA GLN C 641 19.46 -55.94 -6.28
C GLN C 641 20.06 -54.87 -7.19
N ALA C 642 19.50 -54.74 -8.39
CA ALA C 642 19.80 -53.71 -9.38
C ALA C 642 21.17 -53.86 -10.01
N VAL C 643 21.99 -54.82 -9.59
CA VAL C 643 23.30 -55.00 -10.21
C VAL C 643 23.14 -55.58 -11.62
N ARG C 644 22.26 -56.57 -11.77
CA ARG C 644 22.10 -57.23 -13.06
C ARG C 644 21.44 -56.36 -14.11
N ARG C 645 20.72 -55.31 -13.69
CA ARG C 645 20.02 -54.47 -14.64
C ARG C 645 20.98 -53.77 -15.61
N GLY C 646 22.05 -53.18 -15.07
CA GLY C 646 23.02 -52.52 -15.93
C GLY C 646 23.74 -53.49 -16.84
N VAL C 647 24.08 -54.67 -16.33
CA VAL C 647 24.76 -55.67 -17.15
C VAL C 647 23.86 -56.11 -18.30
N ASP C 648 22.59 -56.36 -18.01
CA ASP C 648 21.65 -56.75 -19.05
C ASP C 648 21.45 -55.63 -20.07
N PHE C 649 21.38 -54.38 -19.61
CA PHE C 649 21.25 -53.25 -20.53
C PHE C 649 22.46 -53.16 -21.45
N ILE C 650 23.67 -53.32 -20.90
CA ILE C 650 24.87 -53.25 -21.71
C ILE C 650 24.92 -54.40 -22.71
N LEU C 651 24.56 -55.61 -22.27
CA LEU C 651 24.61 -56.76 -23.15
C LEU C 651 23.58 -56.65 -24.28
N LYS C 652 22.39 -56.14 -23.97
CA LYS C 652 21.33 -56.06 -24.97
C LYS C 652 21.66 -55.07 -26.08
N ASN C 653 22.46 -54.05 -25.78
CA ASN C 653 22.76 -52.99 -26.74
C ASN C 653 24.23 -53.08 -27.13
N GLN C 654 24.49 -53.51 -28.36
CA GLN C 654 25.84 -53.60 -28.91
C GLN C 654 25.78 -53.31 -30.40
N SER C 655 26.95 -53.26 -31.03
CA SER C 655 27.05 -53.07 -32.46
C SER C 655 27.13 -54.44 -33.16
N ASP C 656 27.37 -54.43 -34.47
CA ASP C 656 27.53 -55.69 -35.19
C ASP C 656 28.77 -56.44 -34.73
N ASP C 657 29.78 -55.73 -34.25
CA ASP C 657 31.02 -56.33 -33.75
C ASP C 657 31.19 -56.16 -32.25
N GLY C 658 30.12 -55.87 -31.53
CA GLY C 658 30.19 -55.70 -30.09
C GLY C 658 30.49 -54.29 -29.62
N GLY C 659 30.66 -53.34 -30.54
CA GLY C 659 30.96 -51.97 -30.16
C GLY C 659 29.74 -51.26 -29.60
N TRP C 660 29.99 -50.05 -29.09
CA TRP C 660 28.95 -49.23 -28.50
C TRP C 660 29.04 -47.82 -29.06
N GLY C 661 27.89 -47.21 -29.31
CA GLY C 661 27.85 -45.84 -29.81
C GLY C 661 26.53 -45.19 -29.49
N GLU C 662 26.56 -43.86 -29.46
CA GLU C 662 25.37 -43.05 -29.18
C GLU C 662 25.39 -41.82 -30.07
N SER C 663 24.50 -40.87 -29.77
CA SER C 663 24.40 -39.62 -30.50
C SER C 663 24.32 -38.48 -29.51
N TYR C 664 24.66 -37.28 -29.98
CA TYR C 664 24.64 -36.10 -29.12
C TYR C 664 23.24 -35.74 -28.66
N LEU C 665 22.21 -36.12 -29.41
CA LEU C 665 20.83 -35.80 -29.08
C LEU C 665 20.18 -36.85 -28.19
N SER C 666 20.91 -37.92 -27.82
CA SER C 666 20.33 -38.96 -26.99
C SER C 666 20.03 -38.44 -25.58
N CYS C 667 21.00 -37.80 -24.95
CA CYS C 667 20.79 -37.27 -23.60
C CYS C 667 19.70 -36.22 -23.53
N PRO C 668 19.65 -35.20 -24.40
CA PRO C 668 18.57 -34.21 -24.30
C PRO C 668 17.18 -34.82 -24.41
N ARG C 669 17.00 -35.82 -25.25
CA ARG C 669 15.71 -36.48 -25.41
C ARG C 669 15.48 -37.58 -24.38
N LYS C 670 16.52 -38.01 -23.67
CA LYS C 670 16.42 -39.06 -22.65
C LYS C 670 15.79 -40.34 -23.21
N VAL C 671 16.27 -40.76 -24.39
CA VAL C 671 15.68 -41.92 -25.06
C VAL C 671 16.76 -42.93 -25.41
N TYR C 672 18.02 -42.52 -25.36
CA TYR C 672 19.16 -43.38 -25.67
C TYR C 672 19.05 -43.92 -27.10
N THR C 673 19.17 -43.00 -28.06
CA THR C 673 19.15 -43.36 -29.47
C THR C 673 20.59 -43.65 -29.91
N PRO C 674 20.93 -44.90 -30.23
CA PRO C 674 22.27 -45.21 -30.71
C PRO C 674 22.43 -45.24 -32.23
N LEU C 675 21.40 -44.82 -32.98
CA LEU C 675 21.41 -44.93 -34.44
C LEU C 675 22.28 -43.82 -35.04
N ASP C 676 23.58 -44.03 -34.94
CA ASP C 676 24.57 -43.17 -35.60
C ASP C 676 25.24 -43.89 -36.77
N GLY C 677 24.50 -44.75 -37.44
CA GLY C 677 25.07 -45.60 -38.47
C GLY C 677 25.59 -46.92 -37.97
N ARG C 678 25.18 -47.34 -36.76
CA ARG C 678 25.66 -48.59 -36.15
C ARG C 678 27.17 -48.58 -35.99
N ARG C 679 27.74 -47.41 -35.74
CA ARG C 679 29.17 -47.24 -35.59
C ARG C 679 29.54 -47.34 -34.11
N SER C 680 30.80 -47.03 -33.79
CA SER C 680 31.28 -47.10 -32.42
C SER C 680 32.48 -46.16 -32.27
N ASN C 681 32.81 -45.86 -31.01
CA ASN C 681 33.93 -45.01 -30.68
C ASN C 681 34.79 -45.68 -29.61
N VAL C 682 36.09 -45.40 -29.67
CA VAL C 682 37.02 -46.05 -28.75
C VAL C 682 36.74 -45.66 -27.30
N VAL C 683 36.43 -44.39 -27.05
CA VAL C 683 36.22 -43.92 -25.69
C VAL C 683 34.97 -44.57 -25.09
N GLN C 684 33.87 -44.60 -25.85
CA GLN C 684 32.64 -45.18 -25.34
C GLN C 684 32.76 -46.68 -25.13
N THR C 685 33.42 -47.37 -26.05
CA THR C 685 33.63 -48.82 -25.88
C THR C 685 34.52 -49.10 -24.68
N ALA C 686 35.56 -48.29 -24.48
CA ALA C 686 36.40 -48.45 -23.30
C ALA C 686 35.62 -48.20 -22.02
N TRP C 687 34.76 -47.19 -22.02
CA TRP C 687 33.91 -46.92 -20.86
C TRP C 687 33.02 -48.12 -20.57
N ALA C 688 32.38 -48.67 -21.61
CA ALA C 688 31.50 -49.81 -21.41
C ALA C 688 32.26 -51.03 -20.89
N MET C 689 33.44 -51.31 -21.46
CA MET C 689 34.22 -52.44 -21.01
C MET C 689 34.67 -52.27 -19.56
N LEU C 690 35.11 -51.07 -19.19
CA LEU C 690 35.52 -50.83 -17.81
C LEU C 690 34.34 -50.96 -16.85
N GLY C 691 33.17 -50.44 -17.24
CA GLY C 691 32.01 -50.58 -16.39
C GLY C 691 31.58 -52.03 -16.21
N LEU C 692 31.62 -52.81 -17.30
CA LEU C 692 31.27 -54.22 -17.20
C LEU C 692 32.30 -55.01 -16.41
N LEU C 693 33.57 -54.57 -16.41
CA LEU C 693 34.62 -55.31 -15.73
C LEU C 693 34.44 -55.28 -14.22
N TYR C 694 33.95 -54.16 -13.67
CA TYR C 694 33.76 -54.05 -12.23
C TYR C 694 32.68 -55.00 -11.71
N ALA C 695 31.85 -55.54 -12.59
CA ALA C 695 30.76 -56.44 -12.18
C ALA C 695 31.22 -57.89 -12.02
N GLY C 696 32.50 -58.17 -12.25
CA GLY C 696 33.00 -59.53 -12.14
C GLY C 696 32.59 -60.44 -13.27
N GLN C 697 32.27 -59.86 -14.44
CA GLN C 697 31.84 -60.65 -15.59
C GLN C 697 32.99 -61.29 -16.34
N ALA C 698 34.25 -60.98 -15.97
CA ALA C 698 35.40 -61.61 -16.62
C ALA C 698 35.40 -63.12 -16.38
N GLU C 699 35.10 -63.54 -15.15
CA GLU C 699 35.00 -64.97 -14.84
C GLU C 699 33.63 -65.54 -15.15
N ARG C 700 32.63 -64.68 -15.39
CA ARG C 700 31.28 -65.16 -15.68
C ARG C 700 31.18 -65.64 -17.13
N ASP C 701 31.39 -64.73 -18.08
CA ASP C 701 31.34 -65.06 -19.50
C ASP C 701 32.15 -64.04 -20.28
N PRO C 702 33.46 -64.26 -20.45
CA PRO C 702 34.31 -63.32 -21.18
C PRO C 702 34.21 -63.41 -22.70
N THR C 703 33.30 -64.23 -23.23
CA THR C 703 33.15 -64.34 -24.68
C THR C 703 32.77 -63.02 -25.34
N PRO C 704 31.78 -62.25 -24.84
CA PRO C 704 31.55 -60.92 -25.43
C PRO C 704 32.74 -59.99 -25.31
N LEU C 705 33.57 -60.16 -24.27
CA LEU C 705 34.72 -59.29 -24.08
C LEU C 705 35.79 -59.49 -25.16
N HIS C 706 35.82 -60.66 -25.80
CA HIS C 706 36.83 -60.91 -26.83
C HIS C 706 36.68 -59.94 -27.99
N ARG C 707 35.47 -59.84 -28.55
CA ARG C 707 35.25 -58.89 -29.64
C ARG C 707 35.34 -57.46 -29.15
N GLY C 708 34.95 -57.19 -27.90
CA GLY C 708 35.11 -55.85 -27.36
C GLY C 708 36.56 -55.41 -27.32
N ALA C 709 37.47 -56.33 -27.01
CA ALA C 709 38.89 -56.02 -27.06
C ALA C 709 39.42 -55.99 -28.50
N LYS C 710 38.88 -56.84 -29.38
CA LYS C 710 39.38 -56.91 -30.74
C LYS C 710 38.98 -55.67 -31.56
N VAL C 711 37.87 -55.03 -31.23
CA VAL C 711 37.42 -53.87 -31.99
C VAL C 711 38.24 -52.64 -31.59
N LEU C 712 39.19 -52.82 -30.68
CA LEU C 712 40.06 -51.73 -30.24
C LEU C 712 41.44 -51.75 -30.91
N ILE C 713 41.98 -52.94 -31.19
CA ILE C 713 43.32 -53.03 -31.76
C ILE C 713 43.34 -52.48 -33.19
N ASN C 714 42.27 -52.69 -33.95
CA ASN C 714 42.24 -52.22 -35.33
C ASN C 714 42.26 -50.70 -35.39
N TYR C 715 41.58 -50.03 -34.46
CA TYR C 715 41.57 -48.57 -34.44
C TYR C 715 42.91 -47.97 -33.99
N GLN C 716 43.83 -48.79 -33.50
CA GLN C 716 45.13 -48.28 -33.08
C GLN C 716 45.92 -47.81 -34.29
N MET C 717 46.45 -46.59 -34.20
CA MET C 717 47.24 -46.02 -35.28
C MET C 717 48.69 -46.46 -35.21
N GLU C 718 49.30 -46.66 -36.38
CA GLU C 718 50.71 -47.03 -36.44
C GLU C 718 51.60 -45.96 -35.81
N ASP C 719 51.20 -44.69 -35.96
CA ASP C 719 51.93 -43.59 -35.33
C ASP C 719 51.60 -43.41 -33.86
N GLY C 720 50.65 -44.17 -33.34
CA GLY C 720 50.22 -44.07 -31.96
C GLY C 720 48.92 -43.31 -31.83
N GLY C 721 48.13 -43.69 -30.82
CA GLY C 721 46.85 -43.07 -30.58
C GLY C 721 45.73 -43.64 -31.42
N TYR C 722 44.55 -43.05 -31.26
CA TYR C 722 43.36 -43.45 -31.99
C TYR C 722 42.80 -42.25 -32.74
N PRO C 723 42.56 -42.37 -34.05
CA PRO C 723 42.13 -41.21 -34.85
C PRO C 723 40.67 -40.85 -34.73
N GLN C 724 39.88 -41.54 -33.90
CA GLN C 724 38.48 -41.19 -33.72
C GLN C 724 38.36 -39.80 -33.11
N GLN C 725 37.51 -38.97 -33.69
CA GLN C 725 37.32 -37.58 -33.27
C GLN C 725 35.84 -37.33 -33.00
N GLU C 726 35.48 -37.26 -31.72
CA GLU C 726 34.14 -36.88 -31.31
C GLU C 726 34.22 -36.05 -30.05
N ILE C 727 33.16 -35.29 -29.78
CA ILE C 727 33.14 -34.42 -28.61
C ILE C 727 33.23 -35.23 -27.32
N THR C 728 32.41 -36.28 -27.22
CA THR C 728 32.37 -37.16 -26.04
C THR C 728 32.15 -36.38 -24.75
N GLY C 729 31.31 -35.35 -24.81
CA GLY C 729 31.01 -34.55 -23.64
C GLY C 729 29.72 -33.75 -23.77
N VAL C 730 29.02 -33.57 -22.65
CA VAL C 730 27.78 -32.79 -22.61
C VAL C 730 27.89 -31.79 -21.45
N PHE C 731 27.11 -30.72 -21.56
CA PHE C 731 27.11 -29.66 -20.54
C PHE C 731 25.67 -29.19 -20.33
N LYS C 732 25.10 -29.52 -19.17
CA LYS C 732 23.77 -29.07 -18.79
C LYS C 732 22.71 -29.47 -19.82
N MET C 733 22.86 -30.68 -20.37
CA MET C 733 21.90 -31.35 -21.24
C MET C 733 21.71 -30.68 -22.60
N ASN C 734 22.32 -29.53 -22.85
CA ASN C 734 22.16 -28.87 -24.14
C ASN C 734 23.49 -28.56 -24.79
N CYS C 735 24.48 -28.17 -23.98
CA CYS C 735 25.80 -27.83 -24.48
C CYS C 735 26.69 -29.07 -24.51
N MET C 736 27.77 -28.97 -25.28
CA MET C 736 28.68 -30.08 -25.48
C MET C 736 30.11 -29.65 -25.16
N LEU C 737 30.96 -30.64 -24.89
CA LEU C 737 32.35 -30.39 -24.54
C LEU C 737 33.21 -31.47 -25.20
N HIS C 738 34.49 -31.16 -25.35
CA HIS C 738 35.44 -32.05 -26.02
C HIS C 738 36.67 -32.25 -25.15
N TYR C 739 37.22 -33.45 -25.17
CA TYR C 739 38.43 -33.79 -24.43
C TYR C 739 39.41 -34.44 -25.40
N PRO C 740 40.62 -33.89 -25.57
CA PRO C 740 41.53 -34.43 -26.59
C PRO C 740 42.31 -35.66 -26.14
N ILE C 741 42.47 -35.89 -24.85
CA ILE C 741 43.29 -37.01 -24.36
C ILE C 741 42.46 -38.25 -24.04
N TYR C 742 41.13 -38.15 -24.04
CA TYR C 742 40.29 -39.32 -23.80
C TYR C 742 40.47 -40.39 -24.87
N ARG C 743 41.00 -40.02 -26.04
CA ARG C 743 41.24 -41.00 -27.09
C ARG C 743 42.27 -42.04 -26.65
N ASN C 744 43.20 -41.66 -25.78
CA ASN C 744 44.29 -42.52 -25.36
C ASN C 744 44.23 -42.91 -23.89
N ALA C 745 43.68 -42.06 -23.02
CA ALA C 745 43.72 -42.33 -21.59
C ALA C 745 42.90 -43.57 -21.24
N PHE C 746 41.71 -43.71 -21.82
CA PHE C 746 40.80 -44.78 -21.41
C PHE C 746 41.12 -46.14 -22.04
N PRO C 747 41.44 -46.22 -23.34
CA PRO C 747 41.79 -47.56 -23.89
C PRO C 747 42.97 -48.20 -23.19
N ILE C 748 44.00 -47.42 -22.83
CA ILE C 748 45.14 -47.99 -22.11
C ILE C 748 44.72 -48.45 -20.73
N TRP C 749 43.85 -47.68 -20.06
CA TRP C 749 43.35 -48.09 -18.75
C TRP C 749 42.59 -49.40 -18.84
N ALA C 750 41.76 -49.56 -19.86
CA ALA C 750 41.01 -50.80 -20.03
C ALA C 750 41.94 -51.97 -20.35
N LEU C 751 42.91 -51.76 -21.23
CA LEU C 751 43.81 -52.84 -21.61
C LEU C 751 44.72 -53.24 -20.44
N GLY C 752 45.02 -52.31 -19.53
CA GLY C 752 45.83 -52.66 -18.38
C GLY C 752 45.15 -53.66 -17.47
N GLU C 753 43.86 -53.48 -17.23
CA GLU C 753 43.10 -54.40 -16.38
C GLU C 753 42.55 -55.60 -17.15
N TYR C 754 42.52 -55.55 -18.47
CA TYR C 754 42.06 -56.70 -19.25
C TYR C 754 42.94 -57.92 -19.01
N ARG C 755 44.26 -57.74 -19.00
CA ARG C 755 45.15 -58.85 -18.72
C ARG C 755 45.12 -59.25 -17.26
N LYS C 756 44.93 -58.28 -16.35
CA LYS C 756 44.95 -58.58 -14.92
C LYS C 756 43.73 -59.41 -14.52
N ARG C 757 42.56 -59.09 -15.08
CA ARG C 757 41.35 -59.81 -14.69
C ARG C 757 41.31 -61.21 -15.31
N VAL C 758 41.30 -61.29 -16.63
CA VAL C 758 41.27 -62.56 -17.34
C VAL C 758 42.66 -62.80 -17.95
N PRO C 759 43.38 -63.83 -17.53
CA PRO C 759 44.70 -64.08 -18.11
C PRO C 759 44.67 -64.38 -19.61
N LEU C 760 43.63 -65.07 -20.08
CA LEU C 760 43.51 -65.50 -21.47
C LEU C 760 44.78 -66.23 -21.91
N PRO C 761 45.05 -67.42 -21.36
CA PRO C 761 46.34 -68.09 -21.64
C PRO C 761 46.45 -68.49 -23.11
N SER C 762 47.62 -68.25 -23.68
CA SER C 762 47.91 -68.65 -25.06
C SER C 762 49.42 -68.71 -25.21
N LYS C 763 49.96 -69.91 -25.43
CA LYS C 763 51.40 -70.08 -25.54
C LYS C 763 51.97 -69.46 -26.80
N GLY C 764 51.15 -69.24 -27.82
CA GLY C 764 51.61 -68.63 -29.06
C GLY C 764 50.62 -68.80 -30.20
N MET D 1 -31.71 45.68 -40.97
CA MET D 1 -32.98 44.97 -41.11
C MET D 1 -33.22 44.07 -39.90
N TRP D 2 -32.84 44.54 -38.71
CA TRP D 2 -32.99 43.81 -37.47
C TRP D 2 -34.17 44.36 -36.68
N LYS D 3 -35.11 43.47 -36.33
CA LYS D 3 -36.26 43.83 -35.52
C LYS D 3 -36.26 42.97 -34.26
N LEU D 4 -36.40 43.62 -33.10
CA LEU D 4 -36.46 42.94 -31.83
C LEU D 4 -37.90 42.56 -31.52
N LYS D 5 -38.16 41.27 -31.37
CA LYS D 5 -39.50 40.76 -31.13
C LYS D 5 -39.46 39.63 -30.12
N VAL D 6 -40.46 39.57 -29.24
CA VAL D 6 -40.59 38.45 -28.32
C VAL D 6 -40.74 37.16 -29.13
N ALA D 7 -40.24 36.06 -28.57
CA ALA D 7 -40.11 34.83 -29.33
C ALA D 7 -41.46 34.34 -29.86
N GLU D 8 -42.33 33.90 -28.96
CA GLU D 8 -43.64 33.34 -29.33
C GLU D 8 -43.53 32.30 -30.44
N ARG D 9 -42.47 31.51 -30.41
CA ARG D 9 -42.19 30.51 -31.45
C ARG D 9 -41.85 29.17 -30.81
N GLY D 10 -42.68 28.74 -29.85
CA GLY D 10 -42.43 27.50 -29.13
C GLY D 10 -42.56 26.25 -29.96
N ASN D 11 -43.08 26.35 -31.19
CA ASN D 11 -43.24 25.21 -32.09
C ASN D 11 -42.23 25.35 -33.22
N ALA D 12 -41.06 24.72 -33.06
CA ALA D 12 -39.97 24.70 -34.03
C ALA D 12 -39.56 26.11 -34.44
N PRO D 13 -38.85 26.84 -33.58
CA PRO D 13 -38.41 28.20 -33.97
C PRO D 13 -37.36 28.20 -35.08
N TYR D 14 -36.20 27.56 -34.86
CA TYR D 14 -35.15 27.51 -35.86
C TYR D 14 -34.89 26.10 -36.35
N SER D 15 -34.64 25.15 -35.45
CA SER D 15 -34.34 23.78 -35.87
C SER D 15 -35.10 22.70 -35.10
N GLU D 16 -35.60 22.97 -33.89
CA GLU D 16 -36.22 21.94 -33.08
C GLU D 16 -37.22 22.57 -32.12
N TYR D 17 -38.39 21.94 -32.01
CA TYR D 17 -39.42 22.45 -31.11
C TYR D 17 -39.04 22.20 -29.66
N LEU D 18 -39.32 23.17 -28.81
CA LEU D 18 -39.02 23.10 -27.38
C LEU D 18 -40.31 23.25 -26.58
N TYR D 19 -40.17 23.22 -25.25
CA TYR D 19 -41.29 23.33 -24.34
C TYR D 19 -41.05 24.47 -23.36
N THR D 20 -42.08 25.27 -23.13
CA THR D 20 -41.99 26.40 -22.22
C THR D 20 -42.68 26.05 -20.89
N THR D 21 -42.68 27.00 -19.97
CA THR D 21 -43.28 26.83 -18.66
C THR D 21 -44.44 27.78 -18.41
N ASN D 22 -44.39 29.00 -18.94
CA ASN D 22 -45.45 29.99 -18.77
C ASN D 22 -45.75 30.69 -20.08
N ASP D 23 -45.81 29.92 -21.17
CA ASP D 23 -46.11 30.43 -22.51
C ASP D 23 -45.13 31.55 -22.91
N PHE D 24 -43.84 31.24 -22.80
CA PHE D 24 -42.76 32.18 -23.13
C PHE D 24 -42.90 33.49 -22.35
N SER D 25 -42.82 33.37 -21.03
CA SER D 25 -42.91 34.51 -20.13
C SER D 25 -41.57 35.25 -20.15
N GLY D 26 -41.44 36.16 -21.11
CA GLY D 26 -40.24 36.96 -21.22
C GLY D 26 -39.14 36.38 -22.07
N ARG D 27 -39.45 35.41 -22.94
CA ARG D 27 -38.42 34.85 -23.82
C ARG D 27 -37.91 35.92 -24.77
N GLN D 28 -36.59 35.96 -24.94
CA GLN D 28 -35.92 36.99 -25.74
C GLN D 28 -35.36 36.34 -27.00
N THR D 29 -35.77 36.83 -28.15
CA THR D 29 -35.27 36.38 -29.44
C THR D 29 -35.06 37.56 -30.37
N TRP D 30 -34.18 37.38 -31.36
CA TRP D 30 -33.88 38.41 -32.32
C TRP D 30 -33.79 37.78 -33.71
N GLU D 31 -34.36 38.45 -34.70
CA GLU D 31 -34.45 37.91 -36.05
C GLU D 31 -33.97 38.95 -37.06
N PHE D 32 -33.33 38.47 -38.12
CA PHE D 32 -32.84 39.31 -39.21
C PHE D 32 -33.88 39.29 -40.31
N ASP D 33 -34.63 40.39 -40.44
CA ASP D 33 -35.69 40.44 -41.44
C ASP D 33 -35.09 40.47 -42.85
N PRO D 34 -35.70 39.75 -43.80
CA PRO D 34 -35.15 39.74 -45.16
C PRO D 34 -35.62 40.91 -46.02
N ASN D 35 -36.80 41.46 -45.70
CA ASN D 35 -37.41 42.50 -46.52
C ASN D 35 -37.53 43.84 -45.82
N ALA D 36 -36.94 44.02 -44.65
CA ALA D 36 -37.02 45.30 -43.96
C ALA D 36 -36.19 46.35 -44.68
N GLY D 37 -36.62 47.61 -44.54
CA GLY D 37 -35.92 48.71 -45.16
C GLY D 37 -36.64 50.04 -45.03
N THR D 38 -35.87 51.13 -44.93
CA THR D 38 -36.42 52.47 -44.78
C THR D 38 -35.41 53.45 -45.40
N PRO D 39 -35.87 54.42 -46.19
CA PRO D 39 -34.93 55.37 -46.80
C PRO D 39 -34.10 56.15 -45.81
N GLN D 40 -34.64 56.48 -44.63
CA GLN D 40 -33.92 57.29 -43.66
C GLN D 40 -33.62 56.57 -42.35
N GLU D 41 -34.50 55.69 -41.89
CA GLU D 41 -34.27 55.01 -40.61
C GLU D 41 -33.10 54.02 -40.72
N LEU D 42 -32.97 53.36 -41.87
CA LEU D 42 -31.85 52.42 -42.04
C LEU D 42 -30.51 53.15 -42.03
N ALA D 43 -30.48 54.42 -42.41
CA ALA D 43 -29.24 55.19 -42.38
C ALA D 43 -28.73 55.42 -40.97
N LYS D 44 -29.58 55.27 -39.95
CA LYS D 44 -29.15 55.46 -38.58
C LYS D 44 -28.24 54.33 -38.10
N VAL D 45 -28.35 53.15 -38.72
CA VAL D 45 -27.51 52.02 -38.31
C VAL D 45 -26.04 52.31 -38.59
N GLU D 46 -25.73 52.87 -39.76
CA GLU D 46 -24.35 53.22 -40.07
C GLU D 46 -23.82 54.27 -39.10
N GLU D 47 -24.66 55.25 -38.74
CA GLU D 47 -24.25 56.26 -37.77
C GLU D 47 -23.96 55.62 -36.42
N ALA D 48 -24.83 54.71 -35.97
CA ALA D 48 -24.61 54.03 -34.69
C ALA D 48 -23.32 53.22 -34.72
N ARG D 49 -23.05 52.54 -35.82
CA ARG D 49 -21.80 51.79 -35.93
C ARG D 49 -20.59 52.71 -35.89
N ARG D 50 -20.61 53.79 -36.68
CA ARG D 50 -19.44 54.65 -36.79
C ARG D 50 -19.18 55.46 -35.52
N LYS D 51 -20.24 55.83 -34.78
CA LYS D 51 -20.03 56.55 -33.53
C LYS D 51 -19.24 55.70 -32.55
N PHE D 52 -19.63 54.43 -32.39
CA PHE D 52 -18.86 53.53 -31.53
C PHE D 52 -17.47 53.29 -32.09
N THR D 53 -17.36 53.12 -33.42
CA THR D 53 -16.06 52.86 -34.02
C THR D 53 -15.08 54.01 -33.78
N GLU D 54 -15.59 55.25 -33.70
CA GLU D 54 -14.73 56.40 -33.50
C GLU D 54 -14.57 56.82 -32.04
N ASP D 55 -15.50 56.42 -31.16
CA ASP D 55 -15.40 56.78 -29.75
C ASP D 55 -15.11 55.57 -28.86
N ARG D 56 -14.64 54.46 -29.46
CA ARG D 56 -14.21 53.32 -28.67
C ARG D 56 -13.15 53.70 -27.63
N HIS D 57 -12.19 54.54 -28.03
CA HIS D 57 -11.13 54.93 -27.10
C HIS D 57 -11.68 55.75 -25.94
N THR D 58 -12.52 56.74 -26.24
CA THR D 58 -13.07 57.58 -25.18
C THR D 58 -14.12 56.84 -24.35
N VAL D 59 -15.03 56.14 -25.01
CA VAL D 59 -16.09 55.39 -24.34
C VAL D 59 -15.95 53.93 -24.73
N LYS D 60 -15.68 53.07 -23.74
CA LYS D 60 -15.49 51.65 -24.00
C LYS D 60 -16.83 50.93 -24.24
N PRO D 61 -17.82 51.03 -23.35
CA PRO D 61 -19.08 50.31 -23.58
C PRO D 61 -19.97 51.08 -24.53
N ALA D 62 -21.17 50.53 -24.77
CA ALA D 62 -22.15 51.15 -25.64
C ALA D 62 -23.55 50.77 -25.17
N SER D 63 -24.37 51.77 -24.89
CA SER D 63 -25.76 51.52 -24.49
C SER D 63 -26.58 51.08 -25.70
N ASP D 64 -27.61 50.29 -25.44
CA ASP D 64 -28.46 49.75 -26.49
C ASP D 64 -29.37 50.85 -27.03
N LEU D 65 -28.96 51.47 -28.14
CA LEU D 65 -29.72 52.54 -28.78
C LEU D 65 -30.57 52.05 -29.93
N LEU D 66 -30.06 51.10 -30.74
CA LEU D 66 -30.87 50.56 -31.84
C LEU D 66 -32.02 49.71 -31.32
N TRP D 67 -31.86 49.10 -30.15
CA TRP D 67 -32.96 48.33 -29.56
C TRP D 67 -34.11 49.23 -29.15
N MET D 68 -33.81 50.33 -28.46
CA MET D 68 -34.85 51.28 -28.08
C MET D 68 -35.31 52.12 -29.26
N MET D 69 -34.53 52.16 -30.35
CA MET D 69 -34.97 52.86 -31.55
C MET D 69 -36.23 52.23 -32.13
N GLN D 70 -36.30 50.89 -32.12
CA GLN D 70 -37.44 50.19 -32.69
C GLN D 70 -38.74 50.51 -31.96
N PHE D 71 -38.67 50.90 -30.69
CA PHE D 71 -39.87 51.20 -29.90
C PHE D 71 -40.29 52.65 -30.01
N MET D 72 -39.57 53.47 -30.78
CA MET D 72 -39.99 54.86 -31.02
C MET D 72 -41.12 54.95 -32.03
N ARG D 73 -41.13 54.09 -33.04
CA ARG D 73 -42.22 54.06 -34.00
C ARG D 73 -43.48 53.45 -33.41
N GLU D 74 -43.34 52.42 -32.58
CA GLU D 74 -44.49 51.77 -31.97
C GLU D 74 -45.18 52.66 -30.95
N LYS D 75 -44.45 53.62 -30.36
CA LYS D 75 -45.01 54.58 -29.40
C LYS D 75 -44.43 55.95 -29.76
N ASN D 76 -45.15 56.67 -30.62
CA ASN D 76 -44.71 57.98 -31.11
C ASN D 76 -45.14 59.04 -30.09
N PHE D 77 -44.43 59.07 -28.97
CA PHE D 77 -44.74 60.04 -27.92
C PHE D 77 -44.48 61.47 -28.41
N LYS D 78 -43.35 61.69 -29.07
CA LYS D 78 -43.00 63.00 -29.64
C LYS D 78 -43.09 64.10 -28.59
N GLN D 79 -42.61 63.82 -27.38
CA GLN D 79 -42.63 64.79 -26.31
C GLN D 79 -41.51 65.80 -26.48
N THR D 80 -41.81 67.06 -26.22
CA THR D 80 -40.86 68.17 -26.38
C THR D 80 -40.71 68.89 -25.05
N ILE D 81 -39.67 68.55 -24.30
CA ILE D 81 -39.34 69.22 -23.05
C ILE D 81 -37.85 69.49 -23.02
N PRO D 82 -37.42 70.76 -22.97
CA PRO D 82 -35.99 71.06 -22.92
C PRO D 82 -35.38 70.55 -21.63
N PRO D 83 -34.10 70.18 -21.63
CA PRO D 83 -33.45 69.73 -20.39
C PRO D 83 -33.33 70.89 -19.41
N VAL D 84 -33.99 70.73 -18.25
CA VAL D 84 -34.00 71.80 -17.25
C VAL D 84 -32.61 71.93 -16.64
N ARG D 85 -32.04 73.12 -16.74
CA ARG D 85 -30.70 73.41 -16.24
C ARG D 85 -30.76 74.53 -15.23
N LEU D 86 -30.13 74.33 -14.07
CA LEU D 86 -30.04 75.33 -13.02
C LEU D 86 -28.59 75.52 -12.62
N GLY D 87 -28.18 76.77 -12.44
CA GLY D 87 -26.82 77.09 -12.07
C GLY D 87 -26.77 78.25 -11.09
N GLU D 88 -25.53 78.59 -10.68
CA GLU D 88 -25.27 79.69 -9.76
C GLU D 88 -26.02 79.50 -8.43
N GLU D 89 -26.10 78.25 -7.97
CA GLU D 89 -26.71 77.91 -6.69
C GLU D 89 -28.15 78.38 -6.59
N GLU D 90 -28.90 78.30 -7.68
CA GLU D 90 -30.32 78.65 -7.65
C GLU D 90 -31.12 77.49 -7.07
N GLN D 91 -31.95 77.79 -6.07
CA GLN D 91 -32.77 76.76 -5.44
C GLN D 91 -33.88 76.32 -6.40
N VAL D 92 -34.04 75.02 -6.53
CA VAL D 92 -35.07 74.47 -7.42
C VAL D 92 -36.37 74.29 -6.64
N THR D 93 -37.48 74.33 -7.36
CA THR D 93 -38.81 74.18 -6.79
C THR D 93 -39.43 72.86 -7.26
N TYR D 94 -40.69 72.66 -6.89
CA TYR D 94 -41.39 71.46 -7.33
C TYR D 94 -41.62 71.46 -8.83
N GLU D 95 -41.69 72.64 -9.44
CA GLU D 95 -42.07 72.73 -10.85
C GLU D 95 -41.03 72.10 -11.76
N ASP D 96 -39.76 72.47 -11.58
CA ASP D 96 -38.71 71.94 -12.46
C ASP D 96 -38.55 70.44 -12.26
N LEU D 97 -38.59 69.98 -11.01
CA LEU D 97 -38.46 68.55 -10.74
C LEU D 97 -39.63 67.77 -11.32
N THR D 98 -40.84 68.29 -11.19
CA THR D 98 -42.00 67.62 -11.76
C THR D 98 -41.93 67.58 -13.28
N THR D 99 -41.46 68.66 -13.90
CA THR D 99 -41.30 68.67 -15.35
C THR D 99 -40.26 67.65 -15.80
N ALA D 100 -39.14 67.56 -15.09
CA ALA D 100 -38.12 66.57 -15.41
C ALA D 100 -38.65 65.16 -15.24
N LEU D 101 -39.40 64.91 -14.17
CA LEU D 101 -39.98 63.59 -13.96
C LEU D 101 -40.98 63.25 -15.06
N THR D 102 -41.81 64.23 -15.45
CA THR D 102 -42.77 64.01 -16.52
C THR D 102 -42.09 63.68 -17.84
N ARG D 103 -40.97 64.34 -18.14
CA ARG D 103 -40.23 64.04 -19.37
C ARG D 103 -39.49 62.71 -19.32
N THR D 104 -38.95 62.34 -18.15
CA THR D 104 -38.08 61.16 -18.08
C THR D 104 -38.81 59.89 -17.64
N THR D 105 -40.08 59.98 -17.24
CA THR D 105 -40.82 58.80 -16.78
C THR D 105 -41.78 58.26 -17.82
N ASN D 106 -42.49 59.12 -18.56
CA ASN D 106 -43.46 58.64 -19.53
C ASN D 106 -42.79 57.83 -20.63
N PHE D 107 -41.68 58.32 -21.17
CA PHE D 107 -40.97 57.57 -22.19
C PHE D 107 -40.31 56.32 -21.62
N PHE D 108 -39.86 56.37 -20.37
CA PHE D 108 -39.28 55.19 -19.74
C PHE D 108 -40.32 54.08 -19.57
N THR D 109 -41.53 54.44 -19.13
CA THR D 109 -42.57 53.45 -18.93
C THR D 109 -43.23 53.03 -20.25
N ALA D 110 -43.11 53.85 -21.31
CA ALA D 110 -43.59 53.48 -22.62
C ALA D 110 -42.52 52.82 -23.48
N LEU D 111 -41.29 52.70 -22.97
CA LEU D 111 -40.24 52.03 -23.72
C LEU D 111 -40.60 50.59 -24.02
N GLN D 112 -40.96 49.82 -22.98
CA GLN D 112 -41.46 48.47 -23.16
C GLN D 112 -42.25 48.09 -21.92
N ALA D 113 -43.56 47.95 -22.07
CA ALA D 113 -44.41 47.51 -20.97
C ALA D 113 -45.48 46.53 -21.41
N SER D 114 -45.47 46.09 -22.66
CA SER D 114 -46.48 45.15 -23.14
C SER D 114 -46.36 43.80 -22.42
N ASP D 115 -45.14 43.24 -22.37
CA ASP D 115 -44.94 41.97 -21.70
C ASP D 115 -44.99 42.13 -20.18
N GLY D 116 -44.41 43.22 -19.67
CA GLY D 116 -44.40 43.47 -18.24
C GLY D 116 -43.01 43.68 -17.68
N HIS D 117 -42.04 43.95 -18.56
CA HIS D 117 -40.67 44.19 -18.15
C HIS D 117 -39.96 44.93 -19.28
N TRP D 118 -38.67 45.20 -19.08
CA TRP D 118 -37.85 45.83 -20.09
C TRP D 118 -36.69 44.92 -20.47
N PRO D 119 -36.41 44.75 -21.76
CA PRO D 119 -35.29 43.89 -22.17
C PRO D 119 -33.95 44.45 -21.69
N ALA D 120 -33.31 43.72 -20.78
CA ALA D 120 -32.02 44.11 -20.22
C ALA D 120 -30.90 43.31 -20.88
N GLU D 121 -29.67 43.75 -20.63
CA GLU D 121 -28.50 43.12 -21.20
C GLU D 121 -27.41 42.97 -20.14
N ASN D 122 -26.55 41.98 -20.32
CA ASN D 122 -25.40 41.77 -19.45
C ASN D 122 -24.21 42.56 -19.98
N GLY D 123 -23.02 42.26 -19.47
CA GLY D 123 -21.81 42.93 -19.89
C GLY D 123 -21.03 42.09 -20.89
N GLY D 124 -20.86 42.64 -22.09
CA GLY D 124 -20.10 41.96 -23.12
C GLY D 124 -18.62 41.94 -22.76
N VAL D 125 -18.07 40.75 -22.54
CA VAL D 125 -16.66 40.60 -22.15
C VAL D 125 -15.85 39.84 -23.18
N SER D 126 -16.48 39.29 -24.21
CA SER D 126 -15.78 38.52 -25.26
C SER D 126 -14.96 37.39 -24.65
N PHE D 127 -15.61 36.58 -23.82
CA PHE D 127 -14.94 35.50 -23.10
C PHE D 127 -15.58 34.14 -23.32
N PHE D 128 -16.90 34.06 -23.45
CA PHE D 128 -17.59 32.79 -23.61
C PHE D 128 -18.16 32.59 -25.02
N LEU D 129 -17.83 33.48 -25.96
CA LEU D 129 -18.25 33.31 -27.35
C LEU D 129 -17.35 32.34 -28.11
N PRO D 130 -16.02 32.39 -27.93
CA PRO D 130 -15.16 31.38 -28.58
C PRO D 130 -15.54 29.96 -28.23
N PRO D 131 -15.97 29.66 -26.99
CA PRO D 131 -16.54 28.32 -26.76
C PRO D 131 -17.71 27.97 -27.66
N PHE D 132 -18.62 28.92 -27.90
CA PHE D 132 -19.73 28.68 -28.80
C PHE D 132 -19.25 28.45 -30.22
N ILE D 133 -18.27 29.23 -30.67
CA ILE D 133 -17.73 29.06 -32.01
C ILE D 133 -17.08 27.70 -32.16
N PHE D 134 -16.30 27.29 -31.15
CA PHE D 134 -15.66 25.98 -31.20
C PHE D 134 -16.69 24.85 -31.20
N SER D 135 -17.75 24.99 -30.41
CA SER D 135 -18.79 23.97 -30.39
C SER D 135 -19.48 23.86 -31.74
N LEU D 136 -19.82 25.00 -32.34
CA LEU D 136 -20.49 24.97 -33.63
C LEU D 136 -19.57 24.45 -34.73
N TYR D 137 -18.26 24.70 -34.62
CA TYR D 137 -17.32 24.16 -35.59
C TYR D 137 -17.14 22.65 -35.42
N ILE D 138 -17.13 22.17 -34.18
CA ILE D 138 -16.91 20.75 -33.94
C ILE D 138 -18.16 19.92 -34.24
N THR D 139 -19.35 20.51 -34.11
CA THR D 139 -20.57 19.77 -34.37
C THR D 139 -20.91 19.70 -35.86
N GLY D 140 -20.24 20.49 -36.70
CA GLY D 140 -20.52 20.49 -38.13
C GLY D 140 -21.73 21.29 -38.54
N HIS D 141 -22.39 21.97 -37.61
CA HIS D 141 -23.58 22.76 -37.89
C HIS D 141 -23.28 24.26 -37.94
N LEU D 142 -22.01 24.64 -38.09
CA LEU D 142 -21.66 26.06 -38.14
C LEU D 142 -22.32 26.74 -39.34
N ASN D 143 -22.25 26.10 -40.50
CA ASN D 143 -22.87 26.68 -41.70
C ASN D 143 -24.38 26.76 -41.56
N SER D 144 -25.00 25.72 -40.99
CA SER D 144 -26.45 25.71 -40.85
C SER D 144 -26.93 26.76 -39.85
N ILE D 145 -26.23 26.94 -38.74
CA ILE D 145 -26.70 27.83 -37.69
C ILE D 145 -26.22 29.26 -37.94
N ILE D 146 -24.94 29.43 -38.24
CA ILE D 146 -24.36 30.76 -38.41
C ILE D 146 -24.52 31.15 -39.88
N THR D 147 -25.44 32.07 -40.15
CA THR D 147 -25.61 32.59 -41.49
C THR D 147 -24.46 33.53 -41.84
N PRO D 148 -24.15 33.68 -43.14
CA PRO D 148 -23.04 34.57 -43.52
C PRO D 148 -23.23 36.02 -43.08
N GLU D 149 -24.47 36.49 -42.96
CA GLU D 149 -24.70 37.85 -42.48
C GLU D 149 -24.30 37.99 -41.01
N TYR D 150 -24.31 36.90 -40.25
CA TYR D 150 -23.82 36.97 -38.88
C TYR D 150 -22.30 37.05 -38.81
N ARG D 151 -21.61 36.55 -39.84
CA ARG D 151 -20.16 36.56 -39.84
C ARG D 151 -19.61 37.99 -39.83
N LYS D 152 -20.18 38.85 -40.67
CA LYS D 152 -19.72 40.24 -40.70
C LYS D 152 -20.01 40.95 -39.38
N GLU D 153 -21.17 40.65 -38.77
CA GLU D 153 -21.50 41.27 -37.50
C GLU D 153 -20.54 40.84 -36.40
N ILE D 154 -20.22 39.55 -36.32
CA ILE D 154 -19.29 39.11 -35.29
C ILE D 154 -17.88 39.61 -35.57
N LEU D 155 -17.49 39.71 -36.84
CA LEU D 155 -16.18 40.28 -37.18
C LEU D 155 -16.10 41.74 -36.75
N ARG D 156 -17.17 42.51 -36.98
CA ARG D 156 -17.20 43.90 -36.54
C ARG D 156 -17.18 44.00 -35.02
N PHE D 157 -17.86 43.08 -34.34
CA PHE D 157 -17.83 43.05 -32.88
C PHE D 157 -16.41 42.82 -32.37
N ILE D 158 -15.69 41.89 -32.99
CA ILE D 158 -14.32 41.61 -32.59
C ILE D 158 -13.43 42.82 -32.88
N TYR D 159 -13.58 43.42 -34.05
CA TYR D 159 -12.73 44.53 -34.46
C TYR D 159 -13.01 45.82 -33.68
N ASN D 160 -14.24 46.02 -33.21
CA ASN D 160 -14.61 47.29 -32.60
C ASN D 160 -13.82 47.56 -31.32
N HIS D 161 -13.63 46.54 -30.48
CA HIS D 161 -12.93 46.70 -29.20
C HIS D 161 -11.69 45.80 -29.22
N GLN D 162 -10.61 46.33 -29.78
CA GLN D 162 -9.31 45.66 -29.77
C GLN D 162 -8.27 46.65 -29.27
N ASN D 163 -7.47 46.23 -28.28
CA ASN D 163 -6.43 47.10 -27.74
C ASN D 163 -5.36 47.35 -28.79
N GLU D 164 -4.95 48.61 -28.92
CA GLU D 164 -3.94 48.96 -29.92
C GLU D 164 -2.58 48.35 -29.58
N ASP D 165 -2.32 48.09 -28.30
CA ASP D 165 -1.07 47.46 -27.91
C ASP D 165 -1.00 45.99 -28.33
N GLY D 166 -2.14 45.36 -28.58
CA GLY D 166 -2.18 43.97 -28.99
C GLY D 166 -2.79 43.05 -27.97
N GLY D 167 -2.51 43.30 -26.69
CA GLY D 167 -3.06 42.50 -25.61
C GLY D 167 -4.50 42.87 -25.26
N TRP D 168 -5.41 41.91 -25.40
CA TRP D 168 -6.82 42.14 -25.15
C TRP D 168 -7.08 42.17 -23.63
N GLY D 169 -8.34 42.18 -23.25
CA GLY D 169 -8.72 42.13 -21.85
C GLY D 169 -9.74 41.05 -21.58
N ILE D 170 -9.77 40.59 -20.33
CA ILE D 170 -10.75 39.59 -19.93
C ILE D 170 -12.16 40.15 -20.06
N HIS D 171 -12.38 41.38 -19.62
CA HIS D 171 -13.64 42.08 -19.77
C HIS D 171 -13.51 43.11 -20.90
N ILE D 172 -14.55 43.92 -21.08
CA ILE D 172 -14.54 44.92 -22.15
C ILE D 172 -13.46 45.96 -21.89
N GLU D 173 -13.30 46.40 -20.64
CA GLU D 173 -12.32 47.41 -20.27
C GLU D 173 -11.03 46.79 -19.73
N GLY D 174 -10.66 45.61 -20.20
CA GLY D 174 -9.44 44.96 -19.76
C GLY D 174 -8.21 45.56 -20.39
N HIS D 175 -7.06 44.98 -20.05
CA HIS D 175 -5.78 45.52 -20.50
C HIS D 175 -4.73 44.40 -20.47
N SER D 176 -4.22 44.05 -21.65
CA SER D 176 -3.06 43.17 -21.79
C SER D 176 -3.28 41.81 -21.12
N THR D 177 -4.25 41.08 -21.64
CA THR D 177 -4.51 39.72 -21.20
C THR D 177 -4.07 38.71 -22.25
N MET D 178 -3.82 37.47 -21.80
CA MET D 178 -3.39 36.39 -22.66
C MET D 178 -4.52 35.44 -23.05
N PHE D 179 -5.42 35.13 -22.10
CA PHE D 179 -6.54 34.25 -22.40
C PHE D 179 -7.46 34.87 -23.45
N GLY D 180 -7.88 36.11 -23.22
CA GLY D 180 -8.80 36.76 -24.15
C GLY D 180 -8.20 36.96 -25.53
N THR D 181 -6.94 37.40 -25.60
CA THR D 181 -6.29 37.62 -26.89
C THR D 181 -6.21 36.33 -27.69
N ALA D 182 -5.72 35.26 -27.06
CA ALA D 182 -5.58 33.99 -27.76
C ALA D 182 -6.93 33.43 -28.19
N PHE D 183 -7.92 33.49 -27.30
CA PHE D 183 -9.24 32.96 -27.66
C PHE D 183 -9.87 33.75 -28.79
N SER D 184 -9.77 35.08 -28.75
CA SER D 184 -10.31 35.90 -29.83
C SER D 184 -9.60 35.62 -31.15
N TYR D 185 -8.27 35.50 -31.12
CA TYR D 185 -7.54 35.21 -32.34
C TYR D 185 -7.94 33.86 -32.93
N VAL D 186 -8.04 32.83 -32.07
CA VAL D 186 -8.41 31.50 -32.57
C VAL D 186 -9.83 31.49 -33.11
N CYS D 187 -10.76 32.14 -32.41
CA CYS D 187 -12.15 32.16 -32.87
C CYS D 187 -12.28 32.93 -34.19
N LEU D 188 -11.54 34.03 -34.34
CA LEU D 188 -11.57 34.78 -35.58
C LEU D 188 -10.92 34.01 -36.73
N ARG D 189 -9.86 33.25 -36.44
CA ARG D 189 -9.18 32.52 -37.50
C ARG D 189 -9.92 31.26 -37.92
N ILE D 190 -10.66 30.63 -37.00
CA ILE D 190 -11.32 29.36 -37.30
C ILE D 190 -12.58 29.51 -38.14
N LEU D 191 -13.15 30.71 -38.20
CA LEU D 191 -14.41 30.93 -38.92
C LEU D 191 -14.20 31.19 -40.42
N GLY D 192 -13.06 30.79 -40.96
CA GLY D 192 -12.82 30.89 -42.40
C GLY D 192 -12.25 32.20 -42.88
N ILE D 193 -11.65 33.00 -42.00
CA ILE D 193 -11.03 34.26 -42.38
C ILE D 193 -9.52 34.06 -42.43
N GLU D 194 -8.90 34.58 -43.48
CA GLU D 194 -7.47 34.36 -43.70
C GLU D 194 -6.65 35.33 -42.84
N VAL D 195 -5.34 35.38 -43.12
CA VAL D 195 -4.40 36.18 -42.35
C VAL D 195 -4.03 37.42 -43.15
N ASP D 196 -4.14 38.59 -42.53
CA ASP D 196 -3.78 39.85 -43.16
C ASP D 196 -3.01 40.69 -42.13
N GLY D 197 -2.79 41.95 -42.46
CA GLY D 197 -2.03 42.83 -41.59
C GLY D 197 -2.61 44.22 -41.47
N GLY D 198 -3.83 44.42 -41.96
CA GLY D 198 -4.49 45.70 -41.90
C GLY D 198 -5.07 45.99 -40.53
N LYS D 199 -5.64 47.20 -40.41
CA LYS D 199 -6.27 47.60 -39.16
C LYS D 199 -7.53 46.77 -38.89
N ASP D 200 -8.33 46.50 -39.92
CA ASP D 200 -9.53 45.70 -39.75
C ASP D 200 -9.18 44.25 -39.45
N ASN D 201 -8.26 43.67 -40.22
CA ASN D 201 -7.79 42.31 -40.00
C ASN D 201 -6.43 42.41 -39.32
N ALA D 202 -6.46 42.47 -37.99
CA ALA D 202 -5.27 42.75 -37.18
C ALA D 202 -4.60 41.49 -36.68
N CYS D 203 -4.60 40.42 -37.47
CA CYS D 203 -3.91 39.20 -37.09
C CYS D 203 -2.41 39.43 -36.94
N ALA D 204 -1.81 40.19 -37.86
CA ALA D 204 -0.39 40.48 -37.77
C ALA D 204 -0.07 41.31 -36.54
N ARG D 205 -0.96 42.24 -36.17
CA ARG D 205 -0.77 43.02 -34.96
C ARG D 205 -0.77 42.12 -33.72
N ALA D 206 -1.68 41.16 -33.68
CA ALA D 206 -1.75 40.22 -32.56
C ALA D 206 -0.60 39.22 -32.56
N ARG D 207 0.04 38.99 -33.71
CA ARG D 207 1.16 38.06 -33.78
C ARG D 207 2.31 38.52 -32.90
N LYS D 208 2.62 39.81 -32.92
CA LYS D 208 3.72 40.33 -32.10
C LYS D 208 3.47 40.13 -30.62
N TRP D 209 2.23 40.36 -30.16
CA TRP D 209 1.91 40.17 -28.75
C TRP D 209 1.82 38.71 -28.35
N ILE D 210 1.39 37.83 -29.28
CA ILE D 210 1.32 36.41 -28.95
C ILE D 210 2.72 35.80 -28.87
N LEU D 211 3.60 36.16 -29.81
CA LEU D 211 4.88 35.48 -29.91
C LEU D 211 5.84 35.89 -28.80
N ASP D 212 5.79 37.14 -28.34
CA ASP D 212 6.74 37.64 -27.35
C ASP D 212 6.32 37.36 -25.92
N HIS D 213 5.41 36.42 -25.71
CA HIS D 213 4.96 36.03 -24.37
C HIS D 213 5.08 34.53 -24.18
N GLY D 214 6.18 33.95 -24.66
CA GLY D 214 6.44 32.53 -24.45
C GLY D 214 5.43 31.60 -25.06
N GLY D 215 4.99 31.88 -26.29
CA GLY D 215 3.99 31.02 -26.92
C GLY D 215 2.65 31.15 -26.22
N ILE D 216 1.89 30.05 -26.22
CA ILE D 216 0.58 30.02 -25.60
C ILE D 216 0.58 29.19 -24.33
N THR D 217 1.74 28.98 -23.74
CA THR D 217 1.86 28.17 -22.52
C THR D 217 1.65 28.98 -21.24
N TYR D 218 1.44 30.29 -21.35
CA TYR D 218 1.24 31.15 -20.18
C TYR D 218 -0.23 31.46 -19.92
N MET D 219 -1.15 30.94 -20.74
CA MET D 219 -2.56 31.15 -20.52
C MET D 219 -3.03 30.30 -19.33
N PRO D 220 -4.16 30.67 -18.71
CA PRO D 220 -4.67 29.88 -17.57
C PRO D 220 -5.11 28.48 -17.97
N SER D 221 -5.55 27.70 -16.98
CA SER D 221 -5.85 26.29 -17.21
C SER D 221 -7.02 26.09 -18.17
N TRP D 222 -7.99 27.01 -18.15
CA TRP D 222 -9.14 26.87 -19.03
C TRP D 222 -8.72 26.93 -20.50
N GLY D 223 -7.82 27.84 -20.84
CA GLY D 223 -7.35 27.93 -22.21
C GLY D 223 -6.63 26.67 -22.68
N LYS D 224 -5.74 26.14 -21.82
CA LYS D 224 -5.04 24.90 -22.17
C LYS D 224 -6.01 23.73 -22.32
N THR D 225 -6.99 23.63 -21.43
CA THR D 225 -7.97 22.55 -21.54
C THR D 225 -8.79 22.67 -22.81
N TRP D 226 -9.22 23.89 -23.15
CA TRP D 226 -10.02 24.08 -24.36
C TRP D 226 -9.20 23.79 -25.61
N LEU D 227 -7.96 24.27 -25.66
CA LEU D 227 -7.13 24.03 -26.85
C LEU D 227 -6.66 22.58 -26.95
N SER D 228 -6.64 21.84 -25.83
CA SER D 228 -6.31 20.43 -25.89
C SER D 228 -7.39 19.62 -26.59
N ILE D 229 -8.62 20.13 -26.63
CA ILE D 229 -9.70 19.41 -27.30
C ILE D 229 -9.70 19.72 -28.80
N LEU D 230 -9.33 20.94 -29.19
CA LEU D 230 -9.32 21.35 -30.59
C LEU D 230 -8.05 20.94 -31.33
N GLY D 231 -7.27 20.01 -30.78
CA GLY D 231 -6.06 19.58 -31.45
C GLY D 231 -4.94 20.60 -31.49
N VAL D 232 -4.93 21.55 -30.57
CA VAL D 232 -3.90 22.57 -30.48
C VAL D 232 -2.94 22.31 -29.33
N TYR D 233 -3.49 21.98 -28.16
CA TYR D 233 -2.68 21.67 -26.98
C TYR D 233 -2.70 20.16 -26.70
N ASP D 234 -1.91 19.75 -25.73
CA ASP D 234 -1.78 18.35 -25.35
C ASP D 234 -2.28 18.14 -23.93
N TRP D 235 -2.85 16.96 -23.70
CA TRP D 235 -3.37 16.62 -22.37
C TRP D 235 -2.28 16.54 -21.32
N TYR D 236 -1.04 16.25 -21.72
CA TYR D 236 0.06 16.19 -20.76
C TYR D 236 0.52 17.57 -20.31
N GLY D 237 0.13 18.62 -21.02
CA GLY D 237 0.53 19.96 -20.65
C GLY D 237 -0.37 20.63 -19.63
N CYS D 238 -1.58 20.11 -19.42
CA CYS D 238 -2.51 20.65 -18.45
C CYS D 238 -2.44 19.84 -17.16
N ASN D 239 -3.35 20.13 -16.24
CA ASN D 239 -3.38 19.41 -14.96
C ASN D 239 -4.46 18.32 -14.98
N PRO D 240 -4.20 17.18 -14.35
CA PRO D 240 -5.19 16.10 -14.35
C PRO D 240 -6.41 16.44 -13.51
N MET D 241 -7.59 16.12 -14.06
CA MET D 241 -8.87 16.30 -13.36
C MET D 241 -9.66 15.01 -13.51
N PRO D 242 -9.38 14.01 -12.67
CA PRO D 242 -10.08 12.72 -12.77
C PRO D 242 -11.57 12.87 -12.56
N PRO D 243 -12.39 12.12 -13.29
CA PRO D 243 -13.84 12.18 -13.11
C PRO D 243 -14.40 11.24 -12.03
N GLU D 244 -13.57 10.75 -11.12
CA GLU D 244 -14.01 9.82 -10.09
C GLU D 244 -14.39 10.52 -8.78
N PHE D 245 -14.44 11.85 -8.77
CA PHE D 245 -14.79 12.57 -7.55
C PHE D 245 -16.23 12.32 -7.11
N TRP D 246 -17.10 11.86 -8.02
CA TRP D 246 -18.52 11.68 -7.72
C TRP D 246 -18.83 10.33 -7.10
N LEU D 247 -17.82 9.55 -6.74
CA LEU D 247 -18.00 8.21 -6.16
C LEU D 247 -17.47 8.24 -4.73
N LEU D 248 -18.36 8.41 -3.76
CA LEU D 248 -18.00 8.46 -2.35
C LEU D 248 -19.27 8.35 -1.52
N PRO D 249 -19.16 7.95 -0.24
CA PRO D 249 -20.36 7.90 0.61
C PRO D 249 -20.71 9.23 1.22
N SER D 250 -20.13 10.31 0.69
CA SER D 250 -20.35 11.67 1.17
C SER D 250 -19.92 11.84 2.62
N TYR D 251 -18.95 11.02 3.06
CA TYR D 251 -18.38 11.13 4.40
C TYR D 251 -16.97 11.70 4.41
N LEU D 252 -16.26 11.66 3.28
CA LEU D 252 -14.96 12.29 3.20
C LEU D 252 -15.09 13.81 3.26
N PRO D 253 -14.06 14.52 3.74
CA PRO D 253 -14.17 15.98 3.82
C PRO D 253 -14.35 16.67 2.48
N ILE D 254 -13.98 16.03 1.37
CA ILE D 254 -14.11 16.60 0.04
C ILE D 254 -15.10 15.73 -0.73
N HIS D 255 -16.30 16.25 -0.96
CA HIS D 255 -17.33 15.55 -1.71
C HIS D 255 -18.05 16.55 -2.60
N PRO D 256 -18.68 16.08 -3.68
CA PRO D 256 -19.38 17.01 -4.59
C PRO D 256 -20.48 17.82 -3.93
N ALA D 257 -21.06 17.33 -2.84
CA ALA D 257 -22.08 18.07 -2.11
C ALA D 257 -21.49 19.18 -1.25
N LYS D 258 -20.18 19.45 -1.40
CA LYS D 258 -19.49 20.48 -0.63
C LYS D 258 -19.08 21.68 -1.45
N ILE D 259 -18.69 21.46 -2.72
CA ILE D 259 -18.21 22.53 -3.59
C ILE D 259 -19.38 23.38 -4.08
N TRP D 260 -19.07 24.53 -4.66
CA TRP D 260 -20.10 25.44 -5.15
C TRP D 260 -20.84 24.81 -6.34
N CYS D 261 -22.08 25.27 -6.53
CA CYS D 261 -22.91 24.71 -7.59
C CYS D 261 -22.32 25.01 -8.98
N TYR D 262 -21.85 26.24 -9.19
CA TYR D 262 -21.32 26.60 -10.50
C TYR D 262 -20.08 25.77 -10.85
N CYS D 263 -19.16 25.64 -9.89
CA CYS D 263 -17.97 24.83 -10.13
C CYS D 263 -18.34 23.37 -10.37
N ARG D 264 -19.31 22.85 -9.59
CA ARG D 264 -19.73 21.47 -9.74
C ARG D 264 -20.33 21.21 -11.13
N MET D 265 -21.15 22.14 -11.62
CA MET D 265 -21.78 21.99 -12.92
C MET D 265 -20.87 22.35 -14.08
N VAL D 266 -19.77 23.04 -13.83
CA VAL D 266 -18.84 23.39 -14.90
C VAL D 266 -17.76 22.33 -15.06
N TYR D 267 -17.12 21.91 -13.96
CA TYR D 267 -16.01 20.97 -14.05
C TYR D 267 -16.45 19.54 -14.32
N MET D 268 -17.71 19.21 -14.07
CA MET D 268 -18.18 17.84 -14.35
C MET D 268 -18.09 17.49 -15.83
N PRO D 269 -18.57 18.31 -16.77
CA PRO D 269 -18.27 18.03 -18.18
C PRO D 269 -16.78 18.04 -18.47
N MET D 270 -16.00 18.91 -17.81
CA MET D 270 -14.55 18.86 -17.95
C MET D 270 -14.00 17.53 -17.46
N SER D 271 -14.52 17.03 -16.34
CA SER D 271 -14.08 15.74 -15.82
C SER D 271 -14.39 14.62 -16.82
N TYR D 272 -15.59 14.64 -17.41
CA TYR D 272 -15.94 13.62 -18.40
C TYR D 272 -15.04 13.70 -19.62
N LEU D 273 -14.78 14.91 -20.11
CA LEU D 273 -13.92 15.08 -21.28
C LEU D 273 -12.51 14.62 -21.00
N TYR D 274 -11.98 14.92 -19.81
CA TYR D 274 -10.65 14.46 -19.45
C TYR D 274 -10.61 12.94 -19.32
N GLY D 275 -11.65 12.34 -18.73
CA GLY D 275 -11.69 10.90 -18.60
C GLY D 275 -11.75 10.19 -19.94
N LYS D 276 -12.54 10.72 -20.88
CA LYS D 276 -12.65 10.09 -22.19
C LYS D 276 -11.47 10.42 -23.09
N ARG D 277 -10.68 11.43 -22.75
CA ARG D 277 -9.52 11.83 -23.56
C ARG D 277 -9.93 12.16 -24.99
N PHE D 278 -11.09 12.79 -25.13
CA PHE D 278 -11.63 13.08 -26.45
C PHE D 278 -10.85 14.20 -27.13
N VAL D 279 -10.49 13.99 -28.40
CA VAL D 279 -9.82 14.99 -29.22
C VAL D 279 -10.60 15.14 -30.51
N GLY D 280 -10.88 16.37 -30.90
CA GLY D 280 -11.61 16.64 -32.12
C GLY D 280 -10.82 16.28 -33.36
N PRO D 281 -11.51 16.08 -34.48
CA PRO D 281 -10.80 15.75 -35.73
C PRO D 281 -9.84 16.86 -36.14
N ILE D 282 -8.70 16.45 -36.68
CA ILE D 282 -7.66 17.39 -37.10
C ILE D 282 -7.93 17.76 -38.56
N THR D 283 -8.67 18.85 -38.76
CA THR D 283 -8.97 19.34 -40.09
C THR D 283 -7.72 19.96 -40.71
N PRO D 284 -7.71 20.13 -42.04
CA PRO D 284 -6.54 20.78 -42.67
C PRO D 284 -6.26 22.17 -42.13
N LEU D 285 -7.29 22.88 -41.64
CA LEU D 285 -7.04 24.17 -41.00
C LEU D 285 -6.24 24.01 -39.71
N ILE D 286 -6.53 22.96 -38.94
CA ILE D 286 -5.85 22.78 -37.65
C ILE D 286 -4.36 22.58 -37.85
N LEU D 287 -3.97 21.75 -38.82
CA LEU D 287 -2.55 21.48 -39.03
C LEU D 287 -1.81 22.70 -39.54
N GLN D 288 -2.45 23.54 -40.36
CA GLN D 288 -1.81 24.75 -40.87
C GLN D 288 -1.85 25.90 -39.88
N LEU D 289 -2.69 25.82 -38.84
CA LEU D 289 -2.75 26.87 -37.83
C LEU D 289 -2.00 26.54 -36.53
N ARG D 290 -1.73 25.26 -36.27
CA ARG D 290 -1.05 24.89 -35.03
C ARG D 290 0.43 25.23 -35.04
N GLU D 291 1.02 25.51 -36.21
CA GLU D 291 2.44 25.82 -36.30
C GLU D 291 2.73 27.28 -35.98
N GLU D 292 1.90 28.20 -36.48
CA GLU D 292 2.17 29.62 -36.28
C GLU D 292 1.99 30.03 -34.82
N LEU D 293 1.12 29.35 -34.07
CA LEU D 293 0.85 29.74 -32.69
C LEU D 293 2.06 29.50 -31.81
N HIS D 294 2.50 28.24 -31.70
CA HIS D 294 3.62 27.92 -30.84
C HIS D 294 4.93 28.47 -31.40
N THR D 295 5.77 29.00 -30.51
CA THR D 295 7.06 29.51 -30.93
C THR D 295 8.03 28.40 -31.30
N GLN D 296 7.74 27.16 -30.93
CA GLN D 296 8.58 26.01 -31.24
C GLN D 296 7.78 25.01 -32.08
N PRO D 297 8.41 23.97 -32.62
CA PRO D 297 7.65 22.97 -33.38
C PRO D 297 6.57 22.32 -32.52
N PHE D 298 5.47 21.95 -33.18
CA PHE D 298 4.28 21.49 -32.48
C PHE D 298 4.54 20.23 -31.66
N HIS D 299 5.11 19.20 -32.28
CA HIS D 299 5.28 17.91 -31.65
C HIS D 299 6.67 17.71 -31.03
N GLU D 300 7.60 18.64 -31.26
CA GLU D 300 8.97 18.49 -30.80
C GLU D 300 9.25 19.24 -29.49
N ILE D 301 8.26 19.33 -28.60
CA ILE D 301 8.41 20.01 -27.33
C ILE D 301 8.02 19.07 -26.20
N GLN D 302 8.28 19.50 -24.98
CA GLN D 302 7.92 18.75 -23.79
C GLN D 302 6.60 19.26 -23.20
N TRP D 303 5.95 18.41 -22.42
CA TRP D 303 4.67 18.76 -21.81
C TRP D 303 4.58 18.48 -20.32
N ARG D 304 5.38 17.58 -19.77
CA ARG D 304 5.29 17.27 -18.34
C ARG D 304 5.82 18.42 -17.49
N GLN D 305 6.89 19.07 -17.92
CA GLN D 305 7.48 20.18 -17.20
C GLN D 305 6.95 21.54 -17.64
N THR D 306 6.07 21.57 -18.64
CA THR D 306 5.45 22.80 -19.11
C THR D 306 4.11 23.06 -18.45
N ARG D 307 3.69 22.20 -17.52
CA ARG D 307 2.38 22.34 -16.90
C ARG D 307 2.30 23.53 -15.95
N HIS D 308 3.42 23.92 -15.33
CA HIS D 308 3.44 24.99 -14.33
C HIS D 308 4.25 26.15 -14.89
N ARG D 309 3.59 27.01 -15.68
CA ARG D 309 4.19 28.23 -16.22
C ARG D 309 3.08 29.29 -16.23
N CYS D 310 3.04 30.08 -15.15
CA CYS D 310 2.01 31.09 -14.98
C CYS D 310 2.50 32.45 -15.43
N ALA D 311 1.72 33.12 -16.27
CA ALA D 311 2.06 34.47 -16.71
C ALA D 311 1.95 35.46 -15.57
N LYS D 312 2.74 36.53 -15.65
CA LYS D 312 2.73 37.58 -14.64
C LYS D 312 1.68 38.64 -14.91
N GLU D 313 0.93 38.53 -15.99
CA GLU D 313 -0.12 39.48 -16.34
C GLU D 313 -1.51 38.98 -15.97
N ASP D 314 -1.78 37.68 -16.13
CA ASP D 314 -3.08 37.09 -15.83
C ASP D 314 -3.07 36.29 -14.53
N LEU D 315 -2.23 36.68 -13.58
CA LEU D 315 -2.10 35.96 -12.31
C LEU D 315 -2.67 36.84 -11.19
N TYR D 316 -3.79 36.42 -10.63
CA TYR D 316 -4.42 37.11 -9.51
C TYR D 316 -4.33 36.33 -8.21
N TYR D 317 -4.58 35.02 -8.25
CA TYR D 317 -4.48 34.15 -7.07
C TYR D 317 -3.50 33.03 -7.36
N PRO D 318 -2.23 33.18 -6.97
CA PRO D 318 -1.24 32.15 -7.28
C PRO D 318 -1.53 30.84 -6.54
N HIS D 319 -1.09 29.75 -7.16
CA HIS D 319 -1.27 28.43 -6.57
C HIS D 319 -0.42 28.28 -5.32
N SER D 320 -0.95 27.52 -4.36
CA SER D 320 -0.23 27.22 -3.14
C SER D 320 0.71 26.05 -3.35
N LEU D 321 1.67 25.90 -2.43
CA LEU D 321 2.62 24.80 -2.52
C LEU D 321 1.92 23.45 -2.37
N ILE D 322 0.97 23.36 -1.44
CA ILE D 322 0.25 22.10 -1.23
C ILE D 322 -0.56 21.72 -2.46
N GLN D 323 -1.23 22.72 -3.07
CA GLN D 323 -2.03 22.45 -4.26
C GLN D 323 -1.16 21.95 -5.41
N ASP D 324 -0.01 22.61 -5.62
CA ASP D 324 0.90 22.18 -6.68
C ASP D 324 1.45 20.79 -6.41
N PHE D 325 1.80 20.50 -5.15
CA PHE D 325 2.28 19.17 -4.81
C PHE D 325 1.21 18.11 -5.05
N ILE D 326 -0.05 18.42 -4.71
CA ILE D 326 -1.15 17.48 -4.92
C ILE D 326 -1.32 17.21 -6.42
N TRP D 327 -1.30 18.27 -7.23
CA TRP D 327 -1.44 18.08 -8.67
C TRP D 327 -0.28 17.27 -9.25
N ASP D 328 0.95 17.56 -8.80
CA ASP D 328 2.10 16.82 -9.29
C ASP D 328 2.02 15.35 -8.91
N SER D 329 1.61 15.05 -7.67
CA SER D 329 1.46 13.66 -7.27
C SER D 329 0.36 12.97 -8.06
N LEU D 330 -0.77 13.66 -8.28
CA LEU D 330 -1.87 13.05 -9.02
C LEU D 330 -1.50 12.80 -10.47
N TYR D 331 -0.64 13.64 -11.05
CA TYR D 331 -0.23 13.45 -12.44
C TYR D 331 0.44 12.10 -12.65
N VAL D 332 1.33 11.70 -11.72
CA VAL D 332 1.97 10.41 -11.82
C VAL D 332 1.15 9.29 -11.18
N ALA D 333 0.15 9.63 -10.35
CA ALA D 333 -0.71 8.61 -9.78
C ALA D 333 -1.75 8.11 -10.78
N SER D 334 -2.28 9.01 -11.61
CA SER D 334 -3.40 8.67 -12.50
C SER D 334 -2.97 8.35 -13.92
N GLU D 335 -2.13 9.17 -14.54
CA GLU D 335 -1.79 8.98 -15.95
C GLU D 335 -1.12 7.63 -16.22
N PRO D 336 -0.09 7.21 -15.49
CA PRO D 336 0.47 5.87 -15.76
C PRO D 336 -0.50 4.73 -15.48
N LEU D 337 -1.53 4.96 -14.66
CA LEU D 337 -2.45 3.90 -14.27
C LEU D 337 -3.69 3.84 -15.16
N LEU D 338 -4.47 4.92 -15.19
CA LEU D 338 -5.77 4.95 -15.83
C LEU D 338 -5.70 5.37 -17.30
N THR D 339 -4.57 5.15 -17.95
CA THR D 339 -4.47 5.43 -19.39
C THR D 339 -4.08 4.21 -20.20
N ARG D 340 -3.14 3.39 -19.71
CA ARG D 340 -2.78 2.15 -20.37
C ARG D 340 -3.41 0.93 -19.73
N TRP D 341 -3.65 0.95 -18.43
CA TRP D 341 -4.35 -0.11 -17.71
C TRP D 341 -5.51 0.49 -16.91
N PRO D 342 -6.52 1.02 -17.59
CA PRO D 342 -7.60 1.73 -16.87
C PRO D 342 -8.49 0.75 -16.12
N LEU D 343 -8.88 1.15 -14.91
CA LEU D 343 -9.86 0.40 -14.14
C LEU D 343 -11.19 0.45 -14.86
N ASN D 344 -11.61 -0.68 -15.46
CA ASN D 344 -12.83 -0.69 -16.25
C ASN D 344 -14.04 -0.36 -15.39
N LYS D 345 -14.19 -1.06 -14.25
CA LYS D 345 -15.37 -0.85 -13.41
C LYS D 345 -15.45 0.58 -12.91
N ILE D 346 -14.36 1.07 -12.30
CA ILE D 346 -14.37 2.39 -11.68
C ILE D 346 -14.61 3.48 -12.73
N ARG D 347 -13.87 3.42 -13.83
CA ARG D 347 -13.99 4.46 -14.85
C ARG D 347 -15.36 4.43 -15.52
N GLU D 348 -15.87 3.23 -15.84
CA GLU D 348 -17.17 3.15 -16.47
C GLU D 348 -18.28 3.63 -15.53
N LYS D 349 -18.20 3.26 -14.26
CA LYS D 349 -19.19 3.75 -13.30
C LYS D 349 -19.11 5.26 -13.15
N ALA D 350 -17.90 5.82 -13.14
CA ALA D 350 -17.76 7.27 -13.03
C ALA D 350 -18.35 7.98 -14.25
N LEU D 351 -18.07 7.46 -15.45
CA LEU D 351 -18.61 8.06 -16.66
C LEU D 351 -20.12 7.96 -16.70
N ALA D 352 -20.67 6.80 -16.33
CA ALA D 352 -22.12 6.62 -16.31
C ALA D 352 -22.78 7.56 -15.30
N LYS D 353 -22.18 7.70 -14.12
CA LYS D 353 -22.73 8.59 -13.11
C LYS D 353 -22.67 10.05 -13.57
N ALA D 354 -21.57 10.45 -14.21
CA ALA D 354 -21.49 11.80 -14.74
C ALA D 354 -22.55 12.03 -15.82
N MET D 355 -22.74 11.07 -16.72
CA MET D 355 -23.73 11.21 -17.78
C MET D 355 -25.14 11.31 -17.21
N GLU D 356 -25.47 10.44 -16.25
CA GLU D 356 -26.81 10.47 -15.68
C GLU D 356 -27.04 11.72 -14.85
N HIS D 357 -26.01 12.22 -14.15
CA HIS D 357 -26.15 13.47 -13.42
C HIS D 357 -26.37 14.65 -14.37
N ILE D 358 -25.63 14.72 -15.48
CA ILE D 358 -25.84 15.79 -16.45
C ILE D 358 -27.24 15.69 -17.04
N HIS D 359 -27.68 14.49 -17.38
CA HIS D 359 -29.02 14.31 -17.96
C HIS D 359 -30.11 14.69 -16.97
N TYR D 360 -29.96 14.32 -15.70
CA TYR D 360 -30.94 14.70 -14.69
C TYR D 360 -30.93 16.19 -14.42
N GLU D 361 -29.76 16.84 -14.53
CA GLU D 361 -29.68 18.28 -14.28
C GLU D 361 -30.28 19.09 -15.43
N ASP D 362 -30.00 18.71 -16.68
CA ASP D 362 -30.48 19.51 -17.80
C ASP D 362 -31.99 19.40 -17.97
N GLU D 363 -32.57 18.23 -17.69
CA GLU D 363 -34.03 18.09 -17.80
C GLU D 363 -34.75 18.99 -16.80
N ASN D 364 -34.24 19.08 -15.57
CA ASN D 364 -34.84 19.96 -14.57
C ASN D 364 -34.60 21.43 -14.88
N SER D 365 -33.55 21.74 -15.64
CA SER D 365 -33.22 23.11 -15.99
C SER D 365 -33.84 23.56 -17.31
N ARG D 366 -34.59 22.69 -17.97
CA ARG D 366 -35.26 23.01 -19.24
C ARG D 366 -34.27 23.43 -20.32
N TYR D 367 -33.06 22.86 -20.28
CA TYR D 367 -32.01 23.08 -21.27
C TYR D 367 -31.61 24.54 -21.40
N ILE D 368 -31.82 25.34 -20.36
CA ILE D 368 -31.39 26.74 -20.35
C ILE D 368 -30.40 26.90 -19.20
N THR D 369 -29.56 25.87 -19.01
CA THR D 369 -28.64 25.76 -17.87
C THR D 369 -27.79 27.01 -17.67
N ILE D 370 -27.28 27.18 -16.45
CA ILE D 370 -26.56 28.39 -16.09
C ILE D 370 -25.25 28.48 -16.86
N GLY D 371 -24.97 29.65 -17.41
CA GLY D 371 -23.70 29.90 -18.08
C GLY D 371 -23.66 29.51 -19.54
N CYS D 372 -23.17 30.41 -20.39
CA CYS D 372 -22.96 30.07 -21.79
C CYS D 372 -21.86 29.04 -21.96
N VAL D 373 -20.76 29.18 -21.22
CA VAL D 373 -19.65 28.22 -21.30
C VAL D 373 -20.10 26.85 -20.82
N GLU D 374 -20.84 26.79 -19.72
CA GLU D 374 -21.32 25.50 -19.22
C GLU D 374 -22.26 24.83 -20.21
N LYS D 375 -23.18 25.60 -20.79
CA LYS D 375 -24.09 25.02 -21.77
C LYS D 375 -23.35 24.56 -23.02
N ALA D 376 -22.37 25.36 -23.48
CA ALA D 376 -21.59 24.97 -24.66
C ALA D 376 -20.81 23.69 -24.41
N LEU D 377 -20.21 23.55 -23.21
CA LEU D 377 -19.47 22.35 -22.89
C LEU D 377 -20.41 21.15 -22.72
N CYS D 378 -21.59 21.36 -22.12
CA CYS D 378 -22.57 20.29 -21.99
C CYS D 378 -23.08 19.83 -23.35
N MET D 379 -23.19 20.74 -24.32
CA MET D 379 -23.61 20.36 -25.66
C MET D 379 -22.61 19.41 -26.28
N LEU D 380 -21.31 19.69 -26.15
CA LEU D 380 -20.29 18.77 -26.63
C LEU D 380 -20.32 17.46 -25.85
N CYS D 381 -20.54 17.54 -24.54
CA CYS D 381 -20.56 16.34 -23.71
C CYS D 381 -21.68 15.40 -24.11
N CYS D 382 -22.85 15.95 -24.43
CA CYS D 382 -23.97 15.13 -24.89
C CYS D 382 -23.87 14.74 -26.35
N TRP D 383 -23.15 15.52 -27.17
CA TRP D 383 -22.97 15.15 -28.57
C TRP D 383 -21.98 14.00 -28.73
N VAL D 384 -20.88 14.01 -27.97
CA VAL D 384 -19.90 12.94 -28.09
C VAL D 384 -20.45 11.61 -27.60
N GLU D 385 -21.51 11.62 -26.80
CA GLU D 385 -22.14 10.40 -26.36
C GLU D 385 -23.16 9.87 -27.36
N ASP D 386 -23.90 10.75 -28.02
CA ASP D 386 -24.89 10.35 -29.01
C ASP D 386 -25.15 11.49 -29.98
N PRO D 387 -24.45 11.51 -31.12
CA PRO D 387 -24.66 12.61 -32.08
C PRO D 387 -26.08 12.66 -32.65
N ASN D 388 -26.81 11.55 -32.62
CA ASN D 388 -28.16 11.48 -33.15
C ASN D 388 -29.12 11.20 -31.99
N SER D 389 -29.70 12.25 -31.43
CA SER D 389 -30.64 12.12 -30.32
C SER D 389 -31.55 13.35 -30.32
N ASP D 390 -32.39 13.45 -29.30
CA ASP D 390 -33.29 14.59 -29.15
C ASP D 390 -32.78 15.64 -28.18
N TYR D 391 -32.01 15.23 -27.16
CA TYR D 391 -31.43 16.19 -26.24
C TYR D 391 -30.46 17.12 -26.95
N PHE D 392 -29.65 16.56 -27.86
CA PHE D 392 -28.74 17.39 -28.65
C PHE D 392 -29.49 18.39 -29.51
N LYS D 393 -30.58 17.95 -30.15
CA LYS D 393 -31.36 18.86 -30.99
C LYS D 393 -32.00 19.97 -30.17
N LYS D 394 -32.54 19.63 -28.99
CA LYS D 394 -33.14 20.65 -28.14
C LYS D 394 -32.10 21.61 -27.58
N HIS D 395 -30.89 21.12 -27.29
CA HIS D 395 -29.81 22.03 -26.92
C HIS D 395 -29.45 22.96 -28.07
N LEU D 396 -29.40 22.42 -29.29
CA LEU D 396 -29.14 23.25 -30.47
C LEU D 396 -30.24 24.28 -30.71
N ALA D 397 -31.47 23.98 -30.31
CA ALA D 397 -32.60 24.88 -30.54
C ALA D 397 -32.57 26.11 -29.66
N ARG D 398 -32.02 26.02 -28.46
CA ARG D 398 -31.97 27.15 -27.54
C ARG D 398 -30.70 27.99 -27.69
N ILE D 399 -29.85 27.67 -28.67
CA ILE D 399 -28.66 28.47 -28.91
C ILE D 399 -28.99 29.92 -29.27
N PRO D 400 -29.94 30.22 -30.17
CA PRO D 400 -30.23 31.62 -30.49
C PRO D 400 -30.83 32.42 -29.34
N ASP D 401 -30.99 31.84 -28.16
CA ASP D 401 -31.53 32.56 -27.01
C ASP D 401 -30.48 33.39 -26.28
N TYR D 402 -29.21 33.32 -26.70
CA TYR D 402 -28.13 34.04 -26.04
C TYR D 402 -27.50 35.13 -26.89
N LEU D 403 -27.60 35.05 -28.21
CA LEU D 403 -27.02 36.08 -29.07
C LEU D 403 -27.76 37.40 -28.91
N TRP D 404 -27.02 38.50 -29.06
CA TRP D 404 -27.59 39.83 -28.88
C TRP D 404 -26.84 40.81 -29.78
N VAL D 405 -27.51 41.91 -30.12
CA VAL D 405 -26.95 42.93 -31.00
C VAL D 405 -26.98 44.27 -30.26
N ALA D 406 -26.00 45.11 -30.57
CA ALA D 406 -25.85 46.40 -29.91
C ALA D 406 -25.31 47.38 -30.93
N GLU D 407 -24.78 48.52 -30.45
CA GLU D 407 -24.17 49.49 -31.36
C GLU D 407 -22.97 48.87 -32.09
N ASP D 408 -22.20 48.05 -31.39
CA ASP D 408 -21.14 47.28 -32.01
C ASP D 408 -21.75 46.03 -32.66
N GLY D 409 -20.91 45.07 -33.06
CA GLY D 409 -21.41 43.87 -33.67
C GLY D 409 -22.17 42.98 -32.69
N MET D 410 -22.48 41.78 -33.16
CA MET D 410 -23.24 40.83 -32.36
C MET D 410 -22.41 40.36 -31.17
N LYS D 411 -23.05 40.28 -30.00
CA LYS D 411 -22.43 39.81 -28.77
C LYS D 411 -23.21 38.61 -28.24
N VAL D 412 -22.74 38.08 -27.12
CA VAL D 412 -23.37 36.94 -26.46
C VAL D 412 -23.73 37.34 -25.03
N GLN D 413 -24.97 37.08 -24.64
CA GLN D 413 -25.46 37.41 -23.30
C GLN D 413 -25.28 36.20 -22.40
N SER D 414 -24.54 36.38 -21.30
CA SER D 414 -24.23 35.26 -20.42
C SER D 414 -25.49 34.70 -19.77
N PHE D 415 -26.40 35.56 -19.33
CA PHE D 415 -27.62 35.12 -18.67
C PHE D 415 -28.64 36.24 -18.73
N GLY D 416 -29.91 35.87 -18.55
CA GLY D 416 -30.96 36.87 -18.54
C GLY D 416 -30.99 37.65 -17.24
N SER D 417 -31.46 38.90 -17.34
CA SER D 417 -31.60 39.75 -16.17
C SER D 417 -32.90 40.57 -16.21
N GLN D 418 -33.92 40.08 -16.92
CA GLN D 418 -35.16 40.84 -17.05
C GLN D 418 -35.88 41.00 -15.72
N LEU D 419 -35.90 39.94 -14.90
CA LEU D 419 -36.65 39.99 -13.65
C LEU D 419 -36.05 41.00 -12.67
N TRP D 420 -34.72 40.99 -12.52
CA TRP D 420 -34.07 41.90 -11.58
C TRP D 420 -34.29 43.36 -11.97
N ASP D 421 -34.05 43.69 -13.25
CA ASP D 421 -34.26 45.06 -13.71
C ASP D 421 -35.72 45.46 -13.67
N ALA D 422 -36.63 44.54 -13.97
CA ALA D 422 -38.06 44.84 -13.88
C ALA D 422 -38.45 45.16 -12.44
N THR D 423 -37.96 44.38 -11.49
CA THR D 423 -38.26 44.65 -10.08
C THR D 423 -37.69 46.00 -9.65
N PHE D 424 -36.46 46.30 -10.07
CA PHE D 424 -35.86 47.59 -9.72
C PHE D 424 -36.65 48.75 -10.32
N GLY D 425 -37.07 48.62 -11.58
CA GLY D 425 -37.85 49.67 -12.20
C GLY D 425 -39.21 49.85 -11.56
N PHE D 426 -39.86 48.73 -11.21
CA PHE D 426 -41.15 48.81 -10.53
C PHE D 426 -41.00 49.49 -9.17
N GLN D 427 -39.96 49.14 -8.42
CA GLN D 427 -39.72 49.77 -7.13
C GLN D 427 -39.47 51.27 -7.29
N ALA D 428 -38.68 51.65 -8.31
CA ALA D 428 -38.43 53.07 -8.55
C ALA D 428 -39.72 53.79 -8.91
N LEU D 429 -40.55 53.19 -9.76
CA LEU D 429 -41.80 53.84 -10.17
C LEU D 429 -42.75 54.01 -8.99
N VAL D 430 -42.90 52.98 -8.16
CA VAL D 430 -43.80 53.10 -7.02
C VAL D 430 -43.24 54.04 -5.95
N ALA D 431 -41.92 54.12 -5.80
CA ALA D 431 -41.34 55.08 -4.85
C ALA D 431 -41.53 56.51 -5.35
N SER D 432 -41.39 56.73 -6.65
CA SER D 432 -41.64 58.05 -7.21
C SER D 432 -43.11 58.41 -7.11
N ASN D 433 -43.39 59.67 -6.84
CA ASN D 433 -44.76 60.12 -6.68
C ASN D 433 -45.51 60.01 -8.00
N LEU D 434 -46.73 59.46 -7.94
CA LEU D 434 -47.59 59.32 -9.10
C LEU D 434 -48.21 60.68 -9.41
N THR D 435 -47.49 61.49 -10.19
CA THR D 435 -47.97 62.82 -10.53
C THR D 435 -49.19 62.75 -11.45
N GLU D 436 -49.03 62.17 -12.64
CA GLU D 436 -50.13 62.06 -13.58
C GLU D 436 -51.04 60.87 -13.27
N ASP D 437 -50.58 59.93 -12.45
CA ASP D 437 -51.33 58.73 -12.05
C ASP D 437 -51.68 57.83 -13.24
N GLU D 438 -51.09 58.07 -14.41
CA GLU D 438 -51.32 57.23 -15.58
C GLU D 438 -50.39 56.03 -15.66
N VAL D 439 -49.46 55.89 -14.70
CA VAL D 439 -48.58 54.73 -14.68
C VAL D 439 -49.26 53.49 -14.12
N GLY D 440 -50.53 53.58 -13.75
CA GLY D 440 -51.27 52.46 -13.19
C GLY D 440 -51.40 51.26 -14.12
N PRO D 441 -51.81 51.49 -15.38
CA PRO D 441 -51.85 50.37 -16.32
C PRO D 441 -50.51 49.68 -16.52
N ALA D 442 -49.42 50.45 -16.62
CA ALA D 442 -48.10 49.84 -16.76
C ALA D 442 -47.71 49.08 -15.50
N LEU D 443 -48.03 49.64 -14.33
CA LEU D 443 -47.74 48.96 -13.09
C LEU D 443 -48.48 47.63 -13.00
N ALA D 444 -49.75 47.60 -13.42
CA ALA D 444 -50.49 46.35 -13.42
C ALA D 444 -49.94 45.37 -14.43
N LYS D 445 -49.60 45.84 -15.64
CA LYS D 445 -49.07 45.00 -16.68
C LYS D 445 -47.69 44.46 -16.35
N ALA D 446 -46.99 45.09 -15.41
CA ALA D 446 -45.75 44.53 -14.89
C ALA D 446 -45.99 43.64 -13.68
N TYR D 447 -46.98 43.97 -12.84
CA TYR D 447 -47.25 43.21 -11.64
C TYR D 447 -47.78 41.81 -11.97
N ASP D 448 -48.63 41.71 -13.00
CA ASP D 448 -49.11 40.39 -13.39
C ASP D 448 -47.98 39.51 -13.91
N PHE D 449 -47.04 40.10 -14.67
CA PHE D 449 -45.86 39.36 -15.11
C PHE D 449 -45.00 38.94 -13.92
N ILE D 450 -44.83 39.82 -12.94
CA ILE D 450 -44.06 39.49 -11.75
C ILE D 450 -44.70 38.33 -11.01
N LYS D 451 -46.03 38.35 -10.89
CA LYS D 451 -46.75 37.25 -10.25
C LYS D 451 -46.56 35.95 -11.03
N LYS D 452 -46.64 36.02 -12.36
CA LYS D 452 -46.44 34.85 -13.20
C LYS D 452 -45.01 34.36 -13.22
N SER D 453 -44.04 35.18 -12.78
CA SER D 453 -42.63 34.82 -12.83
C SER D 453 -42.18 34.01 -11.61
N GLN D 454 -43.08 33.73 -10.67
CA GLN D 454 -42.72 33.02 -9.46
C GLN D 454 -42.55 31.53 -9.75
N VAL D 455 -41.43 30.97 -9.30
CA VAL D 455 -41.18 29.54 -9.44
C VAL D 455 -41.81 28.81 -8.26
N LYS D 456 -42.74 27.92 -8.55
CA LYS D 456 -43.50 27.21 -7.52
C LYS D 456 -43.32 25.71 -7.55
N ASP D 457 -43.06 25.12 -8.71
CA ASP D 457 -42.92 23.68 -8.83
C ASP D 457 -41.52 23.23 -8.43
N ASN D 458 -41.46 22.06 -7.82
CA ASN D 458 -40.18 21.45 -7.46
C ASN D 458 -39.51 20.90 -8.72
N PRO D 459 -38.18 20.79 -8.71
CA PRO D 459 -37.49 20.18 -9.85
C PRO D 459 -37.94 18.75 -10.07
N SER D 460 -38.04 18.36 -11.34
CA SER D 460 -38.52 17.03 -11.69
C SER D 460 -37.58 15.96 -11.14
N GLY D 461 -38.15 14.89 -10.62
CA GLY D 461 -37.38 13.82 -10.04
C GLY D 461 -37.07 14.05 -8.57
N ASP D 462 -36.09 13.29 -8.08
CA ASP D 462 -35.68 13.38 -6.68
C ASP D 462 -34.65 14.51 -6.56
N PHE D 463 -35.16 15.73 -6.48
CA PHE D 463 -34.29 16.89 -6.30
C PHE D 463 -33.58 16.83 -4.95
N GLU D 464 -34.27 16.40 -3.92
CA GLU D 464 -33.65 16.22 -2.61
C GLU D 464 -32.68 15.05 -2.65
N SER D 465 -31.63 15.14 -1.83
CA SER D 465 -30.59 14.11 -1.75
C SER D 465 -29.87 13.92 -3.09
N MET D 466 -29.79 14.98 -3.88
CA MET D 466 -29.09 14.98 -5.16
C MET D 466 -28.19 16.20 -5.27
N HIS D 467 -27.54 16.56 -4.16
CA HIS D 467 -26.61 17.70 -4.11
C HIS D 467 -27.31 19.00 -4.52
N ARG D 468 -28.56 19.15 -4.12
CA ARG D 468 -29.33 20.36 -4.40
C ARG D 468 -30.13 20.74 -3.17
N HIS D 469 -30.61 21.97 -3.16
CA HIS D 469 -31.37 22.52 -2.05
C HIS D 469 -32.85 22.62 -2.42
N ILE D 470 -33.71 22.55 -1.41
CA ILE D 470 -35.15 22.57 -1.62
C ILE D 470 -35.59 23.95 -2.07
N SER D 471 -36.41 24.00 -3.11
CA SER D 471 -36.97 25.24 -3.63
C SER D 471 -38.49 25.19 -3.48
N LYS D 472 -39.05 26.19 -2.81
CA LYS D 472 -40.50 26.28 -2.59
C LYS D 472 -40.91 27.74 -2.68
N GLY D 473 -41.57 28.10 -3.77
CA GLY D 473 -41.99 29.47 -3.98
C GLY D 473 -40.82 30.43 -4.08
N SER D 474 -39.79 30.03 -4.82
CA SER D 474 -38.57 30.81 -4.95
C SER D 474 -38.58 31.62 -6.24
N TRP D 475 -37.57 32.48 -6.39
CA TRP D 475 -37.40 33.33 -7.55
C TRP D 475 -36.03 33.10 -8.16
N THR D 476 -35.94 33.23 -9.49
CA THR D 476 -34.68 33.12 -10.20
C THR D 476 -34.16 34.51 -10.54
N PHE D 477 -32.99 34.55 -11.15
CA PHE D 477 -32.42 35.81 -11.61
C PHE D 477 -32.76 36.11 -13.06
N SER D 478 -32.88 35.08 -13.90
CA SER D 478 -33.17 35.29 -15.32
C SER D 478 -34.66 35.18 -15.61
N ASP D 479 -35.25 34.02 -15.36
CA ASP D 479 -36.66 33.79 -15.67
C ASP D 479 -37.11 32.52 -14.95
N GLN D 480 -38.43 32.30 -14.95
CA GLN D 480 -39.02 31.14 -14.31
C GLN D 480 -38.65 29.83 -15.00
N ASP D 481 -38.21 29.89 -16.26
CA ASP D 481 -37.86 28.67 -16.99
C ASP D 481 -36.60 28.01 -16.45
N HIS D 482 -35.85 28.69 -15.58
CA HIS D 482 -34.60 28.15 -15.05
C HIS D 482 -34.83 27.32 -13.78
N GLY D 483 -35.53 27.89 -12.81
CA GLY D 483 -35.82 27.18 -11.57
C GLY D 483 -34.62 27.08 -10.65
N TRP D 484 -34.01 28.22 -10.33
CA TRP D 484 -32.85 28.28 -9.46
C TRP D 484 -33.13 29.27 -8.32
N GLN D 485 -32.94 28.80 -7.09
CA GLN D 485 -33.16 29.65 -5.93
C GLN D 485 -32.04 30.67 -5.79
N LEU D 486 -32.42 31.91 -5.45
CA LEU D 486 -31.45 32.99 -5.26
C LEU D 486 -32.05 33.97 -4.26
N SER D 487 -31.41 34.09 -3.09
CA SER D 487 -31.96 34.92 -2.03
C SER D 487 -31.90 36.42 -2.35
N ASP D 488 -31.03 36.82 -3.28
CA ASP D 488 -30.90 38.24 -3.60
C ASP D 488 -32.14 38.78 -4.30
N CYS D 489 -32.60 38.08 -5.34
CA CYS D 489 -33.77 38.53 -6.07
C CYS D 489 -35.06 38.38 -5.28
N THR D 490 -35.14 37.33 -4.45
CA THR D 490 -36.35 37.11 -3.66
C THR D 490 -36.58 38.26 -2.67
N ALA D 491 -35.52 38.79 -2.09
CA ALA D 491 -35.65 39.88 -1.13
C ALA D 491 -36.25 41.13 -1.78
N GLU D 492 -35.80 41.47 -3.00
CA GLU D 492 -36.38 42.60 -3.72
C GLU D 492 -37.79 42.32 -4.20
N ALA D 493 -38.07 41.09 -4.63
CA ALA D 493 -39.42 40.73 -5.06
C ALA D 493 -40.41 40.84 -3.90
N LEU D 494 -40.02 40.38 -2.71
CA LEU D 494 -40.89 40.49 -1.55
C LEU D 494 -41.15 41.94 -1.19
N LYS D 495 -40.12 42.79 -1.25
CA LYS D 495 -40.32 44.21 -0.98
C LYS D 495 -41.27 44.83 -2.00
N CYS D 496 -41.11 44.49 -3.28
CA CYS D 496 -42.01 45.00 -4.30
C CYS D 496 -43.44 44.56 -4.04
N CYS D 497 -43.64 43.29 -3.70
CA CYS D 497 -44.98 42.78 -3.43
C CYS D 497 -45.61 43.47 -2.21
N LEU D 498 -44.83 43.64 -1.15
CA LEU D 498 -45.35 44.30 0.04
C LEU D 498 -45.70 45.76 -0.22
N LEU D 499 -44.85 46.47 -0.98
CA LEU D 499 -45.12 47.86 -1.28
C LEU D 499 -46.33 48.01 -2.19
N ALA D 500 -46.51 47.08 -3.13
CA ALA D 500 -47.69 47.11 -3.99
C ALA D 500 -48.95 46.62 -3.27
N ALA D 501 -48.80 45.90 -2.16
CA ALA D 501 -49.96 45.38 -1.45
C ALA D 501 -50.82 46.50 -0.88
N THR D 502 -50.19 47.53 -0.30
CA THR D 502 -50.93 48.63 0.29
C THR D 502 -51.57 49.54 -0.75
N MET D 503 -51.23 49.39 -2.03
CA MET D 503 -51.84 50.18 -3.07
C MET D 503 -53.29 49.76 -3.26
N PRO D 504 -54.17 50.67 -3.69
CA PRO D 504 -55.58 50.33 -3.87
C PRO D 504 -55.77 49.23 -4.91
N GLN D 505 -56.73 48.35 -4.64
CA GLN D 505 -57.04 47.27 -5.58
C GLN D 505 -57.61 47.81 -6.89
N GLU D 506 -58.46 48.84 -6.81
CA GLU D 506 -59.12 49.39 -7.98
C GLU D 506 -58.15 50.02 -8.98
N VAL D 507 -56.93 50.37 -8.55
CA VAL D 507 -55.97 51.03 -9.43
C VAL D 507 -54.95 50.05 -10.02
N VAL D 508 -54.51 49.06 -9.26
CA VAL D 508 -53.48 48.15 -9.73
C VAL D 508 -54.03 46.76 -10.07
N GLY D 509 -55.23 46.42 -9.66
CA GLY D 509 -55.82 45.14 -9.94
C GLY D 509 -55.83 44.22 -8.74
N GLU D 510 -55.90 42.92 -9.03
CA GLU D 510 -55.96 41.91 -7.98
C GLU D 510 -54.62 41.79 -7.27
N LYS D 511 -54.63 41.11 -6.14
CA LYS D 511 -53.46 40.94 -5.29
C LYS D 511 -53.16 39.46 -5.07
N MET D 512 -51.92 39.18 -4.69
CA MET D 512 -51.51 37.82 -4.43
C MET D 512 -52.10 37.31 -3.11
N LYS D 513 -52.24 36.00 -3.03
CA LYS D 513 -52.75 35.39 -1.80
C LYS D 513 -51.72 35.53 -0.68
N PRO D 514 -52.15 35.81 0.55
CA PRO D 514 -51.19 36.00 1.65
C PRO D 514 -50.56 34.70 2.15
N GLU D 515 -50.89 33.56 1.56
CA GLU D 515 -50.31 32.29 1.99
C GLU D 515 -49.03 31.94 1.26
N TRP D 516 -48.82 32.46 0.05
CA TRP D 516 -47.62 32.16 -0.71
C TRP D 516 -46.38 32.84 -0.13
N VAL D 517 -46.54 33.98 0.54
CA VAL D 517 -45.39 34.68 1.10
C VAL D 517 -44.73 33.87 2.22
N TYR D 518 -45.48 32.99 2.89
CA TYR D 518 -44.89 32.17 3.95
C TYR D 518 -43.81 31.25 3.39
N GLU D 519 -44.05 30.69 2.20
CA GLU D 519 -43.03 29.85 1.57
C GLU D 519 -41.77 30.64 1.28
N ALA D 520 -41.92 31.88 0.78
CA ALA D 520 -40.76 32.73 0.52
C ALA D 520 -40.01 33.05 1.80
N ILE D 521 -40.74 33.34 2.88
CA ILE D 521 -40.10 33.63 4.16
C ILE D 521 -39.34 32.41 4.66
N ASN D 522 -39.93 31.22 4.52
CA ASN D 522 -39.24 29.99 4.94
C ASN D 522 -37.99 29.76 4.12
N ILE D 523 -38.06 29.99 2.80
CA ILE D 523 -36.89 29.83 1.95
C ILE D 523 -35.79 30.80 2.33
N ILE D 524 -36.16 32.06 2.59
CA ILE D 524 -35.16 33.06 2.98
C ILE D 524 -34.51 32.68 4.31
N LEU D 525 -35.32 32.25 5.28
CA LEU D 525 -34.79 31.83 6.57
C LEU D 525 -33.97 30.55 6.48
N SER D 526 -34.19 29.74 5.44
CA SER D 526 -33.41 28.52 5.27
C SER D 526 -31.94 28.84 5.04
N LEU D 527 -31.65 29.87 4.25
CA LEU D 527 -30.29 30.28 3.95
C LEU D 527 -29.83 31.27 5.02
N GLN D 528 -28.91 30.83 5.88
CA GLN D 528 -28.35 31.66 6.93
C GLN D 528 -27.12 30.97 7.51
N SER D 529 -26.09 31.76 7.79
CA SER D 529 -24.86 31.25 8.37
C SER D 529 -24.93 31.28 9.89
N LYS D 530 -23.95 30.62 10.52
CA LYS D 530 -23.90 30.53 11.97
C LYS D 530 -23.36 31.78 12.64
N SER D 531 -22.75 32.68 11.89
CA SER D 531 -22.20 33.91 12.44
C SER D 531 -22.89 35.17 11.94
N GLY D 532 -23.96 35.03 11.15
CA GLY D 532 -24.67 36.18 10.62
C GLY D 532 -24.59 36.27 9.10
N GLY D 533 -25.59 36.89 8.49
CA GLY D 533 -25.65 36.99 7.05
C GLY D 533 -26.13 35.71 6.41
N LEU D 534 -26.12 35.71 5.08
CA LEU D 534 -26.55 34.54 4.30
C LEU D 534 -25.87 34.56 2.95
N ALA D 535 -25.83 33.39 2.31
CA ALA D 535 -25.26 33.22 0.99
C ALA D 535 -26.37 33.28 -0.05
N GLY D 536 -26.03 32.95 -1.30
CA GLY D 536 -26.99 33.06 -2.39
C GLY D 536 -27.75 31.78 -2.70
N TRP D 537 -27.07 30.65 -2.65
CA TRP D 537 -27.66 29.37 -3.05
C TRP D 537 -27.75 28.35 -1.93
N GLU D 538 -26.70 28.22 -1.12
CA GLU D 538 -26.67 27.25 -0.03
C GLU D 538 -26.21 27.93 1.25
N PRO D 539 -26.71 27.48 2.41
CA PRO D 539 -26.39 28.17 3.67
C PRO D 539 -24.92 28.12 4.03
N VAL D 540 -24.36 26.91 4.18
CA VAL D 540 -22.95 26.74 4.51
C VAL D 540 -22.54 25.31 4.23
N ARG D 541 -21.32 25.13 3.72
CA ARG D 541 -20.78 23.80 3.44
C ARG D 541 -19.52 23.51 4.24
N ALA D 542 -18.51 24.36 4.18
CA ALA D 542 -17.26 24.15 4.89
C ALA D 542 -16.66 25.51 5.23
N GLY D 543 -15.40 25.49 5.65
CA GLY D 543 -14.69 26.70 6.02
C GLY D 543 -14.06 27.40 4.82
N GLU D 544 -13.28 28.43 5.12
CA GLU D 544 -12.61 29.23 4.11
C GLU D 544 -11.32 28.60 3.60
N TRP D 545 -10.86 27.50 4.22
CA TRP D 545 -9.62 26.86 3.80
C TRP D 545 -9.78 26.07 2.50
N MET D 546 -11.00 25.89 2.00
CA MET D 546 -11.21 25.16 0.77
C MET D 546 -10.75 25.92 -0.47
N GLU D 547 -10.57 27.24 -0.35
CA GLU D 547 -10.16 28.05 -1.50
C GLU D 547 -8.70 27.81 -1.90
N ILE D 548 -7.93 27.08 -1.08
CA ILE D 548 -6.53 26.80 -1.43
C ILE D 548 -6.45 25.94 -2.69
N LEU D 549 -7.49 25.15 -2.96
CA LEU D 549 -7.50 24.25 -4.11
C LEU D 549 -8.05 24.90 -5.37
N ASN D 550 -7.94 26.21 -5.50
CA ASN D 550 -8.49 26.90 -6.68
C ASN D 550 -7.66 26.56 -7.91
N PRO D 551 -8.26 25.98 -8.95
CA PRO D 551 -7.48 25.71 -10.17
C PRO D 551 -7.16 26.98 -10.95
N MET D 552 -8.12 27.89 -11.06
CA MET D 552 -7.92 29.12 -11.82
C MET D 552 -6.98 30.07 -11.08
N GLU D 553 -6.39 30.99 -11.84
CA GLU D 553 -5.48 31.99 -11.29
C GLU D 553 -5.90 33.42 -11.60
N PHE D 554 -6.98 33.62 -12.36
CA PHE D 554 -7.49 34.94 -12.67
C PHE D 554 -8.77 35.26 -11.91
N LEU D 555 -9.16 34.41 -10.95
CA LEU D 555 -10.36 34.63 -10.13
C LEU D 555 -10.02 34.31 -8.68
N GLU D 556 -11.03 34.40 -7.82
CA GLU D 556 -10.85 34.15 -6.40
C GLU D 556 -12.19 33.77 -5.80
N ASN D 557 -12.15 32.83 -4.84
CA ASN D 557 -13.34 32.37 -4.13
C ASN D 557 -14.40 31.83 -5.09
N ILE D 558 -14.02 30.74 -5.78
CA ILE D 558 -14.88 30.09 -6.75
C ILE D 558 -15.34 28.71 -6.27
N VAL D 559 -14.47 27.99 -5.58
CA VAL D 559 -14.82 26.63 -5.15
C VAL D 559 -15.90 26.64 -4.09
N ILE D 560 -15.88 27.62 -3.17
CA ILE D 560 -16.82 27.67 -2.06
C ILE D 560 -17.54 29.01 -2.10
N GLU D 561 -18.75 29.03 -1.54
CA GLU D 561 -19.57 30.23 -1.49
C GLU D 561 -19.16 31.11 -0.31
N HIS D 562 -19.86 32.24 -0.17
CA HIS D 562 -19.60 33.17 0.91
C HIS D 562 -20.85 34.02 1.15
N THR D 563 -20.88 34.67 2.31
CA THR D 563 -22.01 35.52 2.67
C THR D 563 -21.88 36.88 1.98
N TYR D 564 -22.99 37.38 1.45
CA TYR D 564 -23.02 38.64 0.72
C TYR D 564 -23.76 39.69 1.53
N VAL D 565 -23.14 40.86 1.69
CA VAL D 565 -23.71 41.91 2.52
C VAL D 565 -24.97 42.50 1.89
N GLU D 566 -24.99 42.62 0.57
CA GLU D 566 -26.14 43.22 -0.10
C GLU D 566 -27.40 42.39 0.13
N CYS D 567 -27.28 41.07 0.03
CA CYS D 567 -28.43 40.19 0.26
C CYS D 567 -28.90 40.29 1.70
N THR D 568 -27.96 40.40 2.65
CA THR D 568 -28.34 40.54 4.06
C THR D 568 -29.10 41.84 4.29
N GLY D 569 -28.62 42.94 3.70
CA GLY D 569 -29.33 44.21 3.83
C GLY D 569 -30.70 44.18 3.21
N SER D 570 -30.82 43.58 2.02
CA SER D 570 -32.13 43.47 1.38
C SER D 570 -33.07 42.61 2.22
N SER D 571 -32.57 41.50 2.77
CA SER D 571 -33.42 40.64 3.60
C SER D 571 -33.87 41.35 4.87
N ILE D 572 -32.97 42.10 5.51
CA ILE D 572 -33.34 42.75 6.77
C ILE D 572 -34.33 43.88 6.51
N ILE D 573 -34.14 44.64 5.42
CA ILE D 573 -35.11 45.70 5.14
C ILE D 573 -36.45 45.11 4.73
N ALA D 574 -36.46 43.98 4.01
CA ALA D 574 -37.71 43.31 3.68
C ALA D 574 -38.42 42.82 4.94
N PHE D 575 -37.67 42.24 5.88
CA PHE D 575 -38.28 41.75 7.12
C PHE D 575 -38.82 42.90 7.95
N VAL D 576 -38.10 44.02 8.01
CA VAL D 576 -38.60 45.19 8.75
C VAL D 576 -39.87 45.73 8.09
N SER D 577 -39.89 45.78 6.75
CA SER D 577 -41.09 46.26 6.05
C SER D 577 -42.28 45.34 6.29
N LEU D 578 -42.03 44.04 6.46
CA LEU D 578 -43.12 43.09 6.69
C LEU D 578 -43.81 43.32 8.02
N LYS D 579 -43.07 43.80 9.04
CA LYS D 579 -43.65 43.98 10.36
C LYS D 579 -44.77 45.02 10.35
N LYS D 580 -44.64 46.05 9.51
CA LYS D 580 -45.64 47.10 9.47
C LYS D 580 -46.99 46.58 8.99
N LEU D 581 -46.99 45.69 8.00
CA LEU D 581 -48.25 45.20 7.45
C LEU D 581 -48.98 44.31 8.46
N TYR D 582 -48.40 43.15 8.78
CA TYR D 582 -49.01 42.26 9.76
C TYR D 582 -47.98 41.30 10.34
N PRO D 583 -47.77 41.32 11.66
CA PRO D 583 -46.97 40.25 12.29
C PRO D 583 -47.80 38.99 12.52
N GLY D 584 -47.58 37.95 11.72
CA GLY D 584 -48.40 36.76 11.84
C GLY D 584 -47.68 35.44 11.57
N HIS D 585 -46.36 35.44 11.63
CA HIS D 585 -45.60 34.23 11.34
C HIS D 585 -44.27 34.28 12.07
N ARG D 586 -44.12 33.45 13.10
CA ARG D 586 -42.88 33.28 13.84
C ARG D 586 -42.36 34.63 14.36
N THR D 587 -43.15 35.20 15.27
CA THR D 587 -42.77 36.46 15.89
C THR D 587 -41.47 36.34 16.68
N LYS D 588 -41.23 35.19 17.31
CA LYS D 588 -40.03 34.97 18.10
C LYS D 588 -38.84 34.51 17.27
N ASP D 589 -39.02 34.32 15.96
CA ASP D 589 -37.94 33.88 15.07
C ASP D 589 -37.41 34.99 14.18
N ILE D 590 -38.29 35.85 13.66
CA ILE D 590 -37.83 36.95 12.81
C ILE D 590 -36.97 37.92 13.60
N ASP D 591 -37.36 38.21 14.85
CA ASP D 591 -36.55 39.09 15.69
C ASP D 591 -35.18 38.47 15.97
N ASN D 592 -35.15 37.15 16.22
CA ASN D 592 -33.87 36.48 16.43
C ASN D 592 -33.00 36.55 15.19
N PHE D 593 -33.61 36.36 14.01
CA PHE D 593 -32.85 36.46 12.77
C PHE D 593 -32.31 37.87 12.55
N ILE D 594 -33.11 38.89 12.88
CA ILE D 594 -32.65 40.27 12.74
C ILE D 594 -31.49 40.54 13.69
N ARG D 595 -31.60 40.05 14.93
CA ARG D 595 -30.51 40.23 15.89
C ARG D 595 -29.24 39.54 15.40
N ASN D 596 -29.38 38.33 14.84
CA ASN D 596 -28.22 37.63 14.30
C ASN D 596 -27.60 38.40 13.14
N ALA D 597 -28.43 38.97 12.27
CA ALA D 597 -27.92 39.67 11.09
C ALA D 597 -27.32 41.03 11.43
N ILE D 598 -27.76 41.65 12.52
CA ILE D 598 -27.29 43.00 12.86
C ILE D 598 -25.79 42.97 13.14
N ARG D 599 -25.33 42.00 13.94
CA ARG D 599 -23.92 41.95 14.31
C ARG D 599 -23.02 41.57 13.14
N TYR D 600 -23.56 40.91 12.11
CA TYR D 600 -22.74 40.55 10.96
C TYR D 600 -22.30 41.79 10.18
N LEU D 601 -23.19 42.79 10.06
CA LEU D 601 -22.88 43.97 9.28
C LEU D 601 -21.72 44.77 9.89
N GLU D 602 -21.65 44.82 11.22
CA GLU D 602 -20.57 45.57 11.87
C GLU D 602 -19.21 44.93 11.60
N ASP D 603 -19.16 43.60 11.54
CA ASP D 603 -17.88 42.91 11.37
C ASP D 603 -17.24 43.21 10.01
N VAL D 604 -18.05 43.27 8.94
CA VAL D 604 -17.52 43.44 7.59
C VAL D 604 -16.99 44.84 7.34
N GLN D 605 -17.24 45.79 8.24
CA GLN D 605 -16.81 47.16 8.05
C GLN D 605 -15.30 47.29 8.12
N TYR D 606 -14.71 47.97 7.13
CA TYR D 606 -13.30 48.27 7.13
C TYR D 606 -13.02 49.50 7.99
N PRO D 607 -11.77 49.66 8.46
CA PRO D 607 -11.45 50.81 9.32
C PRO D 607 -11.60 52.16 8.64
N ASP D 608 -11.65 52.23 7.32
CA ASP D 608 -11.77 53.51 6.62
C ASP D 608 -13.20 54.03 6.60
N GLY D 609 -14.16 53.26 7.09
CA GLY D 609 -15.54 53.70 7.15
C GLY D 609 -16.43 53.23 6.02
N SER D 610 -15.96 52.30 5.18
CA SER D 610 -16.77 51.78 4.10
C SER D 610 -16.37 50.35 3.81
N TRP D 611 -17.33 49.59 3.25
CA TRP D 611 -17.12 48.19 2.89
C TRP D 611 -17.70 47.97 1.51
N TYR D 612 -16.90 47.35 0.63
CA TYR D 612 -17.30 47.16 -0.76
C TYR D 612 -18.17 45.92 -0.92
N GLY D 613 -18.85 45.85 -2.06
CA GLY D 613 -19.77 44.79 -2.38
C GLY D 613 -19.13 43.69 -3.21
N ASN D 614 -19.96 43.02 -4.02
CA ASN D 614 -19.50 41.91 -4.85
C ASN D 614 -20.02 41.95 -6.28
N TRP D 615 -21.05 42.74 -6.58
CA TRP D 615 -21.62 42.80 -7.92
C TRP D 615 -21.48 44.16 -8.58
N GLY D 616 -21.74 45.25 -7.85
CA GLY D 616 -21.47 46.57 -8.38
C GLY D 616 -20.03 47.00 -8.11
N ILE D 617 -19.43 47.64 -9.12
CA ILE D 617 -18.04 48.10 -9.00
C ILE D 617 -18.02 49.42 -8.25
N CYS D 618 -17.93 49.36 -6.93
CA CYS D 618 -17.88 50.53 -6.06
C CYS D 618 -17.65 50.06 -4.64
N PHE D 619 -16.93 50.88 -3.88
CA PHE D 619 -16.86 50.70 -2.43
C PHE D 619 -18.10 51.25 -1.73
N ILE D 620 -18.98 51.93 -2.46
CA ILE D 620 -20.20 52.49 -1.89
C ILE D 620 -21.46 51.76 -2.37
N TYR D 621 -21.34 50.82 -3.31
CA TYR D 621 -22.51 50.11 -3.79
C TYR D 621 -23.17 49.30 -2.68
N SER D 622 -22.36 48.56 -1.90
CA SER D 622 -22.89 47.85 -0.75
C SER D 622 -23.20 48.78 0.41
N THR D 623 -22.56 49.95 0.45
CA THR D 623 -22.83 50.91 1.53
C THR D 623 -24.27 51.38 1.50
N MET D 624 -24.81 51.62 0.29
CA MET D 624 -26.21 52.04 0.17
C MET D 624 -27.15 50.98 0.73
N PHE D 625 -26.94 49.72 0.37
CA PHE D 625 -27.79 48.65 0.89
C PHE D 625 -27.63 48.49 2.39
N ALA D 626 -26.40 48.61 2.90
CA ALA D 626 -26.18 48.48 4.33
C ALA D 626 -26.88 49.59 5.10
N LEU D 627 -26.76 50.84 4.62
CA LEU D 627 -27.43 51.95 5.28
C LEU D 627 -28.95 51.80 5.21
N GLY D 628 -29.45 51.33 4.07
CA GLY D 628 -30.88 51.06 3.97
C GLY D 628 -31.33 49.99 4.93
N GLY D 629 -30.52 48.96 5.12
CA GLY D 629 -30.83 47.89 6.05
C GLY D 629 -30.46 48.14 7.50
N LEU D 630 -29.74 49.22 7.78
CA LEU D 630 -29.33 49.52 9.15
C LEU D 630 -30.27 50.52 9.82
N ALA D 631 -30.74 51.53 9.08
CA ALA D 631 -31.68 52.49 9.63
C ALA D 631 -33.06 51.90 9.89
N ALA D 632 -33.33 50.69 9.37
CA ALA D 632 -34.63 50.08 9.56
C ALA D 632 -34.87 49.66 11.01
N THR D 633 -33.82 49.22 11.71
CA THR D 633 -33.94 48.74 13.08
C THR D 633 -33.81 49.87 14.11
N GLY D 634 -34.07 51.10 13.72
CA GLY D 634 -34.00 52.22 14.63
C GLY D 634 -32.62 52.80 14.86
N ARG D 635 -31.64 52.44 14.03
CA ARG D 635 -30.29 52.99 14.17
C ARG D 635 -30.30 54.47 13.82
N THR D 636 -29.99 55.31 14.82
CA THR D 636 -29.99 56.75 14.63
C THR D 636 -28.64 57.20 14.07
N TYR D 637 -28.42 58.51 14.06
CA TYR D 637 -27.17 59.10 13.59
C TYR D 637 -26.43 59.88 14.66
N ASP D 638 -27.15 60.63 15.50
CA ASP D 638 -26.50 61.42 16.53
C ASP D 638 -25.80 60.53 17.56
N ASN D 639 -26.44 59.43 17.96
CA ASN D 639 -25.87 58.51 18.96
C ASN D 639 -26.13 57.07 18.50
N CYS D 640 -25.20 56.54 17.71
CA CYS D 640 -25.27 55.15 17.26
C CYS D 640 -23.87 54.70 16.88
N GLN D 641 -23.70 53.38 16.82
CA GLN D 641 -22.41 52.78 16.49
C GLN D 641 -22.33 52.47 14.99
N ALA D 642 -21.25 52.92 14.37
CA ALA D 642 -20.87 52.65 12.98
C ALA D 642 -21.78 53.31 11.95
N VAL D 643 -22.83 54.01 12.38
CA VAL D 643 -23.69 54.70 11.41
C VAL D 643 -22.97 55.91 10.82
N ARG D 644 -22.28 56.68 11.67
CA ARG D 644 -21.63 57.89 11.21
C ARG D 644 -20.42 57.63 10.34
N ARG D 645 -19.85 56.42 10.41
CA ARG D 645 -18.64 56.12 9.64
C ARG D 645 -18.90 56.22 8.14
N GLY D 646 -20.00 55.60 7.67
CA GLY D 646 -20.32 55.67 6.26
C GLY D 646 -20.66 57.07 5.79
N VAL D 647 -21.38 57.83 6.62
CA VAL D 647 -21.72 59.21 6.27
C VAL D 647 -20.46 60.06 6.13
N ASP D 648 -19.53 59.90 7.08
CA ASP D 648 -18.28 60.65 7.02
C ASP D 648 -17.44 60.23 5.81
N PHE D 649 -17.42 58.94 5.49
CA PHE D 649 -16.69 58.48 4.32
C PHE D 649 -17.28 59.07 3.05
N ILE D 650 -18.61 59.10 2.94
CA ILE D 650 -19.25 59.66 1.75
C ILE D 650 -18.99 61.16 1.66
N LEU D 651 -19.08 61.87 2.78
CA LEU D 651 -18.86 63.31 2.77
C LEU D 651 -17.41 63.66 2.42
N LYS D 652 -16.46 62.89 2.94
CA LYS D 652 -15.05 63.21 2.71
C LYS D 652 -14.65 63.03 1.25
N ASN D 653 -15.32 62.15 0.52
CA ASN D 653 -14.96 61.83 -0.86
C ASN D 653 -16.06 62.34 -1.78
N GLN D 654 -15.75 63.39 -2.53
CA GLN D 654 -16.67 63.96 -3.51
C GLN D 654 -15.85 64.52 -4.67
N SER D 655 -16.56 65.00 -5.69
CA SER D 655 -15.93 65.63 -6.84
C SER D 655 -15.87 67.14 -6.62
N ASP D 656 -15.44 67.87 -7.65
CA ASP D 656 -15.43 69.33 -7.55
C ASP D 656 -16.84 69.90 -7.42
N ASP D 657 -17.84 69.20 -7.96
CA ASP D 657 -19.23 69.63 -7.89
C ASP D 657 -20.08 68.71 -7.02
N GLY D 658 -19.46 67.91 -6.17
CA GLY D 658 -20.18 67.01 -5.30
C GLY D 658 -20.45 65.64 -5.87
N GLY D 659 -20.01 65.37 -7.10
CA GLY D 659 -20.23 64.07 -7.71
C GLY D 659 -19.35 62.99 -7.12
N TRP D 660 -19.62 61.76 -7.53
CA TRP D 660 -18.88 60.60 -7.07
C TRP D 660 -18.48 59.74 -8.26
N GLY D 661 -17.27 59.19 -8.21
CA GLY D 661 -16.79 58.33 -9.27
C GLY D 661 -15.69 57.41 -8.77
N GLU D 662 -15.53 56.29 -9.48
CA GLU D 662 -14.53 55.30 -9.14
C GLU D 662 -13.93 54.76 -10.43
N SER D 663 -13.16 53.67 -10.30
CA SER D 663 -12.53 53.00 -11.43
C SER D 663 -12.75 51.51 -11.32
N TYR D 664 -12.65 50.83 -12.46
CA TYR D 664 -12.87 49.38 -12.49
C TYR D 664 -11.81 48.62 -11.68
N LEU D 665 -10.62 49.18 -11.52
CA LEU D 665 -9.55 48.54 -10.79
C LEU D 665 -9.58 48.82 -9.28
N SER D 666 -10.55 49.62 -8.81
CA SER D 666 -10.60 49.94 -7.40
C SER D 666 -10.93 48.72 -6.56
N CYS D 667 -11.98 47.99 -6.93
CA CYS D 667 -12.38 46.80 -6.17
C CYS D 667 -11.31 45.72 -6.17
N PRO D 668 -10.69 45.34 -7.30
CA PRO D 668 -9.65 44.30 -7.24
C PRO D 668 -8.49 44.65 -6.32
N ARG D 669 -8.08 45.91 -6.28
CA ARG D 669 -6.99 46.34 -5.42
C ARG D 669 -7.45 46.66 -4.00
N LYS D 670 -8.77 46.81 -3.78
CA LYS D 670 -9.33 47.11 -2.45
C LYS D 670 -8.72 48.37 -1.86
N VAL D 671 -8.62 49.42 -2.67
CA VAL D 671 -7.97 50.66 -2.23
C VAL D 671 -8.89 51.85 -2.45
N TYR D 672 -9.94 51.68 -3.24
CA TYR D 672 -10.91 52.74 -3.55
C TYR D 672 -10.20 53.93 -4.19
N THR D 673 -9.70 53.70 -5.40
CA THR D 673 -9.07 54.75 -6.18
C THR D 673 -10.13 55.46 -7.02
N PRO D 674 -10.47 56.71 -6.74
CA PRO D 674 -11.45 57.43 -7.56
C PRO D 674 -10.85 58.29 -8.66
N LEU D 675 -9.54 58.20 -8.91
CA LEU D 675 -8.86 59.06 -9.87
C LEU D 675 -9.15 58.61 -11.29
N ASP D 676 -10.36 58.92 -11.76
CA ASP D 676 -10.76 58.72 -13.14
C ASP D 676 -10.89 60.04 -13.89
N GLY D 677 -10.04 61.01 -13.53
CA GLY D 677 -10.18 62.35 -14.06
C GLY D 677 -11.08 63.26 -13.25
N ARG D 678 -11.37 62.90 -12.00
CA ARG D 678 -12.25 63.67 -11.13
C ARG D 678 -13.64 63.82 -11.76
N ARG D 679 -14.07 62.80 -12.49
CA ARG D 679 -15.36 62.79 -13.16
C ARG D 679 -16.41 62.13 -12.26
N SER D 680 -17.60 61.90 -12.80
CA SER D 680 -18.68 61.29 -12.06
C SER D 680 -19.64 60.62 -13.03
N ASN D 681 -20.49 59.74 -12.48
CA ASN D 681 -21.49 59.03 -13.25
C ASN D 681 -22.84 59.15 -12.56
N VAL D 682 -23.90 59.15 -13.37
CA VAL D 682 -25.25 59.33 -12.84
C VAL D 682 -25.64 58.19 -11.91
N VAL D 683 -25.29 56.94 -12.27
CA VAL D 683 -25.70 55.80 -11.48
C VAL D 683 -25.02 55.82 -10.12
N GLN D 684 -23.70 56.09 -10.10
CA GLN D 684 -22.97 56.10 -8.83
C GLN D 684 -23.41 57.25 -7.94
N THR D 685 -23.64 58.44 -8.53
CA THR D 685 -24.12 59.56 -7.74
C THR D 685 -25.51 59.29 -7.18
N ALA D 686 -26.38 58.66 -7.97
CA ALA D 686 -27.70 58.30 -7.48
C ALA D 686 -27.60 57.29 -6.35
N TRP D 687 -26.70 56.31 -6.48
CA TRP D 687 -26.49 55.34 -5.41
C TRP D 687 -26.04 56.03 -4.14
N ALA D 688 -25.08 56.95 -4.26
CA ALA D 688 -24.58 57.66 -3.07
C ALA D 688 -25.67 58.51 -2.43
N MET D 689 -26.46 59.22 -3.24
CA MET D 689 -27.54 60.05 -2.69
C MET D 689 -28.58 59.20 -1.99
N LEU D 690 -28.96 58.06 -2.60
CA LEU D 690 -29.94 57.18 -1.98
C LEU D 690 -29.41 56.61 -0.67
N GLY D 691 -28.13 56.20 -0.65
CA GLY D 691 -27.56 55.68 0.57
C GLY D 691 -27.50 56.72 1.68
N LEU D 692 -27.13 57.96 1.33
CA LEU D 692 -27.08 59.02 2.32
C LEU D 692 -28.48 59.41 2.80
N LEU D 693 -29.50 59.24 1.95
CA LEU D 693 -30.85 59.65 2.31
C LEU D 693 -31.42 58.78 3.42
N TYR D 694 -31.10 57.49 3.44
CA TYR D 694 -31.61 56.59 4.47
C TYR D 694 -31.07 56.94 5.85
N ALA D 695 -30.00 57.72 5.95
CA ALA D 695 -29.41 58.08 7.22
C ALA D 695 -30.10 59.27 7.89
N GLY D 696 -31.13 59.82 7.27
CA GLY D 696 -31.82 60.97 7.84
C GLY D 696 -31.07 62.27 7.74
N GLN D 697 -30.14 62.37 6.79
CA GLN D 697 -29.34 63.58 6.61
C GLN D 697 -30.08 64.69 5.88
N ALA D 698 -31.27 64.43 5.37
CA ALA D 698 -32.05 65.48 4.71
C ALA D 698 -32.40 66.60 5.68
N GLU D 699 -32.81 66.24 6.90
CA GLU D 699 -33.09 67.24 7.93
C GLU D 699 -31.83 67.66 8.68
N ARG D 700 -30.73 66.92 8.54
CA ARG D 700 -29.50 67.28 9.24
C ARG D 700 -28.79 68.44 8.54
N ASP D 701 -28.38 68.22 7.30
CA ASP D 701 -27.70 69.25 6.51
C ASP D 701 -27.87 68.96 5.03
N PRO D 702 -28.95 69.43 4.41
CA PRO D 702 -29.18 69.17 2.99
C PRO D 702 -28.38 70.04 2.04
N THR D 703 -27.46 70.87 2.55
CA THR D 703 -26.66 71.72 1.66
C THR D 703 -25.81 70.92 0.68
N PRO D 704 -25.08 69.87 1.09
CA PRO D 704 -24.39 69.05 0.08
C PRO D 704 -25.33 68.39 -0.91
N LEU D 705 -26.57 68.10 -0.49
CA LEU D 705 -27.52 67.45 -1.39
C LEU D 705 -27.96 68.35 -2.53
N HIS D 706 -27.85 69.68 -2.36
CA HIS D 706 -28.27 70.60 -3.42
C HIS D 706 -27.44 70.40 -4.68
N ARG D 707 -26.12 70.43 -4.55
CA ARG D 707 -25.25 70.19 -5.70
C ARG D 707 -25.35 68.75 -6.19
N GLY D 708 -25.58 67.80 -5.27
CA GLY D 708 -25.76 66.42 -5.69
C GLY D 708 -26.96 66.25 -6.60
N ALA D 709 -28.03 67.00 -6.32
CA ALA D 709 -29.19 66.98 -7.21
C ALA D 709 -28.96 67.80 -8.47
N LYS D 710 -28.20 68.90 -8.37
CA LYS D 710 -27.98 69.76 -9.52
C LYS D 710 -27.06 69.13 -10.56
N VAL D 711 -26.15 68.24 -10.13
CA VAL D 711 -25.23 67.61 -11.08
C VAL D 711 -25.94 66.51 -11.86
N LEU D 712 -27.22 66.31 -11.59
CA LEU D 712 -28.02 65.30 -12.29
C LEU D 712 -28.89 65.89 -13.39
N ILE D 713 -29.40 67.11 -13.21
CA ILE D 713 -30.29 67.70 -14.20
C ILE D 713 -29.55 68.02 -15.50
N ASN D 714 -28.29 68.43 -15.39
CA ASN D 714 -27.52 68.78 -16.59
C ASN D 714 -27.29 67.56 -17.47
N TYR D 715 -27.04 66.40 -16.85
CA TYR D 715 -26.82 65.17 -17.62
C TYR D 715 -28.09 64.64 -18.26
N GLN D 716 -29.26 65.19 -17.93
CA GLN D 716 -30.50 64.76 -18.54
C GLN D 716 -30.53 65.13 -20.01
N MET D 717 -30.84 64.15 -20.86
CA MET D 717 -30.91 64.37 -22.30
C MET D 717 -32.27 64.92 -22.70
N GLU D 718 -32.26 65.81 -23.70
CA GLU D 718 -33.50 66.36 -24.23
C GLU D 718 -34.40 65.27 -24.79
N ASP D 719 -33.81 64.24 -25.39
CA ASP D 719 -34.57 63.11 -25.91
C ASP D 719 -34.96 62.12 -24.81
N GLY D 720 -34.51 62.32 -23.58
CA GLY D 720 -34.79 61.43 -22.48
C GLY D 720 -33.61 60.54 -22.17
N GLY D 721 -33.47 60.19 -20.88
CA GLY D 721 -32.39 59.33 -20.43
C GLY D 721 -31.10 60.10 -20.18
N TYR D 722 -30.08 59.34 -19.81
CA TYR D 722 -28.76 59.88 -19.54
C TYR D 722 -27.73 59.21 -20.44
N PRO D 723 -26.91 59.97 -21.16
CA PRO D 723 -25.98 59.37 -22.13
C PRO D 723 -24.71 58.79 -21.53
N GLN D 724 -24.56 58.79 -20.20
CA GLN D 724 -23.37 58.19 -19.60
C GLN D 724 -23.34 56.68 -19.85
N GLN D 725 -22.19 56.19 -20.30
CA GLN D 725 -22.03 54.79 -20.66
C GLN D 725 -20.85 54.21 -19.89
N GLU D 726 -21.14 53.39 -18.88
CA GLU D 726 -20.12 52.66 -18.16
C GLU D 726 -20.68 51.31 -17.76
N ILE D 727 -19.78 50.37 -17.47
CA ILE D 727 -20.19 49.01 -17.12
C ILE D 727 -21.00 49.01 -15.84
N THR D 728 -20.50 49.71 -14.81
CA THR D 728 -21.17 49.79 -13.51
C THR D 728 -21.49 48.42 -12.92
N GLY D 729 -20.57 47.46 -13.11
CA GLY D 729 -20.75 46.13 -12.58
C GLY D 729 -19.46 45.34 -12.48
N VAL D 730 -19.36 44.48 -11.46
CA VAL D 730 -18.20 43.62 -11.26
C VAL D 730 -18.69 42.19 -11.05
N PHE D 731 -17.81 41.23 -11.32
CA PHE D 731 -18.14 39.82 -11.18
C PHE D 731 -16.93 39.09 -10.61
N LYS D 732 -17.04 38.66 -9.35
CA LYS D 732 -16.01 37.87 -8.67
C LYS D 732 -14.66 38.59 -8.67
N MET D 733 -14.71 39.92 -8.48
CA MET D 733 -13.56 40.79 -8.26
C MET D 733 -12.64 40.93 -9.47
N ASN D 734 -12.88 40.21 -10.56
CA ASN D 734 -12.01 40.33 -11.72
C ASN D 734 -12.81 40.62 -12.98
N CYS D 735 -13.98 40.02 -13.10
CA CYS D 735 -14.83 40.20 -14.27
C CYS D 735 -15.78 41.39 -14.06
N MET D 736 -16.32 41.89 -15.16
CA MET D 736 -17.18 43.06 -15.15
C MET D 736 -18.50 42.74 -15.83
N LEU D 737 -19.51 43.55 -15.53
CA LEU D 737 -20.85 43.37 -16.09
C LEU D 737 -21.44 44.75 -16.38
N HIS D 738 -22.43 44.77 -17.27
CA HIS D 738 -23.05 46.01 -17.70
C HIS D 738 -24.56 45.89 -17.60
N TYR D 739 -25.21 47.00 -17.23
CA TYR D 739 -26.67 47.06 -17.12
C TYR D 739 -27.14 48.27 -17.91
N PRO D 740 -28.02 48.09 -18.91
CA PRO D 740 -28.40 49.23 -19.76
C PRO D 740 -29.47 50.13 -19.17
N ILE D 741 -30.28 49.64 -18.21
CA ILE D 741 -31.38 50.44 -17.68
C ILE D 741 -31.02 51.16 -16.39
N TYR D 742 -29.85 50.88 -15.80
CA TYR D 742 -29.42 51.59 -14.61
C TYR D 742 -29.22 53.08 -14.86
N ARG D 743 -29.05 53.48 -16.12
CA ARG D 743 -28.92 54.90 -16.44
C ARG D 743 -30.17 55.68 -16.06
N ASN D 744 -31.33 55.03 -16.11
CA ASN D 744 -32.62 55.70 -15.88
C ASN D 744 -33.33 55.22 -14.63
N ALA D 745 -33.14 53.96 -14.23
CA ALA D 745 -33.90 53.42 -13.10
C ALA D 745 -33.56 54.13 -11.80
N PHE D 746 -32.27 54.38 -11.55
CA PHE D 746 -31.84 54.91 -10.26
C PHE D 746 -32.03 56.42 -10.12
N PRO D 747 -31.68 57.24 -11.12
CA PRO D 747 -31.94 58.69 -10.96
C PRO D 747 -33.38 59.04 -10.69
N ILE D 748 -34.32 58.36 -11.36
CA ILE D 748 -35.74 58.61 -11.11
C ILE D 748 -36.11 58.19 -9.69
N TRP D 749 -35.57 57.06 -9.23
CA TRP D 749 -35.83 56.62 -7.86
C TRP D 749 -35.33 57.64 -6.85
N ALA D 750 -34.14 58.19 -7.08
CA ALA D 750 -33.61 59.20 -6.16
C ALA D 750 -34.43 60.47 -6.20
N LEU D 751 -34.82 60.93 -7.40
CA LEU D 751 -35.59 62.16 -7.51
C LEU D 751 -36.99 62.01 -6.92
N GLY D 752 -37.53 60.79 -6.94
CA GLY D 752 -38.84 60.59 -6.35
C GLY D 752 -38.85 60.83 -4.85
N GLU D 753 -37.82 60.36 -4.15
CA GLU D 753 -37.71 60.54 -2.72
C GLU D 753 -37.06 61.86 -2.33
N TYR D 754 -36.39 62.54 -3.26
CA TYR D 754 -35.79 63.83 -2.95
C TYR D 754 -36.85 64.85 -2.55
N ARG D 755 -37.97 64.89 -3.29
CA ARG D 755 -39.05 65.81 -2.93
C ARG D 755 -39.79 65.34 -1.68
N LYS D 756 -39.91 64.03 -1.49
CA LYS D 756 -40.65 63.51 -0.35
C LYS D 756 -39.93 63.79 0.97
N ARG D 757 -38.60 63.65 0.98
CA ARG D 757 -37.85 63.85 2.21
C ARG D 757 -37.73 65.34 2.55
N VAL D 758 -37.10 66.12 1.68
CA VAL D 758 -36.93 67.55 1.88
C VAL D 758 -37.86 68.28 0.92
N PRO D 759 -38.85 69.02 1.43
CA PRO D 759 -39.75 69.75 0.52
C PRO D 759 -39.05 70.79 -0.33
N LEU D 760 -38.04 71.46 0.21
CA LEU D 760 -37.32 72.54 -0.46
C LEU D 760 -38.32 73.57 -0.98
N PRO D 761 -38.99 74.31 -0.10
CA PRO D 761 -40.07 75.22 -0.55
C PRO D 761 -39.52 76.35 -1.41
N SER D 762 -40.23 76.64 -2.51
CA SER D 762 -39.87 77.76 -3.38
C SER D 762 -41.11 78.12 -4.19
N LYS D 763 -41.65 79.33 -3.94
CA LYS D 763 -42.87 79.74 -4.62
C LYS D 763 -42.66 79.99 -6.11
N GLY D 764 -41.42 80.22 -6.53
CA GLY D 764 -41.14 80.46 -7.94
C GLY D 764 -39.76 81.06 -8.17
#